data_7EJT
#
_entry.id   7EJT
#
_cell.length_a   156.387
_cell.length_b   199.268
_cell.length_c   133.743
_cell.angle_alpha   90.000
_cell.angle_beta   100.770
_cell.angle_gamma   90.000
#
_symmetry.space_group_name_H-M   'C 1 2 1'
#
loop_
_entity.id
_entity.type
_entity.pdbx_description
1 polymer 4-alpha-glucanotransferase
2 branched alpha-D-glucopyranose-(1-4)-alpha-D-glucopyranose
3 branched alpha-D-glucopyranose-(1-4)-alpha-D-glucopyranose-(1-4)-alpha-D-glucopyranose
4 branched alpha-D-glucopyranose-(1-4)-alpha-D-glucopyranose-(1-4)-alpha-D-glucopyranose-(1-4)-alpha-D-glucopyranose-(1-4)-alpha-D-glucopyranose
#
_entity_poly.entity_id   1
_entity_poly.type   'polypeptide(L)'
_entity_poly.pdbx_seq_one_letter_code
;MSAHRTLLLRLSDSGEPVTSCSYGQGVLTLPSLPLPQGKKLGDMPVYTVKLAIPAGSPVTRDGLIWTNCPPDFSTQFDRE
KFYKKIIKTSFHEDDHIDLDIYVPGTYCFYLSFKNDKDELETTRKFYFVVLPILSVNDKFIPLNSIAMQSVVSKWMGPTI
KDWEKVFARVASKKYNMIHFTPLQHRGESNSPYSIYDQLEFDPTVFKSEKEVADMVERLRTEHNILSLTDIVFNHTANNS
QWLLDHPEAGYNHKTSPHLISAIELDKKLLDFSEQMEALGYPVDLKTVDDLIKVMDGIKEHVIGELKLWEFYVVDVKQTV
SELREKWGNSKSWSDDNIPSKDDSTNLAQFVRDNATEPGFGSLGERGSNKINIDKFAAILKKLHSEDYNNGIEELATKIL
NDINLPFYKEYDDDINEVLEQLFNRIKYLRIDDHGPKQGPITKKLPLSEPYFTRFKAKDGEEYALANNGAIWDGNPLVDF
ASSQSKAYLRREVIVWGDCVKLRYGKGPSDSPYLWERMSKYVEMNARIFNGFRIDNCHSTPLHVGQYFLDVARRVNPNLY
VVAELFSGSEAMDCLFVERLGISSLIREAMQAWSEEELSRLVHRHGGRPIGSYKFVPLDDFPYPADVKIDEEYCAYNPDD
HSVKCVSEIMIPKTLTATPPHALFMDCTHDNETPNQKRTVEDTLPNAALVAFCSSAIGSVYGYDEVFPQLLDLVQEKRTY
SCAENTGISKVKTLLNNMREEIASEAVDIEDSEMHVHHDGQYITFHRTNAKNGKGWYLVARTKFHSSGDQMLPRIKLSQT
KATFKAAFSLERTGDAPISDEIIEGIPTKLRELTGFDIGFDENTKETSILLPQDFPQGSIVIFETQQLGIDDSLDHFIRS
GAIKATEKLSLESINYVLYRAEQEEYDYSEGRSGAYDIPDYGKPVYCGLQGWVSILRKIIFYNDLAHPLSNNLRNGHWAV
DYVVNRLDLYKDKEGVAEVQEWLRSRMERIKQLPSYLVPSFFALVVGIMYGCCRLRAMQLMSDNVGKSTVFVQSLAMTSI
QMVSAMKSTSILPDQNIAAMAAGLPHFSTNYMRCWGRDVFISLRGLLLTTGRYEEAKEHILAFAKTLKHGLIPNLLDAGR
NPRYNARDAAWFFVQAIQDYVTIVPGGVSLLQEKVTRRFPLDDEYIPYDDPKAFSYSSTIEEIIYEILNRHAGGIKYREA
NAGPNLDRVMKDEGFNVEVNVDWETGLIHGGSQFNCGTWMDKMGESEKANSVGVPGTPRDGAAVEINGLLKSCLRFVLQL
SKDGKFKYTEVTKPDGSKISLSSWNDLLQENFERCFYVPKNKEDDNKFEIDATIINRRGIYKDLYRSGKPYEDYQFRPNF
TIAMVVAPELFTPDYAAGAIELADQVLRGPVGMRTLDPSDYNYRPYYNNGEDSDDFATSKGRNYHQGPEWVWCYGYFIRA
YHYFNFLTNPKCQVEGSAKKLKPSSYLYRKLYSRLLKHREWIENSPWAGLAELTNKDGEVCNDSSPTQAWSTGCLLDLFY
DLWISYEELEHHHHHH
;
_entity_poly.pdbx_strand_id   A,B
#
loop_
_chem_comp.id
_chem_comp.type
_chem_comp.name
_chem_comp.formula
GLC D-saccharide, alpha linking alpha-D-glucopyranose 'C6 H12 O6'
#
# COMPACT_ATOMS: atom_id res chain seq x y z
N ALA A 3 31.35 -9.23 29.56
CA ALA A 3 31.24 -10.67 29.31
C ALA A 3 29.92 -10.99 28.61
N HIS A 4 28.91 -11.37 29.38
CA HIS A 4 27.61 -11.78 28.84
C HIS A 4 26.50 -11.03 29.57
N ARG A 5 26.12 -9.88 29.03
CA ARG A 5 25.00 -9.11 29.57
C ARG A 5 23.87 -9.05 28.56
N THR A 6 23.35 -10.21 28.17
CA THR A 6 22.34 -10.32 27.13
C THR A 6 21.07 -10.95 27.68
N LEU A 7 19.93 -10.35 27.33
CA LEU A 7 18.62 -10.87 27.68
C LEU A 7 17.83 -11.22 26.43
N LEU A 8 17.07 -12.31 26.48
CA LEU A 8 16.28 -12.78 25.36
C LEU A 8 14.84 -12.28 25.50
N LEU A 9 14.34 -11.60 24.48
CA LEU A 9 12.98 -11.06 24.46
C LEU A 9 12.26 -11.69 23.26
N ARG A 10 11.64 -12.85 23.47
CA ARG A 10 10.88 -13.49 22.41
C ARG A 10 9.61 -12.70 22.13
N LEU A 11 9.27 -12.58 20.85
CA LEU A 11 8.06 -11.89 20.42
C LEU A 11 7.05 -12.89 19.89
N SER A 12 5.78 -12.49 19.91
CA SER A 12 4.70 -13.32 19.38
C SER A 12 4.59 -13.11 17.88
N ASP A 13 3.56 -13.71 17.28
CA ASP A 13 3.34 -13.56 15.84
C ASP A 13 2.81 -12.18 15.47
N SER A 14 2.32 -11.42 16.45
CA SER A 14 1.86 -10.05 16.22
C SER A 14 2.87 -9.01 16.69
N GLY A 15 4.08 -9.43 17.06
CA GLY A 15 5.12 -8.50 17.48
C GLY A 15 5.08 -8.13 18.94
N GLU A 16 4.22 -8.76 19.75
CA GLU A 16 4.15 -8.42 21.16
C GLU A 16 5.11 -9.28 21.98
N PRO A 17 5.72 -8.70 23.02
CA PRO A 17 6.64 -9.49 23.86
C PRO A 17 5.89 -10.61 24.58
N VAL A 18 6.61 -11.70 24.83
CA VAL A 18 6.03 -12.89 25.43
C VAL A 18 6.42 -12.93 26.91
N THR A 19 5.43 -13.12 27.77
CA THR A 19 5.67 -13.21 29.21
C THR A 19 6.16 -14.60 29.57
N SER A 20 7.38 -14.69 30.08
CA SER A 20 7.91 -16.00 30.48
C SER A 20 7.33 -16.48 31.80
N CYS A 21 6.96 -15.56 32.68
CA CYS A 21 6.37 -15.90 33.97
C CYS A 21 5.29 -14.88 34.31
N SER A 22 4.38 -15.28 35.19
CA SER A 22 3.26 -14.44 35.61
C SER A 22 3.61 -13.78 36.93
N TYR A 23 4.28 -12.64 36.85
CA TYR A 23 4.60 -11.84 38.03
C TYR A 23 3.55 -10.77 38.32
N GLY A 24 2.54 -10.65 37.47
CA GLY A 24 1.51 -9.64 37.61
C GLY A 24 1.70 -8.51 36.61
N GLN A 25 0.86 -7.49 36.76
CA GLN A 25 0.95 -6.29 35.92
C GLN A 25 2.29 -5.60 36.18
N GLY A 26 3.13 -5.53 35.15
CA GLY A 26 4.46 -5.01 35.34
C GLY A 26 5.07 -4.28 34.14
N VAL A 27 6.39 -4.16 34.16
CA VAL A 27 7.15 -3.39 33.17
C VAL A 27 8.41 -4.18 32.84
N LEU A 28 8.79 -4.18 31.56
CA LEU A 28 10.02 -4.85 31.11
C LEU A 28 11.22 -4.09 31.66
N THR A 29 11.55 -4.37 32.92
CA THR A 29 12.66 -3.72 33.60
C THR A 29 13.91 -4.60 33.54
N LEU A 30 15.04 -3.98 33.21
CA LEU A 30 16.31 -4.71 33.18
C LEU A 30 17.02 -4.58 34.52
N PRO A 31 17.63 -5.66 35.00
CA PRO A 31 18.13 -5.68 36.38
C PRO A 31 19.24 -4.67 36.62
N SER A 32 19.19 -4.01 37.77
CA SER A 32 20.21 -3.05 38.15
C SER A 32 21.48 -3.80 38.58
N LEU A 33 22.56 -3.59 37.83
CA LEU A 33 23.83 -4.23 38.09
C LEU A 33 24.96 -3.25 37.85
N PRO A 34 26.07 -3.38 38.56
CA PRO A 34 27.23 -2.52 38.31
C PRO A 34 27.90 -2.88 36.99
N LEU A 35 28.58 -1.89 36.41
CA LEU A 35 29.35 -2.14 35.20
C LEU A 35 30.50 -3.08 35.52
N PRO A 36 31.08 -3.74 34.51
CA PRO A 36 32.23 -4.62 34.75
C PRO A 36 33.38 -3.86 35.41
N GLN A 37 34.33 -4.63 35.93
CA GLN A 37 35.44 -4.10 36.71
C GLN A 37 36.19 -2.99 35.99
N GLY A 38 36.06 -1.76 36.48
CA GLY A 38 36.78 -0.64 35.92
C GLY A 38 36.33 -0.21 34.55
N LYS A 39 35.02 -0.21 34.29
CA LYS A 39 34.47 0.19 33.01
C LYS A 39 33.47 1.32 33.22
N LYS A 40 33.54 2.33 32.36
CA LYS A 40 32.67 3.49 32.43
C LYS A 40 31.55 3.35 31.39
N LEU A 41 30.65 4.33 31.38
CA LEU A 41 29.58 4.35 30.40
C LEU A 41 30.14 4.67 29.03
N GLY A 42 30.03 3.72 28.10
CA GLY A 42 30.53 3.87 26.75
C GLY A 42 31.59 2.86 26.35
N ASP A 43 32.29 2.28 27.33
CA ASP A 43 33.31 1.27 27.00
C ASP A 43 32.69 0.03 26.38
N MET A 44 31.44 -0.28 26.72
CA MET A 44 30.76 -1.46 26.22
C MET A 44 29.27 -1.29 26.46
N PRO A 45 28.42 -2.02 25.73
CA PRO A 45 26.99 -1.94 25.98
C PRO A 45 26.64 -2.38 27.40
N VAL A 46 25.76 -1.61 28.05
CA VAL A 46 25.28 -1.99 29.37
C VAL A 46 24.45 -3.27 29.29
N TYR A 47 23.59 -3.37 28.27
CA TYR A 47 22.79 -4.57 28.07
C TYR A 47 22.53 -4.74 26.58
N THR A 48 22.23 -5.98 26.19
CA THR A 48 21.88 -6.32 24.82
C THR A 48 20.59 -7.14 24.85
N VAL A 49 19.54 -6.62 24.24
CA VAL A 49 18.23 -7.26 24.23
C VAL A 49 18.09 -8.03 22.92
N LYS A 50 18.06 -9.35 23.00
CA LYS A 50 17.90 -10.20 21.83
C LYS A 50 16.41 -10.33 21.52
N LEU A 51 15.97 -9.72 20.42
CA LEU A 51 14.60 -9.84 19.96
C LEU A 51 14.47 -11.09 19.08
N ALA A 52 13.52 -11.96 19.43
CA ALA A 52 13.30 -13.21 18.72
C ALA A 52 11.95 -13.13 18.00
N ILE A 53 12.00 -13.13 16.67
CA ILE A 53 10.80 -13.05 15.84
C ILE A 53 10.48 -14.45 15.32
N PRO A 54 9.24 -14.92 15.44
CA PRO A 54 8.92 -16.27 14.95
C PRO A 54 9.05 -16.37 13.44
N ALA A 55 9.53 -17.52 12.98
CA ALA A 55 9.71 -17.75 11.56
C ALA A 55 8.35 -17.90 10.87
N GLY A 56 8.21 -17.25 9.71
CA GLY A 56 6.98 -17.30 8.96
C GLY A 56 5.83 -16.50 9.52
N SER A 57 6.03 -15.78 10.62
CA SER A 57 4.96 -15.00 11.21
C SER A 57 4.57 -13.86 10.26
N PRO A 58 3.31 -13.39 10.34
CA PRO A 58 2.88 -12.30 9.44
C PRO A 58 3.70 -11.03 9.58
N VAL A 59 4.45 -10.88 10.68
CA VAL A 59 5.27 -9.69 10.85
C VAL A 59 6.54 -9.75 9.99
N THR A 60 7.04 -10.96 9.70
CA THR A 60 8.27 -11.09 8.94
C THR A 60 8.13 -10.63 7.50
N ARG A 61 6.90 -10.54 6.99
CA ARG A 61 6.66 -10.15 5.59
C ARG A 61 7.05 -8.69 5.42
N ASP A 62 8.22 -8.46 4.81
CA ASP A 62 8.79 -7.12 4.68
C ASP A 62 8.84 -6.41 6.03
N GLY A 63 9.22 -7.17 7.06
CA GLY A 63 9.18 -6.65 8.42
C GLY A 63 10.41 -5.84 8.77
N LEU A 64 10.20 -4.83 9.61
CA LEU A 64 11.28 -3.98 10.09
C LEU A 64 11.10 -3.75 11.59
N ILE A 65 12.20 -3.84 12.34
CA ILE A 65 12.21 -3.57 13.76
C ILE A 65 12.63 -2.13 13.97
N TRP A 66 11.76 -1.33 14.58
CA TRP A 66 12.04 0.07 14.88
C TRP A 66 12.36 0.23 16.35
N THR A 67 13.28 1.13 16.67
CA THR A 67 13.62 1.42 18.06
C THR A 67 14.31 2.77 18.12
N ASN A 68 14.03 3.53 19.18
CA ASN A 68 14.69 4.80 19.42
C ASN A 68 16.01 4.65 20.16
N CYS A 69 16.51 3.43 20.29
CA CYS A 69 17.82 3.20 20.88
C CYS A 69 18.91 3.75 19.97
N PRO A 70 19.77 4.64 20.46
CA PRO A 70 20.86 5.14 19.60
C PRO A 70 21.76 3.99 19.18
N PRO A 71 22.37 4.09 17.99
CA PRO A 71 23.21 2.99 17.51
C PRO A 71 24.52 2.86 18.26
N ASP A 72 25.05 3.96 18.81
CA ASP A 72 26.29 3.91 19.56
C ASP A 72 26.25 4.96 20.65
N PHE A 73 27.27 4.94 21.51
CA PHE A 73 27.31 5.84 22.65
C PHE A 73 27.48 7.29 22.23
N SER A 74 28.08 7.53 21.06
CA SER A 74 28.28 8.90 20.59
C SER A 74 26.95 9.57 20.24
N THR A 75 25.97 8.80 19.76
CA THR A 75 24.69 9.36 19.35
C THR A 75 23.82 9.62 20.58
N GLN A 76 23.26 10.83 20.66
CA GLN A 76 22.36 11.16 21.75
C GLN A 76 21.01 10.45 21.57
N PHE A 77 20.25 10.39 22.65
CA PHE A 77 18.95 9.74 22.64
C PHE A 77 17.88 10.71 22.18
N ASP A 78 17.06 10.27 21.23
CA ASP A 78 15.92 11.04 20.75
C ASP A 78 14.68 10.17 20.88
N ARG A 79 13.62 10.72 21.50
CA ARG A 79 12.40 9.96 21.70
C ARG A 79 11.78 9.50 20.39
N GLU A 80 11.83 10.36 19.36
CA GLU A 80 11.07 10.13 18.15
C GLU A 80 11.95 9.83 16.93
N LYS A 81 13.25 9.69 17.09
CA LYS A 81 14.12 9.26 16.01
C LYS A 81 14.35 7.77 16.15
N PHE A 82 13.62 6.99 15.36
CA PHE A 82 13.73 5.53 15.37
C PHE A 82 14.67 5.09 14.26
N TYR A 83 15.31 3.93 14.48
CA TYR A 83 16.32 3.41 13.56
C TYR A 83 15.89 2.08 12.98
N LYS A 84 16.35 1.82 11.76
CA LYS A 84 15.91 0.65 11.01
C LYS A 84 16.68 -0.61 11.42
N LYS A 85 15.97 -1.74 11.39
CA LYS A 85 16.56 -3.06 11.58
C LYS A 85 15.79 -4.05 10.72
N ILE A 86 16.51 -4.81 9.90
CA ILE A 86 15.90 -5.67 8.91
C ILE A 86 15.63 -7.05 9.52
N ILE A 87 14.41 -7.54 9.33
CA ILE A 87 14.03 -8.88 9.78
C ILE A 87 14.33 -9.86 8.65
N LYS A 88 15.18 -10.84 8.92
CA LYS A 88 15.55 -11.84 7.93
C LYS A 88 14.47 -12.92 7.88
N THR A 89 13.61 -12.83 6.87
CA THR A 89 12.49 -13.75 6.76
C THR A 89 12.95 -15.17 6.46
N SER A 90 12.32 -16.14 7.11
CA SER A 90 12.55 -17.55 6.81
C SER A 90 11.32 -18.33 7.27
N PHE A 91 11.02 -19.41 6.55
CA PHE A 91 9.93 -20.30 6.93
C PHE A 91 10.37 -21.36 7.93
N HIS A 92 11.67 -21.49 8.17
CA HIS A 92 12.22 -22.47 9.10
C HIS A 92 12.90 -21.84 10.30
N GLU A 93 13.73 -20.82 10.08
CA GLU A 93 14.59 -20.28 11.12
C GLU A 93 14.05 -18.97 11.66
N ASP A 94 13.95 -18.87 12.98
CA ASP A 94 13.64 -17.59 13.61
C ASP A 94 14.82 -16.63 13.49
N ASP A 95 14.52 -15.34 13.50
CA ASP A 95 15.53 -14.31 13.38
C ASP A 95 15.76 -13.63 14.72
N HIS A 96 17.02 -13.35 15.02
CA HIS A 96 17.42 -12.67 16.25
C HIS A 96 18.06 -11.34 15.89
N ILE A 97 17.58 -10.26 16.51
CA ILE A 97 18.07 -8.92 16.25
C ILE A 97 18.47 -8.30 17.59
N ASP A 98 19.74 -7.92 17.72
CA ASP A 98 20.26 -7.39 18.96
C ASP A 98 20.01 -5.88 19.06
N LEU A 99 19.73 -5.43 20.28
CA LEU A 99 19.58 -4.01 20.59
C LEU A 99 20.62 -3.66 21.65
N ASP A 100 21.78 -3.14 21.22
CA ASP A 100 22.84 -2.75 22.14
C ASP A 100 22.45 -1.45 22.82
N ILE A 101 22.42 -1.46 24.16
CA ILE A 101 22.08 -0.30 24.96
C ILE A 101 23.32 0.16 25.70
N TYR A 102 23.63 1.46 25.60
CA TYR A 102 24.83 2.00 26.22
C TYR A 102 24.57 2.90 27.42
N VAL A 103 23.34 3.39 27.59
CA VAL A 103 23.04 4.35 28.66
C VAL A 103 21.66 4.03 29.22
N PRO A 104 21.46 4.10 30.53
CA PRO A 104 20.11 3.86 31.08
C PRO A 104 19.12 4.92 30.60
N GLY A 105 17.85 4.50 30.50
CA GLY A 105 16.81 5.41 30.09
C GLY A 105 15.58 4.65 29.65
N THR A 106 14.70 5.37 28.95
CA THR A 106 13.45 4.82 28.44
C THR A 106 13.61 4.53 26.95
N TYR A 107 13.43 3.26 26.58
CA TYR A 107 13.54 2.84 25.20
C TYR A 107 12.30 2.05 24.81
N CYS A 108 11.89 2.20 23.55
CA CYS A 108 10.72 1.51 23.03
C CYS A 108 10.99 0.99 21.63
N PHE A 109 10.18 0.03 21.22
CA PHE A 109 10.33 -0.57 19.89
C PHE A 109 8.96 -0.94 19.34
N TYR A 110 8.78 -0.78 18.04
CA TYR A 110 7.59 -1.23 17.35
C TYR A 110 8.00 -1.84 16.01
N LEU A 111 7.09 -2.57 15.39
CA LEU A 111 7.37 -3.29 14.16
C LEU A 111 6.43 -2.85 13.05
N SER A 112 6.99 -2.63 11.86
CA SER A 112 6.23 -2.37 10.65
C SER A 112 6.39 -3.54 9.69
N PHE A 113 5.30 -3.89 9.00
CA PHE A 113 5.31 -5.06 8.13
C PHE A 113 4.31 -4.84 7.00
N LYS A 114 4.33 -5.75 6.04
CA LYS A 114 3.41 -5.70 4.90
C LYS A 114 2.14 -6.46 5.27
N ASN A 115 1.02 -5.74 5.28
CA ASN A 115 -0.25 -6.33 5.65
C ASN A 115 -0.69 -7.36 4.63
N ASP A 116 -1.69 -8.16 5.00
CA ASP A 116 -2.34 -9.03 4.05
C ASP A 116 -3.13 -8.27 3.00
N LYS A 117 -3.34 -6.96 3.19
CA LYS A 117 -3.90 -6.11 2.16
C LYS A 117 -2.82 -5.48 1.29
N ASP A 118 -1.58 -5.96 1.39
CA ASP A 118 -0.44 -5.32 0.74
C ASP A 118 -0.23 -3.89 1.19
N GLU A 119 -0.79 -3.53 2.35
CA GLU A 119 -0.63 -2.21 2.94
C GLU A 119 0.42 -2.25 4.05
N LEU A 120 0.76 -1.07 4.55
CA LEU A 120 1.69 -0.95 5.67
C LEU A 120 0.92 -0.94 6.98
N GLU A 121 1.41 -1.68 7.96
CA GLU A 121 0.78 -1.77 9.27
C GLU A 121 1.85 -1.67 10.35
N THR A 122 1.45 -1.17 11.52
CA THR A 122 2.36 -0.96 12.63
C THR A 122 1.75 -1.45 13.93
N THR A 123 2.58 -2.05 14.77
CA THR A 123 2.16 -2.54 16.07
C THR A 123 2.24 -1.43 17.11
N ARG A 124 1.90 -1.76 18.36
CA ARG A 124 2.05 -0.81 19.45
C ARG A 124 3.54 -0.51 19.68
N LYS A 125 3.79 0.52 20.47
CA LYS A 125 5.13 0.80 20.98
C LYS A 125 5.31 0.03 22.29
N PHE A 126 6.37 -0.79 22.36
CA PHE A 126 6.64 -1.60 23.53
C PHE A 126 7.90 -1.08 24.21
N TYR A 127 7.76 -0.65 25.46
CA TYR A 127 8.82 0.01 26.19
C TYR A 127 9.56 -0.98 27.09
N PHE A 128 10.79 -0.62 27.44
CA PHE A 128 11.57 -1.36 28.42
C PHE A 128 12.58 -0.42 29.05
N VAL A 129 12.75 -0.52 30.37
CA VAL A 129 13.54 0.43 31.15
C VAL A 129 14.87 -0.21 31.53
N VAL A 130 15.95 0.56 31.36
CA VAL A 130 17.27 0.20 31.87
C VAL A 130 17.53 1.09 33.08
N LEU A 131 17.66 0.47 34.25
CA LEU A 131 17.77 1.21 35.49
C LEU A 131 19.14 1.90 35.59
N PRO A 132 19.21 3.02 36.30
CA PRO A 132 20.50 3.71 36.45
C PRO A 132 21.45 2.95 37.35
N ILE A 133 22.73 3.28 37.23
CA ILE A 133 23.79 2.67 38.02
C ILE A 133 24.14 3.65 39.14
N LEU A 134 23.87 3.26 40.39
CA LEU A 134 24.08 4.13 41.54
C LEU A 134 25.30 3.64 42.31
N SER A 135 26.37 4.44 42.28
CA SER A 135 27.52 4.25 43.12
C SER A 135 27.77 5.52 43.93
N VAL A 136 28.48 5.39 45.04
CA VAL A 136 28.69 6.53 45.92
C VAL A 136 30.08 7.11 45.73
N ASN A 137 31.11 6.29 45.99
CA ASN A 137 32.49 6.64 45.64
C ASN A 137 32.99 5.69 44.57
N ASP A 138 33.18 4.41 44.91
CA ASP A 138 33.43 3.38 43.90
C ASP A 138 32.72 2.08 44.27
N LYS A 139 31.84 2.10 45.27
CA LYS A 139 31.07 0.94 45.68
C LYS A 139 29.66 1.03 45.12
N PHE A 140 29.19 -0.05 44.50
CA PHE A 140 27.88 -0.07 43.87
C PHE A 140 26.78 -0.20 44.90
N ILE A 141 25.72 0.57 44.73
CA ILE A 141 24.55 0.58 45.61
C ILE A 141 23.42 -0.15 44.88
N PRO A 142 23.07 -1.37 45.27
CA PRO A 142 21.89 -2.02 44.68
C PRO A 142 20.63 -1.21 44.95
N LEU A 143 19.73 -1.21 43.97
CA LEU A 143 18.55 -0.34 44.04
C LEU A 143 17.65 -0.71 45.22
N ASN A 144 17.58 -1.98 45.58
CA ASN A 144 16.75 -2.43 46.70
C ASN A 144 17.51 -2.41 48.02
N SER A 145 18.57 -1.60 48.13
CA SER A 145 19.27 -1.39 49.39
C SER A 145 19.42 0.10 49.67
N ILE A 146 18.52 0.92 49.12
CA ILE A 146 18.57 2.37 49.27
C ILE A 146 17.82 2.75 50.54
N ALA A 147 18.47 3.55 51.37
CA ALA A 147 17.84 4.15 52.54
C ALA A 147 17.80 5.65 52.33
N MET A 148 16.60 6.20 52.21
CA MET A 148 16.41 7.60 51.85
C MET A 148 15.88 8.37 53.05
N GLN A 149 16.57 9.44 53.43
CA GLN A 149 16.15 10.31 54.51
C GLN A 149 15.64 11.61 53.89
N SER A 150 14.34 11.86 54.01
CA SER A 150 13.75 13.07 53.47
C SER A 150 13.84 14.19 54.51
N VAL A 151 14.45 15.30 54.13
CA VAL A 151 14.67 16.44 55.02
C VAL A 151 14.10 17.70 54.37
N VAL A 152 13.43 18.52 55.17
CA VAL A 152 12.90 19.80 54.71
C VAL A 152 13.95 20.87 54.95
N SER A 153 14.19 21.68 53.92
CA SER A 153 15.31 22.62 53.96
C SER A 153 15.14 23.67 55.04
N LYS A 154 13.96 24.31 55.09
CA LYS A 154 13.81 25.46 55.99
C LYS A 154 13.71 25.07 57.46
N TRP A 155 13.92 23.81 57.81
CA TRP A 155 13.99 23.39 59.20
C TRP A 155 15.32 22.75 59.54
N MET A 156 16.33 22.94 58.71
CA MET A 156 17.63 22.37 59.00
C MET A 156 18.62 23.40 59.52
N GLY A 157 18.23 24.67 59.56
CA GLY A 157 19.11 25.74 60.00
C GLY A 157 19.36 26.82 58.98
N PRO A 158 19.85 27.97 59.47
CA PRO A 158 20.09 29.12 58.59
C PRO A 158 21.43 29.08 57.86
N THR A 159 22.34 28.20 58.26
CA THR A 159 23.66 28.14 57.65
C THR A 159 23.87 26.75 57.05
N ILE A 160 24.81 26.67 56.10
CA ILE A 160 25.12 25.37 55.51
C ILE A 160 25.77 24.46 56.55
N LYS A 161 26.55 25.02 57.48
CA LYS A 161 27.11 24.19 58.53
C LYS A 161 26.03 23.66 59.46
N ASP A 162 24.99 24.45 59.70
CA ASP A 162 23.83 23.99 60.46
C ASP A 162 23.16 22.79 59.77
N TRP A 163 23.28 22.71 58.45
CA TRP A 163 22.75 21.55 57.73
C TRP A 163 23.66 20.33 57.88
N GLU A 164 24.97 20.54 57.80
CA GLU A 164 25.92 19.44 57.91
C GLU A 164 25.92 18.78 59.29
N LYS A 165 25.30 19.40 60.29
CA LYS A 165 25.06 18.70 61.54
C LYS A 165 23.94 17.68 61.39
N VAL A 166 22.91 18.01 60.62
CA VAL A 166 21.85 17.05 60.33
C VAL A 166 22.39 15.90 59.49
N PHE A 167 23.30 16.21 58.55
CA PHE A 167 23.88 15.18 57.71
C PHE A 167 24.61 14.13 58.55
N ALA A 168 25.36 14.58 59.56
CA ALA A 168 26.08 13.65 60.41
C ALA A 168 25.13 12.77 61.23
N ARG A 169 23.94 13.29 61.57
CA ARG A 169 22.99 12.51 62.32
C ARG A 169 22.41 11.38 61.48
N VAL A 170 22.02 11.68 60.24
CA VAL A 170 21.46 10.65 59.38
C VAL A 170 22.54 9.72 58.85
N ALA A 171 23.80 10.16 58.84
CA ALA A 171 24.89 9.27 58.45
C ALA A 171 25.16 8.22 59.52
N SER A 172 24.99 8.61 60.80
CA SER A 172 25.16 7.65 61.88
C SER A 172 24.05 6.59 61.86
N LYS A 173 22.83 6.99 61.48
CA LYS A 173 21.76 6.03 61.27
C LYS A 173 21.96 5.18 60.02
N LYS A 174 23.01 5.47 59.25
CA LYS A 174 23.44 4.65 58.12
C LYS A 174 22.46 4.72 56.95
N TYR A 175 21.79 5.85 56.77
CA TYR A 175 21.12 6.11 55.50
C TYR A 175 22.17 6.37 54.42
N ASN A 176 21.84 5.97 53.19
CA ASN A 176 22.75 6.16 52.06
C ASN A 176 22.17 7.11 51.02
N MET A 177 21.06 7.78 51.32
CA MET A 177 20.48 8.72 50.37
C MET A 177 19.66 9.74 51.14
N ILE A 178 19.68 10.99 50.68
CA ILE A 178 18.95 12.08 51.30
C ILE A 178 18.05 12.72 50.26
N HIS A 179 16.75 12.81 50.58
CA HIS A 179 15.78 13.48 49.74
C HIS A 179 15.57 14.90 50.22
N PHE A 180 15.71 15.86 49.32
CA PHE A 180 15.58 17.28 49.63
C PHE A 180 14.27 17.82 49.10
N THR A 181 13.50 18.46 49.97
CA THR A 181 12.47 19.37 49.48
C THR A 181 13.16 20.48 48.68
N PRO A 182 12.54 20.98 47.60
CA PRO A 182 13.28 21.82 46.64
C PRO A 182 14.02 22.99 47.28
N LEU A 183 15.34 23.01 47.09
CA LEU A 183 16.24 24.00 47.66
C LEU A 183 16.24 25.33 46.90
N GLN A 184 15.10 25.74 46.38
CA GLN A 184 15.00 26.95 45.60
C GLN A 184 14.40 28.09 46.44
N HIS A 185 14.49 29.30 45.90
CA HIS A 185 13.89 30.45 46.55
C HIS A 185 12.38 30.25 46.66
N ARG A 186 11.87 30.29 47.89
CA ARG A 186 10.47 29.97 48.12
C ARG A 186 9.60 31.23 47.99
N GLY A 187 8.30 31.00 47.82
CA GLY A 187 7.36 32.04 47.48
C GLY A 187 6.86 32.84 48.66
N GLU A 188 5.66 33.41 48.50
CA GLU A 188 5.08 34.28 49.51
C GLU A 188 4.78 33.51 50.79
N SER A 189 4.07 32.40 50.68
CA SER A 189 3.70 31.60 51.84
C SER A 189 4.85 30.76 52.38
N ASN A 190 6.01 30.81 51.74
CA ASN A 190 7.22 30.10 52.16
C ASN A 190 7.02 28.58 52.20
N SER A 191 6.00 28.07 51.53
CA SER A 191 5.87 26.64 51.38
C SER A 191 6.98 26.13 50.46
N PRO A 192 7.61 25.00 50.79
CA PRO A 192 8.74 24.53 49.97
C PRO A 192 8.36 24.22 48.54
N TYR A 193 7.08 23.97 48.25
CA TYR A 193 6.66 23.58 46.91
C TYR A 193 6.16 24.75 46.07
N SER A 194 5.93 25.92 46.66
CA SER A 194 5.59 27.12 45.90
C SER A 194 6.89 27.87 45.64
N ILE A 195 7.56 27.52 44.55
CA ILE A 195 8.90 28.02 44.27
C ILE A 195 8.82 29.41 43.64
N TYR A 196 9.46 30.39 44.27
CA TYR A 196 9.50 31.75 43.73
C TYR A 196 10.21 31.78 42.39
N ASP A 197 11.48 31.35 42.37
CA ASP A 197 12.28 31.35 41.15
C ASP A 197 12.93 29.98 41.01
N GLN A 198 12.73 29.35 39.85
CA GLN A 198 13.25 28.01 39.64
C GLN A 198 14.74 27.99 39.32
N LEU A 199 15.30 29.08 38.84
CA LEU A 199 16.65 29.09 38.30
C LEU A 199 17.72 29.48 39.31
N GLU A 200 17.33 29.85 40.53
CA GLU A 200 18.30 30.16 41.57
C GLU A 200 17.83 29.57 42.89
N PHE A 201 18.79 29.19 43.72
CA PHE A 201 18.51 28.51 44.98
C PHE A 201 18.15 29.52 46.06
N ASP A 202 17.94 29.00 47.27
CA ASP A 202 17.51 29.84 48.39
C ASP A 202 18.60 30.84 48.75
N PRO A 203 18.36 32.15 48.61
CA PRO A 203 19.39 33.14 48.97
C PRO A 203 19.73 33.15 50.45
N THR A 204 18.87 32.57 51.31
CA THR A 204 19.18 32.51 52.73
C THR A 204 20.40 31.65 53.01
N VAL A 205 20.64 30.62 52.20
CA VAL A 205 21.71 29.65 52.42
C VAL A 205 22.74 29.68 51.30
N PHE A 206 22.28 29.57 50.05
CA PHE A 206 23.16 29.48 48.90
C PHE A 206 23.10 30.75 48.07
N LYS A 207 24.06 30.87 47.15
CA LYS A 207 24.11 31.98 46.19
C LYS A 207 24.39 31.56 44.76
N SER A 208 24.97 30.38 44.53
CA SER A 208 25.30 29.94 43.19
C SER A 208 25.16 28.43 43.12
N GLU A 209 25.25 27.89 41.90
CA GLU A 209 25.20 26.45 41.72
C GLU A 209 26.39 25.77 42.39
N LYS A 210 27.58 26.38 42.32
CA LYS A 210 28.76 25.75 42.88
C LYS A 210 28.69 25.62 44.39
N GLU A 211 27.93 26.51 45.05
CA GLU A 211 27.83 26.43 46.51
C GLU A 211 26.99 25.24 46.94
N VAL A 212 25.92 24.94 46.20
CA VAL A 212 25.10 23.78 46.52
C VAL A 212 25.69 22.52 45.90
N ALA A 213 26.37 22.63 44.76
CA ALA A 213 27.00 21.46 44.17
C ALA A 213 28.13 20.94 45.04
N ASP A 214 28.87 21.84 45.69
CA ASP A 214 29.92 21.41 46.61
C ASP A 214 29.34 20.76 47.86
N MET A 215 28.16 21.20 48.31
CA MET A 215 27.53 20.59 49.47
C MET A 215 27.10 19.16 49.18
N VAL A 216 26.53 18.92 48.00
CA VAL A 216 26.10 17.57 47.65
C VAL A 216 27.29 16.66 47.44
N GLU A 217 28.33 17.15 46.73
CA GLU A 217 29.54 16.37 46.58
C GLU A 217 30.22 16.13 47.92
N ARG A 218 30.08 17.06 48.85
CA ARG A 218 30.60 16.85 50.21
C ARG A 218 29.86 15.71 50.89
N LEU A 219 28.52 15.66 50.73
CA LEU A 219 27.75 14.55 51.28
C LEU A 219 28.20 13.20 50.72
N ARG A 220 28.65 13.18 49.46
CA ARG A 220 29.08 11.93 48.85
C ARG A 220 30.39 11.45 49.44
N THR A 221 31.39 12.34 49.53
CA THR A 221 32.72 11.93 49.98
C THR A 221 32.80 11.78 51.49
N GLU A 222 32.07 12.59 52.26
CA GLU A 222 32.18 12.55 53.71
C GLU A 222 31.41 11.37 54.30
N HIS A 223 30.10 11.34 54.08
CA HIS A 223 29.21 10.39 54.74
C HIS A 223 28.74 9.26 53.83
N ASN A 224 29.21 9.21 52.59
CA ASN A 224 28.80 8.19 51.62
C ASN A 224 27.28 8.21 51.42
N ILE A 225 26.77 9.38 51.05
CA ILE A 225 25.34 9.62 50.91
C ILE A 225 25.07 10.33 49.59
N LEU A 226 24.17 9.77 48.78
CA LEU A 226 23.71 10.41 47.56
C LEU A 226 22.52 11.33 47.88
N SER A 227 22.22 12.21 46.93
CA SER A 227 21.20 13.23 47.15
C SER A 227 20.28 13.33 45.96
N LEU A 228 19.03 13.74 46.23
CA LEU A 228 18.04 14.01 45.20
C LEU A 228 17.01 14.97 45.78
N THR A 229 16.33 15.68 44.88
CA THR A 229 15.38 16.72 45.26
C THR A 229 14.00 16.44 44.69
N ASP A 230 13.02 17.18 45.19
CA ASP A 230 11.74 17.29 44.52
C ASP A 230 11.87 18.19 43.29
N ILE A 231 11.11 17.85 42.25
CA ILE A 231 11.00 18.66 41.05
C ILE A 231 9.52 18.97 40.84
N VAL A 232 9.18 20.25 40.79
CA VAL A 232 7.80 20.68 40.70
C VAL A 232 7.53 21.08 39.26
N PHE A 233 6.67 20.32 38.57
CA PHE A 233 6.25 20.65 37.22
C PHE A 233 4.88 21.31 37.16
N ASN A 234 4.00 21.00 38.11
CA ASN A 234 2.59 21.35 37.96
C ASN A 234 2.28 22.80 38.31
N HIS A 235 3.15 23.48 39.07
CA HIS A 235 2.80 24.80 39.55
C HIS A 235 4.05 25.58 39.91
N THR A 236 3.87 26.88 40.13
CA THR A 236 4.91 27.78 40.61
C THR A 236 4.27 28.77 41.58
N ALA A 237 5.12 29.48 42.32
CA ALA A 237 4.63 30.39 43.34
C ALA A 237 3.82 31.52 42.71
N ASN A 238 2.84 32.02 43.47
CA ASN A 238 1.91 33.05 43.00
C ASN A 238 2.52 34.43 42.92
N ASN A 239 3.84 34.58 43.04
CA ASN A 239 4.48 35.89 43.03
C ASN A 239 5.86 35.75 42.42
N SER A 240 5.92 35.31 41.17
CA SER A 240 7.18 35.16 40.45
C SER A 240 7.36 36.33 39.50
N GLN A 241 8.53 36.97 39.57
CA GLN A 241 8.79 38.13 38.73
C GLN A 241 8.81 37.78 37.25
N TRP A 242 8.96 36.50 36.91
CA TRP A 242 8.84 36.07 35.52
C TRP A 242 7.40 35.80 35.10
N LEU A 243 6.50 35.55 36.05
CA LEU A 243 5.08 35.46 35.72
C LEU A 243 4.53 36.80 35.27
N LEU A 244 5.13 37.90 35.72
CA LEU A 244 4.73 39.22 35.23
C LEU A 244 5.15 39.40 33.77
N ASP A 245 6.32 38.89 33.40
CA ASP A 245 6.79 39.01 32.03
C ASP A 245 6.06 38.03 31.11
N HIS A 246 5.86 36.80 31.56
CA HIS A 246 5.24 35.74 30.76
C HIS A 246 4.02 35.21 31.51
N PRO A 247 2.89 35.91 31.43
CA PRO A 247 1.66 35.41 32.06
C PRO A 247 1.03 34.24 31.31
N GLU A 248 1.43 33.99 30.06
CA GLU A 248 0.84 32.88 29.31
C GLU A 248 1.34 31.53 29.78
N ALA A 249 2.31 31.48 30.69
CA ALA A 249 2.79 30.21 31.22
C ALA A 249 1.72 29.44 31.97
N GLY A 250 0.71 30.15 32.51
CA GLY A 250 -0.44 29.53 33.11
C GLY A 250 -1.69 29.69 32.24
N TYR A 251 -2.77 29.08 32.70
CA TYR A 251 -4.05 29.16 32.01
C TYR A 251 -4.74 30.46 32.45
N ASN A 252 -4.92 31.39 31.53
CA ASN A 252 -5.63 32.63 31.79
C ASN A 252 -6.83 32.76 30.86
N HIS A 253 -7.45 33.94 30.86
CA HIS A 253 -8.62 34.18 30.01
C HIS A 253 -8.27 34.16 28.53
N LYS A 254 -6.99 34.37 28.17
CA LYS A 254 -6.57 34.26 26.78
C LYS A 254 -6.26 32.81 26.40
N THR A 255 -5.45 32.14 27.23
CA THR A 255 -4.99 30.80 26.88
C THR A 255 -6.08 29.76 27.10
N SER A 256 -6.79 29.83 28.22
CA SER A 256 -7.89 28.91 28.53
C SER A 256 -9.16 29.73 28.73
N PRO A 257 -9.87 30.05 27.65
CA PRO A 257 -11.04 30.93 27.77
C PRO A 257 -12.22 30.30 28.49
N HIS A 258 -12.25 28.98 28.66
CA HIS A 258 -13.40 28.34 29.30
C HIS A 258 -13.52 28.72 30.78
N LEU A 259 -12.43 29.14 31.41
CA LEU A 259 -12.44 29.52 32.82
C LEU A 259 -12.86 30.95 33.06
N ILE A 260 -13.25 31.69 32.01
CA ILE A 260 -13.71 33.06 32.17
C ILE A 260 -14.93 33.11 33.09
N SER A 261 -15.83 32.13 32.95
CA SER A 261 -16.98 32.06 33.85
C SER A 261 -16.56 31.82 35.29
N ALA A 262 -15.50 31.04 35.50
CA ALA A 262 -15.02 30.77 36.86
C ALA A 262 -14.27 31.96 37.45
N ILE A 263 -13.65 32.79 36.61
CA ILE A 263 -12.95 33.96 37.12
C ILE A 263 -13.93 34.98 37.70
N GLU A 264 -14.98 35.29 36.94
CA GLU A 264 -15.97 36.27 37.40
C GLU A 264 -16.76 35.79 38.60
N LEU A 265 -16.73 34.49 38.90
CA LEU A 265 -17.36 33.96 40.11
C LEU A 265 -16.42 34.01 41.31
N ASP A 266 -15.11 33.82 41.09
CA ASP A 266 -14.16 33.90 42.18
C ASP A 266 -14.05 35.32 42.71
N LYS A 267 -13.88 36.29 41.81
CA LYS A 267 -13.78 37.68 42.27
C LYS A 267 -15.08 38.21 42.82
N LYS A 268 -16.22 37.59 42.48
CA LYS A 268 -17.50 38.03 43.04
C LYS A 268 -17.62 37.59 44.48
N LEU A 269 -17.20 36.34 44.73
CA LEU A 269 -17.25 35.76 46.05
C LEU A 269 -16.35 36.54 47.02
N LEU A 270 -15.15 36.93 46.57
CA LEU A 270 -14.24 37.71 47.41
C LEU A 270 -14.78 39.10 47.67
N ASP A 271 -15.40 39.71 46.65
CA ASP A 271 -16.02 41.02 46.84
C ASP A 271 -17.18 40.95 47.82
N PHE A 272 -17.94 39.86 47.81
CA PHE A 272 -18.99 39.67 48.81
C PHE A 272 -18.39 39.55 50.21
N SER A 273 -17.25 38.87 50.33
CA SER A 273 -16.61 38.73 51.63
C SER A 273 -16.25 40.08 52.23
N GLU A 274 -15.97 41.09 51.39
CA GLU A 274 -15.61 42.41 51.91
C GLU A 274 -16.81 43.08 52.56
N GLN A 275 -18.00 42.89 51.98
CA GLN A 275 -19.24 43.46 52.49
C GLN A 275 -20.12 42.41 53.14
N MET A 276 -19.52 41.40 53.79
CA MET A 276 -20.34 40.33 54.37
C MET A 276 -21.23 40.85 55.49
N GLU A 277 -20.64 41.43 56.53
CA GLU A 277 -21.43 41.99 57.62
C GLU A 277 -22.09 43.30 57.24
N ALA A 278 -21.52 44.02 56.27
CA ALA A 278 -22.14 45.25 55.80
C ALA A 278 -23.49 44.98 55.17
N LEU A 279 -23.55 44.04 54.23
CA LEU A 279 -24.84 43.73 53.59
C LEU A 279 -25.70 42.84 54.49
N GLY A 280 -25.11 41.78 55.04
CA GLY A 280 -25.80 40.90 55.95
C GLY A 280 -25.27 41.07 57.36
N TYR A 281 -24.85 39.96 57.98
CA TYR A 281 -24.24 39.99 59.30
C TYR A 281 -23.49 38.72 59.68
N PRO A 282 -24.01 37.48 59.40
CA PRO A 282 -23.27 36.28 59.84
C PRO A 282 -21.84 36.21 59.32
N VAL A 283 -20.88 36.55 60.18
CA VAL A 283 -19.48 36.62 59.78
C VAL A 283 -18.60 35.64 60.56
N ASP A 284 -19.00 35.21 61.74
CA ASP A 284 -18.26 34.18 62.46
C ASP A 284 -19.11 33.55 63.56
N LEU A 285 -20.03 32.65 63.22
CA LEU A 285 -20.76 31.89 64.24
C LEU A 285 -20.61 30.40 63.97
N LYS A 286 -21.21 29.61 64.87
CA LYS A 286 -21.12 28.15 64.79
C LYS A 286 -22.51 27.55 64.61
N THR A 287 -23.45 28.31 64.07
CA THR A 287 -24.80 27.84 63.88
C THR A 287 -24.96 27.42 62.44
N VAL A 288 -25.62 26.27 62.22
CA VAL A 288 -25.92 25.86 60.86
C VAL A 288 -26.93 26.82 60.24
N ASP A 289 -27.88 27.31 61.05
CA ASP A 289 -28.74 28.40 60.63
C ASP A 289 -27.95 29.64 60.27
N ASP A 290 -26.88 29.95 61.01
CA ASP A 290 -26.11 31.14 60.66
C ASP A 290 -25.48 30.98 59.28
N LEU A 291 -25.06 29.77 58.94
CA LEU A 291 -24.50 29.53 57.61
C LEU A 291 -25.58 29.71 56.54
N ILE A 292 -26.81 29.33 56.86
CA ILE A 292 -27.88 29.35 55.87
C ILE A 292 -28.19 30.78 55.48
N LYS A 293 -28.00 31.71 56.42
CA LYS A 293 -28.28 33.11 56.14
C LYS A 293 -27.27 33.69 55.15
N VAL A 294 -25.98 33.42 55.35
CA VAL A 294 -24.98 33.89 54.39
C VAL A 294 -25.10 33.14 53.08
N MET A 295 -25.42 31.84 53.14
CA MET A 295 -25.66 31.10 51.91
C MET A 295 -26.81 31.72 51.10
N ASP A 296 -27.92 32.05 51.77
CA ASP A 296 -28.96 32.79 51.06
C ASP A 296 -28.44 34.16 50.62
N GLY A 297 -27.57 34.78 51.42
CA GLY A 297 -26.93 36.01 50.99
C GLY A 297 -26.10 35.81 49.74
N ILE A 298 -25.33 34.72 49.69
CA ILE A 298 -24.61 34.36 48.47
C ILE A 298 -25.59 34.23 47.30
N LYS A 299 -26.71 33.55 47.53
CA LYS A 299 -27.62 33.26 46.42
C LYS A 299 -28.22 34.54 45.85
N GLU A 300 -28.25 35.61 46.64
CA GLU A 300 -28.86 36.86 46.21
C GLU A 300 -27.85 37.95 45.91
N HIS A 301 -26.61 37.82 46.40
CA HIS A 301 -25.58 38.83 46.16
C HIS A 301 -24.54 38.46 45.12
N VAL A 302 -24.39 37.18 44.75
CA VAL A 302 -23.53 36.79 43.63
C VAL A 302 -24.29 36.05 42.55
N ILE A 303 -24.92 34.93 42.89
CA ILE A 303 -25.61 34.09 41.90
C ILE A 303 -26.64 34.91 41.15
N GLY A 304 -27.46 35.68 41.87
CA GLY A 304 -28.49 36.47 41.19
C GLY A 304 -27.93 37.62 40.38
N GLU A 305 -26.84 38.21 40.84
CA GLU A 305 -26.17 39.29 40.13
C GLU A 305 -25.26 38.79 39.02
N LEU A 306 -25.28 37.49 38.71
CA LEU A 306 -24.47 36.93 37.63
C LEU A 306 -25.29 36.64 36.37
N LYS A 307 -26.32 37.45 36.12
CA LYS A 307 -27.02 37.54 34.83
C LYS A 307 -27.69 36.24 34.39
N LEU A 308 -28.19 35.43 35.33
CA LEU A 308 -28.81 34.14 35.01
C LEU A 308 -27.91 33.30 34.11
N TRP A 309 -26.63 33.67 34.03
CA TRP A 309 -25.60 32.98 33.28
C TRP A 309 -25.94 32.71 31.83
N GLU A 310 -25.74 33.72 30.98
CA GLU A 310 -25.79 33.61 29.53
C GLU A 310 -24.66 32.75 28.96
N PHE A 311 -23.73 32.31 29.80
CA PHE A 311 -22.66 31.41 29.35
C PHE A 311 -23.18 30.12 28.73
N TYR A 312 -24.36 29.67 29.16
CA TYR A 312 -24.96 28.47 28.61
C TYR A 312 -26.06 28.80 27.62
N VAL A 313 -26.94 29.72 28.01
CA VAL A 313 -28.20 29.92 27.34
C VAL A 313 -28.02 30.90 26.19
N VAL A 314 -28.84 30.72 25.14
CA VAL A 314 -28.81 31.61 24.00
C VAL A 314 -29.66 32.82 24.33
N ASP A 315 -29.11 34.00 24.05
CA ASP A 315 -29.82 35.23 24.31
C ASP A 315 -31.06 35.28 23.41
N VAL A 316 -32.21 34.95 24.01
CA VAL A 316 -33.45 34.78 23.27
C VAL A 316 -33.84 36.07 22.53
N LYS A 317 -34.06 37.16 23.27
CA LYS A 317 -34.58 38.37 22.64
C LYS A 317 -33.55 39.07 21.75
N GLN A 318 -32.28 38.98 22.10
CA GLN A 318 -31.18 39.52 21.31
C GLN A 318 -30.98 38.74 20.00
N THR A 319 -31.51 37.51 19.91
CA THR A 319 -31.53 36.80 18.63
C THR A 319 -32.69 37.26 17.75
N VAL A 320 -33.89 37.42 18.33
CA VAL A 320 -35.03 37.95 17.59
C VAL A 320 -34.74 39.35 17.08
N SER A 321 -34.04 40.16 17.89
CA SER A 321 -33.63 41.49 17.45
C SER A 321 -32.74 41.40 16.22
N GLU A 322 -31.80 40.47 16.21
CA GLU A 322 -30.92 40.24 15.07
C GLU A 322 -31.56 39.44 13.94
N LEU A 323 -32.67 38.71 14.17
CA LEU A 323 -33.37 38.11 13.05
C LEU A 323 -33.97 39.14 12.12
N ARG A 324 -34.70 40.12 12.67
CA ARG A 324 -35.32 41.12 11.83
C ARG A 324 -34.29 41.88 11.02
N GLU A 325 -33.09 42.06 11.58
CA GLU A 325 -32.01 42.82 10.95
C GLU A 325 -31.61 42.25 9.60
N LYS A 326 -31.29 40.96 9.56
CA LYS A 326 -30.87 40.29 8.34
C LYS A 326 -31.98 39.50 7.69
N TRP A 327 -33.23 39.81 8.04
CA TRP A 327 -34.38 39.24 7.36
C TRP A 327 -34.46 39.79 5.95
N GLY A 328 -33.88 39.08 5.00
CA GLY A 328 -33.84 39.55 3.63
C GLY A 328 -32.51 39.30 2.94
N ASN A 329 -31.61 38.54 3.56
CA ASN A 329 -30.30 38.26 2.99
C ASN A 329 -30.27 36.83 2.49
N SER A 330 -29.34 35.97 2.92
CA SER A 330 -29.27 34.59 2.48
C SER A 330 -30.50 33.80 2.94
N LYS A 331 -31.50 33.66 2.07
CA LYS A 331 -32.78 33.07 2.47
C LYS A 331 -33.02 31.78 1.70
N SER A 332 -34.14 31.12 2.07
CA SER A 332 -34.61 29.88 1.45
C SER A 332 -33.75 28.66 1.77
N TRP A 333 -34.39 27.52 2.05
CA TRP A 333 -33.74 26.23 2.19
C TRP A 333 -34.34 25.22 1.23
N SER A 334 -33.90 23.97 1.28
CA SER A 334 -34.39 22.96 0.35
C SER A 334 -34.53 21.60 1.04
N ASP A 335 -33.92 21.44 2.21
CA ASP A 335 -33.99 20.17 2.91
C ASP A 335 -35.43 19.89 3.32
N ASP A 336 -35.96 18.74 2.91
CA ASP A 336 -37.31 18.40 3.32
C ASP A 336 -37.33 17.60 4.60
N ASN A 337 -36.15 17.29 5.14
CA ASN A 337 -35.99 16.57 6.41
C ASN A 337 -36.29 17.46 7.59
N ILE A 338 -36.32 18.78 7.40
CA ILE A 338 -36.55 19.76 8.46
C ILE A 338 -37.76 19.29 9.23
N PRO A 339 -37.62 18.98 10.52
CA PRO A 339 -38.74 18.33 11.21
C PRO A 339 -39.93 19.27 11.31
N SER A 340 -41.08 18.68 11.58
CA SER A 340 -42.30 19.45 11.64
C SER A 340 -42.31 20.32 12.90
N LYS A 341 -43.05 21.42 12.83
CA LYS A 341 -43.12 22.31 13.98
C LYS A 341 -43.82 21.65 15.15
N ASP A 342 -44.61 20.61 14.89
CA ASP A 342 -45.22 19.84 15.96
C ASP A 342 -44.20 18.99 16.71
N ASP A 343 -43.11 18.59 16.05
CA ASP A 343 -42.05 17.82 16.70
C ASP A 343 -41.07 18.82 17.31
N SER A 344 -41.47 19.37 18.45
CA SER A 344 -40.74 20.50 19.05
C SER A 344 -39.29 20.16 19.38
N THR A 345 -39.07 19.12 20.19
CA THR A 345 -37.72 18.75 20.57
C THR A 345 -36.86 18.41 19.35
N ASN A 346 -37.39 17.61 18.44
CA ASN A 346 -36.63 17.21 17.26
C ASN A 346 -36.23 18.42 16.42
N LEU A 347 -37.19 19.33 16.18
CA LEU A 347 -36.89 20.56 15.46
C LEU A 347 -35.92 21.45 16.22
N ALA A 348 -36.03 21.46 17.55
CA ALA A 348 -35.18 22.33 18.36
C ALA A 348 -33.71 22.02 18.14
N GLN A 349 -33.34 20.74 18.17
CA GLN A 349 -31.96 20.34 17.96
C GLN A 349 -31.53 20.38 16.49
N PHE A 350 -32.48 20.36 15.55
CA PHE A 350 -32.12 20.48 14.13
C PHE A 350 -31.46 21.82 13.84
N VAL A 351 -32.01 22.91 14.40
CA VAL A 351 -31.39 24.22 14.26
C VAL A 351 -30.02 24.25 14.92
N ARG A 352 -29.85 23.52 16.02
CA ARG A 352 -28.56 23.44 16.72
C ARG A 352 -27.46 22.87 15.81
N ASP A 353 -27.78 21.89 14.96
CA ASP A 353 -26.78 21.29 14.08
C ASP A 353 -26.42 22.13 12.85
N ASN A 354 -27.33 22.98 12.37
CA ASN A 354 -27.12 23.70 11.11
C ASN A 354 -26.78 25.17 11.26
N ALA A 355 -27.51 25.91 12.09
CA ALA A 355 -27.29 27.34 12.27
C ALA A 355 -26.61 27.61 13.62
N THR A 356 -25.31 27.34 13.73
CA THR A 356 -24.61 27.69 14.96
C THR A 356 -23.22 28.20 14.63
N GLU A 357 -22.69 29.07 15.49
CA GLU A 357 -21.34 29.53 15.24
C GLU A 357 -20.36 28.53 15.86
N PRO A 358 -19.10 28.54 15.41
CA PRO A 358 -18.15 27.57 15.94
C PRO A 358 -18.05 27.61 17.45
N GLY A 359 -18.04 26.42 18.05
CA GLY A 359 -17.88 26.26 19.48
C GLY A 359 -19.17 26.40 20.24
N PHE A 360 -20.24 25.82 19.71
CA PHE A 360 -21.55 25.84 20.34
C PHE A 360 -21.64 24.76 21.41
N GLY A 361 -22.24 25.13 22.54
CA GLY A 361 -22.41 24.29 23.72
C GLY A 361 -21.28 24.34 24.72
N SER A 362 -20.05 24.46 24.23
CA SER A 362 -18.86 24.60 25.04
C SER A 362 -18.84 26.01 25.66
N LEU A 363 -18.02 26.19 26.70
CA LEU A 363 -17.86 27.47 27.41
C LEU A 363 -16.81 28.35 26.76
N GLY A 364 -16.95 29.66 26.95
CA GLY A 364 -16.05 30.69 26.45
C GLY A 364 -16.31 32.04 27.10
N GLU A 365 -16.64 33.04 26.27
CA GLU A 365 -17.03 34.35 26.77
C GLU A 365 -18.47 34.32 27.28
N ARG A 366 -18.98 35.47 27.68
CA ARG A 366 -20.32 35.56 28.28
C ARG A 366 -21.39 35.04 27.34
N GLY A 367 -21.41 35.55 26.11
CA GLY A 367 -22.35 35.07 25.12
C GLY A 367 -21.69 34.32 23.99
N SER A 368 -20.88 33.30 24.33
CA SER A 368 -20.15 32.59 23.31
C SER A 368 -21.03 31.66 22.48
N ASN A 369 -22.21 31.29 22.95
CA ASN A 369 -23.04 30.34 22.21
C ASN A 369 -24.15 31.16 21.56
N LYS A 370 -24.10 31.24 20.24
CA LYS A 370 -25.02 32.05 19.45
C LYS A 370 -25.39 31.30 18.17
N ILE A 371 -26.40 31.81 17.49
CA ILE A 371 -26.99 31.19 16.31
C ILE A 371 -26.55 31.95 15.06
N ASN A 372 -26.26 31.20 13.99
CA ASN A 372 -25.99 31.81 12.70
C ASN A 372 -27.30 32.32 12.10
N ILE A 373 -27.41 33.64 11.99
CA ILE A 373 -28.69 34.28 11.68
C ILE A 373 -29.16 33.97 10.26
N ASP A 374 -28.28 34.15 9.26
CA ASP A 374 -28.70 33.97 7.86
C ASP A 374 -29.10 32.54 7.57
N LYS A 375 -28.61 31.58 8.36
CA LYS A 375 -28.99 30.19 8.25
C LYS A 375 -30.20 29.85 9.10
N PHE A 376 -30.50 30.64 10.14
CA PHE A 376 -31.71 30.48 10.95
C PHE A 376 -32.94 31.05 10.27
N ALA A 377 -32.84 32.29 9.77
CA ALA A 377 -33.94 32.94 9.05
C ALA A 377 -34.27 32.24 7.74
N ALA A 378 -33.27 31.60 7.12
CA ALA A 378 -33.52 30.81 5.92
C ALA A 378 -34.36 29.58 6.21
N ILE A 379 -34.15 28.94 7.37
CA ILE A 379 -35.00 27.83 7.77
C ILE A 379 -36.40 28.31 8.12
N LEU A 380 -36.54 29.46 8.80
CA LEU A 380 -37.87 29.95 9.17
C LEU A 380 -38.70 30.30 7.94
N LYS A 381 -38.06 30.84 6.91
CA LYS A 381 -38.78 31.15 5.68
C LYS A 381 -39.25 29.87 4.99
N LYS A 382 -38.46 28.81 5.05
CA LYS A 382 -38.82 27.55 4.41
C LYS A 382 -39.86 26.79 5.22
N LEU A 383 -39.84 26.90 6.56
CA LEU A 383 -40.76 26.18 7.43
C LEU A 383 -42.09 26.91 7.59
N HIS A 384 -42.09 28.23 7.78
CA HIS A 384 -43.30 28.99 8.05
C HIS A 384 -43.63 29.93 6.90
N SER A 385 -43.04 31.12 6.90
CA SER A 385 -43.36 32.11 5.87
C SER A 385 -42.15 32.99 5.61
N GLU A 386 -42.12 33.58 4.42
CA GLU A 386 -41.09 34.53 4.04
C GLU A 386 -41.35 35.94 4.58
N ASP A 387 -42.52 36.19 5.13
CA ASP A 387 -42.80 37.47 5.77
C ASP A 387 -42.58 37.31 7.27
N TYR A 388 -41.91 38.30 7.86
CA TYR A 388 -41.50 38.19 9.26
C TYR A 388 -42.70 38.22 10.20
N ASN A 389 -43.63 39.15 9.99
CA ASN A 389 -44.69 39.36 10.96
C ASN A 389 -45.67 38.21 10.98
N ASN A 390 -45.49 37.24 10.10
CA ASN A 390 -46.30 36.03 10.09
C ASN A 390 -45.87 35.06 11.18
N GLY A 391 -45.95 35.49 12.43
CA GLY A 391 -45.77 34.54 13.52
C GLY A 391 -44.36 34.04 13.70
N ILE A 392 -43.39 34.78 13.18
CA ILE A 392 -41.99 34.37 13.36
C ILE A 392 -41.51 34.65 14.77
N GLU A 393 -41.83 35.82 15.34
CA GLU A 393 -41.41 36.13 16.71
C GLU A 393 -41.86 35.05 17.70
N GLU A 394 -43.06 34.51 17.50
CA GLU A 394 -43.53 33.42 18.34
C GLU A 394 -42.80 32.12 18.01
N LEU A 395 -42.67 31.81 16.72
CA LEU A 395 -41.98 30.58 16.32
C LEU A 395 -40.50 30.61 16.65
N ALA A 396 -39.81 31.71 16.33
CA ALA A 396 -38.38 31.80 16.60
C ALA A 396 -38.10 31.70 18.09
N THR A 397 -38.88 32.38 18.91
CA THR A 397 -38.68 32.33 20.35
C THR A 397 -39.00 30.95 20.90
N LYS A 398 -40.06 30.30 20.38
CA LYS A 398 -40.40 28.96 20.85
C LYS A 398 -39.28 27.97 20.58
N ILE A 399 -38.69 28.01 19.38
CA ILE A 399 -37.55 27.13 19.08
C ILE A 399 -36.37 27.44 19.99
N LEU A 400 -36.01 28.71 20.14
CA LEU A 400 -34.84 29.05 20.95
C LEU A 400 -35.04 28.68 22.41
N ASN A 401 -36.27 28.81 22.91
CA ASN A 401 -36.55 28.44 24.30
C ASN A 401 -36.40 26.94 24.49
N ASP A 402 -36.81 26.15 23.49
CA ASP A 402 -36.60 24.71 23.58
C ASP A 402 -35.13 24.33 23.40
N ILE A 403 -34.36 25.13 22.66
CA ILE A 403 -32.93 24.85 22.52
C ILE A 403 -32.21 25.02 23.85
N ASN A 404 -32.63 26.00 24.65
CA ASN A 404 -32.04 26.35 25.94
C ASN A 404 -32.53 25.47 27.07
N LEU A 405 -33.51 24.60 26.81
CA LEU A 405 -34.02 23.71 27.86
C LEU A 405 -32.92 22.80 28.42
N PRO A 406 -32.10 22.11 27.60
CA PRO A 406 -30.99 21.34 28.17
C PRO A 406 -29.91 22.22 28.80
N PHE A 407 -29.69 23.44 28.27
CA PHE A 407 -28.72 24.36 28.88
C PHE A 407 -29.19 24.85 30.24
N TYR A 408 -30.49 25.10 30.40
CA TYR A 408 -31.02 25.53 31.70
C TYR A 408 -30.91 24.41 32.74
N LYS A 409 -31.30 23.18 32.38
CA LYS A 409 -31.10 22.03 33.26
C LYS A 409 -29.62 21.76 33.50
N GLU A 410 -28.76 22.05 32.50
CA GLU A 410 -27.32 21.98 32.72
C GLU A 410 -26.88 23.00 33.77
N TYR A 411 -27.53 24.16 33.79
CA TYR A 411 -27.21 25.23 34.73
C TYR A 411 -27.68 24.89 36.14
N ASP A 412 -28.90 24.37 36.30
CA ASP A 412 -29.41 24.03 37.63
C ASP A 412 -28.57 22.96 38.30
N ASP A 413 -28.16 21.95 37.54
CA ASP A 413 -27.25 20.93 38.05
C ASP A 413 -25.87 21.50 38.37
N ASP A 414 -25.43 22.55 37.67
CA ASP A 414 -24.14 23.17 38.00
C ASP A 414 -24.22 23.99 39.27
N ILE A 415 -25.23 24.85 39.39
CA ILE A 415 -25.31 25.76 40.53
C ILE A 415 -25.50 24.98 41.83
N ASN A 416 -26.26 23.89 41.79
CA ASN A 416 -26.47 23.11 43.01
C ASN A 416 -25.17 22.55 43.56
N GLU A 417 -24.32 22.00 42.69
CA GLU A 417 -23.04 21.48 43.13
C GLU A 417 -22.05 22.58 43.47
N VAL A 418 -22.34 23.83 43.11
CA VAL A 418 -21.53 24.96 43.58
C VAL A 418 -21.80 25.23 45.06
N LEU A 419 -23.08 25.48 45.40
CA LEU A 419 -23.43 25.85 46.77
C LEU A 419 -23.30 24.68 47.73
N GLU A 420 -23.54 23.45 47.27
CA GLU A 420 -23.30 22.29 48.12
C GLU A 420 -21.83 22.21 48.50
N GLN A 421 -20.94 22.30 47.50
CA GLN A 421 -19.51 22.34 47.76
C GLN A 421 -19.14 23.53 48.64
N LEU A 422 -19.77 24.68 48.42
CA LEU A 422 -19.45 25.87 49.22
C LEU A 422 -19.80 25.68 50.69
N PHE A 423 -21.06 25.36 51.00
CA PHE A 423 -21.46 25.32 52.39
C PHE A 423 -20.84 24.14 53.12
N ASN A 424 -20.63 23.02 52.45
CA ASN A 424 -19.93 21.91 53.09
C ASN A 424 -18.53 22.31 53.50
N ARG A 425 -17.80 22.95 52.59
CA ARG A 425 -16.45 23.41 52.90
C ARG A 425 -16.46 24.51 53.95
N ILE A 426 -17.43 25.42 53.85
CA ILE A 426 -17.51 26.53 54.81
C ILE A 426 -17.68 25.97 56.23
N LYS A 427 -18.58 25.01 56.40
CA LYS A 427 -18.81 24.42 57.71
C LYS A 427 -17.53 23.81 58.27
N TYR A 428 -16.88 22.94 57.50
CA TYR A 428 -15.67 22.29 57.97
C TYR A 428 -14.58 23.31 58.31
N LEU A 429 -14.27 24.19 57.35
CA LEU A 429 -13.22 25.19 57.56
C LEU A 429 -13.55 26.09 58.75
N ARG A 430 -14.82 26.45 58.93
CA ARG A 430 -15.24 27.25 60.09
C ARG A 430 -15.61 26.39 61.29
N ILE A 431 -16.85 25.86 61.30
CA ILE A 431 -17.38 25.08 62.42
C ILE A 431 -16.52 23.86 62.68
N ASP A 432 -15.64 23.94 63.69
CA ASP A 432 -14.69 22.88 63.96
C ASP A 432 -15.39 21.53 64.14
N ASP A 433 -15.38 20.75 63.05
CA ASP A 433 -15.75 19.34 62.98
C ASP A 433 -14.53 18.47 63.22
N HIS A 434 -13.48 18.77 62.44
CA HIS A 434 -12.16 18.22 62.60
C HIS A 434 -11.13 19.24 62.13
N GLY A 435 -11.57 20.45 61.84
CA GLY A 435 -10.69 21.46 61.33
C GLY A 435 -11.16 22.81 61.82
N PRO A 436 -10.37 23.38 62.68
CA PRO A 436 -10.79 24.58 63.39
C PRO A 436 -10.46 25.86 62.65
N LYS A 437 -9.92 26.83 63.40
CA LYS A 437 -9.50 28.12 62.87
C LYS A 437 -10.67 28.88 62.26
N GLN A 438 -11.76 28.97 63.02
CA GLN A 438 -12.96 29.69 62.60
C GLN A 438 -12.80 31.14 63.05
N GLY A 439 -11.79 31.77 62.47
CA GLY A 439 -11.49 33.17 62.61
C GLY A 439 -12.44 34.04 61.82
N PRO A 440 -12.84 35.16 62.42
CA PRO A 440 -13.71 36.09 61.69
C PRO A 440 -13.08 36.38 60.35
N ILE A 441 -13.87 36.24 59.28
CA ILE A 441 -13.30 36.34 57.94
C ILE A 441 -12.53 37.65 57.81
N THR A 442 -11.43 37.59 57.08
CA THR A 442 -10.50 38.67 56.84
C THR A 442 -10.08 38.64 55.37
N LYS A 443 -9.24 39.59 54.99
CA LYS A 443 -8.61 39.52 53.67
C LYS A 443 -7.70 38.30 53.56
N LYS A 444 -7.11 37.86 54.67
CA LYS A 444 -6.27 36.66 54.72
C LYS A 444 -7.08 35.38 54.86
N LEU A 445 -8.23 35.44 55.51
CA LEU A 445 -9.13 34.29 55.66
C LEU A 445 -10.49 34.71 55.13
N PRO A 446 -10.65 34.79 53.80
CA PRO A 446 -11.94 35.21 53.24
C PRO A 446 -12.95 34.07 53.31
N LEU A 447 -14.18 34.37 52.88
CA LEU A 447 -15.19 33.34 52.91
C LEU A 447 -14.89 32.25 51.90
N SER A 448 -14.32 32.64 50.77
CA SER A 448 -13.94 31.76 49.68
C SER A 448 -12.41 31.68 49.54
N GLU A 449 -11.90 30.46 49.44
CA GLU A 449 -10.49 30.20 49.13
C GLU A 449 -10.17 30.73 47.74
N PRO A 450 -9.03 31.41 47.59
CA PRO A 450 -8.67 32.01 46.29
C PRO A 450 -8.54 30.99 45.17
N TYR A 451 -9.43 31.09 44.17
CA TYR A 451 -9.37 30.23 43.00
C TYR A 451 -8.46 30.78 41.89
N PHE A 452 -8.12 32.06 41.92
CA PHE A 452 -7.32 32.68 40.87
C PHE A 452 -6.36 33.71 41.49
N THR A 453 -5.12 33.72 41.00
CA THR A 453 -4.13 34.72 41.41
C THR A 453 -4.15 35.89 40.44
N ARG A 454 -4.45 37.08 40.95
CA ARG A 454 -4.59 38.29 40.13
C ARG A 454 -3.33 39.15 40.23
N PHE A 455 -2.96 39.77 39.11
CA PHE A 455 -1.82 40.67 39.05
C PHE A 455 -1.91 41.48 37.77
N LYS A 456 -1.09 42.52 37.69
CA LYS A 456 -1.00 43.37 36.51
C LYS A 456 0.34 43.08 35.87
N ALA A 457 0.31 42.57 34.64
CA ALA A 457 1.53 42.09 34.03
C ALA A 457 2.33 43.24 33.42
N LYS A 458 3.58 42.93 33.06
CA LYS A 458 4.43 43.96 32.47
C LYS A 458 3.96 44.36 31.07
N ASP A 459 3.11 43.56 30.43
CA ASP A 459 2.55 43.94 29.14
C ASP A 459 1.45 44.99 29.27
N GLY A 460 1.01 45.29 30.49
CA GLY A 460 0.00 46.31 30.70
C GLY A 460 -1.35 45.75 31.11
N GLU A 461 -1.79 44.69 30.43
CA GLU A 461 -3.10 44.13 30.71
C GLU A 461 -3.11 43.40 32.06
N GLU A 462 -4.33 43.21 32.57
CA GLU A 462 -4.53 42.41 33.77
C GLU A 462 -4.74 40.94 33.38
N TYR A 463 -4.47 40.06 34.34
CA TYR A 463 -4.59 38.62 34.11
C TYR A 463 -5.12 37.95 35.37
N ALA A 464 -5.53 36.69 35.22
CA ALA A 464 -6.07 35.92 36.33
C ALA A 464 -5.67 34.47 36.15
N LEU A 465 -4.47 34.13 36.62
CA LEU A 465 -4.02 32.74 36.64
C LEU A 465 -4.56 32.06 37.89
N ALA A 466 -5.12 30.87 37.72
CA ALA A 466 -5.63 30.12 38.87
C ALA A 466 -4.48 29.37 39.55
N ASN A 467 -4.83 28.56 40.54
CA ASN A 467 -3.87 27.75 41.29
C ASN A 467 -4.39 26.32 41.32
N ASN A 468 -3.50 25.37 41.07
CA ASN A 468 -3.92 23.98 40.98
C ASN A 468 -4.23 23.42 42.37
N GLY A 469 -4.58 22.15 42.41
CA GLY A 469 -4.92 21.47 43.64
C GLY A 469 -5.24 20.01 43.38
N ALA A 470 -6.44 19.57 43.74
CA ALA A 470 -6.87 18.21 43.48
C ALA A 470 -8.37 18.04 43.69
N ILE A 471 -9.04 17.43 42.72
CA ILE A 471 -10.44 17.05 42.91
C ILE A 471 -10.50 15.95 43.97
N TRP A 472 -11.62 15.93 44.71
CA TRP A 472 -11.76 15.00 45.83
C TRP A 472 -11.51 13.55 45.41
N ASP A 473 -12.36 13.02 44.55
CA ASP A 473 -12.22 11.64 44.08
C ASP A 473 -12.15 11.56 42.56
N GLY A 474 -11.77 12.64 41.89
CA GLY A 474 -11.73 12.63 40.44
C GLY A 474 -10.53 11.89 39.88
N ASN A 475 -10.61 11.59 38.59
CA ASN A 475 -9.52 10.92 37.89
C ASN A 475 -8.35 11.88 37.75
N PRO A 476 -7.19 11.57 38.34
CA PRO A 476 -6.06 12.51 38.25
C PRO A 476 -5.47 12.62 36.85
N LEU A 477 -5.75 11.68 35.96
CA LEU A 477 -5.26 11.76 34.59
C LEU A 477 -5.91 12.88 33.80
N VAL A 478 -7.02 13.44 34.29
CA VAL A 478 -7.71 14.54 33.63
C VAL A 478 -7.17 15.85 34.17
N ASP A 479 -6.68 16.70 33.28
CA ASP A 479 -6.24 18.05 33.66
C ASP A 479 -7.47 18.86 34.04
N PHE A 480 -7.67 19.08 35.34
CA PHE A 480 -8.84 19.82 35.78
C PHE A 480 -8.80 21.29 35.40
N ALA A 481 -7.65 21.79 34.95
CA ALA A 481 -7.58 23.15 34.42
C ALA A 481 -7.92 23.23 32.94
N SER A 482 -7.88 22.09 32.23
CA SER A 482 -8.17 22.08 30.81
C SER A 482 -9.66 22.25 30.57
N SER A 483 -10.03 22.31 29.29
CA SER A 483 -11.43 22.53 28.91
C SER A 483 -12.30 21.31 29.17
N GLN A 484 -11.71 20.13 29.36
CA GLN A 484 -12.50 18.93 29.57
C GLN A 484 -13.13 18.88 30.96
N SER A 485 -12.69 19.72 31.88
CA SER A 485 -13.19 19.72 33.25
C SER A 485 -13.97 21.00 33.54
N LYS A 486 -14.94 20.88 34.44
CA LYS A 486 -15.73 22.01 34.92
C LYS A 486 -15.55 22.19 36.42
N ALA A 487 -14.37 21.81 36.93
CA ALA A 487 -14.15 21.77 38.37
C ALA A 487 -13.95 23.18 38.95
N TYR A 488 -13.25 24.05 38.24
CA TYR A 488 -13.05 25.41 38.73
C TYR A 488 -14.35 26.20 38.72
N LEU A 489 -15.28 25.85 37.83
CA LEU A 489 -16.59 26.51 37.81
C LEU A 489 -17.48 25.98 38.93
N ARG A 490 -17.67 24.67 38.99
CA ARG A 490 -18.51 24.06 40.03
C ARG A 490 -17.84 24.03 41.39
N ARG A 491 -16.67 24.66 41.55
CA ARG A 491 -16.00 24.79 42.83
C ARG A 491 -15.66 23.44 43.46
N GLU A 492 -15.37 22.44 42.62
CA GLU A 492 -14.99 21.11 43.10
C GLU A 492 -13.47 20.97 43.25
N VAL A 493 -12.77 22.04 43.58
CA VAL A 493 -11.31 22.05 43.64
C VAL A 493 -10.88 22.45 45.05
N ILE A 494 -10.02 21.62 45.64
CA ILE A 494 -9.33 21.97 46.87
C ILE A 494 -8.00 22.60 46.46
N VAL A 495 -7.90 23.92 46.60
CA VAL A 495 -6.83 24.70 45.98
C VAL A 495 -5.64 24.86 46.90
N TRP A 496 -4.52 25.31 46.33
CA TRP A 496 -3.31 25.69 47.05
C TRP A 496 -2.99 27.13 46.65
N GLY A 497 -3.39 28.08 47.49
CA GLY A 497 -3.12 29.48 47.20
C GLY A 497 -1.66 29.83 47.09
N ASP A 498 -0.77 28.98 47.63
CA ASP A 498 0.66 29.23 47.53
C ASP A 498 1.14 29.14 46.09
N CYS A 499 0.53 28.29 45.28
CA CYS A 499 0.99 27.95 43.94
C CYS A 499 0.16 28.65 42.88
N VAL A 500 0.52 28.40 41.62
CA VAL A 500 -0.16 28.98 40.47
C VAL A 500 0.02 28.03 39.30
N LYS A 501 -1.01 27.94 38.45
CA LYS A 501 -1.00 27.12 37.24
C LYS A 501 0.32 27.13 36.48
N LEU A 502 0.62 26.02 35.83
CA LEU A 502 1.69 25.95 34.82
C LEU A 502 1.08 25.29 33.59
N ARG A 503 0.78 26.09 32.57
CA ARG A 503 0.06 25.62 31.39
C ARG A 503 1.06 25.15 30.35
N TYR A 504 1.36 23.85 30.37
CA TYR A 504 2.01 23.23 29.23
C TYR A 504 0.96 22.88 28.19
N GLY A 505 1.36 22.92 26.93
CA GLY A 505 0.44 22.57 25.87
C GLY A 505 0.75 21.22 25.28
N LYS A 506 0.46 21.04 23.99
CA LYS A 506 0.88 19.82 23.30
C LYS A 506 2.39 19.77 23.12
N GLY A 507 3.10 20.86 23.38
CA GLY A 507 4.53 20.94 23.25
C GLY A 507 5.03 22.34 23.54
N PRO A 508 6.27 22.63 23.13
CA PRO A 508 6.80 23.99 23.34
C PRO A 508 6.08 25.06 22.55
N SER A 509 5.28 24.69 21.54
CA SER A 509 4.64 25.70 20.70
C SER A 509 3.53 26.44 21.44
N ASP A 510 2.89 25.80 22.41
CA ASP A 510 1.78 26.42 23.12
C ASP A 510 2.25 27.29 24.29
N SER A 511 3.45 27.05 24.81
CA SER A 511 4.01 27.86 25.90
C SER A 511 5.52 27.88 25.75
N PRO A 512 6.05 28.74 24.88
CA PRO A 512 7.49 28.68 24.57
C PRO A 512 8.39 28.96 25.76
N TYR A 513 8.10 30.02 26.53
CA TYR A 513 9.00 30.38 27.63
C TYR A 513 8.90 29.39 28.79
N LEU A 514 7.73 28.79 29.00
CA LEU A 514 7.59 27.83 30.10
C LEU A 514 8.44 26.59 29.87
N TRP A 515 8.45 26.06 28.63
CA TRP A 515 9.26 24.89 28.35
C TRP A 515 10.75 25.21 28.41
N GLU A 516 11.15 26.37 27.90
CA GLU A 516 12.56 26.75 27.94
C GLU A 516 13.06 26.95 29.36
N ARG A 517 12.20 27.51 30.22
CA ARG A 517 12.60 27.76 31.60
C ARG A 517 12.64 26.46 32.41
N MET A 518 11.61 25.62 32.28
CA MET A 518 11.60 24.36 33.00
C MET A 518 12.73 23.44 32.53
N SER A 519 13.12 23.54 31.25
CA SER A 519 14.23 22.73 30.76
C SER A 519 15.53 23.11 31.44
N LYS A 520 15.83 24.42 31.48
CA LYS A 520 17.03 24.91 32.15
C LYS A 520 16.94 24.71 33.66
N TYR A 521 15.72 24.67 34.21
CA TYR A 521 15.55 24.40 35.63
C TYR A 521 15.79 22.92 35.94
N VAL A 522 15.37 22.04 35.04
CA VAL A 522 15.56 20.60 35.28
C VAL A 522 17.04 20.24 35.17
N GLU A 523 17.70 20.66 34.10
CA GLU A 523 19.10 20.29 33.89
C GLU A 523 20.03 20.99 34.88
N MET A 524 19.56 22.00 35.59
CA MET A 524 20.39 22.61 36.64
C MET A 524 20.52 21.67 37.83
N ASN A 525 19.40 21.14 38.31
CA ASN A 525 19.44 20.17 39.41
C ASN A 525 20.01 18.84 38.95
N ALA A 526 19.89 18.52 37.66
CA ALA A 526 20.44 17.27 37.15
C ALA A 526 21.97 17.29 37.17
N ARG A 527 22.58 18.46 37.04
CA ARG A 527 24.03 18.56 37.10
C ARG A 527 24.55 18.27 38.50
N ILE A 528 23.74 18.53 39.53
CA ILE A 528 24.20 18.48 40.91
C ILE A 528 23.83 17.15 41.55
N PHE A 529 22.54 16.83 41.55
CA PHE A 529 22.02 15.74 42.35
C PHE A 529 21.98 14.43 41.56
N ASN A 530 21.79 13.33 42.28
CA ASN A 530 21.77 12.01 41.67
C ASN A 530 20.41 11.64 41.12
N GLY A 531 19.35 12.36 41.47
CA GLY A 531 18.04 12.01 40.97
C GLY A 531 17.00 13.05 41.33
N PHE A 532 15.75 12.73 41.02
CA PHE A 532 14.61 13.60 41.23
C PHE A 532 13.54 12.88 42.04
N ARG A 533 12.64 13.67 42.62
CA ARG A 533 11.43 13.17 43.25
C ARG A 533 10.26 13.99 42.72
N ILE A 534 9.18 13.31 42.34
CA ILE A 534 8.07 13.96 41.65
C ILE A 534 6.82 13.83 42.52
N ASP A 535 6.34 14.96 43.03
CA ASP A 535 5.10 14.97 43.81
C ASP A 535 3.91 15.02 42.86
N ASN A 536 2.93 14.15 43.12
CA ASN A 536 1.73 14.04 42.29
C ASN A 536 2.08 13.88 40.81
N CYS A 537 2.88 12.86 40.53
CA CYS A 537 3.30 12.60 39.16
C CYS A 537 2.13 12.26 38.25
N HIS A 538 1.06 11.69 38.83
CA HIS A 538 -0.12 11.31 38.06
C HIS A 538 -0.86 12.52 37.50
N SER A 539 -0.67 13.71 38.09
CA SER A 539 -1.31 14.91 37.57
C SER A 539 -0.46 15.65 36.55
N THR A 540 0.83 15.33 36.46
CA THR A 540 1.66 15.88 35.40
C THR A 540 1.41 15.12 34.10
N PRO A 541 1.10 15.80 33.01
CA PRO A 541 0.82 15.08 31.75
C PRO A 541 2.02 14.27 31.30
N LEU A 542 1.72 13.18 30.59
CA LEU A 542 2.77 12.25 30.17
C LEU A 542 3.82 12.95 29.31
N HIS A 543 3.39 13.57 28.21
CA HIS A 543 4.34 14.20 27.30
C HIS A 543 5.14 15.31 27.99
N VAL A 544 4.57 15.93 29.02
CA VAL A 544 5.34 16.91 29.80
C VAL A 544 6.40 16.22 30.62
N GLY A 545 6.04 15.14 31.31
CA GLY A 545 7.02 14.42 32.11
C GLY A 545 8.05 13.68 31.28
N GLN A 546 7.67 13.21 30.09
CA GLN A 546 8.61 12.49 29.25
C GLN A 546 9.74 13.39 28.77
N TYR A 547 9.40 14.59 28.30
CA TYR A 547 10.40 15.46 27.69
C TYR A 547 11.46 15.90 28.70
N PHE A 548 11.03 16.37 29.87
CA PHE A 548 11.98 16.94 30.83
C PHE A 548 12.81 15.86 31.52
N LEU A 549 12.23 14.67 31.72
CA LEU A 549 13.03 13.58 32.29
C LEU A 549 14.09 13.10 31.32
N ASP A 550 13.83 13.20 30.01
CA ASP A 550 14.85 12.83 29.04
C ASP A 550 15.95 13.88 28.95
N VAL A 551 15.59 15.16 29.10
CA VAL A 551 16.60 16.22 29.15
C VAL A 551 17.50 16.03 30.36
N ALA A 552 16.93 15.59 31.47
CA ALA A 552 17.74 15.35 32.67
C ALA A 552 18.68 14.17 32.47
N ARG A 553 18.18 13.08 31.90
CA ARG A 553 19.03 11.92 31.67
C ARG A 553 20.13 12.19 30.66
N ARG A 554 19.95 13.17 29.78
CA ARG A 554 21.05 13.60 28.92
C ARG A 554 22.12 14.32 29.72
N VAL A 555 21.74 15.00 30.80
CA VAL A 555 22.72 15.65 31.67
C VAL A 555 23.29 14.65 32.66
N ASN A 556 22.43 13.92 33.36
CA ASN A 556 22.85 12.88 34.31
C ASN A 556 22.36 11.53 33.80
N PRO A 557 23.22 10.73 33.16
CA PRO A 557 22.75 9.45 32.61
C PRO A 557 22.27 8.46 33.66
N ASN A 558 22.69 8.61 34.91
CA ASN A 558 22.25 7.72 35.98
C ASN A 558 21.23 8.42 36.88
N LEU A 559 20.22 9.05 36.28
CA LEU A 559 19.22 9.79 37.04
C LEU A 559 18.23 8.82 37.69
N TYR A 560 18.16 8.88 39.03
CA TYR A 560 17.24 8.04 39.80
C TYR A 560 15.93 8.80 40.02
N VAL A 561 14.82 8.22 39.59
CA VAL A 561 13.53 8.90 39.58
C VAL A 561 12.61 8.23 40.60
N VAL A 562 12.07 9.04 41.52
CA VAL A 562 11.04 8.60 42.45
C VAL A 562 9.79 9.42 42.16
N ALA A 563 8.62 8.81 42.41
CA ALA A 563 7.36 9.48 42.10
C ALA A 563 6.26 8.95 43.00
N GLU A 564 5.45 9.86 43.53
CA GLU A 564 4.21 9.51 44.21
C GLU A 564 3.14 9.30 43.14
N LEU A 565 2.98 8.04 42.73
CA LEU A 565 2.16 7.69 41.57
C LEU A 565 0.96 6.88 42.05
N PHE A 566 -0.22 7.51 42.04
CA PHE A 566 -1.50 6.85 42.33
C PHE A 566 -2.45 7.20 41.20
N SER A 567 -2.30 6.51 40.07
CA SER A 567 -3.19 6.72 38.93
C SER A 567 -4.45 5.87 39.09
N GLY A 568 -5.18 5.66 38.01
CA GLY A 568 -6.46 4.96 38.10
C GLY A 568 -6.31 3.51 38.54
N SER A 569 -5.28 2.82 38.04
CA SER A 569 -5.10 1.41 38.30
C SER A 569 -3.62 1.06 38.22
N GLU A 570 -3.31 -0.22 38.43
CA GLU A 570 -1.93 -0.67 38.28
C GLU A 570 -1.46 -0.58 36.84
N ALA A 571 -2.35 -0.80 35.87
CA ALA A 571 -1.96 -0.73 34.47
C ALA A 571 -1.51 0.68 34.11
N MET A 572 -2.25 1.69 34.54
CA MET A 572 -1.84 3.07 34.30
C MET A 572 -0.55 3.40 35.04
N ASP A 573 -0.37 2.83 36.23
CA ASP A 573 0.90 3.00 36.93
C ASP A 573 2.05 2.42 36.15
N CYS A 574 1.86 1.23 35.57
CA CYS A 574 2.92 0.61 34.77
C CYS A 574 3.20 1.42 33.50
N LEU A 575 2.15 1.96 32.89
CA LEU A 575 2.35 2.75 31.67
C LEU A 575 3.16 4.01 31.95
N PHE A 576 2.88 4.67 33.08
CA PHE A 576 3.68 5.84 33.46
C PHE A 576 5.12 5.44 33.73
N VAL A 577 5.33 4.32 34.43
CA VAL A 577 6.69 3.85 34.67
C VAL A 577 7.37 3.45 33.38
N GLU A 578 6.61 2.89 32.42
CA GLU A 578 7.19 2.49 31.15
C GLU A 578 7.73 3.69 30.38
N ARG A 579 6.90 4.71 30.16
CA ARG A 579 7.27 5.79 29.26
C ARG A 579 8.12 6.85 29.93
N LEU A 580 7.88 7.13 31.22
CA LEU A 580 8.64 8.16 31.92
C LEU A 580 10.00 7.67 32.38
N GLY A 581 10.18 6.35 32.51
CA GLY A 581 11.41 5.83 33.06
C GLY A 581 11.51 5.93 34.56
N ILE A 582 10.38 5.90 35.26
CA ILE A 582 10.41 5.91 36.71
C ILE A 582 11.11 4.66 37.23
N SER A 583 11.99 4.84 38.19
CA SER A 583 12.75 3.72 38.75
C SER A 583 12.18 3.18 40.06
N SER A 584 11.42 3.99 40.79
CA SER A 584 10.85 3.55 42.06
C SER A 584 9.55 4.29 42.33
N LEU A 585 8.58 3.58 42.89
CA LEU A 585 7.29 4.14 43.26
C LEU A 585 7.19 4.27 44.78
N ILE A 586 6.65 5.38 45.24
CA ILE A 586 6.52 5.64 46.67
C ILE A 586 5.32 4.89 47.22
N ARG A 587 5.55 4.11 48.27
CA ARG A 587 4.49 3.45 49.03
C ARG A 587 4.57 3.91 50.47
N GLU A 588 3.42 4.21 51.07
CA GLU A 588 3.36 4.76 52.42
C GLU A 588 2.84 3.72 53.38
N ALA A 589 3.56 3.51 54.48
CA ALA A 589 3.14 2.54 55.48
C ALA A 589 2.07 3.11 56.41
N MET A 590 2.05 4.44 56.59
CA MET A 590 1.07 5.06 57.46
C MET A 590 -0.34 4.99 56.91
N GLN A 591 -0.52 4.64 55.64
CA GLN A 591 -1.85 4.53 55.08
C GLN A 591 -2.64 3.36 55.66
N ALA A 592 -1.96 2.38 56.24
CA ALA A 592 -2.63 1.23 56.83
C ALA A 592 -3.44 1.65 58.05
N TRP A 593 -4.76 1.46 57.97
CA TRP A 593 -5.63 1.85 59.07
C TRP A 593 -5.60 0.84 60.21
N SER A 594 -5.36 -0.43 59.92
CA SER A 594 -5.39 -1.49 60.92
C SER A 594 -4.15 -2.37 60.77
N GLU A 595 -4.06 -3.39 61.63
CA GLU A 595 -2.92 -4.30 61.57
C GLU A 595 -2.99 -5.19 60.33
N GLU A 596 -4.21 -5.56 59.92
CA GLU A 596 -4.34 -6.43 58.75
C GLU A 596 -3.98 -5.69 57.47
N GLU A 597 -4.32 -4.39 57.38
CA GLU A 597 -3.95 -3.62 56.21
C GLU A 597 -2.44 -3.43 56.11
N LEU A 598 -1.76 -3.35 57.26
CA LEU A 598 -0.30 -3.22 57.24
C LEU A 598 0.36 -4.52 56.79
N SER A 599 -0.13 -5.66 57.27
CA SER A 599 0.43 -6.94 56.85
C SER A 599 0.21 -7.19 55.37
N ARG A 600 -0.91 -6.70 54.80
CA ARG A 600 -1.14 -6.87 53.38
C ARG A 600 -0.26 -5.92 52.57
N LEU A 601 -0.02 -4.71 53.07
CA LEU A 601 0.90 -3.79 52.41
C LEU A 601 2.31 -4.36 52.40
N VAL A 602 2.76 -4.87 53.55
CA VAL A 602 4.08 -5.47 53.64
C VAL A 602 4.17 -6.73 52.79
N HIS A 603 3.05 -7.45 52.64
CA HIS A 603 3.05 -8.65 51.81
C HIS A 603 3.27 -8.30 50.34
N ARG A 604 2.73 -7.17 49.90
CA ARG A 604 2.86 -6.78 48.49
C ARG A 604 4.30 -6.51 48.12
N HIS A 605 5.05 -5.87 49.02
CA HIS A 605 6.42 -5.45 48.75
C HIS A 605 7.44 -6.28 49.50
N GLY A 606 7.06 -7.48 49.95
CA GLY A 606 7.98 -8.33 50.68
C GLY A 606 8.76 -9.26 49.80
N GLY A 607 8.12 -9.80 48.76
CA GLY A 607 8.77 -10.73 47.86
C GLY A 607 7.85 -11.82 47.36
N ARG A 608 8.42 -12.96 47.02
CA ARG A 608 7.68 -14.12 46.53
C ARG A 608 7.56 -15.18 47.61
N PRO A 609 6.60 -16.09 47.49
CA PRO A 609 6.44 -17.13 48.53
C PRO A 609 7.69 -17.99 48.68
N ILE A 610 7.87 -18.54 49.88
CA ILE A 610 9.02 -19.39 50.14
C ILE A 610 8.86 -20.71 49.41
N GLY A 611 9.90 -21.11 48.69
CA GLY A 611 9.83 -22.29 47.84
C GLY A 611 9.26 -22.03 46.47
N SER A 612 9.36 -20.80 45.97
CA SER A 612 8.77 -20.45 44.69
C SER A 612 9.49 -21.14 43.55
N TYR A 613 8.74 -21.46 42.50
CA TYR A 613 9.29 -22.14 41.34
C TYR A 613 10.27 -21.25 40.60
N LYS A 614 11.29 -21.88 40.02
CA LYS A 614 12.30 -21.19 39.22
C LYS A 614 12.03 -21.42 37.74
N PHE A 615 12.27 -20.41 36.92
CA PHE A 615 12.00 -20.51 35.49
C PHE A 615 13.06 -21.35 34.80
N VAL A 616 12.62 -22.15 33.83
CA VAL A 616 13.53 -22.93 33.00
C VAL A 616 13.00 -23.01 31.57
N PRO A 617 13.87 -23.00 30.56
CA PRO A 617 13.42 -23.33 29.20
C PRO A 617 12.96 -24.78 29.14
N LEU A 618 11.76 -25.00 28.63
CA LEU A 618 11.20 -26.34 28.57
C LEU A 618 10.91 -26.75 27.14
N ASP A 619 9.69 -27.25 26.88
CA ASP A 619 9.30 -27.67 25.54
C ASP A 619 8.68 -26.55 24.72
N ASP A 620 8.93 -25.29 25.10
CA ASP A 620 8.41 -24.13 24.38
C ASP A 620 9.53 -23.25 23.84
N PHE A 621 10.75 -23.78 23.78
CA PHE A 621 11.92 -23.04 23.33
C PHE A 621 12.56 -23.73 22.13
N PRO A 622 13.24 -22.98 21.27
CA PRO A 622 14.09 -23.62 20.25
C PRO A 622 15.43 -24.01 20.85
N TYR A 623 15.93 -25.18 20.44
CA TYR A 623 17.24 -25.67 20.88
C TYR A 623 18.14 -25.77 19.65
N PRO A 624 18.80 -24.68 19.26
CA PRO A 624 19.68 -24.73 18.10
C PRO A 624 20.87 -25.65 18.35
N ALA A 625 21.09 -26.58 17.42
CA ALA A 625 22.22 -27.49 17.55
C ALA A 625 23.55 -26.75 17.54
N ASP A 626 23.59 -25.56 16.93
CA ASP A 626 24.80 -24.75 16.89
C ASP A 626 24.68 -23.61 17.89
N VAL A 627 24.75 -23.97 19.16
CA VAL A 627 24.63 -23.01 20.26
C VAL A 627 25.84 -23.16 21.17
N LYS A 628 26.25 -22.04 21.76
CA LYS A 628 27.32 -22.06 22.76
C LYS A 628 26.80 -22.63 24.06
N ILE A 629 27.71 -23.21 24.86
CA ILE A 629 27.32 -23.94 26.06
C ILE A 629 28.34 -23.70 27.16
N ASP A 630 27.85 -23.55 28.40
CA ASP A 630 28.69 -23.64 29.58
C ASP A 630 28.76 -25.11 29.94
N GLU A 631 29.81 -25.80 29.46
CA GLU A 631 29.86 -27.25 29.62
C GLU A 631 29.82 -27.68 31.08
N GLU A 632 30.21 -26.80 32.00
CA GLU A 632 30.11 -27.11 33.42
C GLU A 632 29.67 -25.89 34.21
N TYR A 633 28.91 -24.99 33.57
CA TYR A 633 28.42 -23.77 34.22
C TYR A 633 29.56 -22.98 34.87
N CYS A 634 30.66 -22.81 34.14
CA CYS A 634 31.87 -22.24 34.73
C CYS A 634 32.40 -21.02 33.99
N ALA A 635 31.69 -20.50 33.00
CA ALA A 635 32.23 -19.38 32.23
C ALA A 635 31.61 -18.07 32.68
N TYR A 636 31.66 -17.91 34.00
CA TYR A 636 31.19 -16.74 34.72
C TYR A 636 32.26 -16.27 35.68
N ASN A 637 32.55 -14.98 35.66
CA ASN A 637 33.44 -14.35 36.60
C ASN A 637 32.68 -13.29 37.37
N PRO A 638 32.79 -13.27 38.71
CA PRO A 638 32.04 -12.28 39.49
C PRO A 638 32.36 -10.85 39.12
N ASP A 639 33.61 -10.57 38.76
CA ASP A 639 33.99 -9.21 38.39
C ASP A 639 33.39 -8.78 37.07
N ASP A 640 32.97 -9.74 36.23
CA ASP A 640 32.31 -9.40 34.96
C ASP A 640 30.93 -8.81 35.19
N HIS A 641 30.26 -9.20 36.28
CA HIS A 641 28.90 -8.77 36.58
C HIS A 641 27.97 -9.07 35.42
N SER A 642 28.03 -10.32 34.95
CA SER A 642 27.22 -10.77 33.83
C SER A 642 25.92 -11.41 34.32
N VAL A 643 24.87 -11.23 33.54
CA VAL A 643 23.59 -11.89 33.83
C VAL A 643 23.69 -13.34 33.41
N LYS A 644 23.33 -14.24 34.33
CA LYS A 644 23.60 -15.66 34.16
C LYS A 644 22.47 -16.33 33.39
N CYS A 645 22.83 -17.32 32.58
CA CYS A 645 21.83 -18.16 31.93
C CYS A 645 21.25 -19.14 32.94
N VAL A 646 20.19 -19.83 32.53
CA VAL A 646 19.47 -20.69 33.46
C VAL A 646 20.21 -21.99 33.73
N SER A 647 20.98 -22.49 32.76
CA SER A 647 21.63 -23.78 32.93
C SER A 647 22.89 -23.80 32.06
N GLU A 648 23.36 -25.01 31.75
CA GLU A 648 24.55 -25.16 30.91
C GLU A 648 24.29 -24.65 29.49
N ILE A 649 23.07 -24.89 28.98
CA ILE A 649 22.68 -24.30 27.70
C ILE A 649 22.67 -22.79 27.83
N MET A 650 23.15 -22.11 26.80
CA MET A 650 23.24 -20.64 26.86
C MET A 650 22.06 -19.97 26.16
N ILE A 651 20.86 -20.39 26.54
CA ILE A 651 19.66 -19.62 26.23
C ILE A 651 19.64 -18.46 27.21
N PRO A 652 19.84 -17.22 26.75
CA PRO A 652 20.05 -16.11 27.69
C PRO A 652 18.84 -15.88 28.60
N LYS A 653 19.08 -15.12 29.66
CA LYS A 653 18.03 -14.82 30.63
C LYS A 653 16.88 -14.08 29.96
N THR A 654 15.67 -14.54 30.21
CA THR A 654 14.50 -13.98 29.55
C THR A 654 14.10 -12.65 30.18
N LEU A 655 13.66 -11.72 29.34
CA LEU A 655 13.20 -10.41 29.79
C LEU A 655 11.68 -10.44 29.87
N THR A 656 11.16 -10.41 31.09
CA THR A 656 9.72 -10.51 31.32
C THR A 656 9.29 -9.33 32.20
N ALA A 657 8.02 -8.95 32.06
CA ALA A 657 7.47 -7.87 32.86
C ALA A 657 7.52 -8.22 34.34
N THR A 658 8.09 -7.32 35.12
CA THR A 658 8.13 -7.41 36.57
C THR A 658 7.49 -6.18 37.18
N PRO A 659 6.79 -6.31 38.30
CA PRO A 659 6.15 -5.15 38.94
C PRO A 659 7.18 -4.05 39.22
N PRO A 660 6.80 -2.79 39.01
CA PRO A 660 7.76 -1.70 39.20
C PRO A 660 8.29 -1.65 40.63
N HIS A 661 9.55 -1.24 40.74
CA HIS A 661 10.22 -1.20 42.04
C HIS A 661 9.53 -0.20 42.97
N ALA A 662 9.63 -0.46 44.26
CA ALA A 662 8.95 0.32 45.28
C ALA A 662 9.95 0.94 46.24
N LEU A 663 9.64 2.14 46.72
CA LEU A 663 10.40 2.83 47.75
C LEU A 663 9.46 2.95 48.95
N PHE A 664 9.52 1.98 49.85
CA PHE A 664 8.59 1.88 50.97
C PHE A 664 8.97 2.88 52.04
N MET A 665 8.12 3.90 52.24
CA MET A 665 8.34 4.91 53.26
C MET A 665 7.50 4.56 54.48
N ASP A 666 8.16 4.37 55.63
CA ASP A 666 7.42 4.18 56.87
C ASP A 666 6.68 5.44 57.29
N CYS A 667 7.13 6.61 56.81
CA CYS A 667 6.46 7.87 57.06
C CYS A 667 7.03 8.95 56.15
N THR A 668 6.18 9.57 55.33
CA THR A 668 6.61 10.63 54.43
C THR A 668 6.49 11.98 55.14
N HIS A 669 6.69 13.06 54.40
CA HIS A 669 6.60 14.41 54.95
C HIS A 669 5.19 14.99 54.83
N ASP A 670 4.20 14.17 54.47
CA ASP A 670 2.83 14.63 54.32
C ASP A 670 1.83 13.90 55.20
N ASN A 671 2.17 12.73 55.73
CA ASN A 671 1.25 11.94 56.55
C ASN A 671 1.50 12.20 58.03
N GLU A 672 0.47 11.95 58.83
CA GLU A 672 0.52 12.25 60.25
C GLU A 672 1.51 11.33 60.97
N THR A 673 1.95 11.79 62.13
CA THR A 673 2.92 11.05 62.92
C THR A 673 2.26 9.82 63.53
N PRO A 674 3.03 8.73 63.73
CA PRO A 674 2.52 7.63 64.56
C PRO A 674 1.90 8.10 65.87
N ASN A 675 2.43 9.16 66.47
CA ASN A 675 1.80 9.74 67.66
C ASN A 675 0.37 10.17 67.38
N GLN A 676 0.12 10.71 66.18
CA GLN A 676 -1.22 11.19 65.83
C GLN A 676 -2.12 10.05 65.42
N LYS A 677 -1.73 9.29 64.38
CA LYS A 677 -2.62 8.28 63.82
C LYS A 677 -2.72 7.06 64.74
N ARG A 678 -1.61 6.66 65.34
CA ARG A 678 -1.59 5.49 66.23
C ARG A 678 -1.07 5.90 67.60
N THR A 679 0.13 5.41 67.97
CA THR A 679 0.83 5.88 69.17
C THR A 679 2.30 6.05 68.82
N VAL A 680 3.08 6.49 69.81
CA VAL A 680 4.52 6.66 69.59
C VAL A 680 5.25 5.33 69.65
N GLU A 681 4.72 4.35 70.40
CA GLU A 681 5.40 3.08 70.53
C GLU A 681 5.43 2.29 69.24
N ASP A 682 4.47 2.53 68.34
CA ASP A 682 4.42 1.83 67.07
C ASP A 682 5.54 2.23 66.12
N THR A 683 6.30 3.28 66.43
CA THR A 683 7.39 3.71 65.56
C THR A 683 8.44 2.61 65.38
N LEU A 684 8.61 1.76 66.39
CA LEU A 684 9.62 0.71 66.29
C LEU A 684 9.13 -0.47 65.45
N PRO A 685 7.97 -1.09 65.75
CA PRO A 685 7.56 -2.23 64.93
C PRO A 685 7.18 -1.84 63.51
N ASN A 686 6.67 -0.63 63.29
CA ASN A 686 6.31 -0.21 61.94
C ASN A 686 7.55 -0.06 61.07
N ALA A 687 8.60 0.56 61.60
CA ALA A 687 9.82 0.76 60.81
C ALA A 687 10.57 -0.56 60.58
N ALA A 688 10.40 -1.54 61.46
CA ALA A 688 11.07 -2.82 61.28
C ALA A 688 10.43 -3.64 60.17
N LEU A 689 9.10 -3.65 60.11
CA LEU A 689 8.41 -4.38 59.04
C LEU A 689 8.74 -3.78 57.68
N VAL A 690 8.86 -2.45 57.61
CA VAL A 690 9.18 -1.80 56.35
C VAL A 690 10.61 -2.13 55.93
N ALA A 691 11.56 -2.08 56.88
CA ALA A 691 12.95 -2.35 56.56
C ALA A 691 13.16 -3.79 56.11
N PHE A 692 12.31 -4.71 56.57
CA PHE A 692 12.43 -6.11 56.19
C PHE A 692 11.93 -6.39 54.77
N CYS A 693 11.20 -5.47 54.16
CA CYS A 693 10.72 -5.66 52.80
C CYS A 693 11.89 -5.67 51.81
N SER A 694 11.74 -6.49 50.77
CA SER A 694 12.76 -6.59 49.72
C SER A 694 12.52 -5.49 48.70
N SER A 695 12.89 -4.27 49.10
CA SER A 695 12.71 -3.09 48.26
C SER A 695 13.53 -1.96 48.88
N ALA A 696 13.43 -0.77 48.28
CA ALA A 696 14.04 0.41 48.86
C ALA A 696 13.14 0.96 49.96
N ILE A 697 13.76 1.48 51.02
CA ILE A 697 13.03 2.00 52.17
C ILE A 697 13.45 3.44 52.42
N GLY A 698 12.64 4.14 53.21
CA GLY A 698 12.92 5.52 53.55
C GLY A 698 12.08 5.97 54.72
N SER A 699 12.41 7.14 55.23
CA SER A 699 11.69 7.71 56.35
C SER A 699 11.88 9.22 56.36
N VAL A 700 10.93 9.93 56.94
CA VAL A 700 11.02 11.36 57.09
C VAL A 700 11.78 11.67 58.38
N TYR A 701 12.47 12.79 58.40
CA TYR A 701 13.19 13.18 59.61
C TYR A 701 12.18 13.57 60.68
N GLY A 702 12.38 13.04 61.89
CA GLY A 702 11.45 13.19 62.99
C GLY A 702 10.68 11.92 63.30
N TYR A 703 10.53 11.03 62.32
CA TYR A 703 9.94 9.72 62.59
C TYR A 703 10.83 8.92 63.53
N ASP A 704 12.12 8.80 63.19
CA ASP A 704 13.05 8.14 64.08
C ASP A 704 13.24 8.92 65.38
N GLU A 705 13.11 10.25 65.32
CA GLU A 705 13.25 11.11 66.48
C GLU A 705 11.91 11.40 67.15
N VAL A 706 10.91 10.55 66.91
CA VAL A 706 9.54 10.64 67.43
C VAL A 706 9.08 12.08 67.69
N PHE A 707 8.94 12.85 66.62
CA PHE A 707 8.34 14.17 66.74
C PHE A 707 6.87 14.02 67.14
N PRO A 708 6.29 15.01 67.82
CA PRO A 708 4.92 14.86 68.30
C PRO A 708 3.88 14.80 67.19
N GLN A 709 3.85 15.81 66.32
CA GLN A 709 2.84 15.89 65.28
C GLN A 709 3.48 16.26 63.96
N LEU A 710 2.73 16.07 62.88
CA LEU A 710 3.20 16.38 61.54
C LEU A 710 3.52 17.87 61.41
N LEU A 711 4.68 18.17 60.86
CA LEU A 711 5.15 19.55 60.75
C LEU A 711 4.44 20.24 59.59
N ASP A 712 3.84 21.40 59.88
CA ASP A 712 3.17 22.19 58.85
C ASP A 712 4.21 22.76 57.90
N LEU A 713 4.24 22.26 56.66
CA LEU A 713 5.24 22.69 55.69
C LEU A 713 5.08 24.17 55.35
N VAL A 714 3.91 24.74 55.59
CA VAL A 714 3.64 26.13 55.22
C VAL A 714 4.08 27.09 56.30
N GLN A 715 3.60 26.89 57.53
CA GLN A 715 3.73 27.89 58.58
C GLN A 715 5.01 27.73 59.41
N GLU A 716 5.32 26.50 59.82
CA GLU A 716 6.29 26.29 60.89
C GLU A 716 7.68 26.78 60.48
N LYS A 717 8.39 27.37 61.45
CA LYS A 717 9.72 27.89 61.24
C LYS A 717 10.76 27.33 62.20
N ARG A 718 10.36 26.51 63.17
CA ARG A 718 11.31 25.98 64.14
C ARG A 718 12.30 25.04 63.46
N THR A 719 13.43 24.83 64.13
CA THR A 719 14.55 24.07 63.59
C THR A 719 14.62 22.69 64.23
N TYR A 720 15.10 21.71 63.46
CA TYR A 720 15.34 20.37 63.97
C TYR A 720 16.23 20.43 65.21
N SER A 721 15.93 19.60 66.20
CA SER A 721 16.76 19.53 67.39
C SER A 721 18.08 18.82 67.10
N CYS A 722 19.15 19.29 67.74
CA CYS A 722 20.44 18.62 67.67
C CYS A 722 20.52 17.44 68.61
N ALA A 723 19.40 17.07 69.25
CA ALA A 723 19.35 15.92 70.14
C ALA A 723 19.71 14.64 69.40
N GLU A 724 20.87 14.07 69.70
CA GLU A 724 21.39 12.93 68.98
C GLU A 724 20.90 11.62 69.60
N ASN A 725 20.76 10.61 68.73
CA ASN A 725 20.52 9.22 69.16
C ASN A 725 19.21 9.08 69.95
N THR A 726 18.17 9.76 69.49
CA THR A 726 16.86 9.67 70.12
C THR A 726 15.98 8.64 69.41
N GLY A 727 15.15 7.97 70.20
CA GLY A 727 14.16 7.05 69.67
C GLY A 727 14.76 5.85 68.96
N ILE A 728 14.49 5.75 67.64
CA ILE A 728 14.84 4.56 66.86
C ILE A 728 16.18 4.68 66.15
N SER A 729 16.90 5.80 66.34
CA SER A 729 18.15 6.02 65.62
C SER A 729 19.12 4.85 65.79
N LYS A 730 19.13 4.24 66.98
CA LYS A 730 19.98 3.07 67.19
C LYS A 730 19.50 1.89 66.36
N VAL A 731 18.18 1.67 66.30
CA VAL A 731 17.66 0.50 65.58
C VAL A 731 17.83 0.69 64.08
N LYS A 732 17.59 1.91 63.58
CA LYS A 732 17.77 2.17 62.16
C LYS A 732 19.22 1.99 61.74
N THR A 733 20.17 2.22 62.65
CA THR A 733 21.56 1.90 62.38
C THR A 733 21.73 0.40 62.18
N LEU A 734 21.02 -0.40 62.98
CA LEU A 734 21.08 -1.86 62.83
C LEU A 734 20.41 -2.30 61.53
N LEU A 735 19.21 -1.77 61.27
CA LEU A 735 18.45 -2.21 60.09
C LEU A 735 19.17 -1.87 58.80
N ASN A 736 19.73 -0.66 58.69
CA ASN A 736 20.42 -0.27 57.46
C ASN A 736 21.73 -1.03 57.30
N ASN A 737 22.43 -1.32 58.40
CA ASN A 737 23.66 -2.10 58.31
C ASN A 737 23.37 -3.55 57.96
N MET A 738 22.24 -4.09 58.40
CA MET A 738 21.88 -5.46 58.05
C MET A 738 21.56 -5.58 56.57
N ARG A 739 20.85 -4.59 56.02
CA ARG A 739 20.52 -4.60 54.60
C ARG A 739 21.76 -4.42 53.72
N GLU A 740 22.82 -3.83 54.26
CA GLU A 740 24.06 -3.72 53.51
C GLU A 740 24.73 -5.08 53.33
N GLU A 741 24.63 -5.96 54.33
CA GLU A 741 25.17 -7.30 54.20
C GLU A 741 24.36 -8.15 53.23
N ILE A 742 23.04 -7.93 53.17
CA ILE A 742 22.19 -8.72 52.29
C ILE A 742 22.29 -8.26 50.85
N ALA A 743 22.55 -6.96 50.62
CA ALA A 743 22.55 -6.42 49.26
C ALA A 743 23.66 -6.99 48.39
N SER A 744 24.68 -7.62 48.99
CA SER A 744 25.84 -8.03 48.22
C SER A 744 25.53 -9.20 47.30
N GLU A 745 24.53 -10.03 47.62
CA GLU A 745 24.30 -11.26 46.87
C GLU A 745 22.90 -11.38 46.29
N ALA A 746 21.88 -10.79 46.91
CA ALA A 746 20.53 -10.89 46.38
C ALA A 746 20.41 -10.08 45.10
N VAL A 747 19.91 -10.71 44.03
CA VAL A 747 19.89 -10.09 42.71
C VAL A 747 18.47 -9.93 42.20
N ASP A 748 17.93 -10.99 41.58
CA ASP A 748 16.70 -10.89 40.80
C ASP A 748 15.48 -11.23 41.64
N ILE A 749 14.31 -11.21 41.01
CA ILE A 749 13.05 -11.36 41.72
C ILE A 749 12.89 -12.78 42.27
N GLU A 750 13.49 -13.77 41.61
CA GLU A 750 13.42 -15.15 42.06
C GLU A 750 14.39 -15.45 43.20
N ASP A 751 15.22 -14.48 43.60
CA ASP A 751 16.30 -14.70 44.54
C ASP A 751 15.97 -14.27 45.96
N SER A 752 14.80 -13.68 46.20
CA SER A 752 14.38 -13.26 47.52
C SER A 752 12.93 -13.67 47.74
N GLU A 753 12.71 -14.53 48.74
CA GLU A 753 11.39 -15.08 49.04
C GLU A 753 10.97 -14.64 50.43
N MET A 754 9.69 -14.86 50.75
CA MET A 754 9.09 -14.21 51.91
C MET A 754 7.86 -14.97 52.38
N HIS A 755 7.63 -14.94 53.70
CA HIS A 755 6.37 -15.36 54.30
C HIS A 755 5.98 -14.34 55.35
N VAL A 756 4.70 -13.93 55.36
CA VAL A 756 4.19 -12.93 56.28
C VAL A 756 2.94 -13.47 56.95
N HIS A 757 2.86 -13.30 58.28
CA HIS A 757 1.73 -13.77 59.07
C HIS A 757 1.25 -12.64 59.98
N HIS A 758 -0.07 -12.54 60.13
CA HIS A 758 -0.70 -11.54 60.99
C HIS A 758 -1.63 -12.23 61.97
N ASP A 759 -1.34 -12.09 63.26
CA ASP A 759 -2.18 -12.63 64.32
C ASP A 759 -2.47 -11.51 65.32
N GLY A 760 -3.69 -11.01 65.31
CA GLY A 760 -4.08 -9.97 66.24
C GLY A 760 -3.27 -8.70 66.02
N GLN A 761 -2.48 -8.33 67.03
CA GLN A 761 -1.62 -7.16 66.95
C GLN A 761 -0.18 -7.50 66.57
N TYR A 762 0.15 -8.78 66.46
CA TYR A 762 1.46 -9.21 66.03
C TYR A 762 1.50 -9.34 64.51
N ILE A 763 2.67 -9.07 63.93
CA ILE A 763 2.94 -9.30 62.52
C ILE A 763 4.27 -10.02 62.40
N THR A 764 4.26 -11.16 61.70
CA THR A 764 5.44 -11.97 61.49
C THR A 764 5.97 -11.75 60.08
N PHE A 765 7.28 -11.54 59.94
CA PHE A 765 7.93 -11.40 58.65
C PHE A 765 9.12 -12.33 58.59
N HIS A 766 9.14 -13.19 57.57
CA HIS A 766 10.23 -14.15 57.36
C HIS A 766 10.87 -13.83 56.01
N ARG A 767 12.00 -13.13 56.05
CA ARG A 767 12.77 -12.81 54.85
C ARG A 767 13.73 -13.96 54.56
N THR A 768 13.78 -14.39 53.30
CA THR A 768 14.58 -15.54 52.92
C THR A 768 15.29 -15.29 51.60
N ASN A 769 16.57 -15.65 51.54
CA ASN A 769 17.32 -15.65 50.29
C ASN A 769 17.29 -17.06 49.71
N ALA A 770 16.79 -17.19 48.48
CA ALA A 770 16.58 -18.50 47.88
C ALA A 770 17.87 -19.17 47.44
N LYS A 771 18.99 -18.45 47.41
CA LYS A 771 20.23 -19.03 46.90
C LYS A 771 20.97 -19.81 47.97
N ASN A 772 21.21 -19.18 49.13
CA ASN A 772 22.02 -19.79 50.17
C ASN A 772 21.19 -20.35 51.34
N GLY A 773 19.95 -19.90 51.49
CA GLY A 773 19.13 -20.32 52.61
C GLY A 773 19.19 -19.38 53.79
N LYS A 774 20.09 -18.40 53.78
CA LYS A 774 20.14 -17.40 54.84
C LYS A 774 18.83 -16.64 54.90
N GLY A 775 18.38 -16.35 56.12
CA GLY A 775 17.12 -15.65 56.29
C GLY A 775 17.04 -14.90 57.60
N TRP A 776 16.07 -13.99 57.66
CA TRP A 776 15.76 -13.24 58.87
C TRP A 776 14.32 -13.51 59.26
N TYR A 777 14.07 -13.50 60.57
CA TYR A 777 12.72 -13.68 61.11
C TYR A 777 12.42 -12.52 62.05
N LEU A 778 11.32 -11.83 61.81
CA LEU A 778 10.93 -10.67 62.59
C LEU A 778 9.58 -10.90 63.24
N VAL A 779 9.53 -10.74 64.57
CA VAL A 779 8.28 -10.69 65.31
C VAL A 779 8.13 -9.27 65.84
N ALA A 780 7.09 -8.59 65.38
CA ALA A 780 6.86 -7.19 65.73
C ALA A 780 5.45 -7.04 66.29
N ARG A 781 5.35 -6.66 67.56
CA ARG A 781 4.05 -6.39 68.17
C ARG A 781 3.70 -4.93 67.93
N THR A 782 2.61 -4.70 67.21
CA THR A 782 2.23 -3.36 66.82
C THR A 782 1.46 -2.65 67.92
N LYS A 783 1.55 -1.32 67.94
CA LYS A 783 0.83 -0.49 68.89
C LYS A 783 0.00 0.54 68.11
N PHE A 784 -1.04 0.04 67.44
CA PHE A 784 -2.02 0.95 66.86
C PHE A 784 -2.85 1.59 67.97
N HIS A 785 -3.32 0.78 68.91
CA HIS A 785 -3.93 1.25 70.15
C HIS A 785 -3.44 0.35 71.28
N SER A 786 -3.55 0.86 72.51
CA SER A 786 -3.31 0.02 73.68
C SER A 786 -4.53 -0.88 73.85
N SER A 787 -4.44 -2.10 73.35
CA SER A 787 -5.58 -3.01 73.24
C SER A 787 -5.38 -4.25 74.10
N GLY A 788 -4.84 -4.09 75.30
CA GLY A 788 -4.73 -5.19 76.24
C GLY A 788 -3.65 -6.21 75.91
N ASP A 789 -3.45 -7.16 76.82
CA ASP A 789 -2.39 -8.15 76.65
C ASP A 789 -2.85 -9.24 75.67
N GLN A 790 -1.96 -9.60 74.75
CA GLN A 790 -2.22 -10.67 73.79
C GLN A 790 -0.99 -11.55 73.71
N MET A 791 -1.20 -12.87 73.77
CA MET A 791 -0.12 -13.84 73.77
C MET A 791 -0.07 -14.56 72.42
N LEU A 792 1.09 -14.54 71.79
CA LEU A 792 1.30 -15.15 70.47
C LEU A 792 1.61 -16.64 70.62
N PRO A 793 1.04 -17.49 69.77
CA PRO A 793 1.32 -18.93 69.87
C PRO A 793 2.75 -19.29 69.54
N ARG A 794 3.10 -20.56 69.68
CA ARG A 794 4.46 -21.02 69.45
C ARG A 794 4.82 -20.90 67.96
N ILE A 795 5.95 -20.27 67.68
CA ILE A 795 6.45 -20.14 66.32
C ILE A 795 7.25 -21.39 65.98
N LYS A 796 6.95 -22.00 64.83
CA LYS A 796 7.57 -23.25 64.43
C LYS A 796 8.14 -23.11 63.02
N LEU A 797 9.45 -23.34 62.88
CA LEU A 797 10.14 -23.30 61.60
C LEU A 797 10.66 -24.70 61.29
N SER A 798 10.32 -25.20 60.09
CA SER A 798 10.70 -26.55 59.70
C SER A 798 12.05 -26.54 58.99
N GLN A 799 12.90 -27.50 59.36
CA GLN A 799 14.21 -27.69 58.72
C GLN A 799 15.05 -26.42 58.76
N THR A 800 15.01 -25.73 59.91
CA THR A 800 15.68 -24.44 60.03
C THR A 800 16.21 -24.30 61.45
N LYS A 801 17.37 -23.65 61.56
CA LYS A 801 17.97 -23.31 62.85
C LYS A 801 17.94 -21.80 63.03
N ALA A 802 17.61 -21.36 64.24
CA ALA A 802 17.45 -19.93 64.53
C ALA A 802 18.54 -19.44 65.47
N THR A 803 18.81 -18.14 65.39
CA THR A 803 19.83 -17.48 66.20
C THR A 803 19.34 -16.10 66.59
N PHE A 804 19.39 -15.80 67.88
CA PHE A 804 18.96 -14.49 68.37
C PHE A 804 19.88 -13.40 67.86
N LYS A 805 19.29 -12.36 67.26
CA LYS A 805 20.07 -11.23 66.77
C LYS A 805 19.95 -10.04 67.71
N ALA A 806 18.76 -9.45 67.78
CA ALA A 806 18.53 -8.31 68.67
C ALA A 806 17.05 -8.22 68.99
N ALA A 807 16.74 -7.46 70.04
CA ALA A 807 15.36 -7.25 70.46
C ALA A 807 15.28 -5.93 71.21
N PHE A 808 14.22 -5.16 70.95
CA PHE A 808 14.06 -3.85 71.55
C PHE A 808 12.60 -3.59 71.87
N SER A 809 12.37 -2.68 72.82
CA SER A 809 11.06 -2.18 73.14
C SER A 809 11.12 -0.65 73.20
N LEU A 810 10.06 0.00 72.73
CA LEU A 810 9.98 1.45 72.74
C LEU A 810 8.89 1.88 73.72
N GLU A 811 9.28 2.64 74.73
CA GLU A 811 8.36 3.08 75.78
C GLU A 811 8.37 4.61 75.87
N ARG A 812 7.22 5.17 76.23
CA ARG A 812 7.07 6.61 76.30
C ARG A 812 7.30 7.09 77.73
N THR A 813 8.15 8.12 77.87
CA THR A 813 8.44 8.69 79.18
C THR A 813 7.85 10.09 79.29
N GLY A 814 6.53 10.20 79.20
CA GLY A 814 5.88 11.49 79.29
C GLY A 814 5.69 12.15 77.95
N ASP A 815 5.38 13.45 78.01
CA ASP A 815 5.10 14.23 76.82
C ASP A 815 6.36 14.94 76.34
N ALA A 816 6.26 15.57 75.16
CA ALA A 816 7.36 16.26 74.52
C ALA A 816 7.48 17.69 75.05
N PRO A 817 8.70 18.23 75.10
CA PRO A 817 8.87 19.62 75.51
C PRO A 817 8.20 20.58 74.52
N ILE A 818 7.93 21.79 75.00
CA ILE A 818 7.24 22.79 74.20
C ILE A 818 8.14 23.99 73.98
N SER A 819 9.03 23.89 73.00
CA SER A 819 9.91 24.98 72.62
C SER A 819 9.31 25.77 71.46
N ASP A 820 9.78 27.01 71.32
CA ASP A 820 9.34 27.89 70.25
C ASP A 820 10.41 28.16 69.21
N GLU A 821 11.62 27.63 69.42
CA GLU A 821 12.72 27.83 68.47
C GLU A 821 13.31 26.54 67.96
N ILE A 822 12.94 25.39 68.52
CA ILE A 822 13.56 24.11 68.16
C ILE A 822 12.49 23.02 68.25
N ILE A 823 12.44 22.16 67.23
CA ILE A 823 11.49 21.05 67.20
C ILE A 823 12.12 19.88 67.96
N GLU A 824 11.51 19.53 69.09
CA GLU A 824 12.01 18.43 69.91
C GLU A 824 10.98 17.32 69.98
N GLY A 825 11.47 16.08 70.10
CA GLY A 825 10.62 14.91 70.10
C GLY A 825 10.19 14.49 71.49
N ILE A 826 9.48 13.37 71.54
CA ILE A 826 8.94 12.82 72.78
C ILE A 826 10.02 11.97 73.44
N PRO A 827 10.28 12.15 74.74
CA PRO A 827 11.28 11.31 75.41
C PRO A 827 10.86 9.85 75.43
N THR A 828 11.73 8.99 74.90
CA THR A 828 11.43 7.58 74.75
C THR A 828 12.59 6.73 75.27
N LYS A 829 12.26 5.62 75.91
CA LYS A 829 13.24 4.64 76.35
C LYS A 829 13.28 3.49 75.35
N LEU A 830 14.49 3.00 75.08
CA LEU A 830 14.71 1.89 74.15
C LEU A 830 15.33 0.74 74.94
N ARG A 831 14.46 -0.10 75.52
CA ARG A 831 14.91 -1.19 76.38
C ARG A 831 15.14 -2.45 75.55
N GLU A 832 16.32 -3.05 75.70
CA GLU A 832 16.63 -4.32 75.07
C GLU A 832 15.94 -5.45 75.81
N LEU A 833 15.44 -6.43 75.07
CA LEU A 833 14.64 -7.50 75.64
C LEU A 833 15.40 -8.82 75.63
N THR A 834 14.95 -9.74 76.48
CA THR A 834 15.55 -11.06 76.60
C THR A 834 14.44 -12.05 76.92
N GLY A 835 14.79 -13.33 76.98
CA GLY A 835 13.86 -14.38 77.34
C GLY A 835 13.32 -15.19 76.19
N PHE A 836 13.78 -14.92 74.96
CA PHE A 836 13.31 -15.63 73.78
C PHE A 836 13.95 -17.01 73.76
N ASP A 837 13.13 -18.05 73.94
CA ASP A 837 13.61 -19.42 74.00
C ASP A 837 13.55 -20.03 72.59
N ILE A 838 14.70 -20.49 72.09
CA ILE A 838 14.80 -21.05 70.76
C ILE A 838 15.05 -22.55 70.93
N GLY A 839 13.98 -23.34 70.84
CA GLY A 839 14.09 -24.78 70.97
C GLY A 839 14.29 -25.42 69.61
N PHE A 840 15.24 -26.35 69.54
CA PHE A 840 15.56 -27.04 68.30
C PHE A 840 15.47 -28.54 68.53
N ASP A 841 14.61 -29.20 67.75
CA ASP A 841 14.45 -30.64 67.81
C ASP A 841 15.47 -31.27 66.86
N GLU A 842 16.52 -31.88 67.43
CA GLU A 842 17.59 -32.47 66.63
C GLU A 842 17.14 -33.68 65.83
N ASN A 843 15.89 -34.11 65.96
CA ASN A 843 15.36 -35.23 65.18
C ASN A 843 14.53 -34.74 64.00
N THR A 844 13.44 -34.02 64.27
CA THR A 844 12.62 -33.44 63.21
C THR A 844 13.23 -32.19 62.60
N LYS A 845 14.37 -31.71 63.14
CA LYS A 845 15.06 -30.52 62.63
C LYS A 845 14.13 -29.30 62.64
N GLU A 846 13.28 -29.21 63.65
CA GLU A 846 12.27 -28.18 63.74
C GLU A 846 12.62 -27.20 64.86
N THR A 847 12.66 -25.91 64.52
CA THR A 847 12.94 -24.87 65.50
C THR A 847 11.64 -24.32 66.07
N SER A 848 11.58 -24.20 67.39
CA SER A 848 10.45 -23.61 68.09
C SER A 848 10.91 -22.36 68.80
N ILE A 849 10.11 -21.29 68.70
CA ILE A 849 10.44 -20.00 69.31
C ILE A 849 9.28 -19.60 70.21
N LEU A 850 9.59 -19.33 71.49
CA LEU A 850 8.61 -18.88 72.47
C LEU A 850 8.92 -17.45 72.87
N LEU A 851 7.89 -16.60 72.90
CA LEU A 851 8.12 -15.22 73.28
C LEU A 851 8.05 -15.07 74.80
N PRO A 852 8.78 -14.11 75.35
CA PRO A 852 8.67 -13.83 76.79
C PRO A 852 7.46 -12.98 77.10
N GLN A 853 6.94 -13.16 78.31
CA GLN A 853 5.75 -12.41 78.72
C GLN A 853 6.02 -10.92 78.81
N ASP A 854 7.28 -10.51 79.00
CA ASP A 854 7.65 -9.10 78.94
C ASP A 854 7.98 -8.76 77.49
N PHE A 855 6.92 -8.61 76.69
CA PHE A 855 7.05 -8.20 75.28
C PHE A 855 5.93 -7.22 74.99
N PRO A 856 6.05 -5.98 75.48
CA PRO A 856 4.95 -5.02 75.35
C PRO A 856 4.74 -4.59 73.90
N GLN A 857 3.58 -4.00 73.66
CA GLN A 857 3.29 -3.44 72.34
C GLN A 857 4.30 -2.36 72.00
N GLY A 858 4.72 -2.35 70.74
CA GLY A 858 5.80 -1.48 70.32
C GLY A 858 7.17 -2.08 70.44
N SER A 859 7.28 -3.42 70.37
CA SER A 859 8.54 -4.12 70.50
C SER A 859 8.77 -5.00 69.28
N ILE A 860 10.03 -5.35 69.06
CA ILE A 860 10.44 -6.25 67.98
C ILE A 860 11.46 -7.23 68.51
N VAL A 861 11.71 -8.27 67.71
CA VAL A 861 12.79 -9.22 67.98
C VAL A 861 13.21 -9.83 66.64
N ILE A 862 14.50 -9.80 66.36
CA ILE A 862 15.06 -10.26 65.09
C ILE A 862 15.84 -11.54 65.32
N PHE A 863 15.59 -12.54 64.48
CA PHE A 863 16.32 -13.80 64.51
C PHE A 863 17.05 -13.99 63.18
N GLU A 864 18.31 -14.43 63.26
CA GLU A 864 19.02 -14.91 62.09
C GLU A 864 18.71 -16.39 61.91
N THR A 865 18.36 -16.79 60.69
CA THR A 865 17.95 -18.16 60.43
C THR A 865 18.64 -18.67 59.17
N GLN A 866 18.71 -19.98 59.06
CA GLN A 866 19.38 -20.65 57.95
C GLN A 866 18.70 -21.98 57.69
N GLN A 867 18.17 -22.15 56.48
CA GLN A 867 17.53 -23.42 56.13
C GLN A 867 18.57 -24.51 56.01
N LEU A 868 18.24 -25.69 56.54
CA LEU A 868 19.19 -26.79 56.59
C LEU A 868 19.21 -27.52 55.25
N GLY A 869 20.43 -27.86 54.80
CA GLY A 869 20.63 -28.53 53.53
C GLY A 869 21.01 -27.61 52.39
N ILE A 870 20.97 -26.30 52.59
CA ILE A 870 21.27 -25.33 51.55
C ILE A 870 22.56 -24.61 51.90
N ASP A 871 23.53 -24.65 51.00
CA ASP A 871 24.73 -23.84 51.06
C ASP A 871 24.81 -22.95 49.82
N ASP A 872 25.91 -22.20 49.71
CA ASP A 872 26.10 -21.36 48.53
C ASP A 872 26.39 -22.18 47.27
N SER A 873 26.87 -23.41 47.43
CA SER A 873 27.28 -24.24 46.29
C SER A 873 26.16 -25.12 45.76
N LEU A 874 24.92 -24.91 46.20
CA LEU A 874 23.83 -25.78 45.76
C LEU A 874 23.43 -25.47 44.31
N ASP A 875 23.36 -24.18 43.96
CA ASP A 875 22.90 -23.82 42.61
C ASP A 875 23.87 -24.31 41.54
N HIS A 876 25.17 -24.23 41.81
CA HIS A 876 26.14 -24.67 40.80
C HIS A 876 26.07 -26.18 40.58
N PHE A 877 25.84 -26.94 41.65
CA PHE A 877 25.76 -28.39 41.52
C PHE A 877 24.53 -28.82 40.72
N ILE A 878 23.45 -28.04 40.77
CA ILE A 878 22.24 -28.42 40.04
C ILE A 878 22.31 -27.96 38.59
N ARG A 879 22.98 -26.83 38.32
CA ARG A 879 23.06 -26.27 36.99
C ARG A 879 24.28 -26.75 36.21
N SER A 880 24.87 -27.88 36.59
CA SER A 880 26.08 -28.36 35.94
C SER A 880 26.02 -29.87 35.77
N GLY A 881 26.86 -30.37 34.86
CA GLY A 881 27.05 -31.79 34.67
C GLY A 881 26.03 -32.48 33.79
N ALA A 882 24.91 -31.84 33.48
CA ALA A 882 23.86 -32.52 32.71
C ALA A 882 24.26 -32.69 31.24
N ILE A 883 25.05 -31.75 30.70
CA ILE A 883 25.49 -31.88 29.32
C ILE A 883 26.46 -33.04 29.17
N LYS A 884 27.44 -33.13 30.08
CA LYS A 884 28.37 -34.25 30.08
C LYS A 884 27.65 -35.57 30.32
N ALA A 885 26.55 -35.55 31.06
CA ALA A 885 25.80 -36.77 31.33
C ALA A 885 25.06 -37.27 30.09
N THR A 886 24.65 -36.35 29.21
CA THR A 886 23.97 -36.70 27.98
C THR A 886 24.92 -36.90 26.81
N GLU A 887 26.23 -36.92 27.07
CA GLU A 887 27.21 -37.00 25.99
C GLU A 887 27.08 -38.28 25.18
N LYS A 888 26.68 -39.38 25.82
CA LYS A 888 26.60 -40.68 25.16
C LYS A 888 25.18 -41.07 24.79
N LEU A 889 24.25 -40.11 24.73
CA LEU A 889 22.89 -40.41 24.37
C LEU A 889 22.73 -40.51 22.86
N SER A 890 21.82 -41.39 22.43
CA SER A 890 21.49 -41.58 21.03
C SER A 890 20.03 -41.22 20.80
N LEU A 891 19.66 -41.02 19.53
CA LEU A 891 18.28 -40.69 19.20
C LEU A 891 17.30 -41.78 19.61
N GLU A 892 17.77 -43.02 19.78
CA GLU A 892 16.91 -44.05 20.31
C GLU A 892 16.84 -43.98 21.83
N SER A 893 17.99 -43.80 22.49
CA SER A 893 18.05 -43.83 23.94
C SER A 893 17.34 -42.64 24.58
N ILE A 894 17.20 -41.52 23.85
CA ILE A 894 16.48 -40.37 24.40
C ILE A 894 15.01 -40.71 24.59
N ASN A 895 14.49 -41.67 23.82
CA ASN A 895 13.09 -42.06 23.96
C ASN A 895 12.79 -42.60 25.36
N TYR A 896 13.73 -43.35 25.93
CA TYR A 896 13.51 -43.93 27.25
C TYR A 896 13.69 -42.91 28.37
N VAL A 897 14.42 -41.82 28.12
CA VAL A 897 14.60 -40.79 29.14
C VAL A 897 13.43 -39.81 29.15
N LEU A 898 12.83 -39.52 28.00
CA LEU A 898 11.82 -38.48 27.88
C LEU A 898 10.40 -39.00 27.74
N TYR A 899 10.19 -40.09 27.02
CA TYR A 899 8.83 -40.46 26.65
C TYR A 899 8.40 -41.77 27.31
N ARG A 900 8.15 -42.81 26.51
CA ARG A 900 7.61 -44.08 27.00
C ARG A 900 6.22 -43.93 27.60
N ALA A 901 5.19 -44.37 26.87
CA ALA A 901 3.87 -44.45 27.44
C ALA A 901 3.82 -45.57 28.48
N GLU A 902 2.75 -45.58 29.28
CA GLU A 902 2.64 -46.57 30.34
C GLU A 902 2.60 -47.99 29.79
N GLN A 903 1.97 -48.17 28.62
CA GLN A 903 1.98 -49.49 27.99
C GLN A 903 3.37 -49.85 27.50
N GLU A 904 4.11 -48.88 26.97
CA GLU A 904 5.49 -49.12 26.56
C GLU A 904 6.37 -49.44 27.76
N GLU A 905 6.05 -48.86 28.92
CA GLU A 905 6.83 -49.14 30.13
C GLU A 905 6.45 -50.50 30.72
N TYR A 906 5.18 -50.88 30.64
CA TYR A 906 4.76 -52.21 31.07
C TYR A 906 5.47 -53.29 30.26
N ASP A 907 5.83 -52.99 29.00
CA ASP A 907 6.54 -53.96 28.19
C ASP A 907 7.90 -54.30 28.78
N TYR A 908 8.64 -53.28 29.25
CA TYR A 908 9.96 -53.51 29.82
C TYR A 908 9.89 -54.00 31.26
N SER A 909 8.84 -53.64 32.00
CA SER A 909 8.73 -54.00 33.41
C SER A 909 7.78 -55.16 33.66
N GLU A 910 7.41 -55.89 32.60
CA GLU A 910 6.52 -57.05 32.70
C GLU A 910 5.17 -56.71 33.33
N GLY A 911 4.79 -55.43 33.30
CA GLY A 911 3.54 -54.99 33.87
C GLY A 911 3.62 -54.53 35.31
N ARG A 912 4.82 -54.34 35.87
CA ARG A 912 4.97 -53.98 37.27
C ARG A 912 5.04 -52.46 37.47
N SER A 913 5.79 -51.75 36.63
CA SER A 913 6.04 -50.33 36.86
C SER A 913 4.91 -49.46 36.34
N GLY A 914 5.15 -48.80 35.21
CA GLY A 914 4.17 -47.87 34.66
C GLY A 914 4.49 -46.43 35.01
N ALA A 915 3.43 -45.61 34.96
CA ALA A 915 3.55 -44.19 35.20
C ALA A 915 3.20 -43.86 36.64
N TYR A 916 3.97 -42.92 37.22
CA TYR A 916 3.73 -42.46 38.57
C TYR A 916 2.33 -41.87 38.68
N ASP A 917 1.59 -42.29 39.70
CA ASP A 917 0.24 -41.81 39.93
C ASP A 917 0.29 -40.63 40.90
N ILE A 918 -0.06 -39.45 40.42
CA ILE A 918 -0.11 -38.26 41.27
C ILE A 918 -1.43 -38.26 42.02
N PRO A 919 -1.42 -38.17 43.35
CA PRO A 919 -2.68 -38.17 44.10
C PRO A 919 -3.54 -36.96 43.76
N ASP A 920 -4.85 -37.21 43.64
CA ASP A 920 -5.84 -36.17 43.34
C ASP A 920 -5.58 -35.50 41.98
N TYR A 921 -4.96 -36.23 41.05
CA TYR A 921 -4.67 -35.66 39.75
C TYR A 921 -4.71 -36.71 38.64
N GLY A 922 -3.73 -37.59 38.61
CA GLY A 922 -3.67 -38.62 37.59
C GLY A 922 -2.21 -38.93 37.26
N LYS A 923 -2.04 -39.67 36.17
CA LYS A 923 -0.67 -39.99 35.81
C LYS A 923 -0.17 -39.09 34.70
N PRO A 924 1.12 -38.74 34.70
CA PRO A 924 1.70 -38.03 33.56
C PRO A 924 1.54 -38.84 32.28
N VAL A 925 1.55 -38.12 31.16
CA VAL A 925 1.27 -38.76 29.87
C VAL A 925 2.41 -39.70 29.49
N TYR A 926 3.65 -39.28 29.69
CA TYR A 926 4.81 -40.14 29.50
C TYR A 926 5.45 -40.46 30.85
N CYS A 927 6.11 -41.61 30.91
CA CYS A 927 6.85 -41.97 32.11
C CYS A 927 8.14 -41.19 32.23
N GLY A 928 8.66 -40.68 31.11
CA GLY A 928 9.90 -39.90 31.11
C GLY A 928 9.68 -38.46 31.51
N LEU A 929 10.69 -37.64 31.22
CA LEU A 929 10.66 -36.24 31.64
C LEU A 929 9.61 -35.44 30.91
N GLN A 930 9.26 -35.83 29.67
CA GLN A 930 8.27 -35.07 28.92
C GLN A 930 6.91 -35.09 29.63
N GLY A 931 6.57 -36.20 30.28
CA GLY A 931 5.34 -36.25 31.05
C GLY A 931 5.34 -35.29 32.21
N TRP A 932 6.51 -35.07 32.83
CA TRP A 932 6.61 -34.08 33.90
C TRP A 932 6.63 -32.66 33.35
N VAL A 933 7.38 -32.43 32.27
CA VAL A 933 7.53 -31.08 31.72
C VAL A 933 6.19 -30.57 31.21
N SER A 934 5.38 -31.46 30.64
CA SER A 934 4.07 -31.04 30.13
C SER A 934 3.17 -30.53 31.24
N ILE A 935 3.35 -31.04 32.47
CA ILE A 935 2.55 -30.61 33.60
C ILE A 935 3.19 -29.42 34.31
N LEU A 936 4.53 -29.41 34.38
CA LEU A 936 5.22 -28.40 35.17
C LEU A 936 5.23 -27.03 34.49
N ARG A 937 5.11 -26.99 33.16
CA ARG A 937 5.24 -25.73 32.46
C ARG A 937 4.17 -24.73 32.89
N LYS A 938 2.93 -25.19 33.05
CA LYS A 938 1.89 -24.32 33.57
C LYS A 938 2.04 -24.07 35.06
N ILE A 939 2.62 -25.02 35.80
CA ILE A 939 2.83 -24.84 37.23
C ILE A 939 3.91 -23.79 37.48
N ILE A 940 5.03 -23.89 36.75
CA ILE A 940 6.10 -22.91 36.91
C ILE A 940 5.64 -21.53 36.47
N PHE A 941 4.78 -21.46 35.44
CA PHE A 941 4.34 -20.17 34.92
C PHE A 941 3.47 -19.42 35.92
N TYR A 942 2.66 -20.14 36.70
CA TYR A 942 1.74 -19.52 37.64
C TYR A 942 2.20 -19.64 39.08
N ASN A 943 3.34 -20.28 39.34
CA ASN A 943 3.84 -20.49 40.70
C ASN A 943 2.79 -21.22 41.55
N ASP A 944 2.10 -22.18 40.93
CA ASP A 944 1.01 -22.90 41.58
C ASP A 944 1.61 -23.89 42.57
N LEU A 945 1.90 -23.38 43.77
CA LEU A 945 2.37 -24.23 44.86
C LEU A 945 1.26 -25.07 45.48
N ALA A 946 0.00 -24.81 45.10
CA ALA A 946 -1.14 -25.57 45.59
C ALA A 946 -1.55 -26.70 44.64
N HIS A 947 -0.80 -26.92 43.56
CA HIS A 947 -1.13 -27.98 42.63
C HIS A 947 -0.91 -29.35 43.27
N PRO A 948 -1.72 -30.35 42.92
CA PRO A 948 -1.53 -31.70 43.48
C PRO A 948 -0.12 -32.23 43.36
N LEU A 949 0.55 -32.00 42.22
CA LEU A 949 1.94 -32.43 42.09
C LEU A 949 2.83 -31.63 43.03
N SER A 950 2.54 -30.34 43.21
CA SER A 950 3.32 -29.54 44.16
C SER A 950 3.12 -30.05 45.59
N ASN A 951 1.89 -30.41 45.94
CA ASN A 951 1.62 -30.96 47.26
C ASN A 951 2.35 -32.29 47.46
N ASN A 952 2.27 -33.18 46.46
CA ASN A 952 2.89 -34.49 46.58
C ASN A 952 4.40 -34.40 46.67
N LEU A 953 5.01 -33.40 46.03
CA LEU A 953 6.47 -33.30 46.03
C LEU A 953 7.01 -32.91 47.40
N ARG A 954 6.25 -32.13 48.18
CA ARG A 954 6.67 -31.78 49.52
C ARG A 954 6.07 -32.69 50.60
N ASN A 955 5.16 -33.59 50.22
CA ASN A 955 4.65 -34.56 51.17
C ASN A 955 5.57 -35.77 51.29
N GLY A 956 6.38 -36.04 50.27
CA GLY A 956 7.28 -37.17 50.30
C GLY A 956 8.25 -37.12 49.14
N HIS A 957 9.21 -38.04 49.16
CA HIS A 957 10.23 -38.15 48.13
C HIS A 957 9.91 -39.25 47.12
N TRP A 958 8.62 -39.56 46.94
CA TRP A 958 8.24 -40.65 46.04
C TRP A 958 8.52 -40.29 44.58
N ALA A 959 8.00 -39.16 44.13
CA ALA A 959 8.22 -38.74 42.74
C ALA A 959 9.69 -38.44 42.48
N VAL A 960 10.44 -38.03 43.51
CA VAL A 960 11.86 -37.76 43.34
C VAL A 960 12.61 -39.05 43.03
N ASP A 961 12.35 -40.11 43.79
CA ASP A 961 12.98 -41.39 43.52
C ASP A 961 12.41 -42.10 42.30
N TYR A 962 11.18 -41.75 41.90
CA TYR A 962 10.58 -42.38 40.73
C TYR A 962 11.32 -41.98 39.45
N VAL A 963 11.81 -40.74 39.38
CA VAL A 963 12.52 -40.29 38.20
C VAL A 963 13.81 -41.07 38.01
N VAL A 964 14.48 -41.40 39.13
CA VAL A 964 15.77 -42.08 39.02
C VAL A 964 15.60 -43.59 38.90
N ASN A 965 14.59 -44.17 39.56
CA ASN A 965 14.45 -45.62 39.57
C ASN A 965 13.89 -46.18 38.27
N ARG A 966 13.24 -45.34 37.44
CA ARG A 966 12.74 -45.82 36.15
C ARG A 966 13.86 -46.33 35.28
N LEU A 967 14.98 -45.60 35.22
CA LEU A 967 16.05 -45.89 34.29
C LEU A 967 16.78 -47.19 34.59
N ASP A 968 16.43 -47.88 35.67
CA ASP A 968 16.95 -49.23 35.87
C ASP A 968 16.47 -50.18 34.77
N LEU A 969 15.29 -49.90 34.21
CA LEU A 969 14.79 -50.72 33.11
C LEU A 969 15.60 -50.53 31.84
N TYR A 970 16.13 -49.32 31.62
CA TYR A 970 16.86 -49.00 30.40
C TYR A 970 18.30 -48.59 30.71
N LYS A 971 18.88 -49.13 31.79
CA LYS A 971 20.22 -48.71 32.21
C LYS A 971 21.28 -49.11 31.18
N ASP A 972 21.11 -50.28 30.55
CA ASP A 972 22.12 -50.80 29.65
C ASP A 972 22.17 -50.09 28.31
N LYS A 973 21.26 -49.14 28.05
CA LYS A 973 21.20 -48.47 26.76
C LYS A 973 22.16 -47.28 26.73
N GLU A 974 22.44 -46.81 25.51
CA GLU A 974 23.50 -45.84 25.27
C GLU A 974 23.29 -44.54 26.01
N GLY A 975 24.17 -44.24 26.98
CA GLY A 975 24.14 -42.99 27.70
C GLY A 975 23.08 -42.87 28.77
N VAL A 976 22.19 -43.86 28.91
CA VAL A 976 21.13 -43.76 29.91
C VAL A 976 21.70 -43.91 31.31
N ALA A 977 22.74 -44.73 31.47
CA ALA A 977 23.32 -44.94 32.80
C ALA A 977 23.91 -43.64 33.34
N GLU A 978 24.66 -42.91 32.51
CA GLU A 978 25.24 -41.66 32.96
C GLU A 978 24.19 -40.58 33.16
N VAL A 979 23.08 -40.65 32.41
CA VAL A 979 21.97 -39.72 32.65
C VAL A 979 21.29 -40.04 33.97
N GLN A 980 21.17 -41.34 34.30
CA GLN A 980 20.58 -41.73 35.58
C GLN A 980 21.46 -41.30 36.74
N GLU A 981 22.77 -41.39 36.58
CA GLU A 981 23.68 -41.03 37.68
C GLU A 981 23.63 -39.53 37.96
N TRP A 982 23.46 -38.71 36.92
CA TRP A 982 23.27 -37.28 37.14
C TRP A 982 21.96 -37.01 37.87
N LEU A 983 20.89 -37.70 37.47
CA LEU A 983 19.62 -37.56 38.18
C LEU A 983 19.72 -38.12 39.59
N ARG A 984 20.45 -39.24 39.76
CA ARG A 984 20.60 -39.82 41.08
C ARG A 984 21.35 -38.87 42.01
N SER A 985 22.45 -38.28 41.53
CA SER A 985 23.24 -37.39 42.37
C SER A 985 22.50 -36.11 42.70
N ARG A 986 21.68 -35.60 41.77
CA ARG A 986 20.98 -34.34 42.00
C ARG A 986 19.71 -34.55 42.82
N MET A 987 19.01 -35.67 42.63
CA MET A 987 17.83 -35.94 43.44
C MET A 987 18.20 -36.30 44.87
N GLU A 988 19.33 -36.98 45.07
CA GLU A 988 19.78 -37.28 46.43
C GLU A 988 20.06 -35.99 47.21
N ARG A 989 20.75 -35.03 46.57
CA ARG A 989 21.01 -33.76 47.22
C ARG A 989 19.73 -32.99 47.48
N ILE A 990 18.71 -33.18 46.64
CA ILE A 990 17.46 -32.45 46.80
C ILE A 990 16.69 -32.97 48.01
N LYS A 991 16.75 -34.28 48.25
CA LYS A 991 16.03 -34.88 49.38
C LYS A 991 16.56 -34.39 50.72
N GLN A 992 17.77 -33.86 50.78
CA GLN A 992 18.32 -33.29 52.00
C GLN A 992 17.80 -31.90 52.30
N LEU A 993 16.96 -31.34 51.44
CA LEU A 993 16.43 -30.00 51.59
C LEU A 993 15.15 -30.04 52.42
N PRO A 994 14.68 -28.87 52.89
CA PRO A 994 13.37 -28.83 53.53
C PRO A 994 12.29 -29.33 52.58
N SER A 995 11.18 -29.81 53.18
CA SER A 995 10.11 -30.39 52.38
C SER A 995 9.51 -29.35 51.45
N TYR A 996 9.23 -28.15 51.97
CA TYR A 996 8.56 -27.11 51.18
C TYR A 996 9.41 -26.63 50.01
N LEU A 997 10.71 -26.90 50.00
CA LEU A 997 11.58 -26.50 48.90
C LEU A 997 11.78 -27.59 47.86
N VAL A 998 11.26 -28.79 48.09
CA VAL A 998 11.45 -29.89 47.13
C VAL A 998 10.77 -29.59 45.79
N PRO A 999 9.51 -29.14 45.73
CA PRO A 999 8.87 -28.96 44.41
C PRO A 999 9.62 -27.99 43.49
N SER A 1000 10.07 -26.85 44.02
CA SER A 1000 10.75 -25.88 43.16
C SER A 1000 12.07 -26.45 42.63
N PHE A 1001 12.77 -27.24 43.43
CA PHE A 1001 14.04 -27.82 42.98
C PHE A 1001 13.83 -29.07 42.14
N PHE A 1002 12.75 -29.81 42.38
CA PHE A 1002 12.43 -30.97 41.55
C PHE A 1002 12.19 -30.55 40.11
N ALA A 1003 11.38 -29.50 39.91
CA ALA A 1003 11.11 -29.02 38.56
C ALA A 1003 12.35 -28.46 37.90
N LEU A 1004 13.26 -27.87 38.67
CA LEU A 1004 14.48 -27.30 38.09
C LEU A 1004 15.41 -28.39 37.60
N VAL A 1005 15.52 -29.49 38.35
CA VAL A 1005 16.39 -30.59 37.93
C VAL A 1005 15.82 -31.30 36.73
N VAL A 1006 14.51 -31.56 36.74
CA VAL A 1006 13.87 -32.23 35.60
C VAL A 1006 13.96 -31.35 34.36
N GLY A 1007 13.71 -30.06 34.50
CA GLY A 1007 13.75 -29.17 33.36
C GLY A 1007 15.13 -29.01 32.76
N ILE A 1008 16.17 -29.03 33.60
CA ILE A 1008 17.54 -28.89 33.09
C ILE A 1008 17.93 -30.12 32.29
N MET A 1009 17.71 -31.31 32.86
CA MET A 1009 18.01 -32.54 32.13
C MET A 1009 17.14 -32.68 30.90
N TYR A 1010 15.90 -32.20 30.95
CA TYR A 1010 15.04 -32.24 29.76
C TYR A 1010 15.62 -31.40 28.64
N GLY A 1011 16.01 -30.15 28.96
CA GLY A 1011 16.58 -29.29 27.93
C GLY A 1011 17.86 -29.84 27.35
N CYS A 1012 18.68 -30.48 28.19
CA CYS A 1012 19.90 -31.11 27.68
C CYS A 1012 19.58 -32.30 26.79
N CYS A 1013 18.53 -33.06 27.11
CA CYS A 1013 18.14 -34.17 26.26
C CYS A 1013 17.56 -33.67 24.94
N ARG A 1014 16.78 -32.59 24.97
CA ARG A 1014 16.21 -32.07 23.74
C ARG A 1014 17.27 -31.42 22.85
N LEU A 1015 18.27 -30.78 23.46
CA LEU A 1015 19.39 -30.25 22.67
C LEU A 1015 20.21 -31.37 22.06
N ARG A 1016 20.47 -32.42 22.84
CA ARG A 1016 21.22 -33.56 22.30
C ARG A 1016 20.50 -34.17 21.11
N ALA A 1017 19.17 -34.16 21.11
CA ALA A 1017 18.42 -34.67 19.97
C ALA A 1017 18.62 -33.79 18.74
N MET A 1018 18.55 -32.48 18.91
CA MET A 1018 18.72 -31.56 17.79
C MET A 1018 20.14 -31.63 17.23
N GLN A 1019 21.12 -31.94 18.07
CA GLN A 1019 22.49 -32.07 17.58
C GLN A 1019 22.65 -33.35 16.76
N LEU A 1020 22.06 -34.46 17.21
CA LEU A 1020 22.17 -35.71 16.48
C LEU A 1020 21.37 -35.70 15.18
N MET A 1021 20.38 -34.83 15.07
CA MET A 1021 19.58 -34.75 13.86
C MET A 1021 20.27 -33.85 12.83
N SER A 1022 19.61 -33.64 11.70
CA SER A 1022 20.21 -32.89 10.61
C SER A 1022 20.12 -31.39 10.87
N ASP A 1023 20.63 -30.61 9.92
CA ASP A 1023 20.71 -29.16 10.10
C ASP A 1023 19.36 -28.48 9.89
N ASN A 1024 18.56 -28.98 8.94
CA ASN A 1024 17.25 -28.37 8.69
C ASN A 1024 16.36 -28.45 9.93
N VAL A 1025 16.51 -29.50 10.73
CA VAL A 1025 15.76 -29.63 11.97
C VAL A 1025 16.46 -28.92 13.13
N GLY A 1026 17.78 -29.09 13.25
CA GLY A 1026 18.51 -28.53 14.36
C GLY A 1026 18.78 -27.05 14.28
N LYS A 1027 18.09 -26.32 13.40
CA LYS A 1027 18.23 -24.88 13.28
C LYS A 1027 16.90 -24.18 13.08
N SER A 1028 15.79 -24.85 13.36
CA SER A 1028 14.46 -24.37 13.00
C SER A 1028 13.69 -23.90 14.22
N THR A 1029 12.43 -23.54 13.99
CA THR A 1029 11.54 -23.02 15.02
C THR A 1029 11.17 -24.13 16.00
N VAL A 1030 10.56 -23.74 17.12
CA VAL A 1030 10.06 -24.69 18.11
C VAL A 1030 9.10 -25.68 17.45
N PHE A 1031 8.27 -25.19 16.53
CA PHE A 1031 7.25 -26.05 15.92
C PHE A 1031 7.89 -27.19 15.14
N VAL A 1032 8.92 -26.89 14.34
CA VAL A 1032 9.58 -27.94 13.56
C VAL A 1032 10.30 -28.91 14.50
N GLN A 1033 10.99 -28.40 15.51
CA GLN A 1033 11.69 -29.28 16.44
C GLN A 1033 10.70 -30.11 17.25
N SER A 1034 9.55 -29.52 17.60
CA SER A 1034 8.52 -30.29 18.30
C SER A 1034 8.01 -31.43 17.44
N LEU A 1035 7.88 -31.21 16.13
CA LEU A 1035 7.52 -32.28 15.23
C LEU A 1035 8.61 -33.33 15.15
N ALA A 1036 9.88 -32.89 15.16
CA ALA A 1036 10.98 -33.83 15.04
C ALA A 1036 11.14 -34.70 16.28
N MET A 1037 10.79 -34.16 17.45
CA MET A 1037 10.86 -34.96 18.67
C MET A 1037 9.87 -36.12 18.65
N THR A 1038 8.84 -36.05 17.81
CA THR A 1038 7.93 -37.17 17.66
C THR A 1038 8.63 -38.39 17.08
N SER A 1039 9.66 -38.18 16.27
CA SER A 1039 10.46 -39.28 15.75
C SER A 1039 11.09 -40.11 16.87
N ILE A 1040 11.46 -39.45 17.96
CA ILE A 1040 12.03 -40.18 19.09
C ILE A 1040 10.94 -40.90 19.88
N GLN A 1041 9.73 -40.33 19.92
CA GLN A 1041 8.64 -40.96 20.64
C GLN A 1041 8.27 -42.31 20.04
N MET A 1042 8.39 -42.45 18.72
CA MET A 1042 7.93 -43.65 18.03
C MET A 1042 9.00 -44.71 17.88
N VAL A 1043 10.26 -44.32 17.74
CA VAL A 1043 11.35 -45.26 17.51
C VAL A 1043 11.92 -45.68 18.85
N SER A 1044 11.73 -46.95 19.22
CA SER A 1044 12.23 -47.48 20.48
C SER A 1044 12.30 -48.99 20.40
N ALA A 1045 13.22 -49.57 21.18
CA ALA A 1045 13.32 -51.01 21.31
C ALA A 1045 12.32 -51.51 22.35
N MET A 1046 11.75 -52.69 22.09
CA MET A 1046 10.73 -53.29 22.96
C MET A 1046 11.15 -54.71 23.36
N LYS A 1047 10.31 -55.34 24.17
CA LYS A 1047 10.50 -56.75 24.54
C LYS A 1047 9.43 -57.66 24.00
N SER A 1048 8.25 -57.12 23.66
CA SER A 1048 7.17 -57.96 23.21
C SER A 1048 7.01 -57.93 21.70
N THR A 1049 7.80 -57.13 21.00
CA THR A 1049 7.73 -57.04 19.56
C THR A 1049 8.97 -56.32 19.06
N SER A 1050 9.14 -56.33 17.75
CA SER A 1050 10.26 -55.67 17.06
C SER A 1050 9.90 -55.61 15.59
N ILE A 1051 10.91 -55.33 14.76
CA ILE A 1051 10.79 -55.39 13.31
C ILE A 1051 11.49 -56.61 12.71
N LEU A 1052 12.40 -57.26 13.45
CA LEU A 1052 13.08 -58.50 13.10
C LEU A 1052 12.62 -59.64 13.98
N PRO A 1053 12.30 -60.81 13.39
CA PRO A 1053 11.81 -61.94 14.19
C PRO A 1053 12.87 -62.59 15.06
N ASP A 1054 14.16 -62.45 14.72
CA ASP A 1054 15.26 -62.98 15.51
C ASP A 1054 15.71 -62.06 16.65
N GLN A 1055 15.73 -60.75 16.45
CA GLN A 1055 16.25 -59.84 17.48
C GLN A 1055 15.16 -58.91 17.98
N ASN A 1056 15.60 -57.97 18.82
CA ASN A 1056 14.74 -57.03 19.51
C ASN A 1056 15.40 -55.66 19.37
N ILE A 1057 15.12 -54.97 18.27
CA ILE A 1057 15.77 -53.70 17.98
C ILE A 1057 14.75 -52.59 17.95
N ALA A 1058 15.15 -51.42 17.45
CA ALA A 1058 14.24 -50.27 17.42
C ALA A 1058 13.14 -50.51 16.40
N ALA A 1059 11.93 -50.11 16.76
CA ALA A 1059 10.75 -50.36 15.94
C ALA A 1059 9.81 -49.17 16.06
N MET A 1060 9.57 -48.52 14.93
CA MET A 1060 8.70 -47.34 14.91
C MET A 1060 7.25 -47.73 15.18
N ALA A 1061 6.71 -47.23 16.28
CA ALA A 1061 5.32 -47.45 16.62
C ALA A 1061 4.43 -46.63 15.71
N ALA A 1062 3.20 -47.12 15.51
CA ALA A 1062 2.22 -46.38 14.73
C ALA A 1062 1.70 -45.18 15.51
N GLY A 1063 1.41 -45.36 16.79
CA GLY A 1063 0.93 -44.27 17.62
C GLY A 1063 0.96 -44.67 19.08
N LEU A 1064 0.98 -43.64 19.94
CA LEU A 1064 0.98 -43.88 21.37
C LEU A 1064 -0.35 -43.46 21.98
N PRO A 1065 -0.90 -44.23 22.92
CA PRO A 1065 -0.33 -45.49 23.42
C PRO A 1065 -0.96 -46.74 22.81
N HIS A 1066 -1.97 -46.58 21.97
CA HIS A 1066 -2.77 -47.70 21.50
C HIS A 1066 -2.17 -48.44 20.32
N PHE A 1067 -0.97 -48.07 19.87
CA PHE A 1067 -0.30 -48.78 18.78
C PHE A 1067 1.19 -48.91 19.13
N SER A 1068 1.49 -49.58 20.24
CA SER A 1068 2.87 -49.62 20.73
C SER A 1068 3.34 -50.98 21.23
N THR A 1069 2.45 -51.92 21.52
CA THR A 1069 2.86 -53.19 22.13
C THR A 1069 2.34 -54.37 21.32
N ASN A 1070 3.14 -55.42 21.27
CA ASN A 1070 2.79 -56.71 20.64
C ASN A 1070 2.53 -56.46 19.15
N TYR A 1071 1.53 -57.13 18.57
CA TYR A 1071 1.23 -57.05 17.14
C TYR A 1071 0.68 -55.69 16.71
N MET A 1072 0.28 -54.84 17.64
CA MET A 1072 -0.36 -53.58 17.31
C MET A 1072 0.64 -52.45 17.06
N ARG A 1073 1.93 -52.70 17.20
CA ARG A 1073 2.91 -51.61 17.10
C ARG A 1073 3.21 -51.28 15.64
N CYS A 1074 3.88 -52.19 14.94
CA CYS A 1074 4.38 -51.93 13.60
C CYS A 1074 3.32 -52.23 12.56
N TRP A 1075 3.08 -51.26 11.67
CA TRP A 1075 2.19 -51.42 10.53
C TRP A 1075 2.92 -50.96 9.28
N GLY A 1076 3.05 -51.85 8.30
CA GLY A 1076 3.83 -51.53 7.11
C GLY A 1076 3.34 -50.29 6.40
N ARG A 1077 2.01 -50.15 6.27
CA ARG A 1077 1.46 -48.94 5.69
C ARG A 1077 1.85 -47.71 6.50
N ASP A 1078 1.69 -47.78 7.83
CA ASP A 1078 1.97 -46.63 8.67
C ASP A 1078 3.45 -46.30 8.74
N VAL A 1079 4.31 -47.32 8.70
CA VAL A 1079 5.74 -47.10 8.88
C VAL A 1079 6.31 -46.30 7.72
N PHE A 1080 5.99 -46.70 6.49
CA PHE A 1080 6.63 -46.13 5.31
C PHE A 1080 5.97 -44.84 4.82
N ILE A 1081 4.79 -44.49 5.34
CA ILE A 1081 4.27 -43.15 5.10
C ILE A 1081 5.03 -42.13 5.94
N SER A 1082 5.44 -42.53 7.15
CA SER A 1082 6.16 -41.66 8.07
C SER A 1082 7.67 -41.79 7.96
N LEU A 1083 8.17 -42.70 7.12
CA LEU A 1083 9.61 -42.94 7.06
C LEU A 1083 10.36 -41.71 6.55
N ARG A 1084 9.82 -41.05 5.51
CA ARG A 1084 10.51 -39.89 4.97
C ARG A 1084 10.51 -38.72 5.95
N GLY A 1085 9.40 -38.53 6.65
CA GLY A 1085 9.28 -37.42 7.57
C GLY A 1085 10.03 -37.62 8.88
N LEU A 1086 9.81 -38.76 9.54
CA LEU A 1086 10.37 -38.99 10.87
C LEU A 1086 11.81 -39.48 10.84
N LEU A 1087 12.26 -40.05 9.73
CA LEU A 1087 13.60 -40.63 9.67
C LEU A 1087 14.51 -39.96 8.64
N LEU A 1088 14.00 -39.64 7.45
CA LEU A 1088 14.85 -39.05 6.42
C LEU A 1088 15.01 -37.55 6.62
N THR A 1089 13.92 -36.84 6.93
CA THR A 1089 14.02 -35.40 7.19
C THR A 1089 14.89 -35.14 8.42
N THR A 1090 14.85 -36.03 9.41
CA THR A 1090 15.62 -35.85 10.64
C THR A 1090 17.05 -36.33 10.52
N GLY A 1091 17.35 -37.20 9.56
CA GLY A 1091 18.70 -37.72 9.39
C GLY A 1091 18.91 -39.13 9.89
N ARG A 1092 17.88 -39.79 10.41
CA ARG A 1092 17.99 -41.17 10.86
C ARG A 1092 18.13 -42.12 9.67
N TYR A 1093 19.28 -42.09 9.00
CA TYR A 1093 19.46 -42.86 7.77
C TYR A 1093 19.58 -44.35 8.06
N GLU A 1094 20.45 -44.72 9.00
CA GLU A 1094 20.64 -46.14 9.30
C GLU A 1094 19.39 -46.79 9.86
N GLU A 1095 18.59 -46.03 10.61
CA GLU A 1095 17.35 -46.59 11.14
C GLU A 1095 16.28 -46.71 10.05
N ALA A 1096 16.31 -45.82 9.05
CA ALA A 1096 15.39 -45.95 7.94
C ALA A 1096 15.73 -47.15 7.07
N LYS A 1097 17.02 -47.51 6.99
CA LYS A 1097 17.41 -48.69 6.24
C LYS A 1097 16.97 -49.97 6.94
N GLU A 1098 17.09 -50.01 8.26
CA GLU A 1098 16.70 -51.20 9.02
C GLU A 1098 15.23 -51.54 8.80
N HIS A 1099 14.37 -50.53 8.70
CA HIS A 1099 12.95 -50.78 8.52
C HIS A 1099 12.65 -51.25 7.09
N ILE A 1100 13.37 -50.71 6.10
CA ILE A 1100 13.18 -51.15 4.73
C ILE A 1100 13.64 -52.60 4.57
N LEU A 1101 14.77 -52.95 5.22
CA LEU A 1101 15.27 -54.32 5.13
C LEU A 1101 14.37 -55.29 5.89
N ALA A 1102 13.86 -54.86 7.05
CA ALA A 1102 13.05 -55.75 7.88
C ALA A 1102 11.78 -56.17 7.16
N PHE A 1103 11.07 -55.21 6.57
CA PHE A 1103 9.85 -55.54 5.82
C PHE A 1103 10.16 -56.25 4.50
N ALA A 1104 11.36 -56.05 3.94
CA ALA A 1104 11.74 -56.72 2.70
C ALA A 1104 11.78 -58.23 2.86
N LYS A 1105 11.99 -58.72 4.09
CA LYS A 1105 11.99 -60.13 4.42
C LYS A 1105 10.60 -60.74 4.39
N THR A 1106 9.55 -59.94 4.54
CA THR A 1106 8.20 -60.44 4.66
C THR A 1106 7.40 -60.25 3.38
N LEU A 1107 8.05 -60.20 2.22
CA LEU A 1107 7.31 -60.08 0.98
C LEU A 1107 6.59 -61.38 0.67
N LYS A 1108 5.37 -61.23 0.14
CA LYS A 1108 4.51 -62.34 -0.19
C LYS A 1108 3.36 -61.86 -1.05
N HIS A 1109 2.97 -62.69 -2.03
CA HIS A 1109 2.05 -62.33 -3.09
C HIS A 1109 2.53 -61.11 -3.85
N GLY A 1110 3.85 -60.84 -3.79
CA GLY A 1110 4.39 -59.60 -4.31
C GLY A 1110 3.93 -58.37 -3.56
N LEU A 1111 3.44 -58.54 -2.33
CA LEU A 1111 2.87 -57.44 -1.56
C LEU A 1111 3.57 -57.33 -0.22
N ILE A 1112 3.53 -56.13 0.35
CA ILE A 1112 4.06 -55.88 1.69
C ILE A 1112 2.93 -55.98 2.70
N PRO A 1113 3.12 -56.70 3.80
CA PRO A 1113 2.05 -56.85 4.79
C PRO A 1113 1.82 -55.60 5.60
N ASN A 1114 0.54 -55.33 5.90
CA ASN A 1114 0.21 -54.24 6.82
C ASN A 1114 0.58 -54.59 8.26
N LEU A 1115 -0.08 -55.60 8.82
CA LEU A 1115 0.21 -55.97 10.21
C LEU A 1115 1.47 -56.81 10.20
N LEU A 1116 2.52 -56.24 10.77
CA LEU A 1116 3.80 -56.92 10.88
C LEU A 1116 3.93 -57.44 12.30
N ASP A 1117 3.79 -58.74 12.45
CA ASP A 1117 4.00 -59.38 13.75
C ASP A 1117 5.48 -59.69 13.95
N ALA A 1118 6.30 -58.64 13.87
CA ALA A 1118 7.76 -58.70 13.96
C ALA A 1118 8.39 -59.64 12.94
N GLY A 1119 7.67 -60.00 11.87
CA GLY A 1119 8.21 -60.90 10.88
C GLY A 1119 7.86 -62.36 11.05
N ARG A 1120 6.87 -62.67 11.88
CA ARG A 1120 6.37 -64.04 12.04
C ARG A 1120 4.85 -64.01 11.89
N ASN A 1121 4.36 -64.67 10.84
CA ASN A 1121 2.93 -64.68 10.52
C ASN A 1121 2.36 -63.26 10.38
N PRO A 1122 2.84 -62.46 9.44
CA PRO A 1122 2.23 -61.15 9.20
C PRO A 1122 0.94 -61.27 8.41
N ARG A 1123 0.17 -60.19 8.41
CA ARG A 1123 -1.13 -60.13 7.75
C ARG A 1123 -0.99 -59.47 6.39
N TYR A 1124 -1.46 -60.15 5.35
CA TYR A 1124 -1.33 -59.65 3.99
C TYR A 1124 -2.67 -59.24 3.40
N ASN A 1125 -3.34 -58.30 4.06
CA ASN A 1125 -4.57 -57.71 3.54
C ASN A 1125 -4.35 -56.25 3.12
N ALA A 1126 -3.12 -55.93 2.74
CA ALA A 1126 -2.71 -54.57 2.43
C ALA A 1126 -2.35 -54.46 0.96
N ARG A 1127 -3.29 -53.98 0.15
CA ARG A 1127 -2.99 -53.58 -1.21
C ARG A 1127 -2.32 -52.22 -1.28
N ASP A 1128 -2.22 -51.52 -0.16
CA ASP A 1128 -1.63 -50.19 -0.07
C ASP A 1128 -0.16 -50.22 0.33
N ALA A 1129 0.22 -51.14 1.23
CA ALA A 1129 1.52 -51.07 1.89
C ALA A 1129 2.67 -51.27 0.91
N ALA A 1130 2.50 -52.12 -0.10
CA ALA A 1130 3.60 -52.44 -1.00
C ALA A 1130 4.07 -51.21 -1.78
N TRP A 1131 3.14 -50.29 -2.09
CA TRP A 1131 3.49 -49.14 -2.91
C TRP A 1131 3.93 -47.93 -2.07
N PHE A 1132 3.47 -47.84 -0.81
CA PHE A 1132 4.08 -46.90 0.11
C PHE A 1132 5.48 -47.37 0.50
N PHE A 1133 5.71 -48.69 0.50
CA PHE A 1133 7.03 -49.23 0.79
C PHE A 1133 8.00 -48.95 -0.35
N VAL A 1134 7.57 -49.18 -1.59
CA VAL A 1134 8.44 -48.92 -2.73
C VAL A 1134 8.66 -47.42 -2.94
N GLN A 1135 7.77 -46.59 -2.38
CA GLN A 1135 7.97 -45.15 -2.44
C GLN A 1135 9.01 -44.71 -1.39
N ALA A 1136 9.00 -45.34 -0.22
CA ALA A 1136 9.99 -45.03 0.80
C ALA A 1136 11.39 -45.42 0.34
N ILE A 1137 11.50 -46.47 -0.48
CA ILE A 1137 12.81 -46.83 -1.04
C ILE A 1137 13.30 -45.72 -1.96
N GLN A 1138 12.41 -45.18 -2.81
CA GLN A 1138 12.79 -44.06 -3.66
C GLN A 1138 13.16 -42.84 -2.83
N ASP A 1139 12.40 -42.57 -1.77
CA ASP A 1139 12.73 -41.44 -0.91
C ASP A 1139 14.08 -41.64 -0.24
N TYR A 1140 14.41 -42.89 0.11
CA TYR A 1140 15.70 -43.18 0.70
C TYR A 1140 16.83 -42.92 -0.29
N VAL A 1141 16.70 -43.46 -1.52
CA VAL A 1141 17.76 -43.32 -2.51
C VAL A 1141 17.92 -41.85 -2.92
N THR A 1142 16.82 -41.11 -2.98
CA THR A 1142 16.88 -39.71 -3.39
C THR A 1142 17.61 -38.86 -2.36
N ILE A 1143 17.38 -39.13 -1.07
CA ILE A 1143 17.87 -38.25 -0.01
C ILE A 1143 19.19 -38.73 0.55
N VAL A 1144 19.29 -40.01 0.91
CA VAL A 1144 20.49 -40.51 1.58
C VAL A 1144 21.68 -40.43 0.62
N PRO A 1145 22.80 -39.82 1.02
CA PRO A 1145 23.99 -39.83 0.16
C PRO A 1145 24.49 -41.25 -0.05
N GLY A 1146 24.69 -41.62 -1.31
CA GLY A 1146 25.00 -42.99 -1.64
C GLY A 1146 23.88 -43.95 -1.35
N GLY A 1147 22.62 -43.48 -1.43
CA GLY A 1147 21.48 -44.31 -1.11
C GLY A 1147 21.26 -45.46 -2.07
N VAL A 1148 21.90 -45.42 -3.24
CA VAL A 1148 21.78 -46.52 -4.20
C VAL A 1148 22.35 -47.81 -3.63
N SER A 1149 23.20 -47.70 -2.60
CA SER A 1149 23.74 -48.89 -1.94
C SER A 1149 22.65 -49.76 -1.34
N LEU A 1150 21.48 -49.19 -1.08
CA LEU A 1150 20.37 -49.97 -0.54
C LEU A 1150 19.88 -51.02 -1.52
N LEU A 1151 20.00 -50.75 -2.82
CA LEU A 1151 19.44 -51.66 -3.83
C LEU A 1151 20.11 -53.03 -3.79
N GLN A 1152 21.40 -53.09 -3.49
CA GLN A 1152 22.12 -54.36 -3.47
C GLN A 1152 22.26 -54.93 -2.07
N GLU A 1153 21.54 -54.39 -1.10
CA GLU A 1153 21.51 -54.99 0.23
C GLU A 1153 20.70 -56.27 0.18
N LYS A 1154 21.27 -57.35 0.70
CA LYS A 1154 20.62 -58.66 0.65
C LYS A 1154 19.91 -58.94 1.97
N VAL A 1155 18.61 -59.11 1.91
CA VAL A 1155 17.81 -59.52 3.06
C VAL A 1155 17.53 -61.02 2.95
N THR A 1156 17.53 -61.71 4.08
CA THR A 1156 17.21 -63.15 4.09
C THR A 1156 15.70 -63.28 4.09
N ARG A 1157 15.14 -63.53 2.91
CA ARG A 1157 13.70 -63.49 2.75
C ARG A 1157 12.98 -64.64 3.44
N ARG A 1158 12.29 -64.34 4.53
CA ARG A 1158 11.43 -65.33 5.15
C ARG A 1158 10.25 -65.59 4.23
N PHE A 1159 9.67 -66.79 4.35
CA PHE A 1159 8.54 -67.28 3.56
C PHE A 1159 9.01 -67.53 2.13
N PRO A 1160 8.60 -68.62 1.49
CA PRO A 1160 9.16 -68.94 0.17
C PRO A 1160 8.67 -67.97 -0.90
N LEU A 1161 9.33 -68.05 -2.07
CA LEU A 1161 9.01 -67.18 -3.18
C LEU A 1161 7.65 -67.52 -3.80
N ASP A 1162 7.31 -68.80 -3.85
CA ASP A 1162 6.05 -69.32 -4.38
C ASP A 1162 4.86 -69.15 -3.44
N ASP A 1163 4.88 -68.14 -2.55
CA ASP A 1163 3.79 -67.90 -1.58
C ASP A 1163 3.28 -69.22 -1.00
N GLU A 1164 4.15 -69.89 -0.22
CA GLU A 1164 3.82 -71.24 0.20
C GLU A 1164 2.96 -71.18 1.45
N TYR A 1165 3.52 -71.54 2.60
CA TYR A 1165 2.77 -71.49 3.83
C TYR A 1165 3.61 -70.80 4.90
N ILE A 1166 2.98 -70.57 6.06
CA ILE A 1166 3.64 -69.98 7.22
C ILE A 1166 4.69 -70.98 7.71
N PRO A 1167 5.98 -70.65 7.62
CA PRO A 1167 7.02 -71.64 7.93
C PRO A 1167 7.96 -71.15 9.03
N TYR A 1168 7.41 -70.61 10.14
CA TYR A 1168 8.30 -69.95 11.09
C TYR A 1168 9.33 -70.93 11.64
N ASP A 1169 8.91 -72.15 11.96
CA ASP A 1169 9.85 -73.18 12.35
C ASP A 1169 10.48 -73.86 11.13
N ASP A 1170 9.67 -74.19 10.11
CA ASP A 1170 10.14 -74.88 8.91
C ASP A 1170 11.44 -74.24 8.44
N PRO A 1171 12.50 -75.03 8.25
CA PRO A 1171 13.81 -74.47 7.86
C PRO A 1171 13.85 -73.76 6.51
N LYS A 1172 12.78 -73.88 5.73
CA LYS A 1172 12.70 -73.13 4.47
C LYS A 1172 12.31 -71.67 4.69
N ALA A 1173 12.42 -71.17 5.93
CA ALA A 1173 12.18 -69.76 6.25
C ALA A 1173 13.37 -68.89 5.84
N PHE A 1174 14.46 -68.97 6.61
CA PHE A 1174 15.72 -68.31 6.26
C PHE A 1174 16.08 -68.58 4.80
N SER A 1175 16.32 -69.86 4.48
CA SER A 1175 16.38 -70.34 3.11
C SER A 1175 17.26 -69.47 2.21
N TYR A 1176 16.63 -68.68 1.36
CA TYR A 1176 17.27 -67.85 0.34
C TYR A 1176 17.25 -66.38 0.70
N SER A 1177 18.10 -65.61 0.01
CA SER A 1177 18.21 -64.16 0.15
C SER A 1177 17.71 -63.44 -1.10
N SER A 1178 17.29 -62.18 -0.92
CA SER A 1178 16.79 -61.31 -1.98
C SER A 1178 17.39 -59.92 -1.81
N THR A 1179 17.75 -59.29 -2.93
CA THR A 1179 18.22 -57.91 -2.91
C THR A 1179 17.03 -56.96 -3.01
N ILE A 1180 17.25 -55.69 -2.61
CA ILE A 1180 16.19 -54.68 -2.65
C ILE A 1180 15.80 -54.36 -4.10
N GLU A 1181 16.80 -54.26 -5.00
CA GLU A 1181 16.48 -54.16 -6.41
C GLU A 1181 15.59 -55.30 -6.87
N GLU A 1182 15.88 -56.52 -6.40
CA GLU A 1182 15.06 -57.67 -6.74
C GLU A 1182 13.66 -57.54 -6.13
N ILE A 1183 13.56 -57.06 -4.89
CA ILE A 1183 12.27 -56.90 -4.24
C ILE A 1183 11.37 -55.95 -5.03
N ILE A 1184 11.95 -54.83 -5.50
CA ILE A 1184 11.18 -53.85 -6.28
C ILE A 1184 10.60 -54.50 -7.53
N TYR A 1185 11.44 -55.15 -8.33
CA TYR A 1185 11.00 -55.83 -9.55
C TYR A 1185 9.99 -56.93 -9.26
N GLU A 1186 10.19 -57.67 -8.17
CA GLU A 1186 9.24 -58.69 -7.75
C GLU A 1186 7.85 -58.11 -7.53
N ILE A 1187 7.77 -56.93 -6.93
CA ILE A 1187 6.47 -56.26 -6.75
C ILE A 1187 5.88 -55.82 -8.09
N LEU A 1188 6.68 -55.13 -8.91
CA LEU A 1188 6.17 -54.65 -10.20
C LEU A 1188 5.71 -55.79 -11.09
N ASN A 1189 6.53 -56.85 -11.20
CA ASN A 1189 6.23 -57.95 -12.10
C ASN A 1189 5.10 -58.83 -11.60
N ARG A 1190 4.98 -59.02 -10.29
CA ARG A 1190 3.94 -59.87 -9.75
C ARG A 1190 2.56 -59.25 -9.94
N HIS A 1191 2.46 -57.94 -9.76
CA HIS A 1191 1.21 -57.23 -10.06
C HIS A 1191 0.82 -57.40 -11.52
N ALA A 1192 1.79 -57.17 -12.42
CA ALA A 1192 1.56 -57.27 -13.85
C ALA A 1192 1.11 -58.67 -14.24
N GLY A 1193 1.90 -59.68 -13.85
CA GLY A 1193 1.56 -61.06 -14.13
C GLY A 1193 0.31 -61.57 -13.44
N GLY A 1194 -0.31 -60.75 -12.59
CA GLY A 1194 -1.50 -61.14 -11.87
C GLY A 1194 -1.23 -62.01 -10.66
N ILE A 1195 -1.99 -61.81 -9.58
CA ILE A 1195 -1.87 -62.62 -8.37
C ILE A 1195 -3.21 -63.30 -8.08
N LYS A 1196 -3.18 -64.18 -7.07
CA LYS A 1196 -4.37 -64.91 -6.62
C LYS A 1196 -4.06 -65.63 -5.31
N TYR A 1197 -4.75 -65.23 -4.24
CA TYR A 1197 -4.52 -65.88 -2.95
C TYR A 1197 -5.73 -65.66 -2.06
N ARG A 1198 -6.01 -66.66 -1.22
CA ARG A 1198 -6.86 -66.50 -0.05
C ARG A 1198 -5.94 -66.32 1.15
N GLU A 1199 -6.39 -65.54 2.14
CA GLU A 1199 -5.53 -65.15 3.24
C GLU A 1199 -4.95 -66.35 3.98
N ALA A 1200 -3.65 -66.31 4.24
CA ALA A 1200 -2.98 -67.42 4.91
C ALA A 1200 -3.58 -67.61 6.30
N ASN A 1201 -3.69 -68.88 6.72
CA ASN A 1201 -4.36 -69.25 7.97
C ASN A 1201 -5.77 -68.67 8.00
N ALA A 1202 -6.44 -68.75 6.85
CA ALA A 1202 -7.77 -68.16 6.72
C ALA A 1202 -8.73 -68.76 7.74
N GLY A 1203 -9.49 -67.89 8.37
CA GLY A 1203 -10.50 -68.25 9.33
C GLY A 1203 -10.77 -67.11 10.29
N PRO A 1204 -11.74 -67.29 11.17
CA PRO A 1204 -11.98 -66.28 12.21
C PRO A 1204 -10.78 -66.06 13.11
N ASN A 1205 -9.98 -67.11 13.32
CA ASN A 1205 -8.76 -67.01 14.12
C ASN A 1205 -7.98 -65.73 13.79
N LEU A 1206 -7.88 -65.39 12.51
CA LEU A 1206 -7.29 -64.11 12.15
C LEU A 1206 -8.29 -62.98 12.39
N ASP A 1207 -9.29 -62.86 11.52
CA ASP A 1207 -10.26 -61.77 11.63
C ASP A 1207 -11.56 -62.45 12.01
N ARG A 1208 -11.99 -62.20 13.24
CA ARG A 1208 -13.19 -62.87 13.72
C ARG A 1208 -14.46 -62.26 13.18
N VAL A 1209 -14.37 -61.24 12.33
CA VAL A 1209 -15.57 -60.64 11.75
C VAL A 1209 -15.54 -60.68 10.23
N MET A 1210 -14.39 -60.81 9.59
CA MET A 1210 -14.32 -60.87 8.13
C MET A 1210 -15.06 -62.10 7.61
N LYS A 1211 -15.88 -61.89 6.58
CA LYS A 1211 -16.64 -62.95 5.94
C LYS A 1211 -15.71 -63.90 5.18
N ASP A 1212 -16.24 -65.09 4.88
CA ASP A 1212 -15.45 -66.13 4.21
C ASP A 1212 -14.92 -65.69 2.85
N GLU A 1213 -15.78 -65.05 2.04
CA GLU A 1213 -15.33 -64.52 0.76
C GLU A 1213 -14.37 -63.34 0.93
N GLY A 1214 -14.38 -62.69 2.09
CA GLY A 1214 -13.52 -61.55 2.35
C GLY A 1214 -12.03 -61.89 2.40
N PHE A 1215 -11.69 -63.11 2.83
CA PHE A 1215 -10.30 -63.53 2.88
C PHE A 1215 -9.66 -63.70 1.49
N ASN A 1216 -10.43 -64.05 0.46
CA ASN A 1216 -9.85 -64.11 -0.88
C ASN A 1216 -9.91 -62.73 -1.54
N VAL A 1217 -8.85 -61.96 -1.35
CA VAL A 1217 -8.74 -60.64 -1.99
C VAL A 1217 -7.85 -60.80 -3.21
N GLU A 1218 -7.94 -59.87 -4.15
CA GLU A 1218 -7.02 -60.03 -5.27
C GLU A 1218 -6.73 -58.69 -5.92
N VAL A 1219 -5.70 -58.71 -6.76
CA VAL A 1219 -5.18 -57.52 -7.41
C VAL A 1219 -4.84 -57.88 -8.84
N ASN A 1220 -5.36 -57.10 -9.78
CA ASN A 1220 -5.07 -57.33 -11.19
C ASN A 1220 -4.93 -55.99 -11.88
N VAL A 1221 -4.11 -55.96 -12.94
CA VAL A 1221 -3.81 -54.74 -13.67
C VAL A 1221 -4.58 -54.77 -14.98
N ASP A 1222 -5.48 -53.82 -15.17
CA ASP A 1222 -6.12 -53.62 -16.47
C ASP A 1222 -5.11 -53.02 -17.42
N TRP A 1223 -4.55 -53.85 -18.30
CA TRP A 1223 -3.50 -53.38 -19.20
C TRP A 1223 -3.99 -52.49 -20.33
N GLU A 1224 -5.30 -52.33 -20.49
CA GLU A 1224 -5.77 -51.31 -21.43
C GLU A 1224 -5.47 -49.91 -20.91
N THR A 1225 -5.55 -49.73 -19.60
CA THR A 1225 -5.31 -48.44 -18.96
C THR A 1225 -3.96 -48.38 -18.25
N GLY A 1226 -3.49 -49.50 -17.71
CA GLY A 1226 -2.29 -49.51 -16.91
C GLY A 1226 -2.52 -49.42 -15.41
N LEU A 1227 -3.76 -49.19 -14.99
CA LEU A 1227 -4.13 -49.08 -13.59
C LEU A 1227 -4.15 -50.43 -12.91
N ILE A 1228 -3.84 -50.43 -11.63
CA ILE A 1228 -3.91 -51.62 -10.79
C ILE A 1228 -5.22 -51.64 -10.02
N HIS A 1229 -6.13 -52.52 -10.42
CA HIS A 1229 -7.37 -52.77 -9.70
C HIS A 1229 -7.22 -53.90 -8.70
N GLY A 1230 -8.03 -53.84 -7.65
CA GLY A 1230 -8.04 -54.86 -6.61
C GLY A 1230 -9.03 -54.63 -5.49
N GLY A 1231 -9.39 -55.70 -4.79
CA GLY A 1231 -10.34 -55.63 -3.68
C GLY A 1231 -11.70 -56.16 -4.05
N SER A 1232 -12.62 -56.00 -3.10
CA SER A 1232 -14.00 -56.46 -3.24
C SER A 1232 -14.84 -55.72 -2.20
N GLN A 1233 -16.14 -56.00 -2.18
CA GLN A 1233 -17.04 -55.41 -1.18
C GLN A 1233 -16.96 -56.07 0.19
N PHE A 1234 -16.07 -57.05 0.38
CA PHE A 1234 -15.84 -57.70 1.66
C PHE A 1234 -14.42 -57.46 2.12
N ASN A 1235 -13.82 -56.37 1.63
CA ASN A 1235 -12.39 -56.16 1.77
C ASN A 1235 -12.05 -54.82 2.42
N CYS A 1236 -10.89 -54.76 3.07
CA CYS A 1236 -10.31 -53.49 3.52
C CYS A 1236 -8.84 -53.39 3.11
N GLY A 1237 -8.56 -53.27 1.82
CA GLY A 1237 -7.13 -53.36 1.52
C GLY A 1237 -6.39 -52.05 1.41
N THR A 1238 -7.05 -50.97 1.75
CA THR A 1238 -6.50 -49.63 1.67
C THR A 1238 -6.32 -49.14 3.09
N TRP A 1239 -5.92 -47.88 3.23
CA TRP A 1239 -5.74 -47.30 4.55
C TRP A 1239 -7.07 -47.08 5.26
N MET A 1240 -8.15 -46.87 4.52
CA MET A 1240 -9.48 -46.79 5.15
C MET A 1240 -9.99 -48.21 5.37
N ASP A 1241 -9.45 -48.86 6.40
CA ASP A 1241 -9.69 -50.29 6.57
C ASP A 1241 -10.55 -50.60 7.78
N LYS A 1242 -11.65 -49.90 7.93
CA LYS A 1242 -12.56 -50.16 9.05
C LYS A 1242 -13.46 -51.35 8.73
N MET A 1243 -13.41 -52.37 9.59
CA MET A 1243 -14.26 -53.55 9.47
C MET A 1243 -15.35 -53.56 10.54
N GLY A 1244 -16.59 -53.81 10.12
CA GLY A 1244 -17.72 -53.78 11.03
C GLY A 1244 -17.61 -54.76 12.18
N GLU A 1245 -18.07 -54.30 13.36
CA GLU A 1245 -18.12 -55.10 14.59
C GLU A 1245 -19.43 -54.95 15.36
N SER A 1246 -20.49 -54.42 14.72
CA SER A 1246 -21.76 -54.17 15.38
C SER A 1246 -22.71 -55.34 15.10
N GLU A 1247 -23.23 -55.94 16.17
CA GLU A 1247 -24.26 -56.95 15.98
C GLU A 1247 -25.67 -56.37 16.08
N LYS A 1248 -25.81 -55.20 16.69
CA LYS A 1248 -27.12 -54.56 16.76
C LYS A 1248 -27.47 -53.91 15.44
N ALA A 1249 -26.52 -53.19 14.85
CA ALA A 1249 -26.81 -52.56 13.56
C ALA A 1249 -26.51 -53.47 12.40
N ASN A 1250 -26.05 -54.67 12.72
CA ASN A 1250 -25.74 -55.73 11.77
C ASN A 1250 -24.80 -55.20 10.69
N SER A 1251 -23.57 -54.89 11.12
CA SER A 1251 -22.53 -54.45 10.22
C SER A 1251 -21.28 -55.30 10.36
N VAL A 1252 -21.36 -56.38 11.14
CA VAL A 1252 -20.24 -57.31 11.33
C VAL A 1252 -19.83 -57.84 9.97
N GLY A 1253 -18.55 -57.68 9.62
CA GLY A 1253 -18.06 -58.10 8.33
C GLY A 1253 -18.19 -57.08 7.23
N VAL A 1254 -19.26 -56.29 7.24
CA VAL A 1254 -19.48 -55.22 6.27
C VAL A 1254 -18.43 -54.12 6.45
N PRO A 1255 -17.53 -53.92 5.49
CA PRO A 1255 -16.51 -52.88 5.63
C PRO A 1255 -17.11 -51.49 5.45
N GLY A 1256 -16.72 -50.57 6.34
CA GLY A 1256 -17.19 -49.19 6.23
C GLY A 1256 -16.73 -48.51 4.97
N THR A 1257 -15.48 -48.75 4.55
CA THR A 1257 -14.92 -48.15 3.34
C THR A 1257 -14.10 -49.17 2.57
N PRO A 1258 -14.76 -50.10 1.89
CA PRO A 1258 -14.03 -50.95 0.93
C PRO A 1258 -13.70 -50.16 -0.32
N ARG A 1259 -12.42 -50.18 -0.68
CA ARG A 1259 -11.90 -49.43 -1.81
C ARG A 1259 -11.42 -50.39 -2.89
N ASP A 1260 -12.37 -51.16 -3.42
CA ASP A 1260 -12.12 -52.12 -4.48
C ASP A 1260 -11.86 -51.44 -5.81
N GLY A 1261 -10.97 -52.04 -6.60
CA GLY A 1261 -10.67 -51.46 -7.89
C GLY A 1261 -9.40 -50.63 -7.90
N ALA A 1262 -9.37 -49.64 -8.79
CA ALA A 1262 -8.20 -48.79 -8.97
C ALA A 1262 -8.23 -47.68 -7.93
N ALA A 1263 -7.33 -47.76 -6.95
CA ALA A 1263 -7.15 -46.73 -5.95
C ALA A 1263 -6.15 -45.68 -6.45
N VAL A 1264 -6.44 -44.41 -6.15
CA VAL A 1264 -5.61 -43.33 -6.65
C VAL A 1264 -4.19 -43.41 -6.09
N GLU A 1265 -4.07 -43.69 -4.79
CA GLU A 1265 -2.75 -43.75 -4.16
C GLU A 1265 -1.93 -44.89 -4.73
N ILE A 1266 -2.55 -46.06 -4.91
CA ILE A 1266 -1.84 -47.21 -5.44
C ILE A 1266 -1.28 -46.91 -6.83
N ASN A 1267 -2.12 -46.37 -7.71
CA ASN A 1267 -1.69 -46.07 -9.07
C ASN A 1267 -0.76 -44.88 -9.12
N GLY A 1268 -0.96 -43.90 -8.24
CA GLY A 1268 -0.03 -42.78 -8.18
C GLY A 1268 1.35 -43.20 -7.73
N LEU A 1269 1.42 -44.10 -6.74
CA LEU A 1269 2.71 -44.64 -6.33
C LEU A 1269 3.26 -45.60 -7.37
N LEU A 1270 2.38 -46.27 -8.11
CA LEU A 1270 2.83 -47.11 -9.22
C LEU A 1270 3.54 -46.28 -10.28
N LYS A 1271 2.93 -45.15 -10.67
CA LYS A 1271 3.57 -44.26 -11.63
C LYS A 1271 4.88 -43.71 -11.07
N SER A 1272 4.91 -43.41 -9.77
CA SER A 1272 6.14 -42.93 -9.15
C SER A 1272 7.21 -44.01 -9.15
N CYS A 1273 6.82 -45.26 -8.94
CA CYS A 1273 7.78 -46.35 -8.94
C CYS A 1273 8.30 -46.63 -10.35
N LEU A 1274 7.43 -46.55 -11.36
CA LEU A 1274 7.86 -46.77 -12.73
C LEU A 1274 8.82 -45.67 -13.17
N ARG A 1275 8.52 -44.41 -12.87
CA ARG A 1275 9.44 -43.33 -13.17
C ARG A 1275 10.76 -43.50 -12.44
N PHE A 1276 10.73 -44.11 -11.24
CA PHE A 1276 11.95 -44.28 -10.47
C PHE A 1276 12.86 -45.33 -11.09
N VAL A 1277 12.29 -46.47 -11.50
CA VAL A 1277 13.12 -47.55 -12.05
C VAL A 1277 13.58 -47.25 -13.47
N LEU A 1278 12.84 -46.41 -14.20
CA LEU A 1278 13.26 -46.07 -15.56
C LEU A 1278 14.53 -45.24 -15.54
N GLN A 1279 14.52 -44.15 -14.77
CA GLN A 1279 15.70 -43.31 -14.64
C GLN A 1279 16.82 -44.06 -13.95
N LEU A 1280 16.48 -45.07 -13.13
CA LEU A 1280 17.49 -45.89 -12.47
C LEU A 1280 18.18 -46.85 -13.45
N SER A 1281 17.42 -47.51 -14.34
CA SER A 1281 18.08 -48.35 -15.34
C SER A 1281 18.95 -47.50 -16.26
N LYS A 1282 18.49 -46.29 -16.57
CA LYS A 1282 19.32 -45.38 -17.37
C LYS A 1282 20.62 -45.07 -16.65
N ASP A 1283 20.56 -44.87 -15.34
CA ASP A 1283 21.77 -44.53 -14.60
C ASP A 1283 22.64 -45.75 -14.31
N GLY A 1284 22.11 -46.94 -14.62
CA GLY A 1284 22.83 -48.18 -14.45
C GLY A 1284 22.70 -48.84 -13.09
N LYS A 1285 21.88 -48.30 -12.18
CA LYS A 1285 21.76 -48.92 -10.87
C LYS A 1285 20.66 -49.97 -10.81
N PHE A 1286 19.73 -49.94 -11.76
CA PHE A 1286 18.65 -50.90 -11.94
C PHE A 1286 18.83 -51.61 -13.28
N LYS A 1287 18.39 -52.86 -13.34
CA LYS A 1287 18.50 -53.62 -14.58
C LYS A 1287 17.17 -53.99 -15.22
N TYR A 1288 16.32 -54.72 -14.49
CA TYR A 1288 15.10 -55.30 -15.04
C TYR A 1288 14.26 -54.29 -15.80
N THR A 1289 13.95 -54.63 -17.05
CA THR A 1289 13.19 -53.77 -17.95
C THR A 1289 11.98 -54.46 -18.55
N GLU A 1290 11.74 -55.72 -18.20
CA GLU A 1290 10.63 -56.48 -18.77
C GLU A 1290 9.68 -56.90 -17.67
N VAL A 1291 8.39 -56.84 -18.00
CA VAL A 1291 7.31 -57.27 -17.12
C VAL A 1291 6.51 -58.33 -17.87
N THR A 1292 5.95 -59.27 -17.11
CA THR A 1292 5.22 -60.37 -17.72
C THR A 1292 3.77 -59.99 -18.01
N LYS A 1293 2.88 -60.98 -17.94
CA LYS A 1293 1.47 -60.82 -18.26
C LYS A 1293 0.74 -62.04 -17.70
N PRO A 1294 -0.56 -61.95 -17.39
CA PRO A 1294 -1.28 -63.16 -16.94
C PRO A 1294 -1.22 -64.29 -17.95
N ASP A 1295 -1.37 -63.98 -19.25
CA ASP A 1295 -1.22 -64.99 -20.29
C ASP A 1295 0.22 -65.46 -20.39
N GLY A 1296 1.13 -64.55 -20.76
CA GLY A 1296 2.53 -64.90 -20.88
C GLY A 1296 3.29 -63.96 -21.79
N SER A 1297 2.72 -62.78 -22.04
CA SER A 1297 3.33 -61.80 -22.92
C SER A 1297 4.40 -61.03 -22.17
N LYS A 1298 4.89 -59.94 -22.77
CA LYS A 1298 5.85 -59.09 -22.09
C LYS A 1298 5.58 -57.64 -22.43
N ILE A 1299 5.62 -56.80 -21.40
CA ILE A 1299 5.40 -55.36 -21.50
C ILE A 1299 6.63 -54.64 -20.96
N SER A 1300 7.13 -53.69 -21.74
CA SER A 1300 8.23 -52.85 -21.31
C SER A 1300 7.80 -51.95 -20.16
N LEU A 1301 8.73 -51.70 -19.24
CA LEU A 1301 8.45 -50.82 -18.11
C LEU A 1301 8.13 -49.40 -18.58
N SER A 1302 8.84 -48.92 -19.60
CA SER A 1302 8.53 -47.60 -20.14
C SER A 1302 7.15 -47.55 -20.76
N SER A 1303 6.73 -48.63 -21.43
CA SER A 1303 5.39 -48.71 -21.99
C SER A 1303 4.33 -48.69 -20.90
N TRP A 1304 4.54 -49.45 -19.82
CA TRP A 1304 3.64 -49.38 -18.67
C TRP A 1304 3.65 -47.99 -18.06
N ASN A 1305 4.82 -47.33 -18.05
CA ASN A 1305 4.90 -45.95 -17.58
C ASN A 1305 4.10 -45.02 -18.47
N ASP A 1306 4.20 -45.21 -19.80
CA ASP A 1306 3.46 -44.36 -20.72
C ASP A 1306 1.96 -44.66 -20.70
N LEU A 1307 1.58 -45.91 -20.42
CA LEU A 1307 0.17 -46.26 -20.35
C LEU A 1307 -0.54 -45.46 -19.26
N LEU A 1308 0.09 -45.37 -18.09
CA LEU A 1308 -0.48 -44.54 -17.03
C LEU A 1308 -0.47 -43.06 -17.42
N GLN A 1309 0.61 -42.61 -18.06
CA GLN A 1309 0.69 -41.21 -18.48
C GLN A 1309 -0.41 -40.85 -19.47
N GLU A 1310 -0.86 -41.83 -20.27
CA GLU A 1310 -1.88 -41.57 -21.27
C GLU A 1310 -3.29 -41.85 -20.79
N ASN A 1311 -3.46 -42.58 -19.68
CA ASN A 1311 -4.78 -43.05 -19.27
C ASN A 1311 -5.14 -42.78 -17.82
N PHE A 1312 -4.23 -42.28 -16.99
CA PHE A 1312 -4.54 -42.08 -15.57
C PHE A 1312 -5.59 -40.99 -15.39
N GLU A 1313 -5.27 -39.76 -15.79
CA GLU A 1313 -6.19 -38.65 -15.59
C GLU A 1313 -7.53 -38.88 -16.27
N ARG A 1314 -7.56 -39.64 -17.37
CA ARG A 1314 -8.81 -39.93 -18.06
C ARG A 1314 -9.77 -40.73 -17.18
N CYS A 1315 -9.23 -41.73 -16.48
CA CYS A 1315 -10.09 -42.62 -15.70
C CYS A 1315 -10.55 -41.98 -14.40
N PHE A 1316 -9.80 -41.00 -13.90
CA PHE A 1316 -10.09 -40.42 -12.59
C PHE A 1316 -10.65 -39.01 -12.65
N TYR A 1317 -10.19 -38.14 -13.55
CA TYR A 1317 -10.64 -36.76 -13.47
C TYR A 1317 -12.10 -36.65 -13.87
N VAL A 1318 -12.88 -35.95 -13.04
CA VAL A 1318 -14.27 -35.65 -13.35
C VAL A 1318 -14.30 -34.23 -13.91
N PRO A 1319 -14.48 -34.05 -15.21
CA PRO A 1319 -14.31 -32.72 -15.79
C PRO A 1319 -15.39 -31.76 -15.33
N LYS A 1320 -14.98 -30.52 -15.09
CA LYS A 1320 -15.94 -29.50 -14.75
C LYS A 1320 -16.90 -29.25 -15.90
N ASN A 1321 -16.39 -29.31 -17.13
CA ASN A 1321 -17.27 -29.10 -18.27
C ASN A 1321 -18.15 -30.33 -18.43
N LYS A 1322 -19.46 -30.13 -18.36
CA LYS A 1322 -20.39 -31.21 -18.60
C LYS A 1322 -20.33 -31.69 -20.04
N GLU A 1323 -19.73 -30.88 -20.92
CA GLU A 1323 -19.52 -31.19 -22.33
C GLU A 1323 -18.41 -32.21 -22.53
N ASP A 1324 -17.50 -32.35 -21.58
CA ASP A 1324 -16.38 -33.28 -21.66
C ASP A 1324 -16.60 -34.56 -20.84
N ASP A 1325 -17.84 -34.92 -20.55
CA ASP A 1325 -18.05 -36.23 -19.91
C ASP A 1325 -17.81 -37.36 -20.89
N ASN A 1326 -17.82 -37.07 -22.19
CA ASN A 1326 -17.52 -38.02 -23.24
C ASN A 1326 -16.04 -38.14 -23.51
N LYS A 1327 -15.22 -37.49 -22.67
CA LYS A 1327 -13.77 -37.52 -22.80
C LYS A 1327 -13.05 -38.08 -21.58
N PHE A 1328 -13.73 -38.21 -20.43
CA PHE A 1328 -13.08 -38.65 -19.20
C PHE A 1328 -13.76 -39.84 -18.52
N GLU A 1329 -14.55 -40.65 -19.22
CA GLU A 1329 -15.20 -41.85 -18.69
C GLU A 1329 -15.93 -41.55 -17.39
N ILE A 1330 -17.08 -40.89 -17.52
CA ILE A 1330 -17.88 -40.47 -16.37
C ILE A 1330 -19.34 -40.80 -16.67
N ASP A 1331 -20.02 -41.38 -15.70
CA ASP A 1331 -21.45 -41.60 -15.75
C ASP A 1331 -22.12 -40.51 -14.91
N ALA A 1332 -22.70 -39.51 -15.58
CA ALA A 1332 -23.20 -38.30 -14.95
C ALA A 1332 -24.38 -38.56 -14.01
N THR A 1333 -24.93 -39.78 -13.97
CA THR A 1333 -26.02 -40.06 -13.05
C THR A 1333 -25.51 -40.12 -11.61
N ILE A 1334 -24.28 -40.58 -11.42
CA ILE A 1334 -23.68 -40.72 -10.09
C ILE A 1334 -22.45 -39.81 -10.03
N ILE A 1335 -22.67 -38.54 -9.70
CA ILE A 1335 -21.54 -37.63 -9.45
C ILE A 1335 -22.01 -36.52 -8.51
N ASN A 1336 -21.25 -36.27 -7.44
CA ASN A 1336 -21.67 -35.25 -6.48
C ASN A 1336 -21.24 -33.88 -6.96
N ARG A 1337 -19.94 -33.71 -7.18
CA ARG A 1337 -19.34 -32.50 -7.69
C ARG A 1337 -18.36 -32.86 -8.81
N ARG A 1338 -18.14 -31.90 -9.70
CA ARG A 1338 -17.14 -31.98 -10.76
C ARG A 1338 -15.90 -31.23 -10.30
N GLY A 1339 -14.84 -31.30 -11.11
CA GLY A 1339 -13.55 -30.78 -10.70
C GLY A 1339 -12.90 -31.60 -9.62
N ILE A 1340 -13.17 -32.90 -9.61
CA ILE A 1340 -12.71 -33.81 -8.59
C ILE A 1340 -11.97 -34.94 -9.29
N TYR A 1341 -10.77 -35.25 -8.81
CA TYR A 1341 -10.12 -36.47 -9.26
C TYR A 1341 -10.75 -37.63 -8.50
N LYS A 1342 -11.28 -38.61 -9.23
CA LYS A 1342 -12.05 -39.68 -8.60
C LYS A 1342 -11.24 -40.32 -7.49
N ASP A 1343 -11.94 -40.70 -6.41
CA ASP A 1343 -11.27 -41.35 -5.29
C ASP A 1343 -11.02 -42.81 -5.56
N LEU A 1344 -11.77 -43.38 -6.50
CA LEU A 1344 -11.62 -44.76 -6.91
C LEU A 1344 -12.02 -44.88 -8.37
N TYR A 1345 -11.60 -45.96 -9.01
CA TYR A 1345 -12.01 -46.31 -10.36
C TYR A 1345 -12.46 -47.75 -10.37
N ARG A 1346 -13.57 -48.03 -11.07
CA ARG A 1346 -14.26 -49.32 -11.04
C ARG A 1346 -14.44 -49.83 -9.61
N SER A 1347 -14.98 -48.99 -8.73
CA SER A 1347 -15.25 -49.50 -7.39
C SER A 1347 -16.54 -50.33 -7.41
N GLY A 1348 -16.69 -51.19 -6.41
CA GLY A 1348 -17.87 -52.05 -6.36
C GLY A 1348 -19.15 -51.26 -6.39
N LYS A 1349 -19.32 -50.35 -5.44
CA LYS A 1349 -20.40 -49.38 -5.48
C LYS A 1349 -19.87 -48.18 -6.23
N PRO A 1350 -20.32 -47.91 -7.45
CA PRO A 1350 -19.75 -46.82 -8.25
C PRO A 1350 -19.97 -45.44 -7.68
N TYR A 1351 -20.83 -45.27 -6.67
CA TYR A 1351 -20.96 -43.94 -6.08
C TYR A 1351 -19.72 -43.58 -5.26
N GLU A 1352 -19.01 -44.58 -4.76
CA GLU A 1352 -17.74 -44.34 -4.09
C GLU A 1352 -16.64 -43.94 -5.05
N ASP A 1353 -16.71 -44.34 -6.32
CA ASP A 1353 -15.78 -43.82 -7.33
C ASP A 1353 -15.71 -42.31 -7.30
N TYR A 1354 -16.85 -41.65 -7.27
CA TYR A 1354 -16.92 -40.21 -7.42
C TYR A 1354 -17.04 -39.49 -6.09
N GLN A 1355 -16.72 -40.15 -4.98
CA GLN A 1355 -16.80 -39.49 -3.69
C GLN A 1355 -15.56 -38.64 -3.44
N PHE A 1356 -15.77 -37.45 -2.91
CA PHE A 1356 -14.69 -36.50 -2.66
C PHE A 1356 -13.98 -36.91 -1.37
N ARG A 1357 -12.84 -37.58 -1.50
CA ARG A 1357 -12.01 -38.01 -0.40
C ARG A 1357 -10.58 -37.54 -0.58
N PRO A 1358 -9.81 -37.36 0.50
CA PRO A 1358 -8.51 -36.71 0.42
C PRO A 1358 -7.38 -37.56 -0.13
N ASN A 1359 -7.67 -38.74 -0.69
CA ASN A 1359 -6.62 -39.68 -1.08
C ASN A 1359 -5.92 -39.29 -2.38
N PHE A 1360 -6.55 -38.48 -3.22
CA PHE A 1360 -5.96 -38.10 -4.49
C PHE A 1360 -4.68 -37.27 -4.30
N THR A 1361 -4.52 -36.63 -3.15
CA THR A 1361 -3.34 -35.80 -2.92
C THR A 1361 -2.07 -36.63 -2.88
N ILE A 1362 -2.17 -37.90 -2.47
CA ILE A 1362 -0.99 -38.78 -2.45
C ILE A 1362 -0.45 -38.96 -3.86
N ALA A 1363 -1.34 -39.12 -4.84
CA ALA A 1363 -0.90 -39.26 -6.23
C ALA A 1363 -0.34 -37.95 -6.77
N MET A 1364 -0.94 -36.83 -6.38
CA MET A 1364 -0.45 -35.53 -6.82
C MET A 1364 0.96 -35.25 -6.33
N VAL A 1365 1.31 -35.76 -5.15
CA VAL A 1365 2.62 -35.49 -4.57
C VAL A 1365 3.67 -36.41 -5.17
N VAL A 1366 3.38 -37.70 -5.26
CA VAL A 1366 4.38 -38.68 -5.70
C VAL A 1366 4.48 -38.80 -7.22
N ALA A 1367 3.42 -38.46 -7.95
CA ALA A 1367 3.40 -38.55 -9.41
C ALA A 1367 2.73 -37.31 -9.97
N PRO A 1368 3.39 -36.15 -9.89
CA PRO A 1368 2.78 -34.92 -10.41
C PRO A 1368 2.67 -34.89 -11.94
N GLU A 1369 3.41 -35.76 -12.64
CA GLU A 1369 3.34 -35.79 -14.09
C GLU A 1369 2.00 -36.30 -14.60
N LEU A 1370 1.23 -36.99 -13.77
CA LEU A 1370 -0.07 -37.52 -14.15
C LEU A 1370 -1.16 -36.46 -14.20
N PHE A 1371 -0.84 -35.20 -13.91
CA PHE A 1371 -1.85 -34.17 -13.73
C PHE A 1371 -1.51 -32.95 -14.60
N THR A 1372 -2.47 -32.53 -15.40
CA THR A 1372 -2.36 -31.23 -16.04
C THR A 1372 -2.51 -30.14 -14.98
N PRO A 1373 -1.65 -29.11 -15.00
CA PRO A 1373 -1.60 -28.17 -13.87
C PRO A 1373 -2.93 -27.48 -13.58
N ASP A 1374 -3.64 -27.01 -14.62
CA ASP A 1374 -4.88 -26.27 -14.39
C ASP A 1374 -5.97 -27.15 -13.80
N TYR A 1375 -6.04 -28.42 -14.24
CA TYR A 1375 -7.04 -29.33 -13.67
C TYR A 1375 -6.75 -29.63 -12.20
N ALA A 1376 -5.48 -29.88 -11.87
CA ALA A 1376 -5.12 -30.22 -10.50
C ALA A 1376 -5.28 -29.04 -9.56
N ALA A 1377 -4.89 -27.84 -10.01
CA ALA A 1377 -4.97 -26.67 -9.14
C ALA A 1377 -6.40 -26.40 -8.71
N GLY A 1378 -7.34 -26.46 -9.64
CA GLY A 1378 -8.74 -26.29 -9.28
C GLY A 1378 -9.27 -27.40 -8.41
N ALA A 1379 -8.77 -28.63 -8.60
CA ALA A 1379 -9.24 -29.75 -7.79
C ALA A 1379 -8.76 -29.64 -6.36
N ILE A 1380 -7.52 -29.18 -6.15
CA ILE A 1380 -7.01 -29.04 -4.79
C ILE A 1380 -7.51 -27.78 -4.11
N GLU A 1381 -7.99 -26.80 -4.89
CA GLU A 1381 -8.65 -25.64 -4.28
C GLU A 1381 -10.02 -26.02 -3.73
N LEU A 1382 -10.71 -26.95 -4.38
CA LEU A 1382 -11.96 -27.47 -3.82
C LEU A 1382 -11.71 -28.22 -2.52
N ALA A 1383 -10.61 -28.98 -2.45
CA ALA A 1383 -10.30 -29.72 -1.23
C ALA A 1383 -10.01 -28.76 -0.08
N ASP A 1384 -9.36 -27.62 -0.38
CA ASP A 1384 -9.09 -26.64 0.66
C ASP A 1384 -10.38 -26.05 1.22
N GLN A 1385 -11.35 -25.76 0.35
CA GLN A 1385 -12.60 -25.16 0.79
C GLN A 1385 -13.53 -26.18 1.45
N VAL A 1386 -13.50 -27.42 1.00
CA VAL A 1386 -14.50 -28.43 1.36
C VAL A 1386 -13.93 -29.45 2.33
N LEU A 1387 -12.83 -30.12 1.95
CA LEU A 1387 -12.34 -31.27 2.70
C LEU A 1387 -11.33 -30.92 3.78
N ARG A 1388 -10.84 -29.69 3.82
CA ARG A 1388 -9.79 -29.31 4.76
C ARG A 1388 -10.41 -28.87 6.08
N GLY A 1389 -10.07 -29.56 7.16
CA GLY A 1389 -10.44 -29.14 8.48
C GLY A 1389 -9.35 -28.30 9.11
N PRO A 1390 -9.51 -27.94 10.39
CA PRO A 1390 -8.50 -27.09 11.04
C PRO A 1390 -7.19 -27.81 11.30
N VAL A 1391 -7.24 -29.07 11.74
CA VAL A 1391 -6.04 -29.85 12.02
C VAL A 1391 -5.98 -31.12 11.17
N GLY A 1392 -7.13 -31.75 10.92
CA GLY A 1392 -7.19 -32.96 10.14
C GLY A 1392 -7.94 -32.75 8.84
N MET A 1393 -7.79 -33.73 7.94
CA MET A 1393 -8.41 -33.71 6.63
C MET A 1393 -9.67 -34.57 6.66
N ARG A 1394 -10.80 -33.96 6.27
CA ARG A 1394 -12.06 -34.68 6.25
C ARG A 1394 -12.01 -35.84 5.27
N THR A 1395 -12.32 -37.04 5.78
CA THR A 1395 -12.22 -38.26 4.98
C THR A 1395 -13.36 -38.42 3.98
N LEU A 1396 -14.37 -37.55 4.01
CA LEU A 1396 -15.48 -37.67 3.09
C LEU A 1396 -16.18 -36.33 2.95
N ASP A 1397 -16.62 -36.03 1.74
CA ASP A 1397 -17.30 -34.77 1.42
C ASP A 1397 -18.50 -34.57 2.34
N PRO A 1398 -18.57 -33.46 3.08
CA PRO A 1398 -19.74 -33.23 3.96
C PRO A 1398 -21.07 -33.23 3.24
N SER A 1399 -21.09 -32.98 1.93
CA SER A 1399 -22.31 -32.98 1.13
C SER A 1399 -22.79 -34.38 0.74
N ASP A 1400 -22.25 -35.43 1.37
CA ASP A 1400 -22.70 -36.79 1.11
C ASP A 1400 -23.65 -37.28 2.20
N TYR A 1401 -24.53 -38.22 1.84
CA TYR A 1401 -25.49 -38.81 2.78
C TYR A 1401 -24.80 -39.69 3.82
N ASN A 1402 -23.65 -40.26 3.48
CA ASN A 1402 -22.89 -41.08 4.40
C ASN A 1402 -21.99 -40.28 5.33
N TYR A 1403 -22.09 -38.94 5.33
CA TYR A 1403 -21.17 -38.12 6.10
C TYR A 1403 -21.54 -38.19 7.57
N ARG A 1404 -20.69 -38.87 8.34
CA ARG A 1404 -20.87 -39.03 9.79
C ARG A 1404 -19.51 -38.72 10.40
N PRO A 1405 -19.30 -37.52 10.92
CA PRO A 1405 -17.92 -37.12 11.22
C PRO A 1405 -17.52 -37.23 12.68
N TYR A 1406 -18.22 -38.06 13.45
CA TYR A 1406 -17.96 -38.24 14.86
C TYR A 1406 -17.66 -39.72 15.11
N TYR A 1407 -16.46 -40.00 15.62
CA TYR A 1407 -15.97 -41.37 15.78
C TYR A 1407 -16.16 -41.80 17.24
N ASN A 1408 -17.02 -42.80 17.45
CA ASN A 1408 -17.23 -43.40 18.77
C ASN A 1408 -17.14 -44.91 18.56
N ASN A 1409 -15.98 -45.48 18.94
CA ASN A 1409 -15.76 -46.90 18.76
C ASN A 1409 -16.53 -47.76 19.75
N GLY A 1410 -17.34 -47.14 20.62
CA GLY A 1410 -18.19 -47.85 21.56
C GLY A 1410 -19.66 -47.72 21.25
N GLU A 1411 -20.04 -47.12 20.11
CA GLU A 1411 -21.44 -47.01 19.75
C GLU A 1411 -22.10 -48.38 19.64
N ASP A 1412 -23.03 -48.66 20.55
CA ASP A 1412 -23.81 -49.89 20.55
C ASP A 1412 -25.24 -49.64 20.09
N SER A 1413 -25.40 -48.72 19.15
CA SER A 1413 -26.67 -48.28 18.62
C SER A 1413 -27.06 -49.12 17.41
N ASP A 1414 -28.16 -48.71 16.76
CA ASP A 1414 -28.74 -49.36 15.58
C ASP A 1414 -28.45 -48.62 14.27
N ASP A 1415 -27.51 -47.68 14.25
CA ASP A 1415 -27.15 -46.99 13.00
C ASP A 1415 -26.13 -47.82 12.23
N PHE A 1416 -26.49 -48.24 11.01
CA PHE A 1416 -25.64 -49.12 10.19
C PHE A 1416 -24.26 -48.54 9.91
N ALA A 1417 -24.15 -47.22 9.87
CA ALA A 1417 -22.93 -46.54 9.46
C ALA A 1417 -22.12 -45.99 10.63
N THR A 1418 -22.76 -45.66 11.74
CA THR A 1418 -22.08 -45.10 12.90
C THR A 1418 -21.70 -46.10 13.99
N SER A 1419 -22.43 -47.22 14.13
CA SER A 1419 -22.23 -48.09 15.29
C SER A 1419 -20.88 -48.78 15.25
N LYS A 1420 -20.22 -48.89 16.43
CA LYS A 1420 -18.95 -49.58 16.59
C LYS A 1420 -17.85 -49.00 15.69
N GLY A 1421 -17.94 -47.72 15.34
CA GLY A 1421 -16.91 -47.01 14.60
C GLY A 1421 -16.84 -47.23 13.10
N ARG A 1422 -17.95 -47.58 12.44
CA ARG A 1422 -17.95 -47.63 10.97
C ARG A 1422 -17.74 -46.27 10.33
N ASN A 1423 -17.81 -45.19 11.11
CA ASN A 1423 -17.62 -43.85 10.59
C ASN A 1423 -16.16 -43.55 10.26
N TYR A 1424 -15.24 -44.35 10.81
CA TYR A 1424 -13.81 -44.11 10.88
C TYR A 1424 -13.27 -43.24 9.76
N HIS A 1425 -13.61 -43.59 8.52
CA HIS A 1425 -13.12 -42.88 7.36
C HIS A 1425 -14.25 -42.29 6.52
N GLN A 1426 -15.34 -41.88 7.17
CA GLN A 1426 -16.48 -41.32 6.47
C GLN A 1426 -16.85 -39.95 7.04
N GLY A 1427 -15.85 -39.09 7.23
CA GLY A 1427 -16.09 -37.81 7.84
C GLY A 1427 -15.02 -37.33 8.80
N PRO A 1428 -14.61 -38.17 9.76
CA PRO A 1428 -13.55 -37.78 10.70
C PRO A 1428 -12.33 -37.20 9.99
N GLU A 1429 -11.61 -36.35 10.72
CA GLU A 1429 -10.52 -35.56 10.14
C GLU A 1429 -9.18 -36.15 10.59
N TRP A 1430 -8.45 -36.73 9.64
CA TRP A 1430 -7.15 -37.32 9.90
C TRP A 1430 -6.05 -36.31 9.57
N VAL A 1431 -4.97 -36.35 10.37
CA VAL A 1431 -3.98 -35.30 10.31
C VAL A 1431 -2.92 -35.54 9.22
N TRP A 1432 -2.64 -36.80 8.89
CA TRP A 1432 -1.60 -37.08 7.91
C TRP A 1432 -2.02 -36.69 6.50
N CYS A 1433 -3.31 -36.87 6.18
CA CYS A 1433 -3.80 -36.46 4.88
C CYS A 1433 -3.63 -34.96 4.68
N TYR A 1434 -3.65 -34.19 5.77
CA TYR A 1434 -3.35 -32.77 5.70
C TYR A 1434 -1.93 -32.54 5.20
N GLY A 1435 -1.00 -33.42 5.56
CA GLY A 1435 0.37 -33.29 5.10
C GLY A 1435 0.50 -33.44 3.59
N TYR A 1436 -0.02 -34.55 3.05
CA TYR A 1436 -0.01 -34.74 1.60
C TYR A 1436 -0.81 -33.65 0.89
N PHE A 1437 -1.85 -33.13 1.53
CA PHE A 1437 -2.66 -32.08 0.92
C PHE A 1437 -1.85 -30.81 0.72
N ILE A 1438 -1.27 -30.27 1.79
CA ILE A 1438 -0.57 -29.00 1.71
C ILE A 1438 0.75 -29.13 0.95
N ARG A 1439 1.32 -30.34 0.88
CA ARG A 1439 2.51 -30.54 0.06
C ARG A 1439 2.20 -30.34 -1.42
N ALA A 1440 1.03 -30.80 -1.87
CA ALA A 1440 0.59 -30.58 -3.23
C ALA A 1440 -0.10 -29.24 -3.41
N TYR A 1441 -0.75 -28.73 -2.36
CA TYR A 1441 -1.30 -27.38 -2.41
C TYR A 1441 -0.21 -26.35 -2.64
N HIS A 1442 0.97 -26.58 -2.06
CA HIS A 1442 2.10 -25.69 -2.29
C HIS A 1442 2.66 -25.87 -3.69
N TYR A 1443 2.71 -27.10 -4.19
CA TYR A 1443 3.36 -27.35 -5.46
C TYR A 1443 2.54 -26.82 -6.63
N PHE A 1444 1.24 -27.11 -6.65
CA PHE A 1444 0.43 -26.73 -7.81
C PHE A 1444 0.00 -25.26 -7.77
N ASN A 1445 -0.05 -24.65 -6.59
CA ASN A 1445 -0.19 -23.21 -6.53
C ASN A 1445 1.08 -22.50 -7.00
N PHE A 1446 2.22 -23.17 -6.94
CA PHE A 1446 3.45 -22.57 -7.43
C PHE A 1446 3.52 -22.64 -8.96
N LEU A 1447 2.85 -23.61 -9.57
CA LEU A 1447 2.85 -23.70 -11.01
C LEU A 1447 1.76 -22.84 -11.63
N THR A 1448 0.64 -22.70 -10.92
CA THR A 1448 -0.52 -22.03 -11.50
C THR A 1448 -0.54 -20.54 -11.17
N ASN A 1449 -0.96 -20.22 -9.93
CA ASN A 1449 -1.18 -18.83 -9.52
C ASN A 1449 0.13 -18.08 -9.63
N PRO A 1450 0.24 -17.08 -10.51
CA PRO A 1450 1.50 -16.34 -10.62
C PRO A 1450 1.80 -15.49 -9.41
N LYS A 1451 0.80 -15.13 -8.59
CA LYS A 1451 1.10 -14.35 -7.40
C LYS A 1451 1.89 -15.16 -6.40
N CYS A 1452 1.89 -16.48 -6.55
CA CYS A 1452 2.61 -17.39 -5.68
C CYS A 1452 4.01 -17.63 -6.15
N GLN A 1453 4.51 -16.77 -7.04
CA GLN A 1453 5.83 -16.91 -7.63
C GLN A 1453 6.59 -15.60 -7.51
N VAL A 1454 7.90 -15.73 -7.25
CA VAL A 1454 8.80 -14.59 -7.19
C VAL A 1454 10.17 -15.07 -7.66
N GLU A 1455 10.96 -14.13 -8.20
CA GLU A 1455 12.28 -14.41 -8.75
C GLU A 1455 13.37 -13.95 -7.77
N GLY A 1456 14.53 -13.57 -8.31
CA GLY A 1456 15.62 -13.08 -7.49
C GLY A 1456 16.96 -13.75 -7.71
N SER A 1457 17.36 -14.59 -6.76
CA SER A 1457 18.65 -15.26 -6.84
C SER A 1457 18.75 -16.17 -8.06
N ALA A 1458 19.77 -15.91 -8.90
CA ALA A 1458 20.01 -16.66 -10.13
C ALA A 1458 18.80 -16.65 -11.05
N LYS A 1459 17.92 -15.65 -10.88
CA LYS A 1459 16.65 -15.55 -11.59
C LYS A 1459 15.93 -16.90 -11.54
N LYS A 1460 15.98 -17.53 -10.37
CA LYS A 1460 15.31 -18.80 -10.15
C LYS A 1460 14.05 -18.58 -9.34
N LEU A 1461 13.00 -19.29 -9.74
CA LEU A 1461 11.68 -19.08 -9.18
C LEU A 1461 11.59 -19.70 -7.79
N LYS A 1462 11.45 -18.84 -6.78
CA LYS A 1462 11.18 -19.18 -5.39
C LYS A 1462 9.78 -18.71 -5.02
N PRO A 1463 9.09 -19.37 -4.09
CA PRO A 1463 7.71 -18.98 -3.79
C PRO A 1463 7.65 -17.56 -3.26
N SER A 1464 6.55 -16.88 -3.56
CA SER A 1464 6.35 -15.54 -3.06
C SER A 1464 5.97 -15.58 -1.58
N SER A 1465 6.12 -14.43 -0.93
CA SER A 1465 5.65 -14.30 0.43
C SER A 1465 4.13 -14.48 0.51
N TYR A 1466 3.42 -14.21 -0.59
CA TYR A 1466 1.98 -14.47 -0.64
C TYR A 1466 1.68 -15.95 -0.46
N LEU A 1467 2.51 -16.82 -1.04
CA LEU A 1467 2.28 -18.27 -0.88
C LEU A 1467 2.72 -18.74 0.49
N TYR A 1468 3.87 -18.26 0.98
CA TYR A 1468 4.31 -18.57 2.33
C TYR A 1468 3.27 -18.13 3.35
N ARG A 1469 2.64 -16.98 3.13
CA ARG A 1469 1.58 -16.52 4.01
C ARG A 1469 0.40 -17.50 4.01
N LYS A 1470 0.01 -17.99 2.84
CA LYS A 1470 -1.07 -18.96 2.78
C LYS A 1470 -0.67 -20.30 3.39
N LEU A 1471 0.60 -20.68 3.26
CA LEU A 1471 1.07 -21.92 3.88
C LEU A 1471 1.14 -21.79 5.39
N TYR A 1472 1.67 -20.67 5.88
CA TYR A 1472 1.81 -20.46 7.32
C TYR A 1472 0.46 -20.46 8.02
N SER A 1473 -0.57 -19.91 7.36
CA SER A 1473 -1.89 -19.81 7.97
C SER A 1473 -2.50 -21.19 8.22
N ARG A 1474 -2.28 -22.13 7.29
CA ARG A 1474 -2.86 -23.46 7.37
C ARG A 1474 -2.14 -24.37 8.36
N LEU A 1475 -1.16 -23.85 9.09
CA LEU A 1475 -0.45 -24.63 10.08
C LEU A 1475 -0.55 -24.06 11.50
N LEU A 1476 -1.28 -22.96 11.70
CA LEU A 1476 -1.40 -22.40 13.04
C LEU A 1476 -2.12 -23.36 13.98
N LYS A 1477 -3.19 -24.02 13.50
CA LYS A 1477 -3.89 -24.97 14.33
C LYS A 1477 -3.02 -26.17 14.68
N HIS A 1478 -2.08 -26.53 13.81
CA HIS A 1478 -1.15 -27.61 14.13
C HIS A 1478 -0.12 -27.16 15.17
N ARG A 1479 0.36 -25.92 15.05
CA ARG A 1479 1.29 -25.41 16.04
C ARG A 1479 0.61 -25.22 17.39
N GLU A 1480 -0.66 -24.79 17.39
CA GLU A 1480 -1.41 -24.70 18.63
C GLU A 1480 -1.62 -26.07 19.25
N TRP A 1481 -1.87 -27.08 18.41
CA TRP A 1481 -2.17 -28.42 18.92
C TRP A 1481 -0.99 -28.99 19.69
N ILE A 1482 0.19 -29.02 19.06
CA ILE A 1482 1.36 -29.61 19.71
C ILE A 1482 1.84 -28.74 20.86
N GLU A 1483 1.48 -27.46 20.90
CA GLU A 1483 1.82 -26.62 22.04
C GLU A 1483 0.98 -26.99 23.25
N ASN A 1484 -0.34 -27.04 23.09
CA ASN A 1484 -1.28 -27.24 24.19
C ASN A 1484 -1.80 -28.68 24.26
N SER A 1485 -0.93 -29.66 24.07
CA SER A 1485 -1.31 -31.06 24.21
C SER A 1485 -0.39 -31.73 25.22
N PRO A 1486 -0.93 -32.49 26.17
CA PRO A 1486 -0.04 -33.21 27.11
C PRO A 1486 0.94 -34.13 26.40
N TRP A 1487 0.46 -34.88 25.41
CA TRP A 1487 1.35 -35.58 24.50
C TRP A 1487 2.01 -34.57 23.55
N ALA A 1488 3.32 -34.67 23.39
CA ALA A 1488 4.06 -33.69 22.60
C ALA A 1488 4.08 -34.07 21.13
N GLY A 1489 2.89 -34.13 20.54
CA GLY A 1489 2.74 -34.48 19.15
C GLY A 1489 1.41 -34.05 18.59
N LEU A 1490 1.05 -34.66 17.46
CA LEU A 1490 -0.21 -34.39 16.79
C LEU A 1490 -1.09 -35.62 16.83
N ALA A 1491 -2.40 -35.40 17.02
CA ALA A 1491 -3.33 -36.50 17.17
C ALA A 1491 -3.44 -37.31 15.88
N GLU A 1492 -3.98 -38.52 16.02
CA GLU A 1492 -4.24 -39.35 14.85
C GLU A 1492 -5.50 -38.92 14.13
N LEU A 1493 -6.55 -38.59 14.88
CA LEU A 1493 -7.86 -38.32 14.33
C LEU A 1493 -8.49 -37.16 15.08
N THR A 1494 -9.43 -36.50 14.42
CA THR A 1494 -10.17 -35.38 14.99
C THR A 1494 -11.59 -35.42 14.47
N ASN A 1495 -12.55 -35.17 15.37
CA ASN A 1495 -13.95 -35.13 14.98
C ASN A 1495 -14.21 -33.88 14.13
N LYS A 1496 -15.48 -33.58 13.89
CA LYS A 1496 -15.83 -32.52 12.95
C LYS A 1496 -15.40 -31.16 13.46
N ASP A 1497 -14.68 -30.42 12.61
CA ASP A 1497 -14.31 -29.02 12.87
C ASP A 1497 -13.50 -28.87 14.15
N GLY A 1498 -12.43 -29.66 14.25
CA GLY A 1498 -11.49 -29.53 15.35
C GLY A 1498 -11.93 -30.14 16.66
N GLU A 1499 -13.11 -30.74 16.73
CA GLU A 1499 -13.57 -31.35 17.98
C GLU A 1499 -12.70 -32.53 18.34
N VAL A 1500 -12.20 -32.54 19.58
CA VAL A 1500 -11.28 -33.58 20.02
C VAL A 1500 -12.02 -34.92 20.07
N CYS A 1501 -11.43 -35.94 19.44
CA CYS A 1501 -11.97 -37.29 19.46
C CYS A 1501 -11.27 -38.07 20.57
N ASN A 1502 -12.06 -38.59 21.51
CA ASN A 1502 -11.47 -39.26 22.67
C ASN A 1502 -10.83 -40.58 22.29
N ASP A 1503 -11.43 -41.32 21.36
CA ASP A 1503 -10.86 -42.60 20.95
C ASP A 1503 -9.60 -42.44 20.12
N SER A 1504 -9.36 -41.26 19.55
CA SER A 1504 -8.20 -41.05 18.71
C SER A 1504 -6.92 -41.11 19.52
N SER A 1505 -5.89 -41.71 18.94
CA SER A 1505 -4.58 -41.73 19.58
C SER A 1505 -4.02 -40.31 19.59
N PRO A 1506 -3.59 -39.80 20.75
CA PRO A 1506 -3.22 -38.38 20.83
C PRO A 1506 -1.93 -38.03 20.12
N THR A 1507 -1.08 -39.01 19.81
CA THR A 1507 0.14 -38.78 19.05
C THR A 1507 0.33 -39.91 18.06
N GLN A 1508 0.39 -39.57 16.78
CA GLN A 1508 0.53 -40.56 15.71
C GLN A 1508 1.78 -40.28 14.89
N ALA A 1509 2.43 -41.36 14.45
CA ALA A 1509 3.69 -41.22 13.73
C ALA A 1509 3.50 -40.49 12.41
N TRP A 1510 2.56 -40.95 11.59
CA TRP A 1510 2.38 -40.35 10.28
C TRP A 1510 1.62 -39.03 10.32
N SER A 1511 1.05 -38.66 11.47
CA SER A 1511 0.42 -37.35 11.58
C SER A 1511 1.46 -36.24 11.60
N THR A 1512 2.56 -36.44 12.33
CA THR A 1512 3.63 -35.45 12.37
C THR A 1512 4.66 -35.64 11.26
N GLY A 1513 4.84 -36.86 10.78
CA GLY A 1513 5.83 -37.11 9.73
C GLY A 1513 5.47 -36.46 8.41
N CYS A 1514 4.17 -36.39 8.08
CA CYS A 1514 3.78 -35.78 6.82
C CYS A 1514 3.92 -34.27 6.85
N LEU A 1515 3.82 -33.66 8.03
CA LEU A 1515 4.09 -32.23 8.13
C LEU A 1515 5.59 -31.95 8.02
N LEU A 1516 6.43 -32.88 8.48
CA LEU A 1516 7.86 -32.74 8.28
C LEU A 1516 8.23 -32.88 6.80
N ASP A 1517 7.43 -33.63 6.04
CA ASP A 1517 7.65 -33.73 4.61
C ASP A 1517 7.52 -32.37 3.94
N LEU A 1518 6.55 -31.57 4.36
CA LEU A 1518 6.35 -30.25 3.76
C LEU A 1518 7.55 -29.34 3.99
N PHE A 1519 8.06 -29.32 5.23
CA PHE A 1519 9.20 -28.47 5.54
C PHE A 1519 10.45 -28.89 4.77
N TYR A 1520 10.61 -30.19 4.51
CA TYR A 1520 11.76 -30.63 3.73
C TYR A 1520 11.63 -30.25 2.27
N ASP A 1521 10.39 -30.21 1.75
CA ASP A 1521 10.18 -29.74 0.38
C ASP A 1521 10.62 -28.28 0.24
N LEU A 1522 10.15 -27.42 1.14
CA LEU A 1522 10.51 -26.00 1.06
C LEU A 1522 11.99 -25.79 1.35
N TRP A 1523 12.60 -26.65 2.16
CA TRP A 1523 14.02 -26.49 2.50
C TRP A 1523 14.91 -26.95 1.37
N ILE A 1524 14.72 -28.20 0.90
CA ILE A 1524 15.63 -28.79 -0.07
C ILE A 1524 15.53 -28.15 -1.45
N SER A 1525 14.50 -27.34 -1.70
CA SER A 1525 14.30 -26.75 -3.01
C SER A 1525 14.55 -25.24 -3.06
N TYR A 1526 14.59 -24.57 -1.91
CA TYR A 1526 14.70 -23.11 -1.91
C TYR A 1526 15.81 -22.59 -1.01
N GLU A 1527 16.02 -23.21 0.16
CA GLU A 1527 16.93 -22.69 1.17
C GLU A 1527 18.37 -23.09 0.84
N GLU A 1528 18.87 -22.54 -0.26
CA GLU A 1528 20.25 -22.80 -0.67
C GLU A 1528 21.02 -21.49 -0.88
N ALA B 3 14.36 -10.56 -27.12
CA ALA B 3 15.30 -9.48 -26.88
C ALA B 3 14.60 -8.27 -26.25
N HIS B 4 14.20 -7.32 -27.07
CA HIS B 4 13.57 -6.08 -26.61
C HIS B 4 12.30 -5.83 -27.42
N ARG B 5 11.17 -6.32 -26.91
CA ARG B 5 9.89 -6.07 -27.54
C ARG B 5 9.01 -5.23 -26.63
N THR B 6 9.47 -4.03 -26.30
CA THR B 6 8.81 -3.15 -25.34
C THR B 6 8.41 -1.85 -26.03
N LEU B 7 7.17 -1.43 -25.81
CA LEU B 7 6.66 -0.16 -26.32
C LEU B 7 6.30 0.75 -25.16
N LEU B 8 6.56 2.04 -25.32
CA LEU B 8 6.30 3.04 -24.29
C LEU B 8 4.95 3.68 -24.56
N LEU B 9 4.07 3.65 -23.55
CA LEU B 9 2.74 4.25 -23.64
C LEU B 9 2.64 5.30 -22.54
N ARG B 10 3.05 6.53 -22.85
CA ARG B 10 2.96 7.62 -21.89
C ARG B 10 1.50 8.01 -21.68
N LEU B 11 1.14 8.28 -20.44
CA LEU B 11 -0.21 8.72 -20.09
C LEU B 11 -0.20 10.18 -19.67
N SER B 12 -1.35 10.81 -19.79
CA SER B 12 -1.50 12.21 -19.38
C SER B 12 -1.79 12.26 -17.88
N ASP B 13 -2.07 13.47 -17.37
CA ASP B 13 -2.38 13.61 -15.96
C ASP B 13 -3.77 13.10 -15.61
N SER B 14 -4.63 12.86 -16.60
CA SER B 14 -5.95 12.29 -16.38
C SER B 14 -6.01 10.82 -16.74
N GLY B 15 -4.86 10.19 -17.00
CA GLY B 15 -4.81 8.79 -17.32
C GLY B 15 -5.05 8.43 -18.77
N GLU B 16 -5.14 9.42 -19.66
CA GLU B 16 -5.38 9.14 -21.08
C GLU B 16 -4.06 8.96 -21.81
N PRO B 17 -4.00 8.06 -22.79
CA PRO B 17 -2.76 7.90 -23.57
C PRO B 17 -2.44 9.16 -24.36
N VAL B 18 -1.14 9.38 -24.55
CA VAL B 18 -0.64 10.59 -25.22
C VAL B 18 -0.24 10.21 -26.64
N THR B 19 -0.73 11.00 -27.60
CA THR B 19 -0.39 10.78 -29.01
C THR B 19 0.99 11.37 -29.29
N SER B 20 1.94 10.52 -29.69
CA SER B 20 3.27 10.99 -30.04
C SER B 20 3.31 11.66 -31.41
N CYS B 21 2.43 11.26 -32.32
CA CYS B 21 2.33 11.85 -33.64
C CYS B 21 0.87 11.93 -34.05
N SER B 22 0.60 12.83 -35.00
CA SER B 22 -0.76 13.07 -35.49
C SER B 22 -0.94 12.28 -36.78
N TYR B 23 -1.34 11.02 -36.65
CA TYR B 23 -1.65 10.19 -37.79
C TYR B 23 -3.14 10.20 -38.13
N GLY B 24 -3.95 10.91 -37.35
CA GLY B 24 -5.37 10.95 -37.55
C GLY B 24 -6.11 10.09 -36.55
N GLN B 25 -7.43 9.98 -36.76
CA GLN B 25 -8.24 9.13 -35.92
C GLN B 25 -7.83 7.68 -36.09
N GLY B 26 -7.35 7.07 -34.99
CA GLY B 26 -6.81 5.73 -35.10
C GLY B 26 -6.98 4.86 -33.86
N VAL B 27 -6.16 3.81 -33.79
CA VAL B 27 -6.26 2.79 -32.74
C VAL B 27 -4.84 2.42 -32.30
N LEU B 28 -4.66 2.23 -31.00
CA LEU B 28 -3.36 1.80 -30.45
C LEU B 28 -3.08 0.37 -30.90
N THR B 29 -2.59 0.24 -32.13
CA THR B 29 -2.30 -1.06 -32.71
C THR B 29 -0.81 -1.36 -32.55
N LEU B 30 -0.51 -2.58 -32.09
CA LEU B 30 0.89 -2.94 -31.97
C LEU B 30 1.37 -3.64 -33.24
N PRO B 31 2.59 -3.35 -33.69
CA PRO B 31 3.01 -3.82 -35.02
C PRO B 31 3.06 -5.33 -35.10
N SER B 32 2.58 -5.87 -36.21
CA SER B 32 2.60 -7.31 -36.46
C SER B 32 4.02 -7.73 -36.82
N LEU B 33 4.60 -8.59 -35.99
CA LEU B 33 5.95 -9.09 -36.18
C LEU B 33 6.00 -10.56 -35.83
N PRO B 34 6.88 -11.33 -36.46
CA PRO B 34 7.01 -12.74 -36.10
C PRO B 34 7.70 -12.90 -34.75
N LEU B 35 7.42 -14.02 -34.10
CA LEU B 35 8.06 -14.35 -32.85
C LEU B 35 9.56 -14.55 -33.05
N PRO B 36 10.36 -14.46 -31.99
CA PRO B 36 11.80 -14.71 -32.12
C PRO B 36 12.08 -16.09 -32.68
N GLN B 37 13.34 -16.26 -33.12
CA GLN B 37 13.78 -17.48 -33.80
C GLN B 37 13.48 -18.73 -32.98
N GLY B 38 12.52 -19.53 -33.47
CA GLY B 38 12.19 -20.80 -32.82
C GLY B 38 11.50 -20.66 -31.48
N LYS B 39 10.59 -19.70 -31.34
CA LYS B 39 9.84 -19.48 -30.11
C LYS B 39 8.35 -19.55 -30.40
N LYS B 40 7.61 -20.22 -29.53
CA LYS B 40 6.18 -20.38 -29.69
C LYS B 40 5.45 -19.40 -28.77
N LEU B 41 4.12 -19.42 -28.84
CA LEU B 41 3.31 -18.58 -27.96
C LEU B 41 3.37 -19.13 -26.54
N GLY B 42 3.92 -18.34 -25.61
CA GLY B 42 4.06 -18.73 -24.23
C GLY B 42 5.50 -18.79 -23.73
N ASP B 43 6.46 -18.95 -24.64
CA ASP B 43 7.86 -18.97 -24.23
C ASP B 43 8.29 -17.63 -23.65
N MET B 44 7.68 -16.54 -24.12
CA MET B 44 8.02 -15.20 -23.69
C MET B 44 6.88 -14.28 -24.07
N PRO B 45 6.77 -13.11 -23.42
CA PRO B 45 5.73 -12.15 -23.82
C PRO B 45 5.90 -11.70 -25.26
N VAL B 46 4.79 -11.64 -25.99
CA VAL B 46 4.82 -11.13 -27.36
C VAL B 46 5.19 -9.66 -27.36
N TYR B 47 4.61 -8.89 -26.44
CA TYR B 47 4.94 -7.48 -26.30
C TYR B 47 4.79 -7.08 -24.84
N THR B 48 5.48 -5.99 -24.49
CA THR B 48 5.42 -5.42 -23.15
C THR B 48 5.15 -3.93 -23.28
N VAL B 49 4.01 -3.48 -22.74
CA VAL B 49 3.59 -2.10 -22.84
C VAL B 49 3.98 -1.39 -21.55
N LYS B 50 4.95 -0.48 -21.65
CA LYS B 50 5.39 0.32 -20.50
C LYS B 50 4.46 1.51 -20.34
N LEU B 51 3.66 1.51 -19.27
CA LEU B 51 2.79 2.63 -18.95
C LEU B 51 3.56 3.64 -18.11
N ALA B 52 3.57 4.90 -18.56
CA ALA B 52 4.28 5.97 -17.87
C ALA B 52 3.26 6.94 -17.29
N ILE B 53 3.19 7.00 -15.97
CA ILE B 53 2.27 7.87 -15.25
C ILE B 53 3.04 9.08 -14.74
N PRO B 54 2.56 10.31 -14.99
CA PRO B 54 3.30 11.49 -14.53
C PRO B 54 3.36 11.55 -13.01
N ALA B 55 4.51 11.99 -12.51
CA ALA B 55 4.71 12.08 -11.07
C ALA B 55 3.86 13.20 -10.48
N GLY B 56 3.22 12.92 -9.35
CA GLY B 56 2.38 13.89 -8.70
C GLY B 56 1.05 14.15 -9.36
N SER B 57 0.74 13.44 -10.45
CA SER B 57 -0.53 13.65 -11.14
C SER B 57 -1.70 13.23 -10.25
N PRO B 58 -2.87 13.81 -10.47
CA PRO B 58 -4.04 13.46 -9.63
C PRO B 58 -4.42 11.99 -9.70
N VAL B 59 -3.93 11.26 -10.70
CA VAL B 59 -4.24 9.83 -10.80
C VAL B 59 -3.39 9.02 -9.81
N THR B 60 -2.19 9.50 -9.48
CA THR B 60 -1.30 8.77 -8.60
C THR B 60 -1.84 8.66 -7.17
N ARG B 61 -2.78 9.51 -6.78
CA ARG B 61 -3.31 9.52 -5.42
C ARG B 61 -4.09 8.23 -5.18
N ASP B 62 -3.49 7.29 -4.45
CA ASP B 62 -4.05 5.97 -4.23
C ASP B 62 -4.45 5.32 -5.56
N GLY B 63 -3.57 5.47 -6.55
CA GLY B 63 -3.90 5.04 -7.90
C GLY B 63 -3.63 3.55 -8.10
N LEU B 64 -4.48 2.95 -8.93
CA LEU B 64 -4.36 1.54 -9.31
C LEU B 64 -4.59 1.42 -10.80
N ILE B 65 -3.75 0.64 -11.46
CA ILE B 65 -3.91 0.36 -12.88
C ILE B 65 -4.68 -0.95 -13.03
N TRP B 66 -5.84 -0.88 -13.67
CA TRP B 66 -6.65 -2.05 -13.95
C TRP B 66 -6.49 -2.43 -15.41
N THR B 67 -6.47 -3.73 -15.67
CA THR B 67 -6.33 -4.23 -17.02
C THR B 67 -6.78 -5.69 -17.07
N ASN B 68 -7.44 -6.06 -18.16
CA ASN B 68 -7.85 -7.43 -18.38
C ASN B 68 -6.75 -8.27 -19.03
N CYS B 69 -5.53 -7.76 -19.08
CA CYS B 69 -4.41 -8.54 -19.58
C CYS B 69 -4.12 -9.69 -18.62
N PRO B 70 -4.10 -10.94 -19.09
CA PRO B 70 -3.78 -12.03 -18.18
C PRO B 70 -2.37 -11.87 -17.63
N PRO B 71 -2.14 -12.31 -16.39
CA PRO B 71 -0.80 -12.13 -15.80
C PRO B 71 0.24 -13.05 -16.41
N ASP B 72 -0.17 -14.21 -16.90
CA ASP B 72 0.76 -15.14 -17.54
C ASP B 72 0.02 -15.90 -18.62
N PHE B 73 0.78 -16.69 -19.40
CA PHE B 73 0.19 -17.41 -20.51
C PHE B 73 -0.77 -18.51 -20.04
N SER B 74 -0.57 -19.02 -18.82
CA SER B 74 -1.45 -20.07 -18.31
C SER B 74 -2.87 -19.55 -18.09
N THR B 75 -3.01 -18.28 -17.73
CA THR B 75 -4.32 -17.71 -17.45
C THR B 75 -5.04 -17.37 -18.75
N GLN B 76 -6.29 -17.80 -18.87
CA GLN B 76 -7.09 -17.46 -20.04
C GLN B 76 -7.53 -16.00 -19.95
N PHE B 77 -7.94 -15.47 -21.10
CA PHE B 77 -8.38 -14.09 -21.18
C PHE B 77 -9.86 -13.98 -20.84
N ASP B 78 -10.19 -13.04 -19.96
CA ASP B 78 -11.57 -12.72 -19.60
C ASP B 78 -11.78 -11.23 -19.83
N ARG B 79 -12.85 -10.88 -20.54
CA ARG B 79 -13.11 -9.48 -20.85
C ARG B 79 -13.29 -8.65 -19.59
N GLU B 80 -13.94 -9.22 -18.57
CA GLU B 80 -14.39 -8.46 -17.42
C GLU B 80 -13.63 -8.79 -16.13
N LYS B 81 -12.61 -9.63 -16.20
CA LYS B 81 -11.76 -9.90 -15.04
C LYS B 81 -10.50 -9.03 -15.17
N PHE B 82 -10.50 -7.92 -14.44
CA PHE B 82 -9.37 -6.99 -14.42
C PHE B 82 -8.47 -7.28 -13.23
N TYR B 83 -7.20 -6.95 -13.38
CA TYR B 83 -6.19 -7.23 -12.37
C TYR B 83 -5.60 -5.92 -11.86
N LYS B 84 -5.19 -5.93 -10.58
CA LYS B 84 -4.71 -4.73 -9.92
C LYS B 84 -3.23 -4.51 -10.21
N LYS B 85 -2.84 -3.24 -10.29
CA LYS B 85 -1.44 -2.83 -10.40
C LYS B 85 -1.28 -1.54 -9.61
N ILE B 86 -0.29 -1.49 -8.72
CA ILE B 86 -0.13 -0.38 -7.80
C ILE B 86 0.75 0.69 -8.44
N ILE B 87 0.30 1.93 -8.39
CA ILE B 87 1.05 3.06 -8.90
C ILE B 87 1.95 3.60 -7.79
N LYS B 88 3.25 3.62 -8.03
CA LYS B 88 4.23 4.07 -7.04
C LYS B 88 4.27 5.59 -7.07
N THR B 89 3.56 6.22 -6.12
CA THR B 89 3.45 7.66 -6.11
C THR B 89 4.78 8.33 -5.78
N SER B 90 5.07 9.42 -6.49
CA SER B 90 6.22 10.26 -6.19
C SER B 90 5.96 11.65 -6.74
N PHE B 91 6.49 12.66 -6.06
CA PHE B 91 6.39 14.03 -6.55
C PHE B 91 7.53 14.38 -7.50
N HIS B 92 8.53 13.51 -7.62
CA HIS B 92 9.68 13.73 -8.49
C HIS B 92 9.76 12.72 -9.63
N GLU B 93 9.58 11.44 -9.32
CA GLU B 93 9.86 10.36 -10.27
C GLU B 93 8.56 9.80 -10.83
N ASP B 94 8.49 9.67 -12.15
CA ASP B 94 7.39 8.96 -12.76
C ASP B 94 7.50 7.47 -12.49
N ASP B 95 6.35 6.79 -12.50
CA ASP B 95 6.30 5.36 -12.27
C ASP B 95 6.01 4.64 -13.59
N HIS B 96 6.70 3.52 -13.80
CA HIS B 96 6.53 2.71 -15.00
C HIS B 96 5.98 1.35 -14.60
N ILE B 97 4.90 0.94 -15.25
CA ILE B 97 4.23 -0.32 -14.97
C ILE B 97 4.13 -1.11 -16.28
N ASP B 98 4.73 -2.29 -16.30
CA ASP B 98 4.77 -3.12 -17.49
C ASP B 98 3.50 -3.96 -17.60
N LEU B 99 3.04 -4.15 -18.83
CA LEU B 99 1.92 -5.04 -19.14
C LEU B 99 2.44 -6.10 -20.11
N ASP B 100 2.82 -7.25 -19.56
CA ASP B 100 3.31 -8.35 -20.39
C ASP B 100 2.13 -9.02 -21.09
N ILE B 101 2.18 -9.05 -22.42
CA ILE B 101 1.15 -9.68 -23.24
C ILE B 101 1.75 -10.90 -23.90
N TYR B 102 1.06 -12.04 -23.77
CA TYR B 102 1.55 -13.31 -24.30
C TYR B 102 0.77 -13.81 -25.51
N VAL B 103 -0.43 -13.28 -25.76
CA VAL B 103 -1.29 -13.77 -26.83
C VAL B 103 -1.98 -12.58 -27.49
N PRO B 104 -2.11 -12.57 -28.82
CA PRO B 104 -2.82 -11.48 -29.48
C PRO B 104 -4.29 -11.44 -29.08
N GLY B 105 -4.85 -10.23 -29.09
CA GLY B 105 -6.26 -10.06 -28.76
C GLY B 105 -6.57 -8.61 -28.43
N THR B 106 -7.73 -8.42 -27.82
CA THR B 106 -8.21 -7.10 -27.41
C THR B 106 -7.98 -6.91 -25.92
N TYR B 107 -7.22 -5.89 -25.56
CA TYR B 107 -6.93 -5.58 -24.17
C TYR B 107 -7.22 -4.12 -23.89
N CYS B 108 -7.68 -3.85 -22.68
CA CYS B 108 -8.02 -2.49 -22.26
C CYS B 108 -7.52 -2.27 -20.85
N PHE B 109 -7.40 -0.99 -20.49
CA PHE B 109 -6.94 -0.63 -19.16
C PHE B 109 -7.63 0.66 -18.74
N TYR B 110 -7.93 0.74 -17.44
CA TYR B 110 -8.45 1.97 -16.84
C TYR B 110 -7.80 2.16 -15.49
N LEU B 111 -7.90 3.37 -14.95
CA LEU B 111 -7.23 3.74 -13.72
C LEU B 111 -8.25 4.20 -12.68
N SER B 112 -8.07 3.72 -11.46
CA SER B 112 -8.87 4.16 -10.32
C SER B 112 -7.97 4.95 -9.37
N PHE B 113 -8.53 6.01 -8.81
CA PHE B 113 -7.75 6.90 -7.95
C PHE B 113 -8.69 7.56 -6.95
N LYS B 114 -8.09 8.25 -5.98
CA LYS B 114 -8.83 8.95 -4.95
C LYS B 114 -9.11 10.38 -5.42
N ASN B 115 -10.40 10.71 -5.55
CA ASN B 115 -10.80 12.02 -6.04
C ASN B 115 -10.40 13.11 -5.04
N ASP B 116 -10.47 14.36 -5.49
CA ASP B 116 -10.25 15.50 -4.60
C ASP B 116 -11.38 15.64 -3.58
N LYS B 117 -12.49 14.94 -3.78
CA LYS B 117 -13.58 14.84 -2.81
C LYS B 117 -13.41 13.64 -1.86
N ASP B 118 -12.23 13.03 -1.85
CA ASP B 118 -11.95 11.80 -1.12
C ASP B 118 -12.85 10.65 -1.54
N GLU B 119 -13.45 10.73 -2.73
CA GLU B 119 -14.26 9.67 -3.28
C GLU B 119 -13.46 8.87 -4.32
N LEU B 120 -14.06 7.78 -4.78
CA LEU B 120 -13.46 6.96 -5.82
C LEU B 120 -13.91 7.44 -7.19
N GLU B 121 -12.98 7.51 -8.13
CA GLU B 121 -13.24 7.94 -9.49
C GLU B 121 -12.53 7.00 -10.45
N THR B 122 -13.09 6.88 -11.66
CA THR B 122 -12.57 5.97 -12.65
C THR B 122 -12.52 6.67 -14.00
N THR B 123 -11.47 6.39 -14.76
CA THR B 123 -11.30 6.94 -16.10
C THR B 123 -11.99 6.05 -17.12
N ARG B 124 -11.89 6.43 -18.40
CA ARG B 124 -12.41 5.60 -19.47
C ARG B 124 -11.61 4.30 -19.58
N LYS B 125 -12.15 3.36 -20.35
CA LYS B 125 -11.41 2.18 -20.75
C LYS B 125 -10.65 2.48 -22.04
N PHE B 126 -9.34 2.29 -22.03
CA PHE B 126 -8.50 2.58 -23.18
C PHE B 126 -7.97 1.25 -23.73
N TYR B 127 -8.30 0.97 -24.98
CA TYR B 127 -8.02 -0.30 -25.62
C TYR B 127 -6.76 -0.22 -26.47
N PHE B 128 -6.16 -1.38 -26.72
CA PHE B 128 -5.03 -1.50 -27.62
C PHE B 128 -5.01 -2.91 -28.18
N VAL B 129 -4.72 -3.02 -29.47
CA VAL B 129 -4.84 -4.28 -30.20
C VAL B 129 -3.45 -4.86 -30.43
N VAL B 130 -3.30 -6.16 -30.18
CA VAL B 130 -2.11 -6.92 -30.55
C VAL B 130 -2.50 -7.78 -31.74
N LEU B 131 -1.88 -7.52 -32.89
CA LEU B 131 -2.29 -8.19 -34.11
C LEU B 131 -1.86 -9.65 -34.11
N PRO B 132 -2.60 -10.51 -34.80
CA PRO B 132 -2.21 -11.93 -34.88
C PRO B 132 -0.99 -12.12 -35.75
N ILE B 133 -0.34 -13.26 -35.55
CA ILE B 133 0.85 -13.65 -36.29
C ILE B 133 0.44 -14.65 -37.35
N LEU B 134 0.57 -14.27 -38.62
CA LEU B 134 0.12 -15.09 -39.74
C LEU B 134 1.33 -15.74 -40.42
N SER B 135 1.46 -17.06 -40.27
CA SER B 135 2.41 -17.86 -41.03
C SER B 135 1.67 -18.94 -41.79
N VAL B 136 2.30 -19.43 -42.86
CA VAL B 136 1.66 -20.42 -43.71
C VAL B 136 2.23 -21.82 -43.43
N ASN B 137 3.54 -21.99 -43.65
CA ASN B 137 4.25 -23.19 -43.23
C ASN B 137 5.26 -22.83 -42.15
N ASP B 138 6.33 -22.11 -42.49
CA ASP B 138 7.19 -21.51 -41.49
C ASP B 138 7.67 -20.13 -41.91
N LYS B 139 7.08 -19.56 -42.97
CA LYS B 139 7.42 -18.23 -43.44
C LYS B 139 6.38 -17.24 -42.95
N PHE B 140 6.84 -16.13 -42.37
CA PHE B 140 5.93 -15.15 -41.81
C PHE B 140 5.31 -14.29 -42.91
N ILE B 141 4.01 -14.04 -42.79
CA ILE B 141 3.26 -13.23 -43.73
C ILE B 141 2.99 -11.88 -43.07
N PRO B 142 3.66 -10.81 -43.47
CA PRO B 142 3.31 -9.48 -42.95
C PRO B 142 1.86 -9.14 -43.28
N LEU B 143 1.20 -8.44 -42.36
CA LEU B 143 -0.22 -8.17 -42.51
C LEU B 143 -0.51 -7.31 -43.73
N ASN B 144 0.40 -6.40 -44.08
CA ASN B 144 0.23 -5.52 -45.24
C ASN B 144 0.79 -6.13 -46.52
N SER B 145 0.92 -7.45 -46.58
CA SER B 145 1.30 -8.15 -47.80
C SER B 145 0.34 -9.30 -48.09
N ILE B 146 -0.91 -9.16 -47.64
CA ILE B 146 -1.91 -10.19 -47.82
C ILE B 146 -2.63 -10.00 -49.15
N ALA B 147 -2.72 -11.06 -49.94
CA ALA B 147 -3.50 -11.09 -51.17
C ALA B 147 -4.64 -12.09 -50.96
N MET B 148 -5.87 -11.61 -50.95
CA MET B 148 -7.04 -12.42 -50.61
C MET B 148 -7.90 -12.62 -51.85
N GLN B 149 -8.17 -13.88 -52.17
CA GLN B 149 -9.06 -14.25 -53.27
C GLN B 149 -10.37 -14.77 -52.67
N SER B 150 -11.45 -14.01 -52.86
CA SER B 150 -12.76 -14.40 -52.35
C SER B 150 -13.46 -15.29 -53.38
N VAL B 151 -13.89 -16.46 -52.93
CA VAL B 151 -14.54 -17.44 -53.79
C VAL B 151 -15.89 -17.82 -53.19
N VAL B 152 -16.90 -17.94 -54.04
CA VAL B 152 -18.22 -18.37 -53.63
C VAL B 152 -18.31 -19.88 -53.79
N SER B 153 -18.81 -20.55 -52.76
CA SER B 153 -18.73 -22.01 -52.71
C SER B 153 -19.56 -22.67 -53.82
N LYS B 154 -20.82 -22.26 -53.97
CA LYS B 154 -21.72 -22.96 -54.88
C LYS B 154 -21.42 -22.72 -56.38
N TRP B 155 -20.31 -22.08 -56.76
CA TRP B 155 -19.96 -21.90 -58.18
C TRP B 155 -18.61 -22.52 -58.51
N MET B 156 -18.10 -23.40 -57.63
CA MET B 156 -16.81 -24.04 -57.78
C MET B 156 -16.88 -25.51 -58.18
N GLY B 157 -18.08 -26.09 -58.20
CA GLY B 157 -18.26 -27.47 -58.57
C GLY B 157 -18.84 -28.21 -57.39
N PRO B 158 -19.46 -29.37 -57.63
CA PRO B 158 -20.07 -30.11 -56.52
C PRO B 158 -19.10 -30.98 -55.74
N THR B 159 -17.85 -31.14 -56.18
CA THR B 159 -16.90 -32.02 -55.54
C THR B 159 -15.73 -31.23 -54.98
N ILE B 160 -15.01 -31.85 -54.04
CA ILE B 160 -13.85 -31.19 -53.43
C ILE B 160 -12.73 -30.99 -54.45
N LYS B 161 -12.52 -31.98 -55.32
CA LYS B 161 -11.51 -31.83 -56.37
C LYS B 161 -11.91 -30.76 -57.38
N ASP B 162 -13.21 -30.61 -57.66
CA ASP B 162 -13.64 -29.50 -58.49
C ASP B 162 -13.27 -28.17 -57.88
N TRP B 163 -13.19 -28.10 -56.54
CA TRP B 163 -12.73 -26.89 -55.88
C TRP B 163 -11.21 -26.75 -55.96
N GLU B 164 -10.48 -27.84 -55.77
CA GLU B 164 -9.02 -27.80 -55.81
C GLU B 164 -8.48 -27.44 -57.19
N LYS B 165 -9.32 -27.47 -58.23
CA LYS B 165 -8.93 -26.88 -59.50
C LYS B 165 -8.97 -25.36 -59.42
N VAL B 166 -9.95 -24.81 -58.70
CA VAL B 166 -9.99 -23.37 -58.47
C VAL B 166 -8.83 -22.93 -57.59
N PHE B 167 -8.47 -23.75 -56.60
CA PHE B 167 -7.36 -23.42 -55.71
C PHE B 167 -6.06 -23.29 -56.50
N ALA B 168 -5.82 -24.21 -57.44
CA ALA B 168 -4.60 -24.15 -58.24
C ALA B 168 -4.58 -22.93 -59.14
N ARG B 169 -5.75 -22.45 -59.57
CA ARG B 169 -5.81 -21.27 -60.43
C ARG B 169 -5.41 -20.01 -59.66
N VAL B 170 -5.94 -19.85 -58.44
CA VAL B 170 -5.59 -18.68 -57.65
C VAL B 170 -4.19 -18.78 -57.06
N ALA B 171 -3.64 -19.99 -56.95
CA ALA B 171 -2.26 -20.14 -56.52
C ALA B 171 -1.28 -19.67 -57.59
N SER B 172 -1.63 -19.87 -58.87
CA SER B 172 -0.79 -19.39 -59.95
C SER B 172 -0.77 -17.86 -60.00
N LYS B 173 -1.91 -17.22 -59.70
CA LYS B 173 -1.95 -15.77 -59.58
C LYS B 173 -1.22 -15.28 -58.33
N LYS B 174 -0.75 -16.19 -57.49
CA LYS B 174 0.10 -15.89 -56.33
C LYS B 174 -0.64 -15.15 -55.23
N TYR B 175 -1.94 -15.40 -55.08
CA TYR B 175 -2.63 -15.02 -53.86
C TYR B 175 -2.17 -15.92 -52.72
N ASN B 176 -2.13 -15.36 -51.51
CA ASN B 176 -1.71 -16.12 -50.34
C ASN B 176 -2.83 -16.30 -49.31
N MET B 177 -4.07 -15.95 -49.66
CA MET B 177 -5.20 -16.10 -48.76
C MET B 177 -6.48 -16.22 -49.58
N ILE B 178 -7.39 -17.08 -49.11
CA ILE B 178 -8.66 -17.31 -49.77
C ILE B 178 -9.79 -17.02 -48.79
N HIS B 179 -10.71 -16.16 -49.18
CA HIS B 179 -11.90 -15.85 -48.41
C HIS B 179 -13.06 -16.69 -48.91
N PHE B 180 -13.72 -17.40 -48.00
CA PHE B 180 -14.83 -18.28 -48.34
C PHE B 180 -16.14 -17.67 -47.89
N THR B 181 -17.09 -17.58 -48.81
CA THR B 181 -18.48 -17.43 -48.40
C THR B 181 -18.86 -18.65 -47.57
N PRO B 182 -19.72 -18.48 -46.55
CA PRO B 182 -19.90 -19.56 -45.55
C PRO B 182 -20.22 -20.92 -46.15
N LEU B 183 -19.35 -21.90 -45.87
CA LEU B 183 -19.45 -23.25 -46.39
C LEU B 183 -20.46 -24.11 -45.65
N GLN B 184 -21.56 -23.52 -45.19
CA GLN B 184 -22.55 -24.25 -44.41
C GLN B 184 -23.75 -24.61 -45.29
N HIS B 185 -24.59 -25.48 -44.75
CA HIS B 185 -25.84 -25.84 -45.43
C HIS B 185 -26.70 -24.59 -45.60
N ARG B 186 -27.05 -24.28 -46.84
CA ARG B 186 -27.75 -23.07 -47.20
C ARG B 186 -29.26 -23.26 -47.07
N GLY B 187 -29.98 -22.14 -47.02
CA GLY B 187 -31.40 -22.14 -46.73
C GLY B 187 -32.27 -22.43 -47.93
N GLU B 188 -33.50 -21.95 -47.88
CA GLU B 188 -34.49 -22.23 -48.94
C GLU B 188 -34.06 -21.62 -50.26
N SER B 189 -33.74 -20.33 -50.26
CA SER B 189 -33.36 -19.63 -51.49
C SER B 189 -31.94 -19.95 -51.93
N ASN B 190 -31.22 -20.77 -51.18
CA ASN B 190 -29.86 -21.21 -51.50
C ASN B 190 -28.87 -20.04 -51.57
N SER B 191 -29.22 -18.89 -51.01
CA SER B 191 -28.27 -17.81 -50.88
C SER B 191 -27.19 -18.19 -49.88
N PRO B 192 -25.92 -17.89 -50.17
CA PRO B 192 -24.84 -18.31 -49.26
C PRO B 192 -24.94 -17.71 -47.87
N TYR B 193 -25.66 -16.61 -47.68
CA TYR B 193 -25.73 -15.94 -46.39
C TYR B 193 -26.95 -16.34 -45.57
N SER B 194 -27.93 -17.02 -46.16
CA SER B 194 -29.06 -17.56 -45.42
C SER B 194 -28.72 -19.00 -45.05
N ILE B 195 -28.07 -19.17 -43.90
CA ILE B 195 -27.54 -20.46 -43.50
C ILE B 195 -28.64 -21.30 -42.86
N TYR B 196 -28.89 -22.47 -43.45
CA TYR B 196 -29.89 -23.39 -42.88
C TYR B 196 -29.48 -23.83 -41.48
N ASP B 197 -28.31 -24.46 -41.37
CA ASP B 197 -27.80 -24.95 -40.09
C ASP B 197 -26.36 -24.49 -39.93
N GLN B 198 -26.08 -23.82 -38.81
CA GLN B 198 -24.75 -23.27 -38.57
C GLN B 198 -23.74 -24.32 -38.16
N LEU B 199 -24.18 -25.47 -37.64
CA LEU B 199 -23.30 -26.42 -37.00
C LEU B 199 -22.79 -27.52 -37.93
N GLU B 200 -23.26 -27.59 -39.17
CA GLU B 200 -22.75 -28.57 -40.12
C GLU B 200 -22.61 -27.93 -41.49
N PHE B 201 -21.63 -28.41 -42.25
CA PHE B 201 -21.29 -27.83 -43.53
C PHE B 201 -22.23 -28.34 -44.61
N ASP B 202 -21.98 -27.92 -45.85
CA ASP B 202 -22.83 -28.26 -46.98
C ASP B 202 -22.79 -29.76 -47.24
N PRO B 203 -23.91 -30.48 -47.10
CA PRO B 203 -23.89 -31.92 -47.38
C PRO B 203 -23.60 -32.26 -48.83
N THR B 204 -23.72 -31.30 -49.74
CA THR B 204 -23.41 -31.54 -51.14
C THR B 204 -21.93 -31.86 -51.35
N VAL B 205 -21.05 -31.27 -50.53
CA VAL B 205 -19.61 -31.38 -50.70
C VAL B 205 -18.96 -32.09 -49.52
N PHE B 206 -19.24 -31.63 -48.30
CA PHE B 206 -18.61 -32.15 -47.10
C PHE B 206 -19.60 -32.94 -46.26
N LYS B 207 -19.06 -33.66 -45.29
CA LYS B 207 -19.86 -34.42 -44.34
C LYS B 207 -19.42 -34.27 -42.88
N SER B 208 -18.19 -33.85 -42.62
CA SER B 208 -17.70 -33.71 -41.26
C SER B 208 -16.71 -32.56 -41.19
N GLU B 209 -16.35 -32.18 -39.96
CA GLU B 209 -15.34 -31.15 -39.77
C GLU B 209 -13.99 -31.59 -40.32
N LYS B 210 -13.65 -32.87 -40.13
CA LYS B 210 -12.35 -33.37 -40.56
C LYS B 210 -12.23 -33.34 -42.09
N GLU B 211 -13.35 -33.43 -42.80
CA GLU B 211 -13.31 -33.40 -44.26
C GLU B 211 -13.00 -32.01 -44.77
N VAL B 212 -13.54 -30.98 -44.13
CA VAL B 212 -13.25 -29.61 -44.55
C VAL B 212 -11.95 -29.10 -43.92
N ALA B 213 -11.61 -29.59 -42.72
CA ALA B 213 -10.35 -29.20 -42.10
C ALA B 213 -9.16 -29.71 -42.89
N ASP B 214 -9.27 -30.92 -43.46
CA ASP B 214 -8.20 -31.43 -44.29
C ASP B 214 -8.04 -30.65 -45.59
N MET B 215 -9.15 -30.14 -46.14
CA MET B 215 -9.07 -29.34 -47.35
C MET B 215 -8.37 -28.01 -47.09
N VAL B 216 -8.65 -27.38 -45.95
CA VAL B 216 -8.02 -26.11 -45.62
C VAL B 216 -6.53 -26.30 -45.33
N GLU B 217 -6.20 -27.34 -44.56
CA GLU B 217 -4.79 -27.66 -44.33
C GLU B 217 -4.10 -28.06 -45.62
N ARG B 218 -4.84 -28.65 -46.56
CA ARG B 218 -4.27 -28.94 -47.87
C ARG B 218 -3.91 -27.64 -48.60
N LEU B 219 -4.78 -26.63 -48.50
CA LEU B 219 -4.47 -25.33 -49.09
C LEU B 219 -3.20 -24.74 -48.49
N ARG B 220 -2.95 -24.99 -47.20
CA ARG B 220 -1.77 -24.43 -46.56
C ARG B 220 -0.50 -25.12 -47.05
N THR B 221 -0.49 -26.46 -47.05
CA THR B 221 0.72 -27.19 -47.39
C THR B 221 0.98 -27.25 -48.89
N GLU B 222 -0.08 -27.33 -49.70
CA GLU B 222 0.09 -27.46 -51.14
C GLU B 222 0.42 -26.12 -51.79
N HIS B 223 -0.48 -25.15 -51.67
CA HIS B 223 -0.41 -23.91 -52.42
C HIS B 223 0.07 -22.72 -51.60
N ASN B 224 0.43 -22.93 -50.33
CA ASN B 224 0.87 -21.85 -49.44
C ASN B 224 -0.20 -20.77 -49.34
N ILE B 225 -1.41 -21.18 -48.96
CA ILE B 225 -2.56 -20.28 -48.92
C ILE B 225 -3.30 -20.48 -47.60
N LEU B 226 -3.54 -19.40 -46.88
CA LEU B 226 -4.37 -19.42 -45.68
C LEU B 226 -5.84 -19.22 -46.06
N SER B 227 -6.72 -19.55 -45.13
CA SER B 227 -8.15 -19.55 -45.40
C SER B 227 -8.92 -18.85 -44.28
N LEU B 228 -10.05 -18.25 -44.66
CA LEU B 228 -10.97 -17.64 -43.71
C LEU B 228 -12.35 -17.58 -44.36
N THR B 229 -13.38 -17.52 -43.51
CA THR B 229 -14.77 -17.54 -43.97
C THR B 229 -15.51 -16.31 -43.48
N ASP B 230 -16.70 -16.13 -44.05
CA ASP B 230 -17.68 -15.24 -43.47
C ASP B 230 -18.30 -15.89 -42.24
N ILE B 231 -18.61 -15.06 -41.25
CA ILE B 231 -19.36 -15.50 -40.08
C ILE B 231 -20.58 -14.61 -39.97
N VAL B 232 -21.76 -15.22 -39.97
CA VAL B 232 -23.03 -14.50 -40.00
C VAL B 232 -23.60 -14.51 -38.59
N PHE B 233 -23.66 -13.33 -37.97
CA PHE B 233 -24.24 -13.18 -36.64
C PHE B 233 -25.66 -12.64 -36.68
N ASN B 234 -26.01 -11.85 -37.68
CA ASN B 234 -27.23 -11.04 -37.64
C ASN B 234 -28.49 -11.83 -38.00
N HIS B 235 -28.37 -12.95 -38.70
CA HIS B 235 -29.56 -13.62 -39.20
C HIS B 235 -29.27 -15.09 -39.48
N THR B 236 -30.35 -15.84 -39.70
CA THR B 236 -30.30 -17.24 -40.09
C THR B 236 -31.41 -17.50 -41.09
N ALA B 237 -31.34 -18.65 -41.76
CA ALA B 237 -32.32 -18.99 -42.78
C ALA B 237 -33.72 -19.13 -42.18
N ASN B 238 -34.72 -18.79 -43.01
CA ASN B 238 -36.13 -18.77 -42.62
C ASN B 238 -36.74 -20.16 -42.49
N ASN B 239 -35.97 -21.24 -42.50
CA ASN B 239 -36.51 -22.59 -42.47
C ASN B 239 -35.52 -23.50 -41.74
N SER B 240 -35.26 -23.17 -40.48
CA SER B 240 -34.36 -23.96 -39.64
C SER B 240 -35.17 -24.80 -38.67
N GLN B 241 -34.88 -26.10 -38.62
CA GLN B 241 -35.61 -27.00 -37.73
C GLN B 241 -35.39 -26.67 -36.27
N TRP B 242 -34.35 -25.90 -35.94
CA TRP B 242 -34.17 -25.42 -34.58
C TRP B 242 -34.96 -24.14 -34.32
N LEU B 243 -35.33 -23.39 -35.36
CA LEU B 243 -36.21 -22.25 -35.19
C LEU B 243 -37.60 -22.70 -34.76
N LEU B 244 -37.99 -23.92 -35.11
CA LEU B 244 -39.26 -24.48 -34.62
C LEU B 244 -39.17 -24.79 -33.13
N ASP B 245 -38.02 -25.28 -32.68
CA ASP B 245 -37.85 -25.58 -31.26
C ASP B 245 -37.66 -24.32 -30.44
N HIS B 246 -36.88 -23.37 -30.93
CA HIS B 246 -36.55 -22.14 -30.20
C HIS B 246 -36.99 -20.94 -31.04
N PRO B 247 -38.28 -20.60 -31.03
CA PRO B 247 -38.72 -19.41 -31.76
C PRO B 247 -38.35 -18.11 -31.08
N GLU B 248 -37.96 -18.16 -29.80
CA GLU B 248 -37.57 -16.94 -29.09
C GLU B 248 -36.20 -16.44 -29.49
N ALA B 249 -35.46 -17.19 -30.31
CA ALA B 249 -34.15 -16.75 -30.77
C ALA B 249 -34.25 -15.50 -31.63
N GLY B 250 -35.40 -15.27 -32.26
CA GLY B 250 -35.67 -14.04 -32.98
C GLY B 250 -36.68 -13.18 -32.23
N TYR B 251 -36.93 -12.00 -32.79
CA TYR B 251 -37.92 -11.08 -32.23
C TYR B 251 -39.30 -11.47 -32.72
N ASN B 252 -40.16 -11.91 -31.81
CA ASN B 252 -41.54 -12.25 -32.12
C ASN B 252 -42.49 -11.37 -31.30
N HIS B 253 -43.78 -11.70 -31.35
CA HIS B 253 -44.78 -10.93 -30.62
C HIS B 253 -44.60 -11.06 -29.10
N LYS B 254 -43.92 -12.12 -28.64
CA LYS B 254 -43.64 -12.25 -27.22
C LYS B 254 -42.40 -11.48 -26.83
N THR B 255 -41.31 -11.66 -27.57
CA THR B 255 -40.03 -11.07 -27.18
C THR B 255 -39.98 -9.57 -27.48
N SER B 256 -40.41 -9.18 -28.68
CA SER B 256 -40.47 -7.77 -29.08
C SER B 256 -41.91 -7.45 -29.45
N PRO B 257 -42.75 -7.11 -28.46
CA PRO B 257 -44.18 -6.91 -28.75
C PRO B 257 -44.49 -5.67 -29.58
N HIS B 258 -43.54 -4.73 -29.72
CA HIS B 258 -43.82 -3.51 -30.46
C HIS B 258 -44.09 -3.76 -31.94
N LEU B 259 -43.62 -4.87 -32.48
CA LEU B 259 -43.80 -5.19 -33.89
C LEU B 259 -45.14 -5.88 -34.18
N ILE B 260 -45.99 -6.04 -33.17
CA ILE B 260 -47.30 -6.64 -33.40
C ILE B 260 -48.10 -5.82 -34.41
N SER B 261 -47.99 -4.49 -34.34
CA SER B 261 -48.64 -3.64 -35.33
C SER B 261 -48.08 -3.89 -36.72
N ALA B 262 -46.77 -4.16 -36.81
CA ALA B 262 -46.16 -4.42 -38.10
C ALA B 262 -46.50 -5.82 -38.62
N ILE B 263 -46.77 -6.76 -37.70
CA ILE B 263 -47.14 -8.11 -38.12
C ILE B 263 -48.50 -8.10 -38.79
N GLU B 264 -49.49 -7.46 -38.15
CA GLU B 264 -50.84 -7.42 -38.69
C GLU B 264 -50.92 -6.62 -39.98
N LEU B 265 -49.91 -5.81 -40.30
CA LEU B 265 -49.85 -5.13 -41.58
C LEU B 265 -49.18 -5.98 -42.65
N ASP B 266 -48.20 -6.81 -42.26
CA ASP B 266 -47.54 -7.68 -43.24
C ASP B 266 -48.48 -8.77 -43.71
N LYS B 267 -49.15 -9.45 -42.79
CA LYS B 267 -50.13 -10.48 -43.13
C LYS B 267 -51.38 -9.90 -43.76
N LYS B 268 -51.61 -8.60 -43.58
CA LYS B 268 -52.65 -7.88 -44.31
C LYS B 268 -52.23 -7.56 -45.74
N LEU B 269 -51.00 -7.08 -45.98
CA LEU B 269 -50.60 -6.80 -47.36
C LEU B 269 -50.55 -8.05 -48.22
N LEU B 270 -50.03 -9.14 -47.65
CA LEU B 270 -49.96 -10.37 -48.42
C LEU B 270 -51.35 -10.95 -48.69
N ASP B 271 -52.25 -10.85 -47.71
CA ASP B 271 -53.62 -11.30 -47.95
C ASP B 271 -54.30 -10.44 -49.00
N PHE B 272 -54.00 -9.15 -49.03
CA PHE B 272 -54.49 -8.29 -50.10
C PHE B 272 -53.89 -8.71 -51.44
N SER B 273 -52.58 -8.98 -51.45
CA SER B 273 -51.91 -9.37 -52.70
C SER B 273 -52.39 -10.72 -53.20
N GLU B 274 -52.72 -11.65 -52.30
CA GLU B 274 -53.19 -12.95 -52.71
C GLU B 274 -54.60 -12.89 -53.30
N GLN B 275 -55.47 -12.02 -52.80
CA GLN B 275 -56.76 -11.76 -53.40
C GLN B 275 -56.79 -10.41 -54.11
N MET B 276 -55.62 -9.97 -54.58
CA MET B 276 -55.53 -8.74 -55.36
C MET B 276 -56.18 -8.91 -56.72
N GLU B 277 -55.99 -10.08 -57.33
CA GLU B 277 -56.49 -10.32 -58.69
C GLU B 277 -58.02 -10.28 -58.76
N ALA B 278 -58.71 -10.46 -57.63
CA ALA B 278 -60.17 -10.42 -57.65
C ALA B 278 -60.67 -9.07 -58.17
N LEU B 279 -60.21 -7.97 -57.55
CA LEU B 279 -60.44 -6.63 -58.02
C LEU B 279 -59.45 -6.25 -59.12
N GLY B 280 -58.17 -6.55 -58.91
CA GLY B 280 -57.07 -6.35 -59.85
C GLY B 280 -57.25 -5.30 -60.94
N TYR B 281 -57.37 -4.03 -60.54
CA TYR B 281 -57.48 -2.97 -61.55
C TYR B 281 -56.16 -2.75 -62.28
N PRO B 282 -54.99 -2.67 -61.62
CA PRO B 282 -53.75 -2.51 -62.37
C PRO B 282 -52.70 -3.51 -61.95
N VAL B 283 -53.03 -4.81 -62.01
CA VAL B 283 -52.19 -5.90 -61.51
C VAL B 283 -50.71 -5.60 -61.68
N ASP B 284 -50.26 -5.37 -62.93
CA ASP B 284 -48.86 -4.99 -63.19
C ASP B 284 -48.81 -4.36 -64.58
N LEU B 285 -49.13 -3.09 -64.61
CA LEU B 285 -49.10 -2.26 -65.80
C LEU B 285 -48.03 -1.21 -65.60
N LYS B 286 -47.81 -0.37 -66.61
CA LYS B 286 -46.79 0.66 -66.53
C LYS B 286 -47.34 2.05 -66.81
N THR B 287 -48.63 2.27 -66.57
CA THR B 287 -49.29 3.54 -66.85
C THR B 287 -49.42 4.41 -65.59
N VAL B 288 -49.63 5.71 -65.81
CA VAL B 288 -49.90 6.62 -64.69
C VAL B 288 -51.21 6.27 -64.01
N ASP B 289 -52.24 5.93 -64.78
CA ASP B 289 -53.50 5.51 -64.19
C ASP B 289 -53.29 4.27 -63.32
N ASP B 290 -52.48 3.34 -63.82
CA ASP B 290 -52.11 2.14 -63.07
C ASP B 290 -51.24 2.48 -61.86
N LEU B 291 -50.38 3.50 -61.99
CA LEU B 291 -49.47 3.85 -60.89
C LEU B 291 -50.23 4.28 -59.63
N ILE B 292 -51.29 5.07 -59.80
CA ILE B 292 -52.09 5.53 -58.66
C ILE B 292 -53.24 4.58 -58.28
N LYS B 293 -53.73 3.78 -59.22
CA LYS B 293 -54.89 2.93 -58.96
C LYS B 293 -54.60 1.89 -57.88
N VAL B 294 -53.38 1.34 -57.84
CA VAL B 294 -53.03 0.40 -56.78
C VAL B 294 -53.05 1.09 -55.43
N MET B 295 -52.65 2.36 -55.39
CA MET B 295 -52.60 3.14 -54.15
C MET B 295 -53.98 3.23 -53.51
N ASP B 296 -54.97 3.56 -54.33
CA ASP B 296 -56.36 3.67 -53.88
C ASP B 296 -56.87 2.36 -53.31
N GLY B 297 -56.58 1.26 -54.00
CA GLY B 297 -56.96 -0.05 -53.47
C GLY B 297 -56.28 -0.40 -52.17
N ILE B 298 -54.98 -0.10 -52.08
CA ILE B 298 -54.24 -0.27 -50.83
C ILE B 298 -54.89 0.52 -49.71
N LYS B 299 -55.22 1.78 -49.99
CA LYS B 299 -55.77 2.73 -49.03
C LYS B 299 -57.15 2.33 -48.52
N GLU B 300 -57.89 1.49 -49.23
CA GLU B 300 -59.23 1.11 -48.79
C GLU B 300 -59.37 -0.34 -48.35
N HIS B 301 -58.51 -1.25 -48.81
CA HIS B 301 -58.67 -2.66 -48.48
C HIS B 301 -57.65 -3.14 -47.44
N VAL B 302 -56.60 -2.36 -47.24
CA VAL B 302 -55.59 -2.65 -46.23
C VAL B 302 -55.56 -1.50 -45.23
N ILE B 303 -55.16 -0.31 -45.67
CA ILE B 303 -55.03 0.80 -44.74
C ILE B 303 -56.39 1.18 -44.17
N GLY B 304 -57.39 1.34 -45.03
CA GLY B 304 -58.74 1.66 -44.65
C GLY B 304 -59.44 0.51 -43.96
N GLU B 305 -58.69 -0.53 -43.59
CA GLU B 305 -59.30 -1.66 -42.91
C GLU B 305 -58.60 -2.07 -41.63
N LEU B 306 -57.60 -1.32 -41.15
CA LEU B 306 -56.87 -1.64 -39.93
C LEU B 306 -57.29 -0.78 -38.75
N LYS B 307 -58.57 -0.41 -38.69
CA LYS B 307 -59.15 0.13 -37.46
C LYS B 307 -58.47 1.42 -37.01
N LEU B 308 -58.05 2.20 -38.00
CA LEU B 308 -57.39 3.49 -37.78
C LEU B 308 -56.21 3.38 -36.81
N TRP B 309 -55.69 2.16 -36.66
CA TRP B 309 -54.54 1.88 -35.81
C TRP B 309 -54.78 2.42 -34.40
N GLU B 310 -55.57 1.70 -33.60
CA GLU B 310 -55.72 2.06 -32.19
C GLU B 310 -54.45 1.82 -31.40
N PHE B 311 -53.39 1.29 -32.04
CA PHE B 311 -52.11 1.17 -31.38
C PHE B 311 -51.58 2.53 -30.93
N TYR B 312 -52.06 3.62 -31.54
CA TYR B 312 -51.64 4.97 -31.23
C TYR B 312 -52.57 5.71 -30.25
N VAL B 313 -53.87 5.72 -30.51
CA VAL B 313 -54.81 6.55 -29.76
C VAL B 313 -55.45 5.76 -28.62
N VAL B 314 -56.06 6.48 -27.68
CA VAL B 314 -56.81 5.88 -26.57
C VAL B 314 -58.26 5.72 -27.00
N ASP B 315 -58.85 4.54 -26.75
CA ASP B 315 -60.28 4.33 -27.00
C ASP B 315 -61.10 5.25 -26.10
N VAL B 316 -61.59 6.36 -26.65
CA VAL B 316 -62.28 7.35 -25.83
C VAL B 316 -63.48 6.72 -25.14
N LYS B 317 -64.29 5.99 -25.90
CA LYS B 317 -65.50 5.41 -25.35
C LYS B 317 -65.21 4.34 -24.31
N GLN B 318 -64.13 3.57 -24.50
CA GLN B 318 -63.88 2.49 -23.55
C GLN B 318 -63.39 3.04 -22.23
N THR B 319 -62.74 4.21 -22.25
CA THR B 319 -62.28 4.85 -21.03
C THR B 319 -63.42 5.59 -20.35
N VAL B 320 -64.29 6.23 -21.14
CA VAL B 320 -65.45 6.89 -20.59
C VAL B 320 -66.34 5.90 -19.84
N SER B 321 -66.55 4.73 -20.42
CA SER B 321 -67.35 3.72 -19.73
C SER B 321 -66.69 3.25 -18.45
N GLU B 322 -65.37 3.06 -18.46
CA GLU B 322 -64.68 2.58 -17.27
C GLU B 322 -64.61 3.67 -16.21
N LEU B 323 -64.72 4.93 -16.65
CA LEU B 323 -64.78 6.05 -15.73
C LEU B 323 -66.04 5.97 -14.88
N ARG B 324 -67.20 5.76 -15.52
CA ARG B 324 -68.48 5.66 -14.82
C ARG B 324 -68.54 4.44 -13.90
N GLU B 325 -68.10 3.28 -14.40
CA GLU B 325 -68.15 2.04 -13.65
C GLU B 325 -67.36 2.13 -12.36
N LYS B 326 -66.13 2.62 -12.41
CA LYS B 326 -65.30 2.77 -11.22
C LYS B 326 -65.33 4.19 -10.64
N TRP B 327 -66.29 5.02 -11.07
CA TRP B 327 -66.51 6.32 -10.42
C TRP B 327 -67.06 6.06 -9.02
N GLY B 328 -66.20 6.09 -8.02
CA GLY B 328 -66.62 5.67 -6.70
C GLY B 328 -65.54 4.93 -5.94
N ASN B 329 -64.30 4.93 -6.47
CA ASN B 329 -63.17 4.34 -5.77
C ASN B 329 -62.20 5.45 -5.33
N SER B 330 -60.99 5.49 -5.88
CA SER B 330 -60.07 6.58 -5.58
C SER B 330 -60.64 7.89 -6.10
N LYS B 331 -61.52 8.54 -5.34
CA LYS B 331 -62.28 9.69 -5.84
C LYS B 331 -61.93 10.91 -5.00
N SER B 332 -60.73 11.43 -5.21
CA SER B 332 -60.23 12.62 -4.55
C SER B 332 -58.88 12.97 -5.14
N TRP B 333 -58.65 14.24 -5.45
CA TRP B 333 -57.35 14.66 -5.90
C TRP B 333 -56.80 15.67 -4.91
N SER B 334 -55.49 15.62 -4.71
CA SER B 334 -54.86 16.33 -3.61
C SER B 334 -54.50 17.77 -3.93
N ASP B 335 -53.32 17.97 -4.50
CA ASP B 335 -52.81 19.31 -4.77
C ASP B 335 -53.67 20.03 -5.80
N ASP B 336 -53.35 21.31 -5.97
CA ASP B 336 -53.93 22.24 -6.94
C ASP B 336 -53.19 22.23 -8.29
N ASN B 337 -52.40 21.19 -8.57
CA ASN B 337 -51.60 21.22 -9.79
C ASN B 337 -52.45 21.19 -11.07
N ILE B 338 -53.67 20.67 -11.00
CA ILE B 338 -54.54 20.55 -12.17
C ILE B 338 -54.81 21.91 -12.81
N PRO B 339 -54.37 22.12 -14.08
CA PRO B 339 -54.54 23.42 -14.77
C PRO B 339 -55.99 23.75 -15.08
N SER B 340 -56.26 24.94 -15.63
CA SER B 340 -57.59 25.34 -16.04
C SER B 340 -58.07 24.50 -17.23
N LYS B 341 -59.39 24.39 -17.35
CA LYS B 341 -60.00 23.71 -18.49
C LYS B 341 -59.86 24.52 -19.78
N ASP B 342 -59.68 25.84 -19.68
CA ASP B 342 -59.48 26.66 -20.88
C ASP B 342 -58.11 26.39 -21.49
N ASP B 343 -57.14 26.02 -20.65
CA ASP B 343 -55.82 25.60 -21.13
C ASP B 343 -55.82 24.10 -21.36
N SER B 344 -56.51 23.70 -22.43
CA SER B 344 -56.65 22.29 -22.75
C SER B 344 -55.29 21.66 -22.98
N THR B 345 -54.35 22.43 -23.53
CA THR B 345 -53.01 21.92 -23.80
C THR B 345 -52.35 21.38 -22.53
N ASN B 346 -52.28 22.21 -21.49
CA ASN B 346 -51.67 21.78 -20.23
C ASN B 346 -52.49 20.69 -19.56
N LEU B 347 -53.82 20.84 -19.56
CA LEU B 347 -54.66 19.85 -18.91
C LEU B 347 -54.52 18.48 -19.55
N ALA B 348 -54.35 18.42 -20.88
CA ALA B 348 -54.16 17.15 -21.56
C ALA B 348 -52.86 16.48 -21.13
N GLN B 349 -51.75 17.22 -21.18
CA GLN B 349 -50.47 16.60 -20.84
C GLN B 349 -50.30 16.38 -19.36
N PHE B 350 -51.06 17.11 -18.54
CA PHE B 350 -51.03 16.85 -17.10
C PHE B 350 -51.55 15.44 -16.81
N VAL B 351 -52.66 15.07 -17.45
CA VAL B 351 -53.18 13.71 -17.29
C VAL B 351 -52.20 12.71 -17.89
N ARG B 352 -51.55 13.07 -19.00
CA ARG B 352 -50.63 12.15 -19.64
C ARG B 352 -49.46 11.82 -18.73
N ASP B 353 -48.91 12.86 -18.08
CA ASP B 353 -47.75 12.64 -17.23
C ASP B 353 -48.14 11.97 -15.93
N ASN B 354 -49.41 12.10 -15.54
CA ASN B 354 -49.85 11.58 -14.26
C ASN B 354 -50.65 10.29 -14.41
N ALA B 355 -51.85 10.38 -15.01
CA ALA B 355 -52.80 9.27 -14.93
C ALA B 355 -52.77 8.51 -16.24
N THR B 356 -51.75 7.65 -16.35
CA THR B 356 -51.53 6.77 -17.48
C THR B 356 -51.05 5.41 -16.97
N GLU B 357 -51.23 4.40 -17.81
CA GLU B 357 -50.81 3.00 -17.68
C GLU B 357 -49.42 2.78 -18.27
N PRO B 358 -48.71 1.69 -17.87
CA PRO B 358 -47.36 1.43 -18.36
C PRO B 358 -47.25 1.45 -19.88
N GLY B 359 -46.30 2.21 -20.43
CA GLY B 359 -46.13 2.26 -21.86
C GLY B 359 -47.07 3.20 -22.61
N PHE B 360 -47.26 4.44 -22.17
CA PHE B 360 -48.12 5.33 -22.94
C PHE B 360 -47.33 5.88 -24.12
N GLY B 361 -47.91 5.78 -25.32
CA GLY B 361 -47.19 6.11 -26.51
C GLY B 361 -46.39 4.96 -27.10
N SER B 362 -45.87 4.05 -26.26
CA SER B 362 -45.15 2.92 -26.81
C SER B 362 -46.10 2.01 -27.58
N LEU B 363 -45.60 1.49 -28.68
CA LEU B 363 -46.45 0.68 -29.53
C LEU B 363 -46.44 -0.76 -29.02
N GLY B 364 -47.56 -1.43 -29.19
CA GLY B 364 -47.65 -2.78 -28.71
C GLY B 364 -48.90 -3.48 -29.18
N GLU B 365 -49.75 -3.88 -28.24
CA GLU B 365 -51.01 -4.51 -28.62
C GLU B 365 -51.97 -3.45 -29.16
N ARG B 366 -53.16 -3.90 -29.58
CA ARG B 366 -54.12 -2.97 -30.18
C ARG B 366 -54.49 -1.86 -29.20
N GLY B 367 -54.64 -2.18 -27.92
CA GLY B 367 -54.92 -1.18 -26.89
C GLY B 367 -53.70 -0.94 -26.02
N SER B 368 -52.59 -0.56 -26.65
CA SER B 368 -51.32 -0.42 -25.94
C SER B 368 -51.24 0.84 -25.07
N ASN B 369 -52.06 1.84 -25.37
CA ASN B 369 -52.10 3.13 -24.67
C ASN B 369 -53.42 3.27 -23.91
N LYS B 370 -53.35 3.35 -22.58
CA LYS B 370 -54.57 3.48 -21.80
C LYS B 370 -54.35 4.48 -20.68
N ILE B 371 -55.45 4.91 -20.05
CA ILE B 371 -55.44 5.92 -19.01
C ILE B 371 -55.70 5.25 -17.66
N ASN B 372 -55.02 5.72 -16.62
CA ASN B 372 -55.32 5.27 -15.26
C ASN B 372 -56.66 5.86 -14.87
N ILE B 373 -57.70 5.02 -14.84
CA ILE B 373 -59.05 5.51 -14.68
C ILE B 373 -59.26 6.08 -13.28
N ASP B 374 -58.74 5.38 -12.28
CA ASP B 374 -58.95 5.79 -10.89
C ASP B 374 -58.34 7.15 -10.59
N LYS B 375 -57.26 7.51 -11.27
CA LYS B 375 -56.67 8.82 -11.02
C LYS B 375 -57.20 9.89 -11.97
N PHE B 376 -57.73 9.47 -13.13
CA PHE B 376 -58.33 10.44 -14.04
C PHE B 376 -59.67 10.92 -13.50
N ALA B 377 -60.47 10.01 -12.95
CA ALA B 377 -61.74 10.42 -12.36
C ALA B 377 -61.53 11.33 -11.15
N ALA B 378 -60.44 11.12 -10.40
CA ALA B 378 -60.17 12.03 -9.28
C ALA B 378 -59.75 13.41 -9.79
N ILE B 379 -59.05 13.45 -10.91
CA ILE B 379 -58.71 14.74 -11.53
C ILE B 379 -59.98 15.45 -11.96
N LEU B 380 -60.92 14.70 -12.52
CA LEU B 380 -62.19 15.26 -12.95
C LEU B 380 -62.98 15.78 -11.76
N LYS B 381 -62.92 15.08 -10.61
CA LYS B 381 -63.67 15.53 -9.43
C LYS B 381 -63.16 16.87 -8.91
N LYS B 382 -61.84 17.09 -8.94
CA LYS B 382 -61.30 18.34 -8.46
C LYS B 382 -61.54 19.46 -9.46
N LEU B 383 -61.52 19.15 -10.75
CA LEU B 383 -61.64 20.20 -11.75
C LEU B 383 -63.10 20.56 -12.01
N HIS B 384 -63.98 19.58 -12.10
CA HIS B 384 -65.37 19.86 -12.45
C HIS B 384 -66.24 19.54 -11.25
N SER B 385 -66.71 18.30 -11.09
CA SER B 385 -67.63 18.02 -10.00
C SER B 385 -67.50 16.56 -9.60
N GLU B 386 -67.92 16.26 -8.37
CA GLU B 386 -67.91 14.89 -7.89
C GLU B 386 -69.11 14.08 -8.37
N ASP B 387 -70.07 14.71 -9.04
CA ASP B 387 -71.19 14.03 -9.68
C ASP B 387 -70.83 13.72 -11.12
N TYR B 388 -71.09 12.48 -11.55
CA TYR B 388 -70.62 12.05 -12.86
C TYR B 388 -71.37 12.75 -13.99
N ASN B 389 -72.71 12.73 -13.96
CA ASN B 389 -73.47 13.36 -15.05
C ASN B 389 -73.44 14.89 -15.02
N ASN B 390 -72.72 15.54 -14.09
CA ASN B 390 -72.55 16.99 -14.23
C ASN B 390 -71.48 17.35 -15.27
N GLY B 391 -71.65 16.84 -16.50
CA GLY B 391 -70.77 17.11 -17.64
C GLY B 391 -69.42 16.43 -17.63
N ILE B 392 -69.25 15.32 -16.91
CA ILE B 392 -67.95 14.64 -16.91
C ILE B 392 -67.77 13.91 -18.23
N GLU B 393 -68.84 13.29 -18.73
CA GLU B 393 -68.80 12.62 -20.02
C GLU B 393 -68.27 13.53 -21.12
N GLU B 394 -68.68 14.79 -21.11
CA GLU B 394 -68.20 15.72 -22.12
C GLU B 394 -66.77 16.16 -21.84
N LEU B 395 -66.47 16.52 -20.58
CA LEU B 395 -65.16 17.05 -20.25
C LEU B 395 -64.08 16.00 -20.46
N ALA B 396 -64.32 14.78 -19.99
CA ALA B 396 -63.35 13.70 -20.16
C ALA B 396 -63.12 13.41 -21.64
N THR B 397 -64.20 13.40 -22.44
CA THR B 397 -64.06 13.13 -23.87
C THR B 397 -63.23 14.21 -24.55
N LYS B 398 -63.43 15.48 -24.16
CA LYS B 398 -62.63 16.56 -24.74
C LYS B 398 -61.16 16.36 -24.44
N ILE B 399 -60.83 16.14 -23.16
CA ILE B 399 -59.44 16.04 -22.74
C ILE B 399 -58.79 14.83 -23.41
N LEU B 400 -59.50 13.70 -23.40
CA LEU B 400 -58.99 12.47 -24.01
C LEU B 400 -58.79 12.64 -25.52
N ASN B 401 -59.69 13.36 -26.19
CA ASN B 401 -59.49 13.62 -27.62
C ASN B 401 -58.30 14.54 -27.85
N ASP B 402 -58.09 15.51 -26.97
CA ASP B 402 -56.92 16.37 -27.07
C ASP B 402 -55.65 15.59 -26.76
N ILE B 403 -55.76 14.57 -25.90
CA ILE B 403 -54.66 13.66 -25.67
C ILE B 403 -54.38 12.83 -26.91
N ASN B 404 -55.43 12.48 -27.66
CA ASN B 404 -55.20 11.65 -28.83
C ASN B 404 -54.76 12.45 -30.06
N LEU B 405 -54.78 13.78 -30.02
CA LEU B 405 -54.39 14.56 -31.20
C LEU B 405 -52.96 14.30 -31.67
N PRO B 406 -51.94 14.30 -30.80
CA PRO B 406 -50.59 14.01 -31.34
C PRO B 406 -50.45 12.60 -31.85
N PHE B 407 -51.18 11.65 -31.27
CA PHE B 407 -51.10 10.28 -31.75
C PHE B 407 -51.73 10.18 -33.13
N TYR B 408 -52.81 10.92 -33.37
CA TYR B 408 -53.41 10.95 -34.69
C TYR B 408 -52.45 11.57 -35.70
N LYS B 409 -51.80 12.66 -35.31
CA LYS B 409 -50.81 13.26 -36.20
C LYS B 409 -49.64 12.31 -36.44
N GLU B 410 -49.26 11.56 -35.42
CA GLU B 410 -48.22 10.54 -35.59
C GLU B 410 -48.68 9.43 -36.54
N TYR B 411 -49.96 9.07 -36.46
CA TYR B 411 -50.47 8.03 -37.36
C TYR B 411 -50.53 8.54 -38.80
N ASP B 412 -51.00 9.78 -38.99
CA ASP B 412 -51.05 10.35 -40.32
C ASP B 412 -49.65 10.51 -40.92
N ASP B 413 -48.69 11.01 -40.13
CA ASP B 413 -47.33 11.17 -40.65
C ASP B 413 -46.70 9.83 -40.96
N ASP B 414 -47.06 8.79 -40.21
CA ASP B 414 -46.50 7.47 -40.42
C ASP B 414 -47.09 6.82 -41.66
N ILE B 415 -48.42 6.81 -41.76
CA ILE B 415 -49.08 6.14 -42.88
C ILE B 415 -48.74 6.82 -44.21
N ASN B 416 -48.51 8.14 -44.18
CA ASN B 416 -48.09 8.84 -45.38
C ASN B 416 -46.78 8.27 -45.92
N GLU B 417 -45.80 8.08 -45.03
CA GLU B 417 -44.53 7.48 -45.44
C GLU B 417 -44.61 5.98 -45.65
N VAL B 418 -45.71 5.34 -45.22
CA VAL B 418 -45.88 3.92 -45.49
C VAL B 418 -46.18 3.69 -46.97
N LEU B 419 -47.24 4.33 -47.46
CA LEU B 419 -47.63 4.13 -48.85
C LEU B 419 -46.63 4.78 -49.80
N GLU B 420 -45.96 5.86 -49.37
CA GLU B 420 -44.88 6.43 -50.17
C GLU B 420 -43.78 5.40 -50.42
N GLN B 421 -43.30 4.76 -49.35
CA GLN B 421 -42.30 3.70 -49.51
C GLN B 421 -42.83 2.56 -50.37
N LEU B 422 -44.11 2.21 -50.19
CA LEU B 422 -44.71 1.12 -50.95
C LEU B 422 -44.73 1.46 -52.44
N PHE B 423 -45.28 2.63 -52.78
CA PHE B 423 -45.45 2.99 -54.19
C PHE B 423 -44.11 3.31 -54.86
N ASN B 424 -43.21 4.00 -54.15
CA ASN B 424 -41.88 4.28 -54.71
C ASN B 424 -41.10 3.01 -55.00
N ARG B 425 -41.11 2.06 -54.05
CA ARG B 425 -40.42 0.80 -54.26
C ARG B 425 -41.04 -0.01 -55.40
N ILE B 426 -42.37 -0.04 -55.48
CA ILE B 426 -43.05 -0.76 -56.56
C ILE B 426 -42.68 -0.18 -57.91
N LYS B 427 -42.70 1.15 -58.04
CA LYS B 427 -42.38 1.77 -59.33
C LYS B 427 -41.00 1.33 -59.84
N TYR B 428 -39.95 1.48 -59.04
CA TYR B 428 -38.62 1.02 -59.47
C TYR B 428 -38.61 -0.47 -59.79
N LEU B 429 -39.14 -1.28 -58.88
CA LEU B 429 -39.13 -2.73 -59.06
C LEU B 429 -39.86 -3.14 -60.33
N ARG B 430 -41.05 -2.58 -60.55
CA ARG B 430 -41.86 -2.95 -61.71
C ARG B 430 -41.42 -2.14 -62.91
N ILE B 431 -41.87 -0.91 -62.99
CA ILE B 431 -41.49 -0.01 -64.07
C ILE B 431 -39.97 0.15 -64.03
N ASP B 432 -39.28 -0.59 -64.89
CA ASP B 432 -37.83 -0.64 -64.90
C ASP B 432 -37.18 0.75 -64.93
N ASP B 433 -36.65 1.22 -63.80
CA ASP B 433 -35.75 2.36 -63.89
C ASP B 433 -34.30 1.90 -64.07
N HIS B 434 -33.87 0.94 -63.25
CA HIS B 434 -32.53 0.35 -63.37
C HIS B 434 -32.54 -1.11 -62.93
N GLY B 435 -33.74 -1.67 -62.68
CA GLY B 435 -33.93 -3.07 -62.40
C GLY B 435 -35.36 -3.53 -62.74
N PRO B 436 -35.54 -4.35 -63.79
CA PRO B 436 -36.90 -4.77 -64.16
C PRO B 436 -37.34 -6.05 -63.46
N LYS B 437 -38.68 -6.22 -63.42
CA LYS B 437 -39.36 -7.38 -62.85
C LYS B 437 -40.86 -7.12 -62.82
N GLN B 438 -41.52 -7.18 -63.98
CA GLN B 438 -42.95 -6.91 -64.05
C GLN B 438 -43.82 -8.15 -63.99
N GLY B 439 -43.46 -9.17 -63.22
CA GLY B 439 -44.43 -10.23 -63.02
C GLY B 439 -45.44 -9.74 -62.02
N PRO B 440 -46.74 -9.80 -62.35
CA PRO B 440 -47.75 -9.23 -61.46
C PRO B 440 -47.70 -9.74 -60.03
N ILE B 441 -48.07 -11.00 -59.83
CA ILE B 441 -48.13 -11.59 -58.51
C ILE B 441 -47.93 -13.09 -58.64
N THR B 442 -47.25 -13.66 -57.65
CA THR B 442 -47.15 -15.10 -57.56
C THR B 442 -47.19 -15.45 -56.07
N LYS B 443 -47.26 -16.75 -55.79
CA LYS B 443 -47.10 -17.18 -54.42
C LYS B 443 -45.68 -16.92 -53.95
N LYS B 444 -44.72 -16.98 -54.87
CA LYS B 444 -43.34 -16.68 -54.52
C LYS B 444 -43.04 -15.19 -54.62
N LEU B 445 -43.71 -14.48 -55.52
CA LEU B 445 -43.43 -13.07 -55.82
C LEU B 445 -44.66 -12.18 -55.70
N PRO B 446 -45.09 -11.82 -54.48
CA PRO B 446 -46.17 -10.84 -54.34
C PRO B 446 -45.62 -9.42 -54.49
N LEU B 447 -46.52 -8.43 -54.47
CA LEU B 447 -46.14 -7.03 -54.34
C LEU B 447 -45.68 -6.68 -52.93
N SER B 448 -46.13 -7.44 -51.93
CA SER B 448 -45.81 -7.08 -50.54
C SER B 448 -44.60 -7.90 -50.16
N GLU B 449 -43.47 -7.21 -49.95
CA GLU B 449 -42.24 -7.90 -49.61
C GLU B 449 -42.41 -8.52 -48.24
N PRO B 450 -42.18 -9.81 -48.08
CA PRO B 450 -42.48 -10.43 -46.79
C PRO B 450 -41.62 -9.84 -45.68
N TYR B 451 -42.26 -9.06 -44.81
CA TYR B 451 -41.55 -8.46 -43.69
C TYR B 451 -41.45 -9.39 -42.50
N PHE B 452 -42.23 -10.46 -42.46
CA PHE B 452 -42.22 -11.41 -41.35
C PHE B 452 -42.36 -12.81 -41.91
N THR B 453 -41.52 -13.72 -41.40
CA THR B 453 -41.58 -15.12 -41.77
C THR B 453 -42.45 -15.81 -40.73
N ARG B 454 -43.58 -16.34 -41.18
CA ARG B 454 -44.57 -16.94 -40.30
C ARG B 454 -44.41 -18.46 -40.32
N PHE B 455 -44.64 -19.08 -39.17
CA PHE B 455 -44.50 -20.53 -39.07
C PHE B 455 -45.24 -21.02 -37.83
N LYS B 456 -45.35 -22.35 -37.73
CA LYS B 456 -45.91 -23.02 -36.57
C LYS B 456 -44.82 -23.78 -35.83
N ALA B 457 -44.59 -23.41 -34.56
CA ALA B 457 -43.49 -23.96 -33.78
C ALA B 457 -43.87 -25.30 -33.15
N LYS B 458 -42.84 -26.00 -32.63
CA LYS B 458 -43.05 -27.28 -31.96
C LYS B 458 -43.73 -27.12 -30.60
N ASP B 459 -43.74 -25.90 -30.04
CA ASP B 459 -44.47 -25.65 -28.81
C ASP B 459 -45.98 -25.57 -29.01
N GLY B 460 -46.44 -25.54 -30.27
CA GLY B 460 -47.86 -25.50 -30.55
C GLY B 460 -48.33 -24.17 -31.09
N GLU B 461 -47.89 -23.08 -30.46
CA GLU B 461 -48.33 -21.75 -30.85
C GLU B 461 -47.74 -21.35 -32.19
N GLU B 462 -48.38 -20.36 -32.83
CA GLU B 462 -47.85 -19.75 -34.03
C GLU B 462 -46.94 -18.58 -33.67
N TYR B 463 -46.05 -18.24 -34.61
CA TYR B 463 -45.09 -17.17 -34.40
C TYR B 463 -44.91 -16.40 -35.70
N ALA B 464 -44.27 -15.23 -35.59
CA ALA B 464 -44.02 -14.37 -36.74
C ALA B 464 -42.68 -13.67 -36.51
N LEU B 465 -41.60 -14.36 -36.87
CA LEU B 465 -40.27 -13.75 -36.85
C LEU B 465 -40.06 -12.99 -38.14
N ALA B 466 -39.57 -11.76 -38.03
CA ALA B 466 -39.29 -10.96 -39.21
C ALA B 466 -37.93 -11.33 -39.79
N ASN B 467 -37.51 -10.59 -40.80
CA ASN B 467 -36.23 -10.80 -41.46
C ASN B 467 -35.51 -9.46 -41.55
N ASN B 468 -34.21 -9.48 -41.23
CA ASN B 468 -33.45 -8.25 -41.17
C ASN B 468 -33.18 -7.71 -42.58
N GLY B 469 -32.46 -6.61 -42.63
CA GLY B 469 -32.11 -5.98 -43.89
C GLY B 469 -31.25 -4.76 -43.67
N ALA B 470 -31.70 -3.60 -44.14
CA ALA B 470 -30.99 -2.35 -43.93
C ALA B 470 -31.86 -1.15 -44.27
N ILE B 471 -31.90 -0.16 -43.37
CA ILE B 471 -32.55 1.10 -43.69
C ILE B 471 -31.75 1.81 -44.78
N TRP B 472 -32.44 2.57 -45.62
CA TRP B 472 -31.83 3.21 -46.78
C TRP B 472 -30.63 4.06 -46.37
N ASP B 473 -30.86 5.13 -45.60
CA ASP B 473 -29.79 6.00 -45.14
C ASP B 473 -29.78 6.13 -43.62
N GLY B 474 -30.35 5.16 -42.91
CA GLY B 474 -30.41 5.21 -41.46
C GLY B 474 -29.09 4.88 -40.81
N ASN B 475 -29.00 5.22 -39.52
CA ASN B 475 -27.81 4.91 -38.74
C ASN B 475 -27.70 3.41 -38.52
N PRO B 476 -26.67 2.74 -39.03
CA PRO B 476 -26.59 1.28 -38.86
C PRO B 476 -26.35 0.85 -37.44
N LEU B 477 -25.88 1.74 -36.56
CA LEU B 477 -25.69 1.39 -35.16
C LEU B 477 -27.01 1.18 -34.43
N VAL B 478 -28.13 1.59 -35.02
CA VAL B 478 -29.44 1.42 -34.41
C VAL B 478 -30.03 0.10 -34.88
N ASP B 479 -30.38 -0.77 -33.94
CA ASP B 479 -31.07 -2.02 -34.24
C ASP B 479 -32.48 -1.68 -34.70
N PHE B 480 -32.72 -1.78 -36.02
CA PHE B 480 -34.03 -1.46 -36.57
C PHE B 480 -35.11 -2.45 -36.15
N ALA B 481 -34.74 -3.60 -35.59
CA ALA B 481 -35.71 -4.53 -35.04
C ALA B 481 -36.08 -4.22 -33.59
N SER B 482 -35.26 -3.43 -32.89
CA SER B 482 -35.53 -3.12 -31.50
C SER B 482 -36.69 -2.12 -31.38
N SER B 483 -37.05 -1.81 -30.15
CA SER B 483 -38.19 -0.93 -29.90
C SER B 483 -37.88 0.52 -30.25
N GLN B 484 -36.60 0.89 -30.38
CA GLN B 484 -36.24 2.27 -30.67
C GLN B 484 -36.53 2.67 -32.11
N SER B 485 -36.79 1.72 -33.00
CA SER B 485 -37.04 2.01 -34.40
C SER B 485 -38.48 1.69 -34.77
N LYS B 486 -39.00 2.44 -35.75
CA LYS B 486 -40.34 2.22 -36.30
C LYS B 486 -40.26 1.86 -37.78
N ALA B 487 -39.17 1.20 -38.19
CA ALA B 487 -38.92 0.95 -39.61
C ALA B 487 -39.80 -0.17 -40.15
N TYR B 488 -40.01 -1.23 -39.37
CA TYR B 488 -40.87 -2.31 -39.84
C TYR B 488 -42.32 -1.88 -39.92
N LEU B 489 -42.73 -0.89 -39.11
CA LEU B 489 -44.09 -0.37 -39.21
C LEU B 489 -44.23 0.56 -40.41
N ARG B 490 -43.38 1.58 -40.50
CA ARG B 490 -43.41 2.51 -41.61
C ARG B 490 -42.86 1.93 -42.91
N ARG B 491 -42.53 0.63 -42.92
CA ARG B 491 -42.10 -0.08 -44.13
C ARG B 491 -40.84 0.53 -44.71
N GLU B 492 -39.96 1.04 -43.86
CA GLU B 492 -38.68 1.62 -44.27
C GLU B 492 -37.56 0.60 -44.30
N VAL B 493 -37.85 -0.66 -44.58
CA VAL B 493 -36.88 -1.74 -44.52
C VAL B 493 -36.78 -2.41 -45.88
N ILE B 494 -35.57 -2.52 -46.40
CA ILE B 494 -35.28 -3.34 -47.56
C ILE B 494 -34.89 -4.73 -47.05
N VAL B 495 -35.79 -5.68 -47.19
CA VAL B 495 -35.69 -6.96 -46.48
C VAL B 495 -34.95 -8.01 -47.31
N TRP B 496 -34.56 -9.09 -46.64
CA TRP B 496 -33.99 -10.28 -47.28
C TRP B 496 -34.85 -11.46 -46.83
N GLY B 497 -35.79 -11.87 -47.68
CA GLY B 497 -36.65 -12.99 -47.33
C GLY B 497 -35.90 -14.28 -47.08
N ASP B 498 -34.66 -14.37 -47.57
CA ASP B 498 -33.85 -15.56 -47.32
C ASP B 498 -33.51 -15.71 -45.84
N CYS B 499 -33.36 -14.60 -45.12
CA CYS B 499 -32.86 -14.60 -43.77
C CYS B 499 -33.99 -14.40 -42.76
N VAL B 500 -33.64 -14.41 -41.49
CA VAL B 500 -34.60 -14.24 -40.39
C VAL B 500 -33.85 -13.65 -39.20
N LYS B 501 -34.53 -12.79 -38.45
CA LYS B 501 -34.00 -12.17 -37.24
C LYS B 501 -33.15 -13.10 -36.37
N LEU B 502 -32.15 -12.54 -35.70
CA LEU B 502 -31.44 -13.22 -34.62
C LEU B 502 -31.42 -12.26 -33.44
N ARG B 503 -32.27 -12.52 -32.44
CA ARG B 503 -32.47 -11.61 -31.33
C ARG B 503 -31.51 -11.97 -30.21
N TYR B 504 -30.36 -11.32 -30.19
CA TYR B 504 -29.52 -11.31 -29.01
C TYR B 504 -30.02 -10.23 -28.06
N GLY B 505 -29.83 -10.47 -26.76
CA GLY B 505 -30.25 -9.50 -25.78
C GLY B 505 -29.07 -8.77 -25.17
N LYS B 506 -29.22 -8.35 -23.91
CA LYS B 506 -28.11 -7.79 -23.15
C LYS B 506 -27.04 -8.82 -22.82
N GLY B 507 -27.33 -10.09 -23.05
CA GLY B 507 -26.39 -11.17 -22.80
C GLY B 507 -27.03 -12.51 -23.06
N PRO B 508 -26.43 -13.58 -22.55
CA PRO B 508 -27.03 -14.91 -22.72
C PRO B 508 -28.35 -15.09 -21.98
N SER B 509 -28.68 -14.19 -21.05
CA SER B 509 -29.89 -14.35 -20.26
C SER B 509 -31.15 -14.09 -21.07
N ASP B 510 -31.06 -13.24 -22.09
CA ASP B 510 -32.25 -12.89 -22.88
C ASP B 510 -32.54 -13.90 -23.98
N SER B 511 -31.54 -14.65 -24.45
CA SER B 511 -31.73 -15.67 -25.47
C SER B 511 -30.69 -16.77 -25.25
N PRO B 512 -30.96 -17.69 -24.33
CA PRO B 512 -29.92 -18.66 -23.95
C PRO B 512 -29.47 -19.58 -25.08
N TYR B 513 -30.41 -20.14 -25.84
CA TYR B 513 -30.04 -21.11 -26.86
C TYR B 513 -29.33 -20.45 -28.04
N LEU B 514 -29.68 -19.19 -28.36
CA LEU B 514 -29.03 -18.51 -29.46
C LEU B 514 -27.55 -18.28 -29.18
N TRP B 515 -27.22 -17.87 -27.95
CA TRP B 515 -25.82 -17.64 -27.60
C TRP B 515 -25.03 -18.94 -27.57
N GLU B 516 -25.62 -20.01 -27.03
CA GLU B 516 -24.93 -21.28 -26.96
C GLU B 516 -24.69 -21.87 -28.35
N ARG B 517 -25.65 -21.67 -29.27
CA ARG B 517 -25.50 -22.22 -30.61
C ARG B 517 -24.48 -21.43 -31.43
N MET B 518 -24.57 -20.10 -31.38
CA MET B 518 -23.61 -19.28 -32.11
C MET B 518 -22.19 -19.45 -31.56
N SER B 519 -22.07 -19.73 -30.26
CA SER B 519 -20.75 -19.97 -29.68
C SER B 519 -20.12 -21.22 -30.28
N LYS B 520 -20.86 -22.33 -30.31
CA LYS B 520 -20.35 -23.55 -30.91
C LYS B 520 -20.19 -23.41 -32.42
N TYR B 521 -20.96 -22.53 -33.04
CA TYR B 521 -20.80 -22.28 -34.47
C TYR B 521 -19.54 -21.48 -34.75
N VAL B 522 -19.20 -20.54 -33.87
CA VAL B 522 -18.01 -19.73 -34.07
C VAL B 522 -16.74 -20.56 -33.87
N GLU B 523 -16.68 -21.28 -32.75
CA GLU B 523 -15.47 -22.05 -32.44
C GLU B 523 -15.30 -23.27 -33.35
N MET B 524 -16.32 -23.65 -34.11
CA MET B 524 -16.13 -24.72 -35.09
C MET B 524 -15.28 -24.25 -36.25
N ASN B 525 -15.62 -23.09 -36.83
CA ASN B 525 -14.80 -22.52 -37.90
C ASN B 525 -13.46 -22.01 -37.36
N ALA B 526 -13.40 -21.66 -36.07
CA ALA B 526 -12.14 -21.19 -35.51
C ALA B 526 -11.12 -22.31 -35.41
N ARG B 527 -11.57 -23.56 -35.24
CA ARG B 527 -10.64 -24.68 -35.22
C ARG B 527 -10.02 -24.93 -36.59
N ILE B 528 -10.73 -24.57 -37.66
CA ILE B 528 -10.32 -24.92 -39.02
C ILE B 528 -9.58 -23.77 -39.68
N PHE B 529 -10.23 -22.62 -39.75
CA PHE B 529 -9.76 -21.52 -40.58
C PHE B 529 -8.86 -20.57 -39.80
N ASN B 530 -8.15 -19.72 -40.54
CA ASN B 530 -7.22 -18.76 -39.97
C ASN B 530 -7.89 -17.46 -39.53
N GLY B 531 -9.12 -17.21 -39.95
CA GLY B 531 -9.77 -15.97 -39.56
C GLY B 531 -11.23 -15.93 -39.97
N PHE B 532 -11.84 -14.76 -39.76
CA PHE B 532 -13.25 -14.54 -40.05
C PHE B 532 -13.41 -13.32 -40.94
N ARG B 533 -14.58 -13.23 -41.56
CA ARG B 533 -15.03 -12.04 -42.28
C ARG B 533 -16.44 -11.73 -41.82
N ILE B 534 -16.72 -10.46 -41.53
CA ILE B 534 -17.98 -10.06 -40.92
C ILE B 534 -18.69 -9.10 -41.87
N ASP B 535 -19.81 -9.56 -42.43
CA ASP B 535 -20.60 -8.72 -43.31
C ASP B 535 -21.49 -7.79 -42.48
N ASN B 536 -21.49 -6.52 -42.83
CA ASN B 536 -22.26 -5.49 -42.13
C ASN B 536 -21.99 -5.54 -40.63
N CYS B 537 -20.70 -5.43 -40.29
CA CYS B 537 -20.30 -5.48 -38.89
C CYS B 537 -20.90 -4.34 -38.08
N HIS B 538 -21.19 -3.20 -38.73
CA HIS B 538 -21.77 -2.06 -38.04
C HIS B 538 -23.18 -2.34 -37.53
N SER B 539 -23.88 -3.31 -38.09
CA SER B 539 -25.21 -3.66 -37.62
C SER B 539 -25.22 -4.73 -36.54
N THR B 540 -24.11 -5.45 -36.36
CA THR B 540 -24.01 -6.38 -35.25
C THR B 540 -23.68 -5.61 -33.97
N PRO B 541 -24.44 -5.81 -32.89
CA PRO B 541 -24.18 -5.07 -31.66
C PRO B 541 -22.78 -5.36 -31.12
N LEU B 542 -22.22 -4.36 -30.43
CA LEU B 542 -20.86 -4.46 -29.93
C LEU B 542 -20.70 -5.64 -28.98
N HIS B 543 -21.50 -5.68 -27.91
CA HIS B 543 -21.35 -6.73 -26.91
C HIS B 543 -21.59 -8.11 -27.50
N VAL B 544 -22.40 -8.21 -28.57
CA VAL B 544 -22.56 -9.49 -29.26
C VAL B 544 -21.29 -9.85 -30.02
N GLY B 545 -20.75 -8.88 -30.76
CA GLY B 545 -19.53 -9.15 -31.52
C GLY B 545 -18.31 -9.36 -30.64
N GLN B 546 -18.27 -8.71 -29.48
CA GLN B 546 -17.13 -8.87 -28.58
C GLN B 546 -17.06 -10.28 -28.03
N TYR B 547 -18.21 -10.83 -27.59
CA TYR B 547 -18.21 -12.12 -26.91
C TYR B 547 -17.77 -13.24 -27.84
N PHE B 548 -18.33 -13.29 -29.05
CA PHE B 548 -18.06 -14.42 -29.93
C PHE B 548 -16.67 -14.32 -30.56
N LEU B 549 -16.17 -13.11 -30.80
CA LEU B 549 -14.79 -12.98 -31.29
C LEU B 549 -13.78 -13.39 -30.24
N ASP B 550 -14.11 -13.22 -28.96
CA ASP B 550 -13.22 -13.65 -27.89
C ASP B 550 -13.26 -15.18 -27.74
N VAL B 551 -14.43 -15.78 -27.94
CA VAL B 551 -14.52 -17.24 -27.94
C VAL B 551 -13.70 -17.83 -29.07
N ALA B 552 -13.69 -17.16 -30.22
CA ALA B 552 -12.89 -17.63 -31.35
C ALA B 552 -11.40 -17.50 -31.06
N ARG B 553 -10.97 -16.36 -30.53
CA ARG B 553 -9.56 -16.16 -30.24
C ARG B 553 -9.06 -17.09 -29.13
N ARG B 554 -9.95 -17.60 -28.28
CA ARG B 554 -9.53 -18.63 -27.34
C ARG B 554 -9.28 -19.96 -28.06
N VAL B 555 -9.99 -20.20 -29.16
CA VAL B 555 -9.75 -21.41 -29.94
C VAL B 555 -8.59 -21.19 -30.90
N ASN B 556 -8.63 -20.11 -31.66
CA ASN B 556 -7.55 -19.76 -32.59
C ASN B 556 -6.90 -18.46 -32.11
N PRO B 557 -5.76 -18.52 -31.42
CA PRO B 557 -5.16 -17.29 -30.89
C PRO B 557 -4.69 -16.33 -31.97
N ASN B 558 -4.45 -16.80 -33.18
CA ASN B 558 -4.03 -15.94 -34.29
C ASN B 558 -5.17 -15.71 -35.27
N LEU B 559 -6.33 -15.33 -34.75
CA LEU B 559 -7.52 -15.12 -35.56
C LEU B 559 -7.41 -13.78 -36.29
N TYR B 560 -7.43 -13.82 -37.61
CA TYR B 560 -7.38 -12.62 -38.43
C TYR B 560 -8.81 -12.19 -38.75
N VAL B 561 -9.17 -10.97 -38.37
CA VAL B 561 -10.55 -10.50 -38.46
C VAL B 561 -10.63 -9.38 -39.50
N VAL B 562 -11.51 -9.57 -40.48
CA VAL B 562 -11.83 -8.55 -41.46
C VAL B 562 -13.30 -8.19 -41.29
N ALA B 563 -13.64 -6.94 -41.62
CA ALA B 563 -15.01 -6.48 -41.44
C ALA B 563 -15.32 -5.37 -42.42
N GLU B 564 -16.49 -5.45 -43.04
CA GLU B 564 -17.04 -4.37 -43.85
C GLU B 564 -17.68 -3.38 -42.90
N LEU B 565 -16.92 -2.36 -42.51
CA LEU B 565 -17.29 -1.44 -41.43
C LEU B 565 -17.52 -0.06 -42.00
N PHE B 566 -18.80 0.34 -42.07
CA PHE B 566 -19.20 1.70 -42.47
C PHE B 566 -20.18 2.20 -41.41
N SER B 567 -19.63 2.64 -40.28
CA SER B 567 -20.44 3.19 -39.19
C SER B 567 -20.70 4.67 -39.44
N GLY B 568 -21.09 5.40 -38.40
CA GLY B 568 -21.45 6.80 -38.58
C GLY B 568 -20.27 7.68 -38.97
N SER B 569 -19.11 7.42 -38.38
CA SER B 569 -17.94 8.27 -38.61
C SER B 569 -16.67 7.45 -38.42
N GLU B 570 -15.52 8.12 -38.61
CA GLU B 570 -14.25 7.46 -38.37
C GLU B 570 -14.05 7.10 -36.90
N ALA B 571 -14.57 7.93 -36.00
CA ALA B 571 -14.42 7.67 -34.57
C ALA B 571 -15.11 6.38 -34.18
N MET B 572 -16.34 6.17 -34.65
CA MET B 572 -17.04 4.93 -34.37
C MET B 572 -16.36 3.73 -35.02
N ASP B 573 -15.76 3.92 -36.20
CA ASP B 573 -15.00 2.85 -36.83
C ASP B 573 -13.82 2.43 -35.96
N CYS B 574 -13.10 3.39 -35.40
CA CYS B 574 -11.96 3.07 -34.55
C CYS B 574 -12.41 2.40 -33.25
N LEU B 575 -13.56 2.83 -32.70
CA LEU B 575 -14.05 2.23 -31.46
C LEU B 575 -14.44 0.77 -31.69
N PHE B 576 -15.05 0.46 -32.83
CA PHE B 576 -15.35 -0.93 -33.15
C PHE B 576 -14.08 -1.75 -33.33
N VAL B 577 -13.08 -1.18 -34.01
CA VAL B 577 -11.80 -1.87 -34.17
C VAL B 577 -11.11 -2.01 -32.81
N GLU B 578 -11.27 -1.03 -31.93
CA GLU B 578 -10.66 -1.08 -30.61
C GLU B 578 -11.20 -2.25 -29.80
N ARG B 579 -12.53 -2.32 -29.65
CA ARG B 579 -13.13 -3.28 -28.73
C ARG B 579 -13.30 -4.67 -29.34
N LEU B 580 -13.59 -4.74 -30.64
CA LEU B 580 -13.78 -6.05 -31.26
C LEU B 580 -12.47 -6.74 -31.62
N GLY B 581 -11.38 -5.98 -31.74
CA GLY B 581 -10.13 -6.56 -32.18
C GLY B 581 -10.04 -6.80 -33.67
N ILE B 582 -10.76 -6.01 -34.47
CA ILE B 582 -10.67 -6.13 -35.92
C ILE B 582 -9.25 -5.79 -36.36
N SER B 583 -8.72 -6.62 -37.26
CA SER B 583 -7.35 -6.41 -37.75
C SER B 583 -7.31 -5.71 -39.09
N SER B 584 -8.38 -5.74 -39.88
CA SER B 584 -8.41 -5.08 -41.17
C SER B 584 -9.82 -4.64 -41.52
N LEU B 585 -9.93 -3.47 -42.14
CA LEU B 585 -11.19 -2.92 -42.60
C LEU B 585 -11.26 -3.01 -44.12
N ILE B 586 -12.42 -3.38 -44.63
CA ILE B 586 -12.59 -3.55 -46.07
C ILE B 586 -12.78 -2.20 -46.73
N ARG B 587 -11.98 -1.93 -47.77
CA ARG B 587 -12.13 -0.76 -48.60
C ARG B 587 -12.35 -1.21 -50.05
N GLU B 588 -13.31 -0.59 -50.72
CA GLU B 588 -13.71 -0.97 -52.06
C GLU B 588 -13.26 0.08 -53.07
N ALA B 589 -12.57 -0.36 -54.12
CA ALA B 589 -12.11 0.56 -55.15
C ALA B 589 -13.19 0.87 -56.17
N MET B 590 -14.16 -0.04 -56.36
CA MET B 590 -15.22 0.18 -57.32
C MET B 590 -16.19 1.28 -56.91
N GLN B 591 -16.15 1.72 -55.64
CA GLN B 591 -17.04 2.79 -55.21
C GLN B 591 -16.67 4.13 -55.82
N ALA B 592 -15.45 4.28 -56.32
CA ALA B 592 -15.03 5.54 -56.92
C ALA B 592 -15.81 5.79 -58.21
N TRP B 593 -16.60 6.87 -58.22
CA TRP B 593 -17.42 7.18 -59.38
C TRP B 593 -16.60 7.80 -60.52
N SER B 594 -15.52 8.51 -60.19
CA SER B 594 -14.72 9.21 -61.19
C SER B 594 -13.24 8.92 -60.95
N GLU B 595 -12.40 9.51 -61.80
CA GLU B 595 -10.95 9.31 -61.66
C GLU B 595 -10.41 10.03 -60.44
N GLU B 596 -10.97 11.19 -60.07
CA GLU B 596 -10.47 11.92 -58.92
C GLU B 596 -10.81 11.21 -57.62
N GLU B 597 -12.00 10.59 -57.54
CA GLU B 597 -12.37 9.86 -56.33
C GLU B 597 -11.50 8.63 -56.14
N LEU B 598 -11.04 8.02 -57.23
CA LEU B 598 -10.15 6.87 -57.12
C LEU B 598 -8.77 7.31 -56.64
N SER B 599 -8.26 8.42 -57.17
CA SER B 599 -6.97 8.93 -56.71
C SER B 599 -7.02 9.34 -55.25
N ARG B 600 -8.17 9.83 -54.78
CA ARG B 600 -8.31 10.18 -53.37
C ARG B 600 -8.45 8.92 -52.51
N LEU B 601 -9.13 7.90 -53.03
CA LEU B 601 -9.19 6.62 -52.33
C LEU B 601 -7.81 5.98 -52.24
N VAL B 602 -7.08 5.96 -53.36
CA VAL B 602 -5.73 5.39 -53.37
C VAL B 602 -4.79 6.21 -52.50
N HIS B 603 -5.02 7.52 -52.40
CA HIS B 603 -4.18 8.36 -51.55
C HIS B 603 -4.35 8.02 -50.08
N ARG B 604 -5.56 7.65 -49.67
CA ARG B 604 -5.82 7.36 -48.26
C ARG B 604 -5.06 6.14 -47.77
N HIS B 605 -4.97 5.09 -48.61
CA HIS B 605 -4.36 3.83 -48.20
C HIS B 605 -3.01 3.58 -48.87
N GLY B 606 -2.36 4.64 -49.37
CA GLY B 606 -1.09 4.48 -50.03
C GLY B 606 0.09 4.58 -49.08
N GLY B 607 0.01 5.48 -48.10
CA GLY B 607 1.08 5.67 -47.15
C GLY B 607 1.23 7.12 -46.73
N ARG B 608 2.44 7.50 -46.34
CA ARG B 608 2.73 8.86 -45.90
C ARG B 608 3.47 9.63 -47.00
N PRO B 609 3.46 10.96 -46.95
CA PRO B 609 4.14 11.74 -47.99
C PRO B 609 5.62 11.42 -48.07
N ILE B 610 6.19 11.63 -49.27
CA ILE B 610 7.61 11.37 -49.48
C ILE B 610 8.43 12.43 -48.75
N GLY B 611 9.42 11.97 -47.99
CA GLY B 611 10.20 12.88 -47.17
C GLY B 611 9.56 13.20 -45.84
N SER B 612 8.71 12.32 -45.32
CA SER B 612 7.99 12.58 -44.09
C SER B 612 8.94 12.61 -42.89
N TYR B 613 8.60 13.45 -41.92
CA TYR B 613 9.42 13.58 -40.73
C TYR B 613 9.38 12.30 -39.89
N LYS B 614 10.51 12.01 -39.25
CA LYS B 614 10.64 10.86 -38.38
C LYS B 614 10.53 11.29 -36.93
N PHE B 615 9.91 10.45 -36.11
CA PHE B 615 9.72 10.78 -34.71
C PHE B 615 11.01 10.60 -33.93
N VAL B 616 11.26 11.54 -33.01
CA VAL B 616 12.40 11.44 -32.09
C VAL B 616 12.00 12.00 -30.74
N PRO B 617 12.54 11.42 -29.68
CA PRO B 617 12.39 12.05 -28.35
C PRO B 617 13.14 13.37 -28.32
N LEU B 618 12.43 14.42 -27.89
CA LEU B 618 13.01 15.76 -27.88
C LEU B 618 13.06 16.34 -26.47
N ASP B 619 12.57 17.57 -26.29
CA ASP B 619 12.58 18.22 -24.98
C ASP B 619 11.30 17.95 -24.20
N ASP B 620 10.55 16.90 -24.54
CA ASP B 620 9.33 16.55 -23.83
C ASP B 620 9.40 15.15 -23.21
N PHE B 621 10.60 14.60 -23.08
CA PHE B 621 10.82 13.26 -22.57
C PHE B 621 11.71 13.29 -21.34
N PRO B 622 11.58 12.31 -20.45
CA PRO B 622 12.55 12.17 -19.36
C PRO B 622 13.79 11.44 -19.86
N TYR B 623 14.95 11.90 -19.39
CA TYR B 623 16.24 11.29 -19.71
C TYR B 623 16.86 10.77 -18.42
N PRO B 624 16.50 9.56 -18.00
CA PRO B 624 17.10 9.01 -16.77
C PRO B 624 18.59 8.78 -16.95
N ALA B 625 19.39 9.32 -16.02
CA ALA B 625 20.82 9.12 -16.07
C ALA B 625 21.20 7.65 -15.95
N ASP B 626 20.34 6.84 -15.34
CA ASP B 626 20.58 5.40 -15.19
C ASP B 626 19.73 4.64 -16.21
N VAL B 627 20.13 4.75 -17.47
CA VAL B 627 19.42 4.13 -18.57
C VAL B 627 20.39 3.29 -19.39
N LYS B 628 19.88 2.19 -19.94
CA LYS B 628 20.66 1.36 -20.83
C LYS B 628 20.78 2.04 -22.19
N ILE B 629 21.86 1.72 -22.91
CA ILE B 629 22.19 2.41 -24.15
C ILE B 629 22.76 1.42 -25.16
N ASP B 630 22.37 1.60 -26.43
CA ASP B 630 23.04 0.97 -27.57
C ASP B 630 24.20 1.86 -27.96
N GLU B 631 25.40 1.54 -27.49
CA GLU B 631 26.54 2.44 -27.65
C GLU B 631 26.83 2.74 -29.12
N GLU B 632 26.45 1.84 -30.03
CA GLU B 632 26.66 2.06 -31.45
C GLU B 632 25.50 1.52 -32.30
N TYR B 633 24.28 1.47 -31.73
CA TYR B 633 23.08 0.98 -32.43
C TYR B 633 23.35 -0.40 -33.03
N CYS B 634 23.95 -1.26 -32.21
CA CYS B 634 24.48 -2.54 -32.66
C CYS B 634 23.91 -3.73 -31.89
N ALA B 635 22.90 -3.49 -31.03
CA ALA B 635 22.29 -4.58 -30.28
C ALA B 635 20.87 -4.92 -30.76
N TYR B 636 20.64 -5.11 -32.07
CA TYR B 636 19.34 -5.57 -32.56
C TYR B 636 19.60 -6.74 -33.49
N ASN B 637 19.76 -7.93 -32.91
CA ASN B 637 19.99 -9.13 -33.71
C ASN B 637 18.79 -9.38 -34.63
N PRO B 638 19.02 -9.65 -35.92
CA PRO B 638 17.88 -9.71 -36.86
C PRO B 638 16.84 -10.77 -36.53
N ASP B 639 17.27 -11.97 -36.13
CA ASP B 639 16.37 -13.07 -35.86
C ASP B 639 15.57 -12.87 -34.58
N ASP B 640 16.00 -11.97 -33.70
CA ASP B 640 15.23 -11.70 -32.49
C ASP B 640 13.89 -11.05 -32.81
N HIS B 641 13.81 -10.33 -33.93
CA HIS B 641 12.60 -9.62 -34.33
C HIS B 641 12.11 -8.69 -33.22
N SER B 642 13.03 -7.86 -32.73
CA SER B 642 12.73 -6.92 -31.67
C SER B 642 12.35 -5.57 -32.26
N VAL B 643 11.43 -4.87 -31.59
CA VAL B 643 11.06 -3.53 -31.99
C VAL B 643 12.16 -2.56 -31.57
N LYS B 644 12.63 -1.76 -32.51
CA LYS B 644 13.83 -0.97 -32.33
C LYS B 644 13.52 0.38 -31.68
N CYS B 645 14.46 0.83 -30.85
CA CYS B 645 14.40 2.18 -30.31
C CYS B 645 14.81 3.18 -31.39
N VAL B 646 14.61 4.47 -31.10
CA VAL B 646 14.82 5.49 -32.12
C VAL B 646 16.30 5.76 -32.34
N SER B 647 17.14 5.61 -31.32
CA SER B 647 18.55 5.96 -31.46
C SER B 647 19.37 5.13 -30.48
N GLU B 648 20.56 5.62 -30.14
CA GLU B 648 21.43 4.92 -29.20
C GLU B 648 20.81 4.88 -27.81
N ILE B 649 20.14 5.96 -27.39
CA ILE B 649 19.38 5.94 -26.16
C ILE B 649 18.26 4.91 -26.27
N MET B 650 18.02 4.18 -25.20
CA MET B 650 17.02 3.12 -25.21
C MET B 650 15.69 3.58 -24.60
N ILE B 651 15.19 4.72 -25.08
CA ILE B 651 13.80 5.10 -24.84
C ILE B 651 12.98 4.26 -25.81
N PRO B 652 12.16 3.33 -25.32
CA PRO B 652 11.52 2.36 -26.22
C PRO B 652 10.60 3.03 -27.24
N LYS B 653 10.26 2.26 -28.27
CA LYS B 653 9.39 2.75 -29.34
C LYS B 653 8.03 3.14 -28.77
N THR B 654 7.56 4.32 -29.13
CA THR B 654 6.32 4.85 -28.58
C THR B 654 5.11 4.19 -29.23
N LEU B 655 4.08 3.93 -28.42
CA LEU B 655 2.83 3.35 -28.88
C LEU B 655 1.83 4.49 -29.07
N THR B 656 1.49 4.78 -30.32
CA THR B 656 0.60 5.87 -30.66
C THR B 656 -0.53 5.35 -31.55
N ALA B 657 -1.67 6.05 -31.49
CA ALA B 657 -2.81 5.70 -32.31
C ALA B 657 -2.44 5.80 -33.79
N THR B 658 -2.68 4.71 -34.52
CA THR B 658 -2.50 4.66 -35.96
C THR B 658 -3.83 4.27 -36.62
N PRO B 659 -4.12 4.79 -37.81
CA PRO B 659 -5.38 4.43 -38.48
C PRO B 659 -5.48 2.93 -38.65
N PRO B 660 -6.69 2.37 -38.46
CA PRO B 660 -6.83 0.92 -38.55
C PRO B 660 -6.43 0.40 -39.93
N HIS B 661 -5.85 -0.80 -39.94
CA HIS B 661 -5.36 -1.37 -41.17
C HIS B 661 -6.50 -1.62 -42.15
N ALA B 662 -6.18 -1.56 -43.44
CA ALA B 662 -7.16 -1.66 -44.49
C ALA B 662 -6.86 -2.85 -45.40
N LEU B 663 -7.93 -3.47 -45.90
CA LEU B 663 -7.84 -4.54 -46.89
C LEU B 663 -8.51 -4.01 -48.15
N PHE B 664 -7.72 -3.42 -49.04
CA PHE B 664 -8.23 -2.74 -50.22
C PHE B 664 -8.64 -3.76 -51.27
N MET B 665 -9.94 -3.85 -51.54
CA MET B 665 -10.48 -4.77 -52.54
C MET B 665 -10.72 -3.99 -53.83
N ASP B 666 -10.08 -4.42 -54.91
CA ASP B 666 -10.37 -3.84 -56.22
C ASP B 666 -11.77 -4.19 -56.70
N CYS B 667 -12.36 -5.27 -56.17
CA CYS B 667 -13.73 -5.65 -56.46
C CYS B 667 -14.20 -6.74 -55.49
N THR B 668 -15.27 -6.48 -54.75
CA THR B 668 -15.82 -7.46 -53.83
C THR B 668 -16.86 -8.32 -54.54
N HIS B 669 -17.57 -9.15 -53.80
CA HIS B 669 -18.60 -10.02 -54.35
C HIS B 669 -19.99 -9.39 -54.32
N ASP B 670 -20.08 -8.07 -54.05
CA ASP B 670 -21.37 -7.39 -54.00
C ASP B 670 -21.48 -6.21 -54.95
N ASN B 671 -20.37 -5.67 -55.45
CA ASN B 671 -20.38 -4.51 -56.33
C ASN B 671 -20.32 -4.93 -57.79
N GLU B 672 -20.79 -4.04 -58.65
CA GLU B 672 -20.89 -4.34 -60.07
C GLU B 672 -19.51 -4.48 -60.70
N THR B 673 -19.48 -5.19 -61.83
CA THR B 673 -18.24 -5.46 -62.54
C THR B 673 -17.72 -4.18 -63.19
N PRO B 674 -16.39 -4.05 -63.32
CA PRO B 674 -15.86 -2.98 -64.20
C PRO B 674 -16.52 -2.92 -65.55
N ASN B 675 -16.90 -4.07 -66.12
CA ASN B 675 -17.68 -4.07 -67.36
C ASN B 675 -18.99 -3.31 -67.19
N GLN B 676 -19.61 -3.42 -66.02
CA GLN B 676 -20.90 -2.77 -65.77
C GLN B 676 -20.71 -1.29 -65.46
N LYS B 677 -19.97 -0.98 -64.39
CA LYS B 677 -19.86 0.40 -63.93
C LYS B 677 -18.97 1.23 -64.85
N ARG B 678 -17.88 0.64 -65.34
CA ARG B 678 -16.96 1.36 -66.21
C ARG B 678 -16.82 0.63 -67.54
N THR B 679 -15.65 0.05 -67.80
CA THR B 679 -15.44 -0.83 -68.95
C THR B 679 -14.61 -2.02 -68.51
N VAL B 680 -14.36 -2.94 -69.45
CA VAL B 680 -13.53 -4.10 -69.14
C VAL B 680 -12.05 -3.74 -69.14
N GLU B 681 -11.66 -2.72 -69.90
CA GLU B 681 -10.24 -2.36 -69.99
C GLU B 681 -9.72 -1.78 -68.68
N ASP B 682 -10.61 -1.20 -67.86
CA ASP B 682 -10.20 -0.61 -66.60
C ASP B 682 -9.80 -1.66 -65.56
N THR B 683 -10.04 -2.94 -65.82
CA THR B 683 -9.67 -3.98 -64.88
C THR B 683 -8.17 -4.01 -64.61
N LEU B 684 -7.36 -3.63 -65.60
CA LEU B 684 -5.91 -3.64 -65.44
C LEU B 684 -5.41 -2.45 -64.63
N PRO B 685 -5.71 -1.20 -65.01
CA PRO B 685 -5.19 -0.08 -64.22
C PRO B 685 -5.77 0.02 -62.83
N ASN B 686 -7.02 -0.40 -62.64
CA ASN B 686 -7.64 -0.31 -61.31
C ASN B 686 -6.96 -1.25 -60.33
N ALA B 687 -6.68 -2.49 -60.75
CA ALA B 687 -6.04 -3.45 -59.86
C ALA B 687 -4.59 -3.08 -59.58
N ALA B 688 -3.95 -2.36 -60.51
CA ALA B 688 -2.56 -1.96 -60.30
C ALA B 688 -2.46 -0.85 -59.27
N LEU B 689 -3.37 0.13 -59.34
CA LEU B 689 -3.37 1.21 -58.35
C LEU B 689 -3.64 0.69 -56.95
N VAL B 690 -4.53 -0.31 -56.83
CA VAL B 690 -4.83 -0.90 -55.53
C VAL B 690 -3.64 -1.71 -55.03
N ALA B 691 -3.02 -2.50 -55.91
CA ALA B 691 -1.90 -3.33 -55.49
C ALA B 691 -0.71 -2.50 -55.06
N PHE B 692 -0.57 -1.28 -55.58
CA PHE B 692 0.54 -0.42 -55.21
C PHE B 692 0.36 0.21 -53.84
N CYS B 693 -0.85 0.19 -53.29
CA CYS B 693 -1.07 0.74 -51.96
C CYS B 693 -0.38 -0.09 -50.90
N SER B 694 0.11 0.58 -49.86
CA SER B 694 0.81 -0.08 -48.75
C SER B 694 -0.21 -0.57 -47.74
N SER B 695 -0.87 -1.67 -48.08
CA SER B 695 -1.90 -2.28 -47.22
C SER B 695 -2.17 -3.67 -47.76
N ALA B 696 -3.15 -4.34 -47.16
CA ALA B 696 -3.60 -5.63 -47.66
C ALA B 696 -4.54 -5.41 -48.84
N ILE B 697 -4.46 -6.30 -49.83
CA ILE B 697 -5.27 -6.21 -51.03
C ILE B 697 -6.04 -7.51 -51.23
N GLY B 698 -7.06 -7.43 -52.07
CA GLY B 698 -7.87 -8.59 -52.38
C GLY B 698 -8.71 -8.35 -53.62
N SER B 699 -9.33 -9.42 -54.10
CA SER B 699 -10.17 -9.35 -55.29
C SER B 699 -11.14 -10.51 -55.27
N VAL B 700 -12.28 -10.32 -55.93
CA VAL B 700 -13.27 -11.37 -56.09
C VAL B 700 -12.92 -12.19 -57.33
N TYR B 701 -13.28 -13.46 -57.32
CA TYR B 701 -13.03 -14.32 -58.48
C TYR B 701 -13.93 -13.90 -59.62
N GLY B 702 -13.34 -13.76 -60.81
CA GLY B 702 -14.01 -13.24 -61.99
C GLY B 702 -13.57 -11.84 -62.35
N TYR B 703 -13.07 -11.07 -61.38
CA TYR B 703 -12.49 -9.77 -61.70
C TYR B 703 -11.24 -9.93 -62.56
N ASP B 704 -10.30 -10.78 -62.12
CA ASP B 704 -9.13 -11.08 -62.94
C ASP B 704 -9.53 -11.81 -64.22
N GLU B 705 -10.60 -12.60 -64.17
CA GLU B 705 -11.08 -13.35 -65.32
C GLU B 705 -12.13 -12.59 -66.12
N VAL B 706 -12.17 -11.25 -65.97
CA VAL B 706 -13.09 -10.33 -66.63
C VAL B 706 -14.46 -10.96 -66.89
N PHE B 707 -15.17 -11.32 -65.82
CA PHE B 707 -16.54 -11.76 -65.98
C PHE B 707 -17.41 -10.57 -66.44
N PRO B 708 -18.49 -10.84 -67.16
CA PRO B 708 -19.29 -9.73 -67.72
C PRO B 708 -20.01 -8.89 -66.67
N GLN B 709 -20.82 -9.53 -65.84
CA GLN B 709 -21.64 -8.79 -64.88
C GLN B 709 -21.57 -9.45 -63.51
N LEU B 710 -22.03 -8.72 -62.50
CA LEU B 710 -22.02 -9.20 -61.13
C LEU B 710 -22.87 -10.46 -61.00
N LEU B 711 -22.32 -11.48 -60.34
CA LEU B 711 -22.99 -12.75 -60.22
C LEU B 711 -24.08 -12.68 -59.15
N ASP B 712 -25.30 -13.08 -59.51
CA ASP B 712 -26.41 -13.09 -58.58
C ASP B 712 -26.19 -14.19 -57.54
N LEU B 713 -25.90 -13.78 -56.30
CA LEU B 713 -25.61 -14.75 -55.25
C LEU B 713 -26.82 -15.62 -54.91
N VAL B 714 -28.02 -15.18 -55.25
CA VAL B 714 -29.23 -15.92 -54.89
C VAL B 714 -29.58 -16.97 -55.93
N GLN B 715 -29.69 -16.55 -57.19
CA GLN B 715 -30.28 -17.40 -58.24
C GLN B 715 -29.26 -18.28 -58.95
N GLU B 716 -28.11 -17.71 -59.34
CA GLU B 716 -27.25 -18.36 -60.31
C GLU B 716 -26.70 -19.68 -59.79
N LYS B 717 -26.59 -20.65 -60.70
CA LYS B 717 -26.09 -21.97 -60.39
C LYS B 717 -24.90 -22.38 -61.25
N ARG B 718 -24.52 -21.58 -62.23
CA ARG B 718 -23.42 -21.93 -63.12
C ARG B 718 -22.09 -21.97 -62.33
N THR B 719 -21.13 -22.68 -62.90
CA THR B 719 -19.84 -22.93 -62.27
C THR B 719 -18.76 -22.08 -62.91
N TYR B 720 -17.76 -21.69 -62.10
CA TYR B 720 -16.59 -20.99 -62.62
C TYR B 720 -15.96 -21.78 -63.75
N SER B 721 -15.52 -21.06 -64.78
CA SER B 721 -14.80 -21.71 -65.87
C SER B 721 -13.39 -22.06 -65.43
N CYS B 722 -12.91 -23.21 -65.88
CA CYS B 722 -11.53 -23.63 -65.67
C CYS B 722 -10.57 -22.98 -66.64
N ALA B 723 -11.04 -22.01 -67.45
CA ALA B 723 -10.20 -21.30 -68.41
C ALA B 723 -9.06 -20.60 -67.68
N GLU B 724 -7.84 -21.08 -67.90
CA GLU B 724 -6.68 -20.61 -67.16
C GLU B 724 -6.06 -19.39 -67.81
N ASN B 725 -5.47 -18.54 -66.97
CA ASN B 725 -4.62 -17.42 -67.42
C ASN B 725 -5.39 -16.45 -68.31
N THR B 726 -6.62 -16.14 -67.94
CA THR B 726 -7.44 -15.18 -68.68
C THR B 726 -7.33 -13.80 -68.05
N GLY B 727 -7.38 -12.78 -68.89
CA GLY B 727 -7.36 -11.40 -68.44
C GLY B 727 -6.13 -10.96 -67.68
N ILE B 728 -6.29 -10.66 -66.39
CA ILE B 728 -5.22 -10.07 -65.59
C ILE B 728 -4.42 -11.12 -64.82
N SER B 729 -4.74 -12.41 -64.99
CA SER B 729 -4.07 -13.45 -64.22
C SER B 729 -2.55 -13.36 -64.33
N LYS B 730 -2.04 -12.98 -65.50
CA LYS B 730 -0.61 -12.79 -65.68
C LYS B 730 -0.11 -11.59 -64.86
N VAL B 731 -0.86 -10.50 -64.85
CA VAL B 731 -0.41 -9.29 -64.16
C VAL B 731 -0.50 -9.46 -62.65
N LYS B 732 -1.57 -10.10 -62.16
CA LYS B 732 -1.69 -10.32 -60.72
C LYS B 732 -0.59 -11.21 -60.18
N THR B 733 -0.08 -12.13 -61.00
CA THR B 733 1.09 -12.89 -60.59
C THR B 733 2.30 -11.98 -60.41
N LEU B 734 2.45 -10.99 -61.29
CA LEU B 734 3.55 -10.04 -61.15
C LEU B 734 3.35 -9.14 -59.94
N LEU B 735 2.14 -8.59 -59.78
CA LEU B 735 1.90 -7.66 -58.68
C LEU B 735 2.06 -8.33 -57.33
N ASN B 736 1.54 -9.55 -57.19
CA ASN B 736 1.65 -10.26 -55.91
C ASN B 736 3.08 -10.71 -55.64
N ASN B 737 3.81 -11.11 -56.69
CA ASN B 737 5.21 -11.49 -56.50
C ASN B 737 6.09 -10.28 -56.18
N MET B 738 5.75 -9.11 -56.71
CA MET B 738 6.51 -7.90 -56.38
C MET B 738 6.29 -7.50 -54.92
N ARG B 739 5.05 -7.61 -54.43
CA ARG B 739 4.77 -7.30 -53.04
C ARG B 739 5.43 -8.28 -52.09
N GLU B 740 5.76 -9.49 -52.55
CA GLU B 740 6.46 -10.44 -51.71
C GLU B 740 7.90 -10.00 -51.46
N GLU B 741 8.53 -9.37 -52.46
CA GLU B 741 9.87 -8.86 -52.29
C GLU B 741 9.91 -7.65 -51.36
N ILE B 742 8.85 -6.83 -51.39
CA ILE B 742 8.82 -5.64 -50.56
C ILE B 742 8.49 -5.98 -49.11
N ALA B 743 7.70 -7.05 -48.90
CA ALA B 743 7.24 -7.38 -47.55
C ALA B 743 8.37 -7.76 -46.62
N SER B 744 9.55 -8.09 -47.15
CA SER B 744 10.63 -8.61 -46.32
C SER B 744 11.22 -7.52 -45.41
N GLU B 745 11.14 -6.25 -45.81
CA GLU B 745 11.83 -5.19 -45.07
C GLU B 745 10.93 -4.06 -44.60
N ALA B 746 9.84 -3.76 -45.30
CA ALA B 746 8.96 -2.68 -44.87
C ALA B 746 8.22 -3.07 -43.59
N VAL B 747 8.30 -2.21 -42.58
CA VAL B 747 7.77 -2.54 -41.26
C VAL B 747 6.65 -1.58 -40.86
N ASP B 748 7.02 -0.43 -40.29
CA ASP B 748 6.07 0.43 -39.62
C ASP B 748 5.55 1.51 -40.57
N ILE B 749 4.71 2.39 -40.03
CA ILE B 749 4.01 3.38 -40.86
C ILE B 749 4.98 4.43 -41.40
N GLU B 750 6.07 4.71 -40.70
CA GLU B 750 7.05 5.68 -41.17
C GLU B 750 8.01 5.11 -42.21
N ASP B 751 7.92 3.82 -42.53
CA ASP B 751 8.91 3.16 -43.36
C ASP B 751 8.48 3.01 -44.81
N SER B 752 7.25 3.41 -45.16
CA SER B 752 6.75 3.33 -46.53
C SER B 752 6.06 4.65 -46.87
N GLU B 753 6.59 5.34 -47.88
CA GLU B 753 6.10 6.65 -48.28
C GLU B 753 5.54 6.58 -49.70
N MET B 754 4.84 7.64 -50.11
CA MET B 754 4.01 7.56 -51.29
C MET B 754 3.74 8.96 -51.84
N HIS B 755 3.61 9.05 -53.16
CA HIS B 755 3.09 10.23 -53.83
C HIS B 755 2.12 9.79 -54.91
N VAL B 756 0.96 10.44 -54.98
CA VAL B 756 -0.10 10.11 -55.93
C VAL B 756 -0.48 11.37 -56.70
N HIS B 757 -0.60 11.25 -58.02
CA HIS B 757 -0.94 12.37 -58.89
C HIS B 757 -2.06 11.94 -59.83
N HIS B 758 -3.00 12.84 -60.07
CA HIS B 758 -4.13 12.58 -60.96
C HIS B 758 -4.21 13.68 -62.01
N ASP B 759 -4.06 13.29 -63.27
CA ASP B 759 -4.20 14.21 -64.40
C ASP B 759 -5.17 13.59 -65.39
N GLY B 760 -6.38 14.13 -65.44
CA GLY B 760 -7.37 13.62 -66.40
C GLY B 760 -7.73 12.18 -66.10
N GLN B 761 -7.41 11.31 -67.06
CA GLN B 761 -7.68 9.88 -66.94
C GLN B 761 -6.48 9.08 -66.46
N TYR B 762 -5.32 9.73 -66.30
CA TYR B 762 -4.14 9.08 -65.75
C TYR B 762 -4.10 9.22 -64.25
N ILE B 763 -3.54 8.21 -63.58
CA ILE B 763 -3.26 8.27 -62.15
C ILE B 763 -1.83 7.80 -61.93
N THR B 764 -1.05 8.61 -61.23
CA THR B 764 0.35 8.31 -60.96
C THR B 764 0.49 7.83 -59.51
N PHE B 765 1.21 6.74 -59.32
CA PHE B 765 1.49 6.21 -57.99
C PHE B 765 2.99 5.97 -57.86
N HIS B 766 3.61 6.60 -56.86
CA HIS B 766 5.03 6.43 -56.60
C HIS B 766 5.18 5.84 -55.19
N ARG B 767 5.43 4.54 -55.12
CA ARG B 767 5.67 3.86 -53.86
C ARG B 767 7.15 3.93 -53.53
N THR B 768 7.47 4.29 -52.28
CA THR B 768 8.85 4.50 -51.87
C THR B 768 9.07 3.90 -50.47
N ASN B 769 10.19 3.22 -50.31
CA ASN B 769 10.62 2.73 -49.00
C ASN B 769 11.58 3.75 -48.39
N ALA B 770 11.25 4.25 -47.20
CA ALA B 770 12.00 5.32 -46.58
C ALA B 770 13.35 4.88 -46.03
N LYS B 771 13.60 3.57 -45.93
CA LYS B 771 14.83 3.08 -45.35
C LYS B 771 15.96 3.01 -46.37
N ASN B 772 15.73 2.34 -47.51
CA ASN B 772 16.76 2.12 -48.51
C ASN B 772 16.66 3.04 -49.72
N GLY B 773 15.49 3.62 -49.98
CA GLY B 773 15.29 4.43 -51.15
C GLY B 773 14.74 3.69 -52.36
N LYS B 774 14.67 2.36 -52.32
CA LYS B 774 14.05 1.62 -53.41
C LYS B 774 12.58 2.01 -53.54
N GLY B 775 12.10 2.10 -54.78
CA GLY B 775 10.74 2.51 -55.01
C GLY B 775 10.20 2.01 -56.33
N TRP B 776 8.89 2.08 -56.45
CA TRP B 776 8.18 1.73 -57.68
C TRP B 776 7.41 2.96 -58.17
N TYR B 777 7.29 3.06 -59.49
CA TYR B 777 6.53 4.14 -60.12
C TYR B 777 5.51 3.53 -61.06
N LEU B 778 4.24 3.89 -60.87
CA LEU B 778 3.15 3.34 -61.66
C LEU B 778 2.43 4.47 -62.39
N VAL B 779 2.33 4.32 -63.71
CA VAL B 779 1.47 5.17 -64.54
C VAL B 779 0.33 4.30 -65.04
N ALA B 780 -0.88 4.64 -64.66
CA ALA B 780 -2.06 3.85 -65.01
C ALA B 780 -3.09 4.75 -65.68
N ARG B 781 -3.35 4.49 -66.95
CA ARG B 781 -4.40 5.21 -67.68
C ARG B 781 -5.72 4.49 -67.47
N THR B 782 -6.68 5.17 -66.85
CA THR B 782 -7.95 4.56 -66.50
C THR B 782 -8.92 4.61 -67.67
N LYS B 783 -9.82 3.64 -67.71
CA LYS B 783 -10.88 3.56 -68.71
C LYS B 783 -12.22 3.49 -67.99
N PHE B 784 -12.60 4.61 -67.37
CA PHE B 784 -13.96 4.74 -66.84
C PHE B 784 -14.96 4.85 -67.98
N HIS B 785 -14.65 5.69 -68.97
CA HIS B 785 -15.40 5.77 -70.22
C HIS B 785 -14.40 5.97 -71.35
N SER B 786 -14.85 5.67 -72.57
CA SER B 786 -14.06 5.99 -73.75
C SER B 786 -14.16 7.49 -73.98
N SER B 787 -13.17 8.24 -73.49
CA SER B 787 -13.23 9.69 -73.44
C SER B 787 -12.10 10.32 -74.26
N GLY B 788 -11.80 9.74 -75.41
CA GLY B 788 -10.84 10.32 -76.33
C GLY B 788 -9.39 10.22 -75.90
N ASP B 789 -8.50 10.63 -76.80
CA ASP B 789 -7.07 10.56 -76.54
C ASP B 789 -6.62 11.72 -75.67
N GLN B 790 -5.79 11.41 -74.67
CA GLN B 790 -5.23 12.41 -73.76
C GLN B 790 -3.75 12.11 -73.59
N MET B 791 -2.92 13.16 -73.68
CA MET B 791 -1.48 13.02 -73.62
C MET B 791 -0.97 13.53 -72.27
N LEU B 792 -0.23 12.67 -71.57
CA LEU B 792 0.30 12.99 -70.25
C LEU B 792 1.61 13.77 -70.39
N PRO B 793 1.82 14.81 -69.58
CA PRO B 793 3.06 15.59 -69.66
C PRO B 793 4.30 14.79 -69.25
N ARG B 794 5.46 15.43 -69.36
CA ARG B 794 6.71 14.77 -69.03
C ARG B 794 6.79 14.50 -67.52
N ILE B 795 7.11 13.26 -67.16
CA ILE B 795 7.29 12.87 -65.77
C ILE B 795 8.72 13.16 -65.37
N LYS B 796 8.90 13.83 -64.24
CA LYS B 796 10.22 14.26 -63.78
C LYS B 796 10.45 13.78 -62.35
N LEU B 797 11.52 13.01 -62.15
CA LEU B 797 11.91 12.54 -60.84
C LEU B 797 13.27 13.15 -60.49
N SER B 798 13.35 13.79 -59.33
CA SER B 798 14.57 14.47 -58.91
C SER B 798 15.45 13.53 -58.12
N GLN B 799 16.75 13.53 -58.44
CA GLN B 799 17.76 12.75 -57.72
C GLN B 799 17.38 11.27 -57.67
N THR B 800 16.91 10.74 -58.81
CA THR B 800 16.40 9.38 -58.87
C THR B 800 16.72 8.78 -60.23
N LYS B 801 17.02 7.48 -60.25
CA LYS B 801 17.19 6.73 -61.48
C LYS B 801 16.04 5.75 -61.64
N ALA B 802 15.53 5.63 -62.85
CA ALA B 802 14.38 4.78 -63.16
C ALA B 802 14.81 3.62 -64.05
N THR B 803 14.04 2.54 -63.96
CA THR B 803 14.30 1.32 -64.73
C THR B 803 12.98 0.72 -65.15
N PHE B 804 12.83 0.44 -66.44
CA PHE B 804 11.60 -0.17 -66.93
C PHE B 804 11.44 -1.58 -66.38
N LYS B 805 10.27 -1.85 -65.79
CA LYS B 805 9.98 -3.16 -65.24
C LYS B 805 9.06 -3.94 -66.19
N ALA B 806 7.81 -3.49 -66.31
CA ALA B 806 6.87 -4.14 -67.21
C ALA B 806 5.80 -3.13 -67.61
N ALA B 807 5.08 -3.47 -68.67
CA ALA B 807 4.01 -2.61 -69.18
C ALA B 807 3.04 -3.49 -69.96
N PHE B 808 1.74 -3.24 -69.78
CA PHE B 808 0.71 -4.04 -70.40
C PHE B 808 -0.46 -3.16 -70.81
N SER B 809 -1.23 -3.66 -71.78
CA SER B 809 -2.49 -3.06 -72.18
C SER B 809 -3.54 -4.16 -72.24
N LEU B 810 -4.77 -3.81 -71.84
CA LEU B 810 -5.88 -4.75 -71.85
C LEU B 810 -6.87 -4.30 -72.91
N GLU B 811 -7.11 -5.17 -73.90
CA GLU B 811 -7.99 -4.87 -75.02
C GLU B 811 -9.09 -5.92 -75.09
N ARG B 812 -10.27 -5.50 -75.54
CA ARG B 812 -11.43 -6.35 -75.61
C ARG B 812 -11.56 -6.95 -77.00
N THR B 813 -11.73 -8.26 -77.07
CA THR B 813 -11.91 -8.95 -78.35
C THR B 813 -13.32 -9.49 -78.48
N GLY B 814 -14.31 -8.60 -78.48
CA GLY B 814 -15.70 -9.00 -78.60
C GLY B 814 -16.36 -9.23 -77.26
N ASP B 815 -17.52 -9.87 -77.32
CA ASP B 815 -18.34 -10.12 -76.15
C ASP B 815 -18.04 -11.50 -75.56
N ALA B 816 -18.64 -11.76 -74.39
CA ALA B 816 -18.43 -13.00 -73.69
C ALA B 816 -19.36 -14.09 -74.21
N PRO B 817 -18.92 -15.36 -74.17
CA PRO B 817 -19.81 -16.45 -74.57
C PRO B 817 -21.00 -16.57 -73.65
N ILE B 818 -22.04 -17.23 -74.15
CA ILE B 818 -23.30 -17.38 -73.41
C ILE B 818 -23.58 -18.86 -73.15
N SER B 819 -22.95 -19.41 -72.12
CA SER B 819 -23.19 -20.78 -71.72
C SER B 819 -24.22 -20.84 -70.58
N ASP B 820 -24.82 -22.02 -70.42
CA ASP B 820 -25.79 -22.27 -69.38
C ASP B 820 -25.27 -23.19 -68.28
N GLU B 821 -24.04 -23.67 -68.40
CA GLU B 821 -23.45 -24.56 -67.42
C GLU B 821 -22.14 -24.05 -66.85
N ILE B 822 -21.56 -23.00 -67.44
CA ILE B 822 -20.23 -22.54 -67.05
C ILE B 822 -20.16 -21.03 -67.22
N ILE B 823 -19.62 -20.34 -66.21
CA ILE B 823 -19.44 -18.89 -66.24
C ILE B 823 -18.13 -18.60 -66.95
N GLU B 824 -18.20 -17.99 -68.13
CA GLU B 824 -17.03 -17.66 -68.91
C GLU B 824 -16.89 -16.16 -69.04
N GLY B 825 -15.64 -15.69 -69.11
CA GLY B 825 -15.36 -14.28 -69.15
C GLY B 825 -15.28 -13.72 -70.56
N ILE B 826 -14.93 -12.44 -70.63
CA ILE B 826 -14.84 -11.74 -71.91
C ILE B 826 -13.47 -11.98 -72.51
N PRO B 827 -13.37 -12.37 -73.77
CA PRO B 827 -12.05 -12.57 -74.39
C PRO B 827 -11.27 -11.28 -74.44
N THR B 828 -10.07 -11.30 -73.87
CA THR B 828 -9.23 -10.12 -73.73
C THR B 828 -7.80 -10.43 -74.16
N LYS B 829 -7.18 -9.47 -74.82
CA LYS B 829 -5.78 -9.54 -75.20
C LYS B 829 -4.94 -8.78 -74.18
N LEU B 830 -3.78 -9.34 -73.84
CA LEU B 830 -2.86 -8.73 -72.88
C LEU B 830 -1.57 -8.43 -73.63
N ARG B 831 -1.51 -7.27 -74.26
CA ARG B 831 -0.38 -6.89 -75.10
C ARG B 831 0.66 -6.14 -74.28
N GLU B 832 1.91 -6.59 -74.35
CA GLU B 832 3.02 -5.88 -73.73
C GLU B 832 3.38 -4.67 -74.56
N LEU B 833 3.72 -3.57 -73.87
CA LEU B 833 3.95 -2.29 -74.51
C LEU B 833 5.43 -1.91 -74.47
N THR B 834 5.80 -0.99 -75.35
CA THR B 834 7.18 -0.53 -75.47
C THR B 834 7.15 0.96 -75.82
N GLY B 835 8.33 1.58 -75.88
CA GLY B 835 8.46 2.96 -76.27
C GLY B 835 8.66 3.94 -75.14
N PHE B 836 8.74 3.47 -73.89
CA PHE B 836 8.92 4.35 -72.74
C PHE B 836 10.37 4.80 -72.66
N ASP B 837 10.61 6.08 -72.89
CA ASP B 837 11.96 6.64 -72.90
C ASP B 837 12.29 7.19 -71.51
N ILE B 838 13.38 6.69 -70.93
CA ILE B 838 13.82 7.08 -69.59
C ILE B 838 15.10 7.90 -69.76
N GLY B 839 14.98 9.22 -69.76
CA GLY B 839 16.13 10.09 -69.88
C GLY B 839 16.68 10.50 -68.52
N PHE B 840 18.01 10.46 -68.42
CA PHE B 840 18.72 10.77 -67.18
C PHE B 840 19.73 11.86 -67.44
N ASP B 841 19.61 12.98 -66.72
CA ASP B 841 20.56 14.08 -66.81
C ASP B 841 21.69 13.82 -65.81
N GLU B 842 22.87 13.47 -66.31
CA GLU B 842 24.01 13.15 -65.45
C GLU B 842 24.52 14.35 -64.68
N ASN B 843 23.97 15.55 -64.89
CA ASN B 843 24.36 16.74 -64.13
C ASN B 843 23.37 17.04 -63.01
N THR B 844 22.12 17.31 -63.36
CA THR B 844 21.08 17.56 -62.35
C THR B 844 20.57 16.28 -61.69
N LYS B 845 21.03 15.12 -62.14
CA LYS B 845 20.63 13.83 -61.57
C LYS B 845 19.12 13.65 -61.60
N GLU B 846 18.48 14.13 -62.66
CA GLU B 846 17.03 14.14 -62.79
C GLU B 846 16.60 13.16 -63.87
N THR B 847 15.68 12.27 -63.54
CA THR B 847 15.14 11.32 -64.49
C THR B 847 13.86 11.88 -65.13
N SER B 848 13.78 11.79 -66.45
CA SER B 848 12.60 12.18 -67.20
C SER B 848 12.01 10.96 -67.89
N ILE B 849 10.68 10.83 -67.82
CA ILE B 849 9.98 9.68 -68.38
C ILE B 849 8.94 10.19 -69.37
N LEU B 850 9.01 9.71 -70.61
CA LEU B 850 8.07 10.06 -71.66
C LEU B 850 7.26 8.84 -72.04
N LEU B 851 5.95 9.00 -72.14
CA LEU B 851 5.11 7.88 -72.55
C LEU B 851 5.01 7.81 -74.07
N PRO B 852 4.84 6.61 -74.62
CA PRO B 852 4.62 6.49 -76.06
C PRO B 852 3.18 6.77 -76.42
N GLN B 853 2.99 7.26 -77.65
CA GLN B 853 1.65 7.60 -78.11
C GLN B 853 0.74 6.37 -78.19
N ASP B 854 1.32 5.18 -78.33
CA ASP B 854 0.55 3.93 -78.25
C ASP B 854 0.47 3.51 -76.79
N PHE B 855 -0.39 4.19 -76.05
CA PHE B 855 -0.66 3.87 -74.65
C PHE B 855 -2.17 4.03 -74.43
N PRO B 856 -2.95 3.07 -74.90
CA PRO B 856 -4.41 3.22 -74.85
C PRO B 856 -4.94 3.15 -73.43
N GLN B 857 -6.18 3.62 -73.27
CA GLN B 857 -6.84 3.53 -71.98
C GLN B 857 -6.98 2.07 -71.56
N GLY B 858 -6.77 1.82 -70.26
CA GLY B 858 -6.71 0.47 -69.76
C GLY B 858 -5.34 -0.13 -69.79
N SER B 859 -4.30 0.70 -69.72
CA SER B 859 -2.92 0.24 -69.77
C SER B 859 -2.16 0.75 -68.54
N ILE B 860 -1.06 0.08 -68.24
CA ILE B 860 -0.18 0.46 -67.14
C ILE B 860 1.26 0.35 -67.59
N VAL B 861 2.16 0.92 -66.78
CA VAL B 861 3.60 0.75 -66.95
C VAL B 861 4.25 0.94 -65.59
N ILE B 862 5.08 -0.03 -65.21
CA ILE B 862 5.71 -0.06 -63.89
C ILE B 862 7.19 0.22 -64.07
N PHE B 863 7.72 1.13 -63.25
CA PHE B 863 9.14 1.44 -63.23
C PHE B 863 9.72 1.11 -61.87
N GLU B 864 10.89 0.49 -61.88
CA GLU B 864 11.70 0.35 -60.67
C GLU B 864 12.56 1.60 -60.54
N THR B 865 12.55 2.20 -59.36
CA THR B 865 13.25 3.46 -59.14
C THR B 865 14.05 3.39 -57.84
N GLN B 866 15.06 4.25 -57.75
CA GLN B 866 15.96 4.25 -56.60
C GLN B 866 16.46 5.66 -56.37
N GLN B 867 16.19 6.20 -55.19
CA GLN B 867 16.67 7.53 -54.84
C GLN B 867 18.19 7.52 -54.66
N LEU B 868 18.85 8.54 -55.19
CA LEU B 868 20.30 8.60 -55.16
C LEU B 868 20.81 9.10 -53.83
N GLY B 869 21.86 8.46 -53.32
CA GLY B 869 22.45 8.81 -52.05
C GLY B 869 21.98 7.96 -50.88
N ILE B 870 20.98 7.12 -51.08
CA ILE B 870 20.42 6.29 -50.02
C ILE B 870 20.76 4.84 -50.29
N ASP B 871 21.41 4.19 -49.33
CA ASP B 871 21.62 2.76 -49.31
C ASP B 871 20.98 2.19 -48.04
N ASP B 872 21.16 0.89 -47.83
CA ASP B 872 20.64 0.26 -46.62
C ASP B 872 21.37 0.70 -45.37
N SER B 873 22.60 1.20 -45.50
CA SER B 873 23.43 1.56 -44.36
C SER B 873 23.26 3.01 -43.93
N LEU B 874 22.27 3.72 -44.47
CA LEU B 874 22.11 5.13 -44.13
C LEU B 874 21.52 5.31 -42.73
N ASP B 875 20.53 4.49 -42.36
CA ASP B 875 19.89 4.65 -41.06
C ASP B 875 20.86 4.35 -39.92
N HIS B 876 21.68 3.32 -40.07
CA HIS B 876 22.62 2.97 -39.01
C HIS B 876 23.69 4.05 -38.84
N PHE B 877 24.14 4.65 -39.95
CA PHE B 877 25.17 5.67 -39.87
C PHE B 877 24.65 6.93 -39.17
N ILE B 878 23.35 7.20 -39.27
CA ILE B 878 22.78 8.37 -38.62
C ILE B 878 22.41 8.09 -37.16
N ARG B 879 22.02 6.87 -36.83
CA ARG B 879 21.57 6.53 -35.49
C ARG B 879 22.69 5.99 -34.60
N SER B 880 23.95 6.27 -34.92
CA SER B 880 25.06 5.73 -34.16
C SER B 880 26.13 6.78 -33.97
N GLY B 881 26.99 6.56 -32.98
CA GLY B 881 28.15 7.40 -32.75
C GLY B 881 27.90 8.67 -31.98
N ALA B 882 26.64 9.08 -31.81
CA ALA B 882 26.38 10.37 -31.16
C ALA B 882 26.66 10.32 -29.66
N ILE B 883 26.49 9.17 -29.02
CA ILE B 883 26.79 9.06 -27.59
C ILE B 883 28.30 9.15 -27.37
N LYS B 884 29.08 8.43 -28.18
CA LYS B 884 30.53 8.52 -28.07
C LYS B 884 31.04 9.93 -28.37
N ALA B 885 30.32 10.69 -29.21
CA ALA B 885 30.75 12.04 -29.52
C ALA B 885 30.51 12.99 -28.36
N THR B 886 29.50 12.71 -27.53
CA THR B 886 29.21 13.52 -26.35
C THR B 886 29.90 13.03 -25.11
N GLU B 887 30.82 12.06 -25.24
CA GLU B 887 31.44 11.44 -24.07
C GLU B 887 32.24 12.45 -23.26
N LYS B 888 32.85 13.43 -23.91
CA LYS B 888 33.73 14.40 -23.25
C LYS B 888 33.04 15.74 -23.01
N LEU B 889 31.72 15.79 -23.06
CA LEU B 889 31.00 17.02 -22.83
C LEU B 889 30.87 17.30 -21.34
N SER B 890 30.87 18.59 -20.99
CA SER B 890 30.68 19.04 -19.63
C SER B 890 29.43 19.90 -19.54
N LEU B 891 28.96 20.11 -18.31
CA LEU B 891 27.78 20.92 -18.08
C LEU B 891 27.96 22.34 -18.59
N GLU B 892 29.21 22.80 -18.73
CA GLU B 892 29.47 24.10 -19.33
C GLU B 892 29.45 24.01 -20.85
N SER B 893 30.08 22.98 -21.43
CA SER B 893 30.20 22.87 -22.88
C SER B 893 28.86 22.56 -23.55
N ILE B 894 27.91 21.96 -22.82
CA ILE B 894 26.60 21.68 -23.40
C ILE B 894 25.87 22.98 -23.72
N ASN B 895 26.19 24.05 -23.00
CA ASN B 895 25.53 25.33 -23.25
C ASN B 895 25.79 25.83 -24.66
N TYR B 896 27.00 25.60 -25.18
CA TYR B 896 27.34 26.07 -26.51
C TYR B 896 26.78 25.17 -27.61
N VAL B 897 26.47 23.91 -27.30
CA VAL B 897 25.92 23.01 -28.30
C VAL B 897 24.41 23.19 -28.42
N LEU B 898 23.73 23.50 -27.31
CA LEU B 898 22.28 23.54 -27.28
C LEU B 898 21.68 24.93 -27.25
N TYR B 899 22.29 25.89 -26.56
CA TYR B 899 21.61 27.15 -26.27
C TYR B 899 22.33 28.27 -27.00
N ARG B 900 22.93 29.23 -26.28
CA ARG B 900 23.54 30.44 -26.83
C ARG B 900 22.50 31.32 -27.50
N ALA B 901 22.09 32.39 -26.83
CA ALA B 901 21.25 33.39 -27.47
C ALA B 901 22.07 34.16 -28.49
N GLU B 902 21.37 34.93 -29.34
CA GLU B 902 22.06 35.66 -30.40
C GLU B 902 23.04 36.68 -29.84
N GLN B 903 22.71 37.30 -28.70
CA GLN B 903 23.66 38.21 -28.07
C GLN B 903 24.85 37.45 -27.50
N GLU B 904 24.61 36.26 -26.93
CA GLU B 904 25.70 35.43 -26.46
C GLU B 904 26.59 34.96 -27.61
N GLU B 905 26.00 34.74 -28.78
CA GLU B 905 26.79 34.32 -29.93
C GLU B 905 27.55 35.49 -30.54
N TYR B 906 26.96 36.68 -30.54
CA TYR B 906 27.68 37.88 -30.99
C TYR B 906 28.91 38.14 -30.13
N ASP B 907 28.88 37.72 -28.85
CA ASP B 907 30.03 37.91 -27.98
C ASP B 907 31.23 37.12 -28.49
N TYR B 908 31.00 35.87 -28.89
CA TYR B 908 32.11 35.04 -29.35
C TYR B 908 32.51 35.34 -30.79
N SER B 909 31.57 35.80 -31.60
CA SER B 909 31.82 36.05 -33.02
C SER B 909 32.01 37.53 -33.33
N GLU B 910 32.18 38.37 -32.31
CA GLU B 910 32.41 39.81 -32.48
C GLU B 910 31.29 40.50 -33.25
N GLY B 911 30.11 39.90 -33.30
CA GLY B 911 28.98 40.47 -34.00
C GLY B 911 28.81 40.03 -35.43
N ARG B 912 29.53 39.00 -35.87
CA ARG B 912 29.46 38.57 -37.27
C ARG B 912 28.43 37.48 -37.49
N SER B 913 28.36 36.50 -36.58
CA SER B 913 27.52 35.33 -36.79
C SER B 913 26.07 35.56 -36.37
N GLY B 914 25.69 35.03 -35.22
CA GLY B 914 24.32 35.13 -34.75
C GLY B 914 23.51 33.88 -35.06
N ALA B 915 22.20 34.07 -35.11
CA ALA B 915 21.25 32.98 -35.33
C ALA B 915 20.86 32.92 -36.80
N TYR B 916 20.74 31.71 -37.32
CA TYR B 916 20.27 31.50 -38.68
C TYR B 916 18.88 32.09 -38.85
N ASP B 917 18.69 32.88 -39.91
CA ASP B 917 17.40 33.51 -40.17
C ASP B 917 16.62 32.65 -41.16
N ILE B 918 15.51 32.10 -40.70
CA ILE B 918 14.64 31.29 -41.56
C ILE B 918 13.77 32.23 -42.39
N PRO B 919 13.77 32.11 -43.72
CA PRO B 919 12.93 32.99 -44.54
C PRO B 919 11.46 32.79 -44.25
N ASP B 920 10.72 33.91 -44.23
CA ASP B 920 9.28 33.92 -44.00
C ASP B 920 8.90 33.35 -42.62
N TYR B 921 9.81 33.45 -41.65
CA TYR B 921 9.54 32.92 -40.32
C TYR B 921 10.25 33.73 -39.25
N GLY B 922 11.57 33.60 -39.18
CA GLY B 922 12.35 34.30 -38.18
C GLY B 922 13.55 33.46 -37.76
N LYS B 923 14.17 33.89 -36.70
CA LYS B 923 15.34 33.15 -36.22
C LYS B 923 14.96 32.25 -35.05
N PRO B 924 15.59 31.09 -34.94
CA PRO B 924 15.39 30.26 -33.74
C PRO B 924 15.80 31.02 -32.48
N VAL B 925 15.21 30.62 -31.36
CA VAL B 925 15.40 31.33 -30.11
C VAL B 925 16.83 31.16 -29.60
N TYR B 926 17.38 29.96 -29.70
CA TYR B 926 18.78 29.71 -29.39
C TYR B 926 19.53 29.38 -30.67
N CYS B 927 20.83 29.68 -30.67
CA CYS B 927 21.66 29.32 -31.82
C CYS B 927 21.98 27.83 -31.83
N GLY B 928 21.90 27.16 -30.68
CA GLY B 928 22.20 25.75 -30.59
C GLY B 928 21.04 24.89 -31.03
N LEU B 929 21.11 23.61 -30.66
CA LEU B 929 20.11 22.66 -31.10
C LEU B 929 18.74 22.91 -30.47
N GLN B 930 18.71 23.50 -29.28
CA GLN B 930 17.43 23.77 -28.62
C GLN B 930 16.57 24.72 -29.44
N GLY B 931 17.20 25.69 -30.11
CA GLY B 931 16.44 26.58 -30.97
C GLY B 931 15.79 25.85 -32.13
N TRP B 932 16.44 24.80 -32.64
CA TRP B 932 15.83 23.98 -33.68
C TRP B 932 14.77 23.05 -33.09
N VAL B 933 15.07 22.42 -31.96
CA VAL B 933 14.14 21.47 -31.35
C VAL B 933 12.86 22.16 -30.92
N SER B 934 12.94 23.40 -30.45
CA SER B 934 11.75 24.13 -30.03
C SER B 934 10.79 24.35 -31.18
N ILE B 935 11.31 24.48 -32.41
CA ILE B 935 10.47 24.68 -33.59
C ILE B 935 10.08 23.35 -34.22
N LEU B 936 10.99 22.36 -34.20
CA LEU B 936 10.76 21.11 -34.90
C LEU B 936 9.74 20.21 -34.20
N ARG B 937 9.55 20.36 -32.89
CA ARG B 937 8.66 19.44 -32.18
C ARG B 937 7.23 19.53 -32.71
N LYS B 938 6.74 20.74 -32.97
CA LYS B 938 5.42 20.89 -33.56
C LYS B 938 5.43 20.51 -35.04
N ILE B 939 6.57 20.68 -35.71
CA ILE B 939 6.67 20.32 -37.12
C ILE B 939 6.65 18.80 -37.29
N ILE B 940 7.44 18.10 -36.47
CA ILE B 940 7.48 16.64 -36.53
C ILE B 940 6.14 16.05 -36.13
N PHE B 941 5.44 16.66 -35.18
CA PHE B 941 4.18 16.09 -34.70
C PHE B 941 3.09 16.14 -35.77
N TYR B 942 3.08 17.18 -36.60
CA TYR B 942 2.06 17.36 -37.62
C TYR B 942 2.56 17.05 -39.03
N ASN B 943 3.83 16.68 -39.18
CA ASN B 943 4.42 16.38 -40.49
C ASN B 943 4.26 17.56 -41.44
N ASP B 944 4.42 18.76 -40.91
CA ASP B 944 4.22 20.00 -41.67
C ASP B 944 5.40 20.19 -42.61
N LEU B 945 5.33 19.56 -43.78
CA LEU B 945 6.34 19.77 -44.81
C LEU B 945 6.20 21.12 -45.51
N ALA B 946 5.12 21.85 -45.24
CA ALA B 946 4.92 23.18 -45.81
C ALA B 946 5.41 24.29 -44.91
N HIS B 947 6.03 23.96 -43.79
CA HIS B 947 6.54 24.98 -42.88
C HIS B 947 7.72 25.71 -43.51
N PRO B 948 7.88 27.01 -43.22
CA PRO B 948 9.03 27.74 -43.78
C PRO B 948 10.38 27.08 -43.54
N LEU B 949 10.58 26.49 -42.35
CA LEU B 949 11.81 25.76 -42.09
C LEU B 949 11.91 24.51 -42.98
N SER B 950 10.78 23.84 -43.19
CA SER B 950 10.78 22.68 -44.08
C SER B 950 11.11 23.08 -45.51
N ASN B 951 10.55 24.19 -45.98
CA ASN B 951 10.85 24.67 -47.33
C ASN B 951 12.32 25.04 -47.46
N ASN B 952 12.86 25.76 -46.47
CA ASN B 952 14.24 26.20 -46.55
C ASN B 952 15.23 25.03 -46.53
N LEU B 953 14.87 23.94 -45.85
CA LEU B 953 15.80 22.81 -45.75
C LEU B 953 15.95 22.08 -47.08
N ARG B 954 14.90 22.06 -47.91
CA ARG B 954 14.99 21.45 -49.23
C ARG B 954 15.29 22.45 -50.33
N ASN B 955 15.31 23.75 -50.02
CA ASN B 955 15.75 24.75 -51.00
C ASN B 955 17.28 24.90 -51.02
N GLY B 956 17.95 24.56 -49.93
CA GLY B 956 19.40 24.67 -49.90
C GLY B 956 19.94 24.00 -48.65
N HIS B 957 21.27 23.89 -48.61
CA HIS B 957 21.98 23.27 -47.49
C HIS B 957 22.53 24.31 -46.51
N TRP B 958 21.88 25.47 -46.43
CA TRP B 958 22.38 26.55 -45.56
C TRP B 958 22.22 26.19 -44.10
N ALA B 959 21.01 25.84 -43.68
CA ALA B 959 20.79 25.48 -42.28
C ALA B 959 21.53 24.21 -41.90
N VAL B 960 21.78 23.34 -42.88
CA VAL B 960 22.53 22.12 -42.62
C VAL B 960 23.98 22.46 -42.26
N ASP B 961 24.61 23.34 -43.05
CA ASP B 961 25.97 23.76 -42.77
C ASP B 961 26.07 24.74 -41.61
N TYR B 962 24.98 25.44 -41.29
CA TYR B 962 24.99 26.37 -40.17
C TYR B 962 25.13 25.65 -38.84
N VAL B 963 24.51 24.47 -38.71
CA VAL B 963 24.59 23.71 -37.47
C VAL B 963 26.03 23.28 -37.19
N VAL B 964 26.77 22.94 -38.25
CA VAL B 964 28.13 22.43 -38.07
C VAL B 964 29.13 23.59 -37.92
N ASN B 965 28.90 24.69 -38.64
CA ASN B 965 29.86 25.78 -38.65
C ASN B 965 29.81 26.64 -37.39
N ARG B 966 28.72 26.57 -36.62
CA ARG B 966 28.67 27.33 -35.37
C ARG B 966 29.77 26.90 -34.42
N LEU B 967 29.99 25.60 -34.28
CA LEU B 967 30.89 25.06 -33.27
C LEU B 967 32.36 25.41 -33.54
N ASP B 968 32.67 26.06 -34.65
CA ASP B 968 34.03 26.59 -34.83
C ASP B 968 34.33 27.67 -33.80
N LEU B 969 33.31 28.38 -33.32
CA LEU B 969 33.50 29.39 -32.29
C LEU B 969 33.86 28.76 -30.95
N TYR B 970 33.34 27.57 -30.67
CA TYR B 970 33.54 26.90 -29.39
C TYR B 970 34.25 25.56 -29.57
N LYS B 971 35.09 25.45 -30.60
CA LYS B 971 35.72 24.16 -30.90
C LYS B 971 36.68 23.73 -29.81
N ASP B 972 37.38 24.69 -29.18
CA ASP B 972 38.40 24.35 -28.19
C ASP B 972 37.83 23.89 -26.87
N LYS B 973 36.51 23.91 -26.69
CA LYS B 973 35.90 23.56 -25.42
C LYS B 973 35.69 22.05 -25.32
N GLU B 974 35.47 21.59 -24.09
CA GLU B 974 35.48 20.16 -23.76
C GLU B 974 34.41 19.38 -24.52
N GLY B 975 34.84 18.48 -25.41
CA GLY B 975 33.93 17.61 -26.11
C GLY B 975 33.18 18.24 -27.27
N VAL B 976 33.32 19.55 -27.48
CA VAL B 976 32.60 20.20 -28.57
C VAL B 976 33.16 19.80 -29.92
N ALA B 977 34.47 19.58 -30.01
CA ALA B 977 35.09 19.20 -31.28
C ALA B 977 34.56 17.87 -31.78
N GLU B 978 34.48 16.88 -30.89
CA GLU B 978 33.98 15.56 -31.30
C GLU B 978 32.48 15.60 -31.58
N VAL B 979 31.75 16.50 -30.91
CA VAL B 979 30.34 16.67 -31.24
C VAL B 979 30.17 17.31 -32.62
N GLN B 980 31.05 18.25 -32.95
CA GLN B 980 31.00 18.86 -34.27
C GLN B 980 31.34 17.86 -35.36
N GLU B 981 32.31 16.97 -35.10
CA GLU B 981 32.71 16.00 -36.11
C GLU B 981 31.60 14.99 -36.39
N TRP B 982 30.83 14.62 -35.36
CA TRP B 982 29.68 13.77 -35.60
C TRP B 982 28.63 14.49 -36.44
N LEU B 983 28.39 15.76 -36.15
CA LEU B 983 27.47 16.55 -36.96
C LEU B 983 28.02 16.77 -38.36
N ARG B 984 29.34 16.99 -38.47
CA ARG B 984 29.94 17.22 -39.78
C ARG B 984 29.81 15.99 -40.68
N SER B 985 30.11 14.81 -40.13
CA SER B 985 30.05 13.59 -40.93
C SER B 985 28.62 13.23 -41.30
N ARG B 986 27.65 13.51 -40.42
CA ARG B 986 26.27 13.15 -40.69
C ARG B 986 25.58 14.18 -41.59
N MET B 987 25.92 15.46 -41.42
CA MET B 987 25.35 16.48 -42.31
C MET B 987 25.95 16.38 -43.71
N GLU B 988 27.22 16.00 -43.82
CA GLU B 988 27.82 15.76 -45.13
C GLU B 988 27.11 14.64 -45.86
N ARG B 989 26.83 13.54 -45.16
CA ARG B 989 26.10 12.42 -45.75
C ARG B 989 24.68 12.82 -46.12
N ILE B 990 24.08 13.76 -45.39
CA ILE B 990 22.71 14.18 -45.66
C ILE B 990 22.63 15.01 -46.94
N LYS B 991 23.63 15.86 -47.17
CA LYS B 991 23.59 16.72 -48.36
C LYS B 991 23.66 15.93 -49.66
N GLN B 992 24.13 14.68 -49.61
CA GLN B 992 24.16 13.82 -50.79
C GLN B 992 22.80 13.23 -51.11
N LEU B 993 21.77 13.52 -50.32
CA LEU B 993 20.43 12.98 -50.51
C LEU B 993 19.63 13.90 -51.42
N PRO B 994 18.48 13.44 -51.93
CA PRO B 994 17.57 14.34 -52.63
C PRO B 994 17.14 15.50 -51.74
N SER B 995 16.78 16.61 -52.37
CA SER B 995 16.43 17.82 -51.62
C SER B 995 15.19 17.59 -50.75
N TYR B 996 14.15 16.97 -51.31
CA TYR B 996 12.90 16.78 -50.58
C TYR B 996 13.05 15.89 -49.36
N LEU B 997 14.15 15.15 -49.24
CA LEU B 997 14.39 14.30 -48.08
C LEU B 997 15.24 14.97 -47.00
N VAL B 998 15.78 16.15 -47.29
CA VAL B 998 16.64 16.83 -46.30
C VAL B 998 15.89 17.23 -45.04
N PRO B 999 14.69 17.84 -45.10
CA PRO B 999 14.05 18.26 -43.85
C PRO B 999 13.82 17.12 -42.87
N SER B 1000 13.36 15.96 -43.36
CA SER B 1000 13.11 14.83 -42.47
C SER B 1000 14.42 14.33 -41.85
N PHE B 1001 15.50 14.34 -42.61
CA PHE B 1001 16.78 13.85 -42.10
C PHE B 1001 17.52 14.92 -41.29
N PHE B 1002 17.32 16.20 -41.61
CA PHE B 1002 17.92 17.26 -40.79
C PHE B 1002 17.36 17.22 -39.37
N ALA B 1003 16.03 17.10 -39.25
CA ALA B 1003 15.42 17.03 -37.93
C ALA B 1003 15.81 15.76 -37.20
N LEU B 1004 16.05 14.68 -37.92
CA LEU B 1004 16.42 13.42 -37.28
C LEU B 1004 17.83 13.50 -36.69
N VAL B 1005 18.76 14.13 -37.40
CA VAL B 1005 20.13 14.26 -36.90
C VAL B 1005 20.18 15.23 -35.72
N VAL B 1006 19.48 16.36 -35.83
CA VAL B 1006 19.48 17.34 -34.74
C VAL B 1006 18.83 16.74 -33.49
N GLY B 1007 17.73 16.01 -33.67
CA GLY B 1007 17.04 15.44 -32.52
C GLY B 1007 17.85 14.38 -31.81
N ILE B 1008 18.64 13.59 -32.55
CA ILE B 1008 19.45 12.55 -31.93
C ILE B 1008 20.57 13.18 -31.10
N MET B 1009 21.30 14.12 -31.69
CA MET B 1009 22.37 14.78 -30.95
C MET B 1009 21.83 15.59 -29.77
N TYR B 1010 20.63 16.15 -29.91
CA TYR B 1010 20.03 16.87 -28.79
C TYR B 1010 19.76 15.93 -27.62
N GLY B 1011 19.13 14.79 -27.90
CA GLY B 1011 18.85 13.84 -26.84
C GLY B 1011 20.10 13.30 -26.17
N CYS B 1012 21.15 13.08 -26.96
CA CYS B 1012 22.41 12.63 -26.37
C CYS B 1012 23.03 13.72 -25.50
N CYS B 1013 22.90 14.98 -25.91
CA CYS B 1013 23.39 16.08 -25.10
C CYS B 1013 22.55 16.24 -23.84
N ARG B 1014 21.23 16.08 -23.97
CA ARG B 1014 20.36 16.20 -22.80
C ARG B 1014 20.54 15.03 -21.84
N LEU B 1015 20.80 13.84 -22.36
CA LEU B 1015 21.10 12.71 -21.49
C LEU B 1015 22.43 12.90 -20.78
N ARG B 1016 23.44 13.38 -21.51
CA ARG B 1016 24.74 13.65 -20.90
C ARG B 1016 24.63 14.67 -19.77
N ALA B 1017 23.71 15.62 -19.88
CA ALA B 1017 23.50 16.58 -18.82
C ALA B 1017 22.94 15.92 -17.56
N MET B 1018 21.93 15.05 -17.73
CA MET B 1018 21.34 14.36 -16.59
C MET B 1018 22.34 13.42 -15.93
N GLN B 1019 23.29 12.87 -16.69
CA GLN B 1019 24.29 12.00 -16.11
C GLN B 1019 25.28 12.77 -15.24
N LEU B 1020 25.69 13.96 -15.70
CA LEU B 1020 26.62 14.78 -14.95
C LEU B 1020 25.99 15.39 -13.71
N MET B 1021 24.66 15.52 -13.68
CA MET B 1021 23.98 16.10 -12.53
C MET B 1021 23.73 15.04 -11.47
N SER B 1022 23.05 15.44 -10.39
CA SER B 1022 22.81 14.59 -9.24
C SER B 1022 21.64 13.63 -9.50
N ASP B 1023 21.34 12.81 -8.48
CA ASP B 1023 20.32 11.78 -8.63
C ASP B 1023 18.91 12.35 -8.55
N ASN B 1024 18.68 13.33 -7.67
CA ASN B 1024 17.35 13.90 -7.53
C ASN B 1024 16.87 14.51 -8.85
N VAL B 1025 17.78 15.06 -9.64
CA VAL B 1025 17.43 15.61 -10.94
C VAL B 1025 17.47 14.53 -12.02
N GLY B 1026 18.49 13.69 -12.03
CA GLY B 1026 18.68 12.70 -13.06
C GLY B 1026 17.78 11.50 -12.96
N LYS B 1027 16.72 11.60 -12.15
CA LYS B 1027 15.75 10.51 -12.02
C LYS B 1027 14.33 11.02 -11.95
N SER B 1028 14.06 12.27 -12.33
CA SER B 1028 12.78 12.91 -12.07
C SER B 1028 12.00 13.09 -13.38
N THR B 1029 10.86 13.75 -13.26
CA THR B 1029 9.95 13.99 -14.38
C THR B 1029 10.57 14.95 -15.39
N VAL B 1030 9.95 15.02 -16.56
CA VAL B 1030 10.37 15.98 -17.58
C VAL B 1030 10.37 17.39 -17.02
N PHE B 1031 9.39 17.72 -16.18
CA PHE B 1031 9.28 19.07 -15.65
C PHE B 1031 10.49 19.44 -14.82
N VAL B 1032 10.91 18.54 -13.93
CA VAL B 1032 12.07 18.82 -13.08
C VAL B 1032 13.34 18.89 -13.93
N GLN B 1033 13.50 17.96 -14.87
CA GLN B 1033 14.67 17.97 -15.74
C GLN B 1033 14.66 19.20 -16.65
N SER B 1034 13.48 19.61 -17.12
CA SER B 1034 13.40 20.83 -17.92
C SER B 1034 13.82 22.05 -17.10
N LEU B 1035 13.44 22.07 -15.81
CA LEU B 1035 13.92 23.15 -14.93
C LEU B 1035 15.42 23.07 -14.73
N ALA B 1036 15.97 21.85 -14.65
CA ALA B 1036 17.40 21.68 -14.42
C ALA B 1036 18.23 22.10 -15.63
N MET B 1037 17.70 21.92 -16.84
CA MET B 1037 18.42 22.34 -18.05
C MET B 1037 18.61 23.85 -18.11
N THR B 1038 17.83 24.62 -17.35
CA THR B 1038 18.04 26.06 -17.29
C THR B 1038 19.40 26.40 -16.69
N SER B 1039 19.91 25.54 -15.81
CA SER B 1039 21.25 25.76 -15.26
C SER B 1039 22.30 25.79 -16.35
N ILE B 1040 22.13 25.00 -17.40
CA ILE B 1040 23.09 25.02 -18.51
C ILE B 1040 22.87 26.24 -19.39
N GLN B 1041 21.63 26.71 -19.52
CA GLN B 1041 21.37 27.90 -20.32
C GLN B 1041 22.05 29.14 -19.74
N MET B 1042 22.13 29.23 -18.41
CA MET B 1042 22.63 30.42 -17.75
C MET B 1042 24.13 30.39 -17.48
N VAL B 1043 24.70 29.21 -17.24
CA VAL B 1043 26.11 29.09 -16.90
C VAL B 1043 26.89 28.90 -18.18
N SER B 1044 27.67 29.91 -18.55
CA SER B 1044 28.47 29.88 -19.76
C SER B 1044 29.60 30.88 -19.64
N ALA B 1045 30.72 30.56 -20.28
CA ALA B 1045 31.84 31.47 -20.38
C ALA B 1045 31.63 32.41 -21.55
N MET B 1046 32.04 33.66 -21.37
CA MET B 1046 31.87 34.69 -22.37
C MET B 1046 33.22 35.32 -22.68
N LYS B 1047 33.21 36.26 -23.62
CA LYS B 1047 34.40 37.00 -24.00
C LYS B 1047 34.39 38.45 -23.55
N SER B 1048 33.22 39.01 -23.25
CA SER B 1048 33.08 40.39 -22.79
C SER B 1048 32.88 40.52 -21.28
N THR B 1049 32.78 39.41 -20.55
CA THR B 1049 32.54 39.46 -19.10
C THR B 1049 32.86 38.09 -18.51
N SER B 1050 32.88 38.04 -17.18
CA SER B 1050 33.14 36.82 -16.43
C SER B 1050 32.80 37.07 -14.96
N ILE B 1051 33.25 36.18 -14.08
CA ILE B 1051 33.17 36.45 -12.66
C ILE B 1051 34.54 36.77 -12.06
N LEU B 1052 35.61 36.34 -12.71
CA LEU B 1052 36.93 36.67 -12.25
C LEU B 1052 37.59 37.58 -13.26
N PRO B 1053 38.15 38.72 -12.84
CA PRO B 1053 38.75 39.64 -13.82
C PRO B 1053 40.04 39.13 -14.41
N ASP B 1054 40.65 38.12 -13.77
CA ASP B 1054 41.95 37.64 -14.22
C ASP B 1054 41.82 36.77 -15.47
N GLN B 1055 40.78 35.93 -15.51
CA GLN B 1055 40.52 35.00 -16.58
C GLN B 1055 39.16 35.34 -17.22
N ASN B 1056 38.63 34.42 -18.06
CA ASN B 1056 37.24 34.47 -18.57
C ASN B 1056 36.62 33.08 -18.38
N ILE B 1057 35.99 32.87 -17.23
CA ILE B 1057 35.41 31.55 -16.96
C ILE B 1057 33.89 31.62 -16.93
N ALA B 1058 33.28 30.57 -16.39
CA ALA B 1058 31.82 30.44 -16.38
C ALA B 1058 31.19 31.52 -15.50
N ALA B 1059 30.03 32.02 -15.95
CA ALA B 1059 29.30 33.07 -15.23
C ALA B 1059 27.81 32.78 -15.35
N MET B 1060 27.13 32.54 -14.22
CA MET B 1060 25.69 32.32 -14.26
C MET B 1060 25.02 33.63 -14.68
N ALA B 1061 24.42 33.63 -15.85
CA ALA B 1061 23.73 34.84 -16.31
C ALA B 1061 22.41 35.04 -15.56
N ALA B 1062 21.98 36.30 -15.52
CA ALA B 1062 20.70 36.60 -14.89
C ALA B 1062 19.53 36.10 -15.74
N GLY B 1063 19.57 36.36 -17.04
CA GLY B 1063 18.52 35.90 -17.93
C GLY B 1063 18.88 36.11 -19.38
N LEU B 1064 18.21 35.36 -20.23
CA LEU B 1064 18.46 35.43 -21.65
C LEU B 1064 17.28 36.07 -22.37
N PRO B 1065 17.53 36.92 -23.39
CA PRO B 1065 18.88 37.27 -23.86
C PRO B 1065 19.38 38.61 -23.33
N HIS B 1066 18.54 39.31 -22.57
CA HIS B 1066 18.79 40.70 -22.20
C HIS B 1066 19.67 40.86 -20.97
N PHE B 1067 20.18 39.76 -20.39
CA PHE B 1067 21.08 39.81 -19.26
C PHE B 1067 22.20 38.79 -19.45
N SER B 1068 22.96 38.94 -20.55
CA SER B 1068 23.95 37.93 -20.91
C SER B 1068 25.29 38.48 -21.37
N THR B 1069 25.40 39.75 -21.75
CA THR B 1069 26.63 40.27 -22.32
C THR B 1069 27.10 41.51 -21.56
N ASN B 1070 28.42 41.64 -21.44
CA ASN B 1070 29.10 42.80 -20.85
C ASN B 1070 28.66 42.92 -19.39
N TYR B 1071 28.43 44.13 -18.88
CA TYR B 1071 28.07 44.37 -17.49
C TYR B 1071 26.67 43.87 -17.15
N MET B 1072 25.86 43.51 -18.15
CA MET B 1072 24.48 43.14 -17.93
C MET B 1072 24.30 41.67 -17.54
N ARG B 1073 25.38 40.88 -17.51
CA ARG B 1073 25.23 39.44 -17.29
C ARG B 1073 25.09 39.11 -15.80
N CYS B 1074 26.16 39.29 -15.04
CA CYS B 1074 26.21 38.85 -13.65
C CYS B 1074 25.64 39.91 -12.72
N TRP B 1075 24.71 39.51 -11.86
CA TRP B 1075 24.14 40.37 -10.83
C TRP B 1075 24.19 39.61 -9.51
N GLY B 1076 24.85 40.20 -8.51
CA GLY B 1076 25.05 39.50 -7.26
C GLY B 1076 23.77 39.06 -6.60
N ARG B 1077 22.75 39.93 -6.59
CA ARG B 1077 21.46 39.54 -6.04
C ARG B 1077 20.88 38.35 -6.79
N ASP B 1078 20.90 38.40 -8.12
CA ASP B 1078 20.30 37.36 -8.94
C ASP B 1078 21.08 36.05 -8.85
N VAL B 1079 22.40 36.13 -8.74
CA VAL B 1079 23.23 34.92 -8.76
C VAL B 1079 22.97 34.06 -7.53
N PHE B 1080 22.98 34.68 -6.35
CA PHE B 1080 22.92 33.92 -5.11
C PHE B 1080 21.50 33.56 -4.66
N ILE B 1081 20.47 34.15 -5.29
CA ILE B 1081 19.14 33.62 -5.09
C ILE B 1081 18.96 32.32 -5.87
N SER B 1082 19.59 32.20 -7.04
CA SER B 1082 19.49 31.03 -7.89
C SER B 1082 20.59 30.01 -7.65
N LEU B 1083 21.56 30.31 -6.78
CA LEU B 1083 22.70 29.41 -6.61
C LEU B 1083 22.27 28.06 -6.05
N ARG B 1084 21.38 28.05 -5.06
CA ARG B 1084 20.96 26.78 -4.47
C ARG B 1084 20.14 25.95 -5.45
N GLY B 1085 19.29 26.60 -6.24
CA GLY B 1085 18.44 25.85 -7.15
C GLY B 1085 19.18 25.35 -8.38
N LEU B 1086 19.91 26.23 -9.06
CA LEU B 1086 20.52 25.87 -10.32
C LEU B 1086 21.86 25.17 -10.16
N LEU B 1087 22.53 25.32 -9.02
CA LEU B 1087 23.85 24.73 -8.84
C LEU B 1087 23.92 23.69 -7.73
N LEU B 1088 23.27 23.95 -6.58
CA LEU B 1088 23.36 23.00 -5.48
C LEU B 1088 22.38 21.84 -5.64
N THR B 1089 21.14 22.13 -6.03
CA THR B 1089 20.17 21.07 -6.29
C THR B 1089 20.61 20.18 -7.44
N THR B 1090 21.29 20.76 -8.43
CA THR B 1090 21.73 19.99 -9.60
C THR B 1090 23.05 19.27 -9.37
N GLY B 1091 23.84 19.71 -8.39
CA GLY B 1091 25.13 19.08 -8.10
C GLY B 1091 26.33 19.84 -8.61
N ARG B 1092 26.14 21.02 -9.22
CA ARG B 1092 27.25 21.84 -9.68
C ARG B 1092 27.98 22.47 -8.49
N TYR B 1093 28.67 21.65 -7.70
CA TYR B 1093 29.28 22.13 -6.48
C TYR B 1093 30.49 23.02 -6.76
N GLU B 1094 31.40 22.55 -7.61
CA GLU B 1094 32.60 23.32 -7.92
C GLU B 1094 32.26 24.64 -8.61
N GLU B 1095 31.20 24.64 -9.41
CA GLU B 1095 30.78 25.88 -10.06
C GLU B 1095 30.10 26.82 -9.06
N ALA B 1096 29.43 26.28 -8.04
CA ALA B 1096 28.85 27.12 -7.01
C ALA B 1096 29.92 27.76 -6.13
N LYS B 1097 31.06 27.07 -5.96
CA LYS B 1097 32.15 27.64 -5.18
C LYS B 1097 32.82 28.80 -5.92
N GLU B 1098 32.99 28.66 -7.23
CA GLU B 1098 33.63 29.72 -8.01
C GLU B 1098 32.89 31.04 -7.90
N HIS B 1099 31.55 30.97 -7.86
CA HIS B 1099 30.76 32.20 -7.79
C HIS B 1099 30.82 32.83 -6.40
N ILE B 1100 30.86 32.00 -5.35
CA ILE B 1100 30.97 32.53 -4.00
C ILE B 1100 32.32 33.20 -3.79
N LEU B 1101 33.39 32.60 -4.32
CA LEU B 1101 34.71 33.19 -4.17
C LEU B 1101 34.86 34.45 -5.00
N ALA B 1102 34.30 34.46 -6.20
CA ALA B 1102 34.46 35.62 -7.09
C ALA B 1102 33.81 36.86 -6.51
N PHE B 1103 32.57 36.74 -6.03
CA PHE B 1103 31.89 37.88 -5.44
C PHE B 1103 32.48 38.24 -4.08
N ALA B 1104 33.08 37.27 -3.40
CA ALA B 1104 33.72 37.58 -2.13
C ALA B 1104 34.91 38.54 -2.30
N LYS B 1105 35.56 38.55 -3.48
CA LYS B 1105 36.67 39.46 -3.67
C LYS B 1105 36.19 40.91 -3.83
N THR B 1106 34.91 41.10 -4.17
CA THR B 1106 34.36 42.43 -4.43
C THR B 1106 33.52 42.95 -3.27
N LEU B 1107 33.84 42.53 -2.05
CA LEU B 1107 33.19 43.07 -0.87
C LEU B 1107 33.67 44.49 -0.61
N LYS B 1108 32.75 45.37 -0.23
CA LYS B 1108 33.06 46.76 0.09
C LYS B 1108 31.83 47.34 0.75
N HIS B 1109 32.04 48.23 1.72
CA HIS B 1109 30.97 48.74 2.56
C HIS B 1109 30.23 47.63 3.31
N GLY B 1110 30.88 46.47 3.48
CA GLY B 1110 30.18 45.32 4.03
C GLY B 1110 29.06 44.79 3.17
N LEU B 1111 29.03 45.16 1.90
CA LEU B 1111 27.95 44.77 1.00
C LEU B 1111 28.50 44.08 -0.24
N ILE B 1112 27.68 43.22 -0.82
CA ILE B 1112 27.99 42.49 -2.06
C ILE B 1112 27.41 43.33 -3.18
N PRO B 1113 28.15 43.52 -4.28
CA PRO B 1113 27.68 44.44 -5.31
C PRO B 1113 26.45 43.90 -6.04
N ASN B 1114 25.56 44.83 -6.40
CA ASN B 1114 24.41 44.47 -7.23
C ASN B 1114 24.88 44.06 -8.60
N LEU B 1115 25.51 44.98 -9.32
CA LEU B 1115 26.22 44.73 -10.58
C LEU B 1115 27.70 44.42 -10.33
N LEU B 1116 28.12 43.19 -10.67
CA LEU B 1116 29.53 42.79 -10.70
C LEU B 1116 30.03 42.85 -12.13
N ASP B 1117 30.86 43.86 -12.44
CA ASP B 1117 31.49 44.00 -13.75
C ASP B 1117 32.73 43.12 -13.79
N ALA B 1118 32.51 41.82 -13.59
CA ALA B 1118 33.58 40.83 -13.59
C ALA B 1118 34.66 41.13 -12.54
N GLY B 1119 34.34 42.00 -11.59
CA GLY B 1119 35.29 42.36 -10.55
C GLY B 1119 36.09 43.61 -10.82
N ARG B 1120 35.67 44.46 -11.75
CA ARG B 1120 36.33 45.74 -12.01
C ARG B 1120 35.25 46.82 -11.98
N ASN B 1121 35.34 47.72 -11.00
CA ASN B 1121 34.35 48.77 -10.80
C ASN B 1121 32.92 48.24 -10.69
N PRO B 1122 32.62 47.42 -9.69
CA PRO B 1122 31.24 47.00 -9.48
C PRO B 1122 30.44 48.09 -8.78
N ARG B 1123 29.12 47.97 -8.86
CA ARG B 1123 28.21 48.96 -8.30
C ARG B 1123 27.69 48.47 -6.95
N TYR B 1124 27.80 49.33 -5.93
CA TYR B 1124 27.41 48.97 -4.58
C TYR B 1124 26.16 49.70 -4.13
N ASN B 1125 25.06 49.53 -4.87
CA ASN B 1125 23.75 50.05 -4.47
C ASN B 1125 22.81 48.93 -4.02
N ALA B 1126 23.37 47.84 -3.50
CA ALA B 1126 22.61 46.65 -3.15
C ALA B 1126 22.66 46.44 -1.64
N ARG B 1127 21.60 46.86 -0.95
CA ARG B 1127 21.42 46.45 0.43
C ARG B 1127 20.85 45.04 0.56
N ASP B 1128 20.46 44.43 -0.56
CA ASP B 1128 19.89 43.09 -0.60
C ASP B 1128 20.92 42.01 -0.91
N ALA B 1129 21.89 42.31 -1.77
CA ALA B 1129 22.75 41.27 -2.32
C ALA B 1129 23.63 40.64 -1.24
N ALA B 1130 24.08 41.42 -0.25
CA ALA B 1130 24.99 40.90 0.75
C ALA B 1130 24.37 39.77 1.56
N TRP B 1131 23.05 39.82 1.77
CA TRP B 1131 22.40 38.83 2.61
C TRP B 1131 21.90 37.61 1.83
N PHE B 1132 21.61 37.77 0.54
CA PHE B 1132 21.44 36.59 -0.30
C PHE B 1132 22.77 35.89 -0.52
N PHE B 1133 23.88 36.63 -0.50
CA PHE B 1133 25.20 36.04 -0.64
C PHE B 1133 25.57 35.21 0.58
N VAL B 1134 25.35 35.77 1.78
CA VAL B 1134 25.65 35.04 3.00
C VAL B 1134 24.67 33.89 3.23
N GLN B 1135 23.50 33.94 2.58
CA GLN B 1135 22.57 32.81 2.64
C GLN B 1135 23.01 31.68 1.72
N ALA B 1136 23.55 32.01 0.55
CA ALA B 1136 24.05 30.98 -0.35
C ALA B 1136 25.26 30.26 0.23
N ILE B 1137 26.05 30.95 1.04
CA ILE B 1137 27.16 30.29 1.73
C ILE B 1137 26.63 29.25 2.71
N GLN B 1138 25.58 29.60 3.46
CA GLN B 1138 24.96 28.64 4.35
C GLN B 1138 24.37 27.46 3.57
N ASP B 1139 23.70 27.75 2.46
CA ASP B 1139 23.16 26.69 1.62
C ASP B 1139 24.27 25.80 1.06
N TYR B 1140 25.42 26.40 0.73
CA TYR B 1140 26.54 25.60 0.24
C TYR B 1140 27.06 24.67 1.32
N VAL B 1141 27.30 25.19 2.52
CA VAL B 1141 27.84 24.38 3.60
C VAL B 1141 26.84 23.30 4.02
N THR B 1142 25.55 23.62 3.99
CA THR B 1142 24.54 22.66 4.40
C THR B 1142 24.46 21.48 3.43
N ILE B 1143 24.58 21.74 2.13
CA ILE B 1143 24.34 20.72 1.12
C ILE B 1143 25.63 20.01 0.70
N VAL B 1144 26.66 20.77 0.36
CA VAL B 1144 27.89 20.18 -0.18
C VAL B 1144 28.55 19.34 0.91
N PRO B 1145 28.91 18.09 0.63
CA PRO B 1145 29.64 17.27 1.61
C PRO B 1145 30.99 17.90 1.93
N GLY B 1146 31.25 18.08 3.22
CA GLY B 1146 32.44 18.80 3.62
C GLY B 1146 32.41 20.27 3.24
N GLY B 1147 31.23 20.87 3.19
CA GLY B 1147 31.08 22.26 2.77
C GLY B 1147 31.72 23.27 3.71
N VAL B 1148 32.07 22.86 4.94
CA VAL B 1148 32.75 23.77 5.85
C VAL B 1148 34.12 24.17 5.34
N SER B 1149 34.68 23.40 4.40
CA SER B 1149 35.97 23.77 3.81
C SER B 1149 35.91 25.09 3.06
N LEU B 1150 34.71 25.54 2.67
CA LEU B 1150 34.57 26.82 1.98
C LEU B 1150 34.96 27.99 2.89
N LEU B 1151 34.75 27.84 4.19
CA LEU B 1151 34.97 28.96 5.12
C LEU B 1151 36.42 29.41 5.14
N GLN B 1152 37.36 28.48 4.97
CA GLN B 1152 38.78 28.80 5.04
C GLN B 1152 39.41 28.98 3.66
N GLU B 1153 38.60 29.09 2.61
CA GLU B 1153 39.12 29.39 1.29
C GLU B 1153 39.58 30.84 1.23
N LYS B 1154 40.81 31.05 0.76
CA LYS B 1154 41.40 32.37 0.69
C LYS B 1154 41.26 32.94 -0.72
N VAL B 1155 40.62 34.11 -0.81
CA VAL B 1155 40.51 34.83 -2.07
C VAL B 1155 41.58 35.90 -2.12
N THR B 1156 41.32 36.95 -2.89
CA THR B 1156 42.19 38.11 -2.97
C THR B 1156 41.27 39.31 -3.17
N ARG B 1157 41.02 40.04 -2.08
CA ARG B 1157 40.07 41.15 -2.08
C ARG B 1157 40.65 42.26 -2.94
N ARG B 1158 40.04 42.51 -4.11
CA ARG B 1158 40.51 43.57 -5.01
C ARG B 1158 40.43 44.94 -4.34
N PHE B 1159 39.27 45.29 -3.79
CA PHE B 1159 39.29 46.56 -3.08
C PHE B 1159 39.68 46.32 -1.62
N PRO B 1160 40.45 47.23 -0.99
CA PRO B 1160 41.00 46.95 0.34
C PRO B 1160 39.95 46.85 1.45
N LEU B 1161 40.41 46.54 2.66
CA LEU B 1161 39.50 46.32 3.77
C LEU B 1161 38.71 47.58 4.09
N ASP B 1162 39.36 48.73 4.00
CA ASP B 1162 38.64 49.98 4.17
C ASP B 1162 37.87 50.32 2.89
N ASP B 1163 36.71 50.93 3.07
CA ASP B 1163 35.91 51.38 1.93
C ASP B 1163 36.67 52.46 1.17
N GLU B 1164 37.56 52.05 0.27
CA GLU B 1164 38.44 52.97 -0.42
C GLU B 1164 37.72 53.67 -1.58
N TYR B 1165 38.37 53.76 -2.74
CA TYR B 1165 37.82 54.51 -3.86
C TYR B 1165 37.74 53.57 -5.04
N ILE B 1166 38.62 53.68 -6.03
CA ILE B 1166 38.56 52.76 -7.16
C ILE B 1166 39.95 52.25 -7.49
N PRO B 1167 40.60 51.44 -6.64
CA PRO B 1167 41.93 50.95 -6.99
C PRO B 1167 41.89 49.62 -7.74
N TYR B 1168 41.71 49.68 -9.05
CA TYR B 1168 41.73 48.47 -9.90
C TYR B 1168 43.16 48.09 -10.30
N ASP B 1169 43.78 48.93 -11.13
CA ASP B 1169 45.19 48.75 -11.54
C ASP B 1169 46.09 49.44 -10.51
N ASP B 1170 46.15 48.82 -9.34
CA ASP B 1170 46.85 49.31 -8.17
C ASP B 1170 47.56 48.16 -7.48
N PRO B 1171 48.68 48.43 -6.81
CA PRO B 1171 49.31 47.36 -6.02
C PRO B 1171 48.41 46.88 -4.90
N LYS B 1172 47.39 47.65 -4.54
CA LYS B 1172 46.41 47.24 -3.54
C LYS B 1172 45.31 46.38 -4.13
N ALA B 1173 45.54 45.81 -5.31
CA ALA B 1173 44.59 44.91 -5.92
C ALA B 1173 44.68 43.58 -5.21
N PHE B 1174 45.75 42.84 -5.45
CA PHE B 1174 46.03 41.65 -4.64
C PHE B 1174 46.00 42.00 -3.15
N SER B 1175 46.91 42.88 -2.73
CA SER B 1175 46.96 43.39 -1.36
C SER B 1175 46.90 42.27 -0.34
N TYR B 1176 45.77 42.14 0.35
CA TYR B 1176 45.61 41.14 1.39
C TYR B 1176 44.65 40.07 0.90
N SER B 1177 44.72 38.90 1.54
CA SER B 1177 43.84 37.81 1.19
C SER B 1177 42.79 37.67 2.28
N SER B 1178 41.65 37.11 1.92
CA SER B 1178 40.52 37.07 2.84
C SER B 1178 39.95 35.67 2.90
N THR B 1179 39.65 35.22 4.12
CA THR B 1179 38.92 33.96 4.24
C THR B 1179 37.42 34.23 4.18
N ILE B 1180 36.67 33.17 3.88
CA ILE B 1180 35.22 33.34 3.86
C ILE B 1180 34.72 33.62 5.27
N GLU B 1181 35.33 32.99 6.28
CA GLU B 1181 35.07 33.34 7.67
C GLU B 1181 35.19 34.84 7.89
N GLU B 1182 36.25 35.44 7.34
CA GLU B 1182 36.45 36.88 7.46
C GLU B 1182 35.38 37.66 6.72
N ILE B 1183 35.04 37.22 5.51
CA ILE B 1183 34.05 37.94 4.70
C ILE B 1183 32.70 37.96 5.41
N ILE B 1184 32.27 36.81 5.92
CA ILE B 1184 31.00 36.77 6.67
C ILE B 1184 31.07 37.72 7.84
N TYR B 1185 32.13 37.63 8.64
CA TYR B 1185 32.24 38.50 9.81
C TYR B 1185 32.33 39.96 9.39
N GLU B 1186 33.00 40.25 8.28
CA GLU B 1186 33.10 41.64 7.86
C GLU B 1186 31.72 42.20 7.52
N ILE B 1187 30.86 41.38 6.91
CA ILE B 1187 29.50 41.82 6.61
C ILE B 1187 28.74 42.09 7.90
N LEU B 1188 28.77 41.12 8.82
CA LEU B 1188 28.02 41.24 10.07
C LEU B 1188 28.49 42.44 10.89
N ASN B 1189 29.80 42.55 11.12
CA ASN B 1189 30.28 43.55 12.07
C ASN B 1189 30.25 44.95 11.44
N ARG B 1190 30.48 45.07 10.13
CA ARG B 1190 30.38 46.37 9.46
C ARG B 1190 28.94 46.87 9.46
N HIS B 1191 27.97 45.99 9.24
CA HIS B 1191 26.58 46.37 9.43
C HIS B 1191 26.33 46.79 10.88
N ALA B 1192 26.80 45.99 11.83
CA ALA B 1192 26.57 46.29 13.24
C ALA B 1192 27.21 47.63 13.63
N GLY B 1193 28.51 47.77 13.39
CA GLY B 1193 29.19 49.02 13.64
C GLY B 1193 28.76 50.16 12.74
N GLY B 1194 27.91 49.89 11.76
CA GLY B 1194 27.43 50.94 10.88
C GLY B 1194 28.42 51.26 9.80
N ILE B 1195 27.92 51.54 8.60
CA ILE B 1195 28.77 51.90 7.47
C ILE B 1195 28.44 53.35 7.16
N LYS B 1196 29.09 53.91 6.15
CA LYS B 1196 28.76 55.26 5.70
C LYS B 1196 29.41 55.48 4.35
N TYR B 1197 28.62 55.61 3.29
CA TYR B 1197 29.23 55.80 1.98
C TYR B 1197 28.27 56.44 0.99
N ARG B 1198 28.85 57.25 0.11
CA ARG B 1198 28.25 57.66 -1.14
C ARG B 1198 28.87 56.86 -2.29
N GLU B 1199 28.08 56.61 -3.34
CA GLU B 1199 28.56 55.77 -4.43
C GLU B 1199 29.78 56.40 -5.09
N ALA B 1200 30.85 55.61 -5.25
CA ALA B 1200 32.08 56.12 -5.83
C ALA B 1200 31.89 56.54 -7.28
N ASN B 1201 32.59 57.59 -7.66
CA ASN B 1201 32.53 58.15 -9.02
C ASN B 1201 31.10 58.53 -9.41
N ALA B 1202 30.33 59.02 -8.44
CA ALA B 1202 28.93 59.39 -8.67
C ALA B 1202 28.84 60.51 -9.70
N GLY B 1203 27.87 60.40 -10.61
CA GLY B 1203 27.74 61.35 -11.69
C GLY B 1203 26.94 60.77 -12.84
N PRO B 1204 26.83 61.54 -13.94
CA PRO B 1204 26.14 60.98 -15.13
C PRO B 1204 26.77 59.69 -15.61
N ASN B 1205 28.10 59.62 -15.54
CA ASN B 1205 28.82 58.37 -15.78
C ASN B 1205 28.25 57.22 -14.99
N LEU B 1206 27.99 57.42 -13.68
CA LEU B 1206 27.42 56.35 -12.88
C LEU B 1206 25.94 56.17 -13.16
N ASP B 1207 25.14 57.16 -12.81
CA ASP B 1207 23.68 57.09 -12.94
C ASP B 1207 23.11 58.35 -13.57
N ARG B 1208 22.41 58.17 -14.70
CA ARG B 1208 21.82 59.24 -15.49
C ARG B 1208 20.53 59.82 -14.91
N VAL B 1209 19.94 59.18 -13.91
CA VAL B 1209 18.69 59.68 -13.35
C VAL B 1209 18.75 59.83 -11.84
N MET B 1210 19.65 59.09 -11.19
CA MET B 1210 19.73 59.13 -9.73
C MET B 1210 20.12 60.52 -9.27
N LYS B 1211 19.36 61.04 -8.32
CA LYS B 1211 19.71 62.34 -7.75
C LYS B 1211 20.96 62.17 -6.89
N ASP B 1212 21.64 63.30 -6.64
CA ASP B 1212 22.91 63.23 -5.92
C ASP B 1212 22.69 62.65 -4.54
N GLU B 1213 21.57 63.00 -3.90
CA GLU B 1213 21.25 62.47 -2.58
C GLU B 1213 21.02 60.96 -2.61
N GLY B 1214 20.67 60.41 -3.77
CA GLY B 1214 20.45 58.97 -3.84
C GLY B 1214 21.72 58.18 -3.70
N PHE B 1215 22.84 58.73 -4.18
CA PHE B 1215 24.11 58.01 -4.08
C PHE B 1215 24.56 57.92 -2.62
N ASN B 1216 24.17 58.91 -1.83
CA ASN B 1216 24.44 58.95 -0.40
C ASN B 1216 23.42 58.05 0.28
N VAL B 1217 23.83 56.82 0.56
CA VAL B 1217 22.96 55.86 1.21
C VAL B 1217 23.65 55.25 2.42
N GLU B 1218 22.85 54.73 3.37
CA GLU B 1218 23.39 54.03 4.52
C GLU B 1218 22.35 53.08 5.09
N VAL B 1219 22.83 52.14 5.91
CA VAL B 1219 21.97 51.15 6.58
C VAL B 1219 22.60 50.76 7.92
N ASN B 1220 21.83 50.79 9.01
CA ASN B 1220 22.35 50.52 10.35
C ASN B 1220 21.32 49.71 11.15
N VAL B 1221 21.80 49.13 12.25
CA VAL B 1221 21.00 48.21 13.07
C VAL B 1221 20.41 48.96 14.25
N ASP B 1222 19.09 48.99 14.32
CA ASP B 1222 18.39 49.47 15.52
C ASP B 1222 18.52 48.37 16.58
N TRP B 1223 19.42 48.58 17.52
CA TRP B 1223 19.78 47.54 18.49
C TRP B 1223 18.71 47.32 19.54
N GLU B 1224 17.65 48.13 19.52
CA GLU B 1224 16.45 47.84 20.30
C GLU B 1224 15.74 46.60 19.78
N THR B 1225 15.70 46.44 18.46
CA THR B 1225 15.06 45.29 17.83
C THR B 1225 16.04 44.34 17.16
N GLY B 1226 17.14 44.84 16.60
CA GLY B 1226 18.06 44.05 15.80
C GLY B 1226 17.86 44.17 14.31
N LEU B 1227 16.82 44.88 13.87
CA LEU B 1227 16.55 44.99 12.44
C LEU B 1227 17.54 45.94 11.78
N ILE B 1228 17.88 45.67 10.52
CA ILE B 1228 18.76 46.57 9.80
C ILE B 1228 17.91 47.48 8.93
N HIS B 1229 17.65 48.70 9.41
CA HIS B 1229 16.90 49.66 8.61
C HIS B 1229 17.90 50.42 7.74
N GLY B 1230 17.47 50.84 6.57
CA GLY B 1230 18.41 51.51 5.70
C GLY B 1230 17.79 51.84 4.37
N GLY B 1231 18.46 52.74 3.66
CA GLY B 1231 18.01 53.21 2.36
C GLY B 1231 17.45 54.62 2.46
N SER B 1232 16.82 55.04 1.37
CA SER B 1232 16.19 56.35 1.34
C SER B 1232 15.11 56.35 0.26
N GLN B 1233 14.33 57.43 0.24
CA GLN B 1233 13.33 57.60 -0.80
C GLN B 1233 13.95 58.12 -2.08
N PHE B 1234 15.27 58.18 -2.16
CA PHE B 1234 15.97 58.44 -3.39
C PHE B 1234 16.85 57.29 -3.86
N ASN B 1235 16.86 56.17 -3.14
CA ASN B 1235 17.74 55.04 -3.41
C ASN B 1235 16.89 53.81 -3.59
N CYS B 1236 17.31 52.92 -4.46
CA CYS B 1236 16.56 51.74 -4.82
C CYS B 1236 17.53 50.57 -4.60
N GLY B 1237 17.70 50.25 -3.32
CA GLY B 1237 18.64 49.28 -2.79
C GLY B 1237 18.11 47.87 -2.58
N THR B 1238 16.89 47.57 -3.01
CA THR B 1238 16.31 46.22 -2.87
C THR B 1238 16.15 45.51 -4.22
N TRP B 1239 15.48 44.35 -4.19
CA TRP B 1239 15.25 43.60 -5.42
C TRP B 1239 14.28 44.33 -6.34
N MET B 1240 13.40 45.14 -5.75
CA MET B 1240 12.53 46.05 -6.49
C MET B 1240 13.33 47.30 -6.81
N ASP B 1241 14.11 47.20 -7.88
CA ASP B 1241 15.11 48.20 -8.21
C ASP B 1241 14.78 49.01 -9.46
N LYS B 1242 13.54 49.48 -9.57
CA LYS B 1242 13.15 50.32 -10.69
C LYS B 1242 13.59 51.75 -10.44
N MET B 1243 14.39 52.30 -11.36
CA MET B 1243 14.85 53.68 -11.26
C MET B 1243 14.01 54.48 -12.25
N GLY B 1244 13.22 55.42 -11.73
CA GLY B 1244 12.30 56.18 -12.56
C GLY B 1244 13.09 56.93 -13.61
N GLU B 1245 12.63 56.90 -14.85
CA GLU B 1245 13.37 57.49 -15.96
C GLU B 1245 12.48 58.33 -16.86
N SER B 1246 11.33 58.75 -16.37
CA SER B 1246 10.36 59.51 -17.15
C SER B 1246 10.53 61.01 -16.92
N GLU B 1247 10.74 61.74 -18.02
CA GLU B 1247 10.70 63.20 -18.03
C GLU B 1247 9.36 63.76 -18.46
N LYS B 1248 8.54 62.98 -19.19
CA LYS B 1248 7.20 63.38 -19.59
C LYS B 1248 6.20 63.28 -18.45
N ALA B 1249 6.33 62.24 -17.62
CA ALA B 1249 5.60 62.13 -16.37
C ALA B 1249 6.36 62.70 -15.17
N ASN B 1250 7.58 63.19 -15.36
CA ASN B 1250 8.41 63.70 -14.25
C ASN B 1250 8.59 62.68 -13.12
N SER B 1251 9.34 61.62 -13.46
CA SER B 1251 9.75 60.63 -12.48
C SER B 1251 11.26 60.38 -12.47
N VAL B 1252 12.04 61.21 -13.17
CA VAL B 1252 13.49 61.01 -13.22
C VAL B 1252 14.05 60.96 -11.81
N GLY B 1253 14.71 59.85 -11.48
CA GLY B 1253 15.28 59.59 -10.18
C GLY B 1253 14.31 59.02 -9.16
N VAL B 1254 13.05 59.46 -9.23
CA VAL B 1254 12.03 59.05 -8.28
C VAL B 1254 11.87 57.54 -8.39
N PRO B 1255 12.29 56.77 -7.38
CA PRO B 1255 12.18 55.31 -7.50
C PRO B 1255 10.74 54.86 -7.40
N GLY B 1256 10.38 53.94 -8.30
CA GLY B 1256 9.03 53.41 -8.27
C GLY B 1256 8.72 52.67 -6.98
N THR B 1257 9.69 51.91 -6.48
CA THR B 1257 9.55 51.14 -5.25
C THR B 1257 10.81 51.29 -4.41
N PRO B 1258 10.99 52.44 -3.76
CA PRO B 1258 12.07 52.56 -2.78
C PRO B 1258 11.71 51.80 -1.52
N ARG B 1259 12.61 50.94 -1.05
CA ARG B 1259 12.27 50.17 0.15
C ARG B 1259 13.19 50.59 1.29
N ASP B 1260 13.08 51.85 1.71
CA ASP B 1260 13.87 52.33 2.83
C ASP B 1260 13.31 51.76 4.13
N GLY B 1261 14.21 51.52 5.08
CA GLY B 1261 13.85 50.94 6.36
C GLY B 1261 14.15 49.46 6.43
N ALA B 1262 13.40 48.78 7.30
CA ALA B 1262 13.65 47.36 7.56
C ALA B 1262 12.92 46.52 6.52
N ALA B 1263 13.67 45.92 5.61
CA ALA B 1263 13.08 44.99 4.66
C ALA B 1263 13.02 43.59 5.26
N VAL B 1264 11.91 42.90 5.01
CA VAL B 1264 11.68 41.60 5.63
C VAL B 1264 12.77 40.61 5.22
N GLU B 1265 13.16 40.64 3.94
CA GLU B 1265 14.17 39.70 3.46
C GLU B 1265 15.51 39.93 4.14
N ILE B 1266 15.92 41.19 4.29
CA ILE B 1266 17.21 41.49 4.91
C ILE B 1266 17.25 40.96 6.34
N ASN B 1267 16.21 41.25 7.12
CA ASN B 1267 16.18 40.81 8.51
C ASN B 1267 15.94 39.31 8.62
N GLY B 1268 15.17 38.74 7.68
CA GLY B 1268 14.99 37.30 7.68
C GLY B 1268 16.28 36.57 7.35
N LEU B 1269 17.05 37.09 6.39
CA LEU B 1269 18.36 36.52 6.08
C LEU B 1269 19.37 36.83 7.18
N LEU B 1270 19.21 37.96 7.86
CA LEU B 1270 20.07 38.26 9.01
C LEU B 1270 19.89 37.23 10.11
N LYS B 1271 18.63 36.92 10.45
CA LYS B 1271 18.35 35.91 11.45
C LYS B 1271 18.88 34.54 11.01
N SER B 1272 18.77 34.24 9.71
CA SER B 1272 19.29 32.98 9.21
C SER B 1272 20.81 32.93 9.29
N CYS B 1273 21.48 34.06 9.05
CA CYS B 1273 22.93 34.10 9.15
C CYS B 1273 23.39 33.99 10.59
N LEU B 1274 22.67 34.63 11.52
CA LEU B 1274 23.03 34.53 12.93
C LEU B 1274 22.86 33.11 13.44
N ARG B 1275 21.76 32.45 13.08
CA ARG B 1275 21.57 31.05 13.45
C ARG B 1275 22.63 30.17 12.82
N PHE B 1276 23.12 30.54 11.63
CA PHE B 1276 24.12 29.72 10.95
C PHE B 1276 25.47 29.83 11.64
N VAL B 1277 25.89 31.04 12.03
CA VAL B 1277 27.20 31.21 12.64
C VAL B 1277 27.23 30.75 14.10
N LEU B 1278 26.08 30.73 14.77
CA LEU B 1278 26.04 30.28 16.16
C LEU B 1278 26.34 28.78 16.26
N GLN B 1279 25.60 27.96 15.52
CA GLN B 1279 25.86 26.52 15.53
C GLN B 1279 27.23 26.21 14.93
N LEU B 1280 27.73 27.08 14.08
CA LEU B 1280 29.04 26.87 13.47
C LEU B 1280 30.14 27.05 14.51
N SER B 1281 30.00 28.07 15.36
CA SER B 1281 30.88 28.27 16.50
C SER B 1281 30.82 27.11 17.48
N LYS B 1282 29.63 26.53 17.69
CA LYS B 1282 29.49 25.35 18.54
C LYS B 1282 30.32 24.19 18.02
N ASP B 1283 30.39 24.02 16.70
CA ASP B 1283 31.21 23.00 16.05
C ASP B 1283 32.67 23.40 15.87
N GLY B 1284 33.04 24.66 16.14
CA GLY B 1284 34.43 25.06 16.02
C GLY B 1284 34.86 25.51 14.65
N LYS B 1285 33.93 25.58 13.71
CA LYS B 1285 34.18 26.04 12.34
C LYS B 1285 34.12 27.56 12.23
N PHE B 1286 33.54 28.25 13.19
CA PHE B 1286 33.58 29.71 13.21
C PHE B 1286 34.30 30.16 14.47
N LYS B 1287 35.11 31.21 14.34
CA LYS B 1287 35.91 31.67 15.47
C LYS B 1287 35.31 32.94 16.04
N TYR B 1288 35.17 33.97 15.21
CA TYR B 1288 34.62 35.24 15.65
C TYR B 1288 33.28 35.03 16.35
N THR B 1289 33.17 35.55 17.56
CA THR B 1289 31.96 35.39 18.36
C THR B 1289 31.39 36.69 18.89
N GLU B 1290 32.03 37.83 18.60
CA GLU B 1290 31.61 39.11 19.16
C GLU B 1290 31.37 40.12 18.04
N VAL B 1291 30.38 40.99 18.23
CA VAL B 1291 30.10 42.07 17.29
C VAL B 1291 30.17 43.39 18.04
N THR B 1292 30.66 44.43 17.37
CA THR B 1292 30.83 45.73 18.02
C THR B 1292 29.54 46.55 17.93
N LYS B 1293 29.69 47.87 17.85
CA LYS B 1293 28.56 48.79 17.87
C LYS B 1293 29.01 50.14 17.37
N PRO B 1294 28.11 50.94 16.80
CA PRO B 1294 28.52 52.27 16.29
C PRO B 1294 29.16 53.16 17.33
N ASP B 1295 28.61 53.18 18.55
CA ASP B 1295 29.21 53.95 19.62
C ASP B 1295 30.57 53.38 20.00
N GLY B 1296 30.58 52.14 20.50
CA GLY B 1296 31.81 51.49 20.88
C GLY B 1296 31.58 50.31 21.80
N SER B 1297 30.33 49.94 21.98
CA SER B 1297 29.92 48.86 22.87
C SER B 1297 30.14 47.53 22.16
N LYS B 1298 29.64 46.43 22.73
CA LYS B 1298 29.74 45.11 22.14
C LYS B 1298 28.47 44.31 22.43
N ILE B 1299 28.00 43.57 21.43
CA ILE B 1299 26.82 42.73 21.57
C ILE B 1299 27.21 41.31 21.20
N SER B 1300 26.85 40.34 22.03
CA SER B 1300 27.09 38.95 21.67
C SER B 1300 26.23 38.57 20.47
N LEU B 1301 26.76 37.70 19.62
CA LEU B 1301 26.03 37.28 18.43
C LEU B 1301 24.74 36.57 18.82
N SER B 1302 24.78 35.75 19.88
CA SER B 1302 23.58 35.09 20.36
C SER B 1302 22.56 36.10 20.89
N SER B 1303 23.05 37.16 21.56
CA SER B 1303 22.14 38.20 22.02
C SER B 1303 21.49 38.91 20.84
N TRP B 1304 22.28 39.22 19.81
CA TRP B 1304 21.69 39.75 18.57
C TRP B 1304 20.73 38.76 17.95
N ASN B 1305 21.07 37.46 18.00
CA ASN B 1305 20.15 36.44 17.52
C ASN B 1305 18.87 36.40 18.34
N ASP B 1306 19.01 36.53 19.67
CA ASP B 1306 17.83 36.55 20.54
C ASP B 1306 17.04 37.84 20.39
N LEU B 1307 17.71 38.94 20.08
CA LEU B 1307 17.01 40.21 19.88
C LEU B 1307 15.99 40.12 18.74
N LEU B 1308 16.42 39.54 17.61
CA LEU B 1308 15.48 39.33 16.51
C LEU B 1308 14.39 38.34 16.90
N GLN B 1309 14.76 37.27 17.61
CA GLN B 1309 13.78 36.27 18.02
C GLN B 1309 12.71 36.88 18.92
N GLU B 1310 13.05 37.90 19.69
CA GLU B 1310 12.11 38.54 20.61
C GLU B 1310 11.39 39.73 19.99
N ASN B 1311 11.89 40.29 18.89
CA ASN B 1311 11.36 41.55 18.37
C ASN B 1311 11.00 41.54 16.89
N PHE B 1312 11.31 40.49 16.13
CA PHE B 1312 11.01 40.51 14.70
C PHE B 1312 9.51 40.46 14.46
N GLU B 1313 8.86 39.38 14.90
CA GLU B 1313 7.42 39.23 14.70
C GLU B 1313 6.65 40.36 15.36
N ARG B 1314 7.21 40.91 16.45
CA ARG B 1314 6.56 42.01 17.13
C ARG B 1314 6.45 43.25 16.23
N CYS B 1315 7.50 43.55 15.47
CA CYS B 1315 7.51 44.74 14.62
C CYS B 1315 6.77 44.57 13.29
N PHE B 1316 6.66 43.35 12.77
CA PHE B 1316 6.16 43.14 11.40
C PHE B 1316 4.75 42.58 11.35
N TYR B 1317 4.37 41.72 12.28
CA TYR B 1317 3.06 41.08 12.25
C TYR B 1317 1.96 42.09 12.55
N VAL B 1318 0.92 42.06 11.73
CA VAL B 1318 -0.31 42.83 11.91
C VAL B 1318 -1.38 41.88 12.44
N PRO B 1319 -1.80 42.01 13.70
CA PRO B 1319 -2.74 41.04 14.27
C PRO B 1319 -4.12 41.11 13.62
N LYS B 1320 -4.75 39.92 13.50
CA LYS B 1320 -6.10 39.86 12.95
C LYS B 1320 -7.11 40.56 13.85
N ASN B 1321 -6.98 40.38 15.16
CA ASN B 1321 -7.83 41.01 16.17
C ASN B 1321 -7.36 42.44 16.44
N LYS B 1322 -8.30 43.39 16.38
CA LYS B 1322 -8.02 44.74 16.85
C LYS B 1322 -7.70 44.79 18.34
N GLU B 1323 -7.93 43.70 19.07
CA GLU B 1323 -7.66 43.71 20.51
C GLU B 1323 -6.17 43.72 20.81
N ASP B 1324 -5.35 43.17 19.92
CA ASP B 1324 -3.93 43.01 20.21
C ASP B 1324 -3.06 44.00 19.44
N ASP B 1325 -3.65 45.13 19.04
CA ASP B 1325 -2.91 46.21 18.39
C ASP B 1325 -1.96 46.95 19.33
N ASN B 1326 -2.11 46.79 20.64
CA ASN B 1326 -1.23 47.47 21.58
C ASN B 1326 0.08 46.75 21.85
N LYS B 1327 0.37 45.65 21.14
CA LYS B 1327 1.61 44.92 21.36
C LYS B 1327 2.46 44.75 20.11
N PHE B 1328 1.93 45.01 18.93
CA PHE B 1328 2.63 44.70 17.69
C PHE B 1328 2.97 45.95 16.90
N GLU B 1329 2.98 47.11 17.57
CA GLU B 1329 3.39 48.35 16.95
C GLU B 1329 2.65 48.63 15.65
N ILE B 1330 1.39 49.06 15.75
CA ILE B 1330 0.56 49.32 14.58
C ILE B 1330 -0.18 50.63 14.76
N ASP B 1331 -0.16 51.46 13.71
CA ASP B 1331 -0.99 52.66 13.63
C ASP B 1331 -2.17 52.31 12.73
N ALA B 1332 -3.32 52.04 13.36
CA ALA B 1332 -4.45 51.44 12.65
C ALA B 1332 -5.08 52.35 11.60
N THR B 1333 -4.71 53.63 11.56
CA THR B 1333 -5.25 54.51 10.53
C THR B 1333 -4.69 54.19 9.15
N ILE B 1334 -3.45 53.71 9.07
CA ILE B 1334 -2.83 53.37 7.80
C ILE B 1334 -2.66 51.86 7.80
N ILE B 1335 -3.68 51.15 7.34
CA ILE B 1335 -3.74 49.70 7.37
C ILE B 1335 -4.61 49.24 6.21
N ASN B 1336 -4.26 48.06 5.67
CA ASN B 1336 -5.01 47.51 4.56
C ASN B 1336 -5.73 46.21 4.91
N ARG B 1337 -4.98 45.18 5.27
CA ARG B 1337 -5.55 43.91 5.70
C ARG B 1337 -4.84 43.44 6.96
N ARG B 1338 -5.57 42.69 7.78
CA ARG B 1338 -4.98 42.11 8.98
C ARG B 1338 -4.61 40.65 8.73
N GLY B 1339 -3.89 40.07 9.69
CA GLY B 1339 -3.32 38.77 9.43
C GLY B 1339 -2.21 38.80 8.40
N ILE B 1340 -1.46 39.90 8.33
CA ILE B 1340 -0.40 40.09 7.35
C ILE B 1340 0.90 40.44 8.05
N TYR B 1341 1.98 39.78 7.61
CA TYR B 1341 3.33 40.20 7.96
C TYR B 1341 3.76 41.38 7.09
N LYS B 1342 4.13 42.49 7.73
CA LYS B 1342 4.49 43.72 7.05
C LYS B 1342 5.60 43.51 6.05
N ASP B 1343 5.54 44.28 4.95
CA ASP B 1343 6.58 44.29 3.93
C ASP B 1343 7.74 45.21 4.27
N LEU B 1344 7.53 46.22 5.11
CA LEU B 1344 8.60 47.13 5.52
C LEU B 1344 8.31 47.63 6.92
N TYR B 1345 9.34 48.15 7.58
CA TYR B 1345 9.18 48.73 8.91
C TYR B 1345 9.79 50.12 8.97
N ARG B 1346 9.04 51.06 9.54
CA ARG B 1346 9.41 52.48 9.63
C ARG B 1346 10.01 52.99 8.32
N SER B 1347 9.32 52.71 7.21
CA SER B 1347 9.66 53.17 5.87
C SER B 1347 9.18 54.60 5.68
N GLY B 1348 9.73 55.24 4.64
CA GLY B 1348 9.34 56.60 4.27
C GLY B 1348 7.87 56.78 3.98
N LYS B 1349 7.32 55.99 3.05
CA LYS B 1349 5.89 56.02 2.77
C LYS B 1349 5.16 55.06 3.70
N PRO B 1350 4.28 55.54 4.59
CA PRO B 1350 3.76 54.64 5.63
C PRO B 1350 2.83 53.55 5.11
N TYR B 1351 2.17 53.77 3.97
CA TYR B 1351 1.35 52.71 3.41
C TYR B 1351 2.17 51.60 2.77
N GLU B 1352 3.40 51.89 2.34
CA GLU B 1352 4.26 50.84 1.81
C GLU B 1352 4.67 49.86 2.89
N ASP B 1353 4.75 50.32 4.14
CA ASP B 1353 4.98 49.44 5.27
C ASP B 1353 3.93 48.33 5.32
N TYR B 1354 2.66 48.71 5.19
CA TYR B 1354 1.52 47.81 5.32
C TYR B 1354 0.99 47.30 3.98
N GLN B 1355 1.80 47.39 2.92
CA GLN B 1355 1.42 46.88 1.60
C GLN B 1355 1.71 45.39 1.54
N PHE B 1356 0.78 44.63 0.95
CA PHE B 1356 0.92 43.19 0.85
C PHE B 1356 1.85 42.86 -0.32
N ARG B 1357 3.10 42.52 -0.01
CA ARG B 1357 4.09 42.20 -1.03
C ARG B 1357 4.70 40.84 -0.74
N PRO B 1358 5.12 40.11 -1.77
CA PRO B 1358 5.53 38.71 -1.55
C PRO B 1358 6.91 38.57 -0.93
N ASN B 1359 7.51 39.65 -0.43
CA ASN B 1359 8.88 39.56 0.04
C ASN B 1359 8.98 38.91 1.42
N PHE B 1360 7.89 38.92 2.20
CA PHE B 1360 7.96 38.34 3.54
C PHE B 1360 8.21 36.84 3.51
N THR B 1361 7.83 36.18 2.41
CA THR B 1361 7.99 34.73 2.31
C THR B 1361 9.46 34.32 2.29
N ILE B 1362 10.35 35.20 1.83
CA ILE B 1362 11.78 34.90 1.88
C ILE B 1362 12.22 34.69 3.33
N ALA B 1363 11.69 35.50 4.24
CA ALA B 1363 12.00 35.33 5.66
C ALA B 1363 11.38 34.07 6.22
N MET B 1364 10.17 33.71 5.76
CA MET B 1364 9.54 32.48 6.22
C MET B 1364 10.33 31.26 5.80
N VAL B 1365 11.03 31.33 4.67
CA VAL B 1365 11.80 30.19 4.18
C VAL B 1365 13.13 30.07 4.90
N VAL B 1366 13.86 31.18 5.02
CA VAL B 1366 15.21 31.13 5.59
C VAL B 1366 15.23 31.21 7.11
N ALA B 1367 14.21 31.80 7.73
CA ALA B 1367 14.16 31.95 9.19
C ALA B 1367 12.75 31.64 9.68
N PRO B 1368 12.35 30.36 9.65
CA PRO B 1368 11.01 30.01 10.15
C PRO B 1368 10.85 30.15 11.65
N GLU B 1369 11.95 30.26 12.40
CA GLU B 1369 11.86 30.40 13.85
C GLU B 1369 11.29 31.76 14.26
N LEU B 1370 11.32 32.75 13.37
CA LEU B 1370 10.79 34.08 13.67
C LEU B 1370 9.27 34.14 13.61
N PHE B 1371 8.61 33.03 13.31
CA PHE B 1371 7.18 33.03 13.03
C PHE B 1371 6.48 32.01 13.91
N THR B 1372 5.45 32.45 14.63
CA THR B 1372 4.54 31.52 15.26
C THR B 1372 3.72 30.83 14.18
N PRO B 1373 3.55 29.51 14.24
CA PRO B 1373 2.97 28.79 13.08
C PRO B 1373 1.59 29.28 12.67
N ASP B 1374 0.69 29.54 13.61
CA ASP B 1374 -0.66 29.95 13.24
C ASP B 1374 -0.68 31.33 12.59
N TYR B 1375 0.18 32.24 13.06
CA TYR B 1375 0.24 33.55 12.43
C TYR B 1375 0.76 33.45 11.00
N ALA B 1376 1.81 32.64 10.79
CA ALA B 1376 2.41 32.52 9.47
C ALA B 1376 1.49 31.79 8.51
N ALA B 1377 0.83 30.72 8.97
CA ALA B 1377 -0.04 29.95 8.10
C ALA B 1377 -1.21 30.80 7.59
N GLY B 1378 -1.83 31.57 8.48
CA GLY B 1378 -2.91 32.45 8.06
C GLY B 1378 -2.44 33.57 7.16
N ALA B 1379 -1.22 34.06 7.38
CA ALA B 1379 -0.69 35.14 6.55
C ALA B 1379 -0.35 34.64 5.15
N ILE B 1380 0.18 33.42 5.05
CA ILE B 1380 0.53 32.88 3.74
C ILE B 1380 -0.69 32.34 3.01
N GLU B 1381 -1.78 32.04 3.72
CA GLU B 1381 -3.02 31.68 3.04
C GLU B 1381 -3.64 32.91 2.39
N LEU B 1382 -3.49 34.09 3.00
CA LEU B 1382 -3.94 35.32 2.38
C LEU B 1382 -3.16 35.60 1.09
N ALA B 1383 -1.86 35.32 1.11
CA ALA B 1383 -1.05 35.54 -0.09
C ALA B 1383 -1.46 34.62 -1.22
N ASP B 1384 -1.86 33.38 -0.90
CA ASP B 1384 -2.31 32.45 -1.94
C ASP B 1384 -3.58 32.95 -2.61
N GLN B 1385 -4.52 33.49 -1.84
CA GLN B 1385 -5.79 33.95 -2.40
C GLN B 1385 -5.64 35.27 -3.14
N VAL B 1386 -4.75 36.14 -2.69
CA VAL B 1386 -4.67 37.51 -3.15
C VAL B 1386 -3.47 37.74 -4.07
N LEU B 1387 -2.27 37.41 -3.59
CA LEU B 1387 -1.04 37.79 -4.28
C LEU B 1387 -0.55 36.75 -5.28
N ARG B 1388 -1.13 35.55 -5.31
CA ARG B 1388 -0.62 34.47 -6.15
C ARG B 1388 -1.26 34.54 -7.53
N GLY B 1389 -0.42 34.71 -8.55
CA GLY B 1389 -0.86 34.61 -9.92
C GLY B 1389 -0.66 33.21 -10.46
N PRO B 1390 -0.91 33.01 -11.75
CA PRO B 1390 -0.77 31.66 -12.32
C PRO B 1390 0.67 31.20 -12.42
N VAL B 1391 1.58 32.08 -12.86
CA VAL B 1391 2.99 31.76 -12.96
C VAL B 1391 3.85 32.67 -12.11
N GLY B 1392 3.47 33.95 -11.99
CA GLY B 1392 4.23 34.88 -11.19
C GLY B 1392 3.49 35.36 -9.96
N MET B 1393 4.21 35.97 -9.04
CA MET B 1393 3.64 36.47 -7.79
C MET B 1393 3.37 37.97 -7.92
N ARG B 1394 2.14 38.37 -7.63
CA ARG B 1394 1.79 39.79 -7.72
C ARG B 1394 2.64 40.60 -6.75
N THR B 1395 3.34 41.60 -7.29
CA THR B 1395 4.26 42.40 -6.48
C THR B 1395 3.55 43.40 -5.60
N LEU B 1396 2.23 43.56 -5.71
CA LEU B 1396 1.51 44.52 -4.89
C LEU B 1396 0.04 44.13 -4.84
N ASP B 1397 -0.57 44.31 -3.68
CA ASP B 1397 -1.96 43.97 -3.44
C ASP B 1397 -2.87 44.65 -4.46
N PRO B 1398 -3.67 43.90 -5.22
CA PRO B 1398 -4.56 44.54 -6.20
C PRO B 1398 -5.52 45.54 -5.58
N SER B 1399 -5.83 45.41 -4.29
CA SER B 1399 -6.78 46.34 -3.70
C SER B 1399 -6.14 47.65 -3.29
N ASP B 1400 -4.87 47.85 -3.64
CA ASP B 1400 -4.18 49.09 -3.30
C ASP B 1400 -4.40 50.10 -4.41
N TYR B 1401 -4.37 51.36 -4.02
CA TYR B 1401 -4.63 52.42 -4.98
C TYR B 1401 -3.45 52.63 -5.94
N ASN B 1402 -2.25 52.23 -5.54
CA ASN B 1402 -1.06 52.32 -6.40
C ASN B 1402 -0.93 51.15 -7.36
N TYR B 1403 -1.92 50.27 -7.42
CA TYR B 1403 -1.84 49.02 -8.16
C TYR B 1403 -1.97 49.25 -9.66
N ARG B 1404 -0.88 49.06 -10.40
CA ARG B 1404 -0.90 49.04 -11.86
C ARG B 1404 -0.12 47.84 -12.36
N PRO B 1405 -0.80 46.83 -12.91
CA PRO B 1405 -0.19 45.53 -13.17
C PRO B 1405 0.32 45.32 -14.59
N TYR B 1406 0.56 46.38 -15.36
CA TYR B 1406 1.01 46.22 -16.75
C TYR B 1406 2.34 46.93 -16.94
N TYR B 1407 3.36 46.17 -17.32
CA TYR B 1407 4.72 46.69 -17.46
C TYR B 1407 4.99 46.96 -18.93
N ASN B 1408 5.15 48.25 -19.28
CA ASN B 1408 5.52 48.66 -20.64
C ASN B 1408 6.64 49.68 -20.53
N ASN B 1409 7.88 49.22 -20.66
CA ASN B 1409 9.07 50.09 -20.61
C ASN B 1409 9.22 50.83 -21.95
N GLY B 1410 8.20 51.62 -22.27
CA GLY B 1410 8.28 52.44 -23.46
C GLY B 1410 7.15 53.44 -23.50
N GLU B 1411 6.23 53.30 -22.55
CA GLU B 1411 5.14 54.23 -22.37
C GLU B 1411 5.71 55.60 -22.01
N ASP B 1412 5.45 56.60 -22.86
CA ASP B 1412 5.95 57.94 -22.64
C ASP B 1412 4.88 58.89 -22.14
N SER B 1413 3.92 58.40 -21.36
CA SER B 1413 2.77 59.22 -21.00
C SER B 1413 3.05 60.05 -19.75
N ASP B 1414 2.00 60.69 -19.24
CA ASP B 1414 2.16 61.51 -18.07
C ASP B 1414 1.71 60.76 -16.82
N ASP B 1415 1.51 59.46 -16.96
CA ASP B 1415 1.13 58.59 -15.85
C ASP B 1415 2.38 58.30 -15.05
N PHE B 1416 2.32 58.68 -13.77
CA PHE B 1416 3.47 58.57 -12.91
C PHE B 1416 3.96 57.13 -12.82
N ALA B 1417 3.08 56.15 -13.03
CA ALA B 1417 3.45 54.74 -12.86
C ALA B 1417 3.61 53.97 -14.16
N THR B 1418 2.78 54.22 -15.18
CA THR B 1418 2.85 53.35 -16.34
C THR B 1418 3.97 53.79 -17.28
N SER B 1419 4.32 55.07 -17.21
CA SER B 1419 5.33 55.61 -18.09
C SER B 1419 6.71 55.10 -17.68
N LYS B 1420 7.47 54.71 -18.70
CA LYS B 1420 8.87 54.27 -18.57
C LYS B 1420 9.02 53.13 -17.58
N GLY B 1421 7.96 52.35 -17.42
CA GLY B 1421 8.10 51.09 -16.71
C GLY B 1421 8.24 51.23 -15.21
N ARG B 1422 7.76 52.35 -14.65
CA ARG B 1422 7.72 52.48 -13.20
C ARG B 1422 6.81 51.45 -12.54
N ASN B 1423 5.98 50.74 -13.32
CA ASN B 1423 5.15 49.66 -12.79
C ASN B 1423 5.96 48.41 -12.44
N TYR B 1424 7.22 48.34 -12.89
CA TYR B 1424 8.07 47.16 -12.82
C TYR B 1424 7.72 46.20 -11.68
N HIS B 1425 7.67 46.71 -10.44
CA HIS B 1425 7.41 45.90 -9.26
C HIS B 1425 6.20 46.41 -8.49
N GLN B 1426 5.22 46.97 -9.20
CA GLN B 1426 4.05 47.54 -8.56
C GLN B 1426 2.76 46.94 -9.09
N GLY B 1427 2.69 45.61 -9.17
CA GLY B 1427 1.57 44.95 -9.77
C GLY B 1427 1.97 43.71 -10.56
N PRO B 1428 2.95 43.86 -11.48
CA PRO B 1428 3.40 42.70 -12.27
C PRO B 1428 3.75 41.47 -11.45
N GLU B 1429 3.66 40.32 -12.09
CA GLU B 1429 3.78 39.02 -11.43
C GLU B 1429 5.14 38.40 -11.77
N TRP B 1430 6.00 38.31 -10.76
CA TRP B 1430 7.34 37.75 -10.92
C TRP B 1430 7.35 36.28 -10.51
N VAL B 1431 8.14 35.49 -11.22
CA VAL B 1431 8.07 34.03 -11.09
C VAL B 1431 8.91 33.51 -9.92
N TRP B 1432 10.00 34.19 -9.57
CA TRP B 1432 10.87 33.68 -8.51
C TRP B 1432 10.19 33.80 -7.15
N CYS B 1433 9.44 34.88 -6.93
CA CYS B 1433 8.70 35.02 -5.68
C CYS B 1433 7.71 33.88 -5.49
N TYR B 1434 7.23 33.31 -6.60
CA TYR B 1434 6.39 32.11 -6.52
C TYR B 1434 7.15 30.96 -5.88
N GLY B 1435 8.45 30.87 -6.13
CA GLY B 1435 9.28 29.82 -5.56
C GLY B 1435 9.38 29.91 -4.05
N TYR B 1436 9.79 31.08 -3.56
CA TYR B 1436 9.85 31.30 -2.11
C TYR B 1436 8.46 31.18 -1.49
N PHE B 1437 7.41 31.54 -2.23
CA PHE B 1437 6.05 31.45 -1.70
C PHE B 1437 5.67 30.00 -1.45
N ILE B 1438 5.76 29.16 -2.47
CA ILE B 1438 5.31 27.78 -2.33
C ILE B 1438 6.24 26.97 -1.44
N ARG B 1439 7.50 27.39 -1.30
CA ARG B 1439 8.40 26.71 -0.37
C ARG B 1439 7.93 26.89 1.07
N ALA B 1440 7.45 28.08 1.41
CA ALA B 1440 6.90 28.32 2.73
C ALA B 1440 5.44 27.94 2.81
N TYR B 1441 4.70 27.99 1.70
CA TYR B 1441 3.35 27.46 1.67
C TYR B 1441 3.33 25.97 1.98
N HIS B 1442 4.36 25.25 1.53
CA HIS B 1442 4.46 23.83 1.85
C HIS B 1442 4.87 23.61 3.30
N TYR B 1443 5.78 24.45 3.82
CA TYR B 1443 6.33 24.22 5.15
C TYR B 1443 5.30 24.50 6.23
N PHE B 1444 4.60 25.64 6.15
CA PHE B 1444 3.69 26.03 7.22
C PHE B 1444 2.34 25.35 7.12
N ASN B 1445 1.92 24.94 5.92
CA ASN B 1445 0.72 24.11 5.82
C ASN B 1445 0.97 22.71 6.36
N PHE B 1446 2.24 22.29 6.35
CA PHE B 1446 2.66 21.00 6.92
C PHE B 1446 2.73 21.03 8.44
N LEU B 1447 3.02 22.19 9.04
CA LEU B 1447 3.01 22.35 10.50
C LEU B 1447 1.65 22.67 11.08
N THR B 1448 0.79 23.39 10.35
CA THR B 1448 -0.49 23.85 10.86
C THR B 1448 -1.62 22.85 10.57
N ASN B 1449 -2.05 22.78 9.33
CA ASN B 1449 -3.20 21.94 8.95
C ASN B 1449 -2.96 20.46 9.25
N PRO B 1450 -3.81 19.83 10.08
CA PRO B 1450 -3.62 18.40 10.37
C PRO B 1450 -3.89 17.49 9.17
N LYS B 1451 -4.66 17.96 8.19
CA LYS B 1451 -4.89 17.22 6.95
C LYS B 1451 -3.64 17.11 6.07
N CYS B 1452 -2.62 17.94 6.29
CA CYS B 1452 -1.40 17.91 5.49
C CYS B 1452 -0.33 16.97 6.05
N GLN B 1453 -0.68 16.07 6.97
CA GLN B 1453 0.30 15.14 7.56
C GLN B 1453 -0.23 13.71 7.55
N VAL B 1454 0.68 12.77 7.38
CA VAL B 1454 0.36 11.34 7.39
C VAL B 1454 1.54 10.61 8.02
N GLU B 1455 1.26 9.42 8.58
CA GLU B 1455 2.27 8.63 9.25
C GLU B 1455 3.40 8.36 8.27
N GLY B 1456 4.56 7.97 8.78
CA GLY B 1456 5.69 7.70 7.91
C GLY B 1456 6.54 6.55 8.41
N SER B 1457 7.30 6.00 7.47
CA SER B 1457 8.26 4.96 7.79
C SER B 1457 9.29 5.53 8.75
N ALA B 1458 9.57 4.78 9.83
CA ALA B 1458 10.37 5.21 10.96
C ALA B 1458 9.70 6.31 11.77
N LYS B 1459 8.37 6.37 11.71
CA LYS B 1459 7.55 7.34 12.43
C LYS B 1459 8.05 8.78 12.29
N LYS B 1460 8.34 9.19 11.05
CA LYS B 1460 8.65 10.58 10.75
C LYS B 1460 7.44 11.19 10.05
N LEU B 1461 7.10 12.43 10.41
CA LEU B 1461 5.89 13.05 9.87
C LEU B 1461 6.15 13.44 8.41
N LYS B 1462 5.42 12.79 7.50
CA LYS B 1462 5.48 13.04 6.07
C LYS B 1462 4.20 13.70 5.58
N PRO B 1463 4.28 14.58 4.58
CA PRO B 1463 3.09 15.27 4.10
C PRO B 1463 2.08 14.31 3.49
N SER B 1464 0.80 14.65 3.64
CA SER B 1464 -0.27 13.85 3.09
C SER B 1464 -0.39 14.07 1.59
N SER B 1465 -1.09 13.14 0.92
CA SER B 1465 -1.44 13.35 -0.49
C SER B 1465 -2.33 14.57 -0.67
N TYR B 1466 -3.06 14.96 0.37
CA TYR B 1466 -3.87 16.17 0.33
C TYR B 1466 -3.01 17.39 0.13
N LEU B 1467 -1.83 17.44 0.74
CA LEU B 1467 -0.92 18.56 0.58
C LEU B 1467 -0.16 18.48 -0.74
N TYR B 1468 0.31 17.30 -1.12
CA TYR B 1468 0.96 17.12 -2.42
C TYR B 1468 0.02 17.52 -3.55
N ARG B 1469 -1.27 17.21 -3.41
CA ARG B 1469 -2.24 17.61 -4.43
C ARG B 1469 -2.31 19.12 -4.56
N LYS B 1470 -2.32 19.84 -3.43
CA LYS B 1470 -2.36 21.30 -3.48
C LYS B 1470 -1.06 21.87 -4.02
N LEU B 1471 0.07 21.21 -3.74
CA LEU B 1471 1.34 21.68 -4.30
C LEU B 1471 1.41 21.44 -5.80
N TYR B 1472 1.00 20.25 -6.25
CA TYR B 1472 1.09 19.91 -7.67
C TYR B 1472 0.25 20.85 -8.52
N SER B 1473 -0.92 21.24 -8.03
CA SER B 1473 -1.80 22.09 -8.81
C SER B 1473 -1.19 23.47 -9.04
N ARG B 1474 -0.47 24.00 -8.05
CA ARG B 1474 0.12 25.32 -8.16
C ARG B 1474 1.39 25.34 -9.03
N LEU B 1475 1.72 24.22 -9.66
CA LEU B 1475 2.87 24.14 -10.55
C LEU B 1475 2.47 23.73 -11.97
N LEU B 1476 1.17 23.52 -12.22
CA LEU B 1476 0.73 23.13 -13.56
C LEU B 1476 0.99 24.24 -14.57
N LYS B 1477 0.74 25.50 -14.19
CA LYS B 1477 0.97 26.61 -15.10
C LYS B 1477 2.46 26.77 -15.42
N HIS B 1478 3.33 26.38 -14.50
CA HIS B 1478 4.76 26.46 -14.75
C HIS B 1478 5.21 25.36 -15.71
N ARG B 1479 4.64 24.16 -15.57
CA ARG B 1479 4.97 23.08 -16.49
C ARG B 1479 4.44 23.35 -17.89
N GLU B 1480 3.25 23.95 -17.98
CA GLU B 1480 2.73 24.36 -19.28
C GLU B 1480 3.60 25.44 -19.91
N TRP B 1481 4.09 26.37 -19.09
CA TRP B 1481 4.88 27.48 -19.61
C TRP B 1481 6.17 26.98 -20.26
N ILE B 1482 6.95 26.19 -19.52
CA ILE B 1482 8.21 25.68 -20.06
C ILE B 1482 7.99 24.67 -21.18
N GLU B 1483 6.81 24.06 -21.25
CA GLU B 1483 6.49 23.17 -22.36
C GLU B 1483 6.26 23.96 -23.65
N ASN B 1484 5.40 24.97 -23.59
CA ASN B 1484 4.98 25.72 -24.77
C ASN B 1484 5.68 27.07 -24.88
N SER B 1485 6.98 27.12 -24.61
CA SER B 1485 7.75 28.34 -24.80
C SER B 1485 8.94 28.03 -25.70
N PRO B 1486 9.20 28.86 -26.73
CA PRO B 1486 10.39 28.62 -27.55
C PRO B 1486 11.67 28.63 -26.74
N TRP B 1487 11.81 29.57 -25.80
CA TRP B 1487 12.86 29.47 -24.80
C TRP B 1487 12.49 28.38 -23.81
N ALA B 1488 13.45 27.50 -23.50
CA ALA B 1488 13.18 26.34 -22.66
C ALA B 1488 13.36 26.67 -21.18
N GLY B 1489 12.56 27.62 -20.71
CA GLY B 1489 12.62 28.04 -19.33
C GLY B 1489 11.36 28.75 -18.89
N LEU B 1490 11.48 29.49 -17.79
CA LEU B 1490 10.38 30.27 -17.24
C LEU B 1490 10.70 31.75 -17.34
N ALA B 1491 9.67 32.54 -17.64
CA ALA B 1491 9.85 33.97 -17.86
C ALA B 1491 10.27 34.68 -16.59
N GLU B 1492 10.79 35.89 -16.75
CA GLU B 1492 11.14 36.73 -15.61
C GLU B 1492 9.92 37.41 -15.01
N LEU B 1493 9.04 37.93 -15.87
CA LEU B 1493 7.91 38.74 -15.42
C LEU B 1493 6.68 38.37 -16.24
N THR B 1494 5.51 38.65 -15.66
CA THR B 1494 4.23 38.41 -16.32
C THR B 1494 3.26 39.52 -15.92
N ASN B 1495 2.47 39.99 -16.88
CA ASN B 1495 1.47 41.00 -16.62
C ASN B 1495 0.33 40.39 -15.80
N LYS B 1496 -0.77 41.14 -15.67
CA LYS B 1496 -1.85 40.74 -14.77
C LYS B 1496 -2.52 39.46 -15.25
N ASP B 1497 -2.64 38.50 -14.34
CA ASP B 1497 -3.39 37.26 -14.57
C ASP B 1497 -2.87 36.50 -15.78
N GLY B 1498 -1.56 36.24 -15.78
CA GLY B 1498 -0.94 35.40 -16.79
C GLY B 1498 -0.70 36.05 -18.13
N GLU B 1499 -1.04 37.33 -18.30
CA GLU B 1499 -0.83 37.98 -19.59
C GLU B 1499 0.66 38.13 -19.87
N VAL B 1500 1.07 37.69 -21.06
CA VAL B 1500 2.49 37.69 -21.42
C VAL B 1500 3.00 39.12 -21.52
N CYS B 1501 4.11 39.40 -20.84
CA CYS B 1501 4.77 40.70 -20.87
C CYS B 1501 5.89 40.65 -21.91
N ASN B 1502 5.82 41.56 -22.89
CA ASN B 1502 6.80 41.56 -23.97
C ASN B 1502 8.17 41.99 -23.49
N ASP B 1503 8.23 42.98 -22.59
CA ASP B 1503 9.52 43.44 -22.08
C ASP B 1503 10.18 42.43 -21.14
N SER B 1504 9.41 41.48 -20.62
CA SER B 1504 9.96 40.50 -19.70
C SER B 1504 10.96 39.60 -20.41
N SER B 1505 12.05 39.28 -19.73
CA SER B 1505 13.02 38.32 -20.26
C SER B 1505 12.39 36.94 -20.27
N PRO B 1506 12.40 36.23 -21.41
CA PRO B 1506 11.61 34.99 -21.52
C PRO B 1506 12.16 33.83 -20.70
N THR B 1507 13.41 33.86 -20.28
CA THR B 1507 13.97 32.82 -19.41
C THR B 1507 14.88 33.47 -18.40
N GLN B 1508 14.59 33.31 -17.13
CA GLN B 1508 15.35 33.94 -16.06
C GLN B 1508 15.93 32.89 -15.13
N ALA B 1509 17.14 33.15 -14.65
CA ALA B 1509 17.85 32.16 -13.83
C ALA B 1509 17.11 31.89 -12.52
N TRP B 1510 16.80 32.95 -11.77
CA TRP B 1510 16.17 32.76 -10.47
C TRP B 1510 14.69 32.45 -10.58
N SER B 1511 14.09 32.54 -11.77
CA SER B 1511 12.70 32.14 -11.94
C SER B 1511 12.57 30.62 -11.85
N THR B 1512 13.49 29.88 -12.47
CA THR B 1512 13.46 28.43 -12.40
C THR B 1512 14.22 27.88 -11.20
N GLY B 1513 15.23 28.61 -10.71
CA GLY B 1513 16.01 28.13 -9.58
C GLY B 1513 15.20 28.06 -8.31
N CYS B 1514 14.25 28.97 -8.12
CA CYS B 1514 13.43 28.94 -6.92
C CYS B 1514 12.41 27.80 -6.95
N LEU B 1515 11.99 27.38 -8.14
CA LEU B 1515 11.14 26.19 -8.23
C LEU B 1515 11.93 24.91 -7.98
N LEU B 1516 13.21 24.90 -8.36
CA LEU B 1516 14.06 23.76 -8.03
C LEU B 1516 14.33 23.67 -6.53
N ASP B 1517 14.31 24.81 -5.83
CA ASP B 1517 14.46 24.78 -4.38
C ASP B 1517 13.34 23.98 -3.73
N LEU B 1518 12.11 24.11 -4.23
CA LEU B 1518 10.99 23.38 -3.66
C LEU B 1518 11.17 21.87 -3.83
N PHE B 1519 11.57 21.44 -5.04
CA PHE B 1519 11.75 20.02 -5.28
C PHE B 1519 12.88 19.44 -4.43
N TYR B 1520 13.91 20.23 -4.15
CA TYR B 1520 14.97 19.75 -3.28
C TYR B 1520 14.52 19.68 -1.84
N ASP B 1521 13.62 20.58 -1.42
CA ASP B 1521 13.06 20.50 -0.08
C ASP B 1521 12.31 19.20 0.13
N LEU B 1522 11.41 18.87 -0.80
CA LEU B 1522 10.62 17.64 -0.68
C LEU B 1522 11.49 16.39 -0.83
N TRP B 1523 12.59 16.49 -1.59
CA TRP B 1523 13.45 15.33 -1.79
C TRP B 1523 14.33 15.06 -0.58
N ILE B 1524 15.07 16.08 -0.14
CA ILE B 1524 16.06 15.90 0.92
C ILE B 1524 15.44 15.64 2.28
N SER B 1525 14.14 15.86 2.43
CA SER B 1525 13.49 15.69 3.73
C SER B 1525 12.56 14.49 3.82
N TYR B 1526 12.18 13.91 2.70
CA TYR B 1526 11.20 12.82 2.73
C TYR B 1526 11.64 11.59 1.94
N GLU B 1527 12.31 11.79 0.80
CA GLU B 1527 12.58 10.68 -0.12
C GLU B 1527 13.83 9.93 0.32
N GLU B 1528 13.70 9.28 1.48
CA GLU B 1528 14.79 8.48 2.02
C GLU B 1528 14.34 7.05 2.32
C1 GLC C . -24.94 -42.30 -3.51
C2 GLC C . -24.86 -41.61 -2.17
C3 GLC C . -25.54 -40.26 -2.31
C4 GLC C . -24.86 -39.43 -3.39
C5 GLC C . -24.72 -40.23 -4.69
C6 GLC C . -23.66 -39.63 -5.62
O1 GLC C . -26.32 -42.38 -3.92
O2 GLC C . -25.53 -42.39 -1.18
O3 GLC C . -25.46 -39.57 -1.05
O4 GLC C . -25.70 -38.25 -3.62
O5 GLC C . -24.17 -41.54 -4.45
O6 GLC C . -23.92 -38.25 -5.90
C1 GLC C . -25.06 -37.00 -3.28
C2 GLC C . -26.03 -36.14 -2.44
C3 GLC C . -27.27 -35.80 -3.25
C4 GLC C . -26.81 -35.03 -4.49
C5 GLC C . -25.87 -35.92 -5.29
C6 GLC C . -25.42 -35.17 -6.55
O2 GLC C . -26.39 -36.84 -1.25
O3 GLC C . -28.14 -34.99 -2.48
O4 GLC C . -27.95 -34.68 -5.29
O5 GLC C . -24.71 -36.27 -4.49
O6 GLC C . -26.56 -34.63 -7.21
C1 GLC D . -11.69 53.61 2.97
C2 GLC D . -10.68 53.05 3.92
C3 GLC D . -9.37 52.92 3.17
C4 GLC D . -9.51 52.03 1.93
C5 GLC D . -10.71 52.48 1.10
C6 GLC D . -11.14 51.36 0.15
O1 GLC D . -11.22 54.85 2.43
O2 GLC D . -10.53 53.91 5.04
O3 GLC D . -8.37 52.38 4.06
O4 GLC D . -8.30 52.16 1.13
O5 GLC D . -11.90 52.67 1.92
O6 GLC D . -12.09 50.54 0.82
C1 GLC D . -7.45 51.00 0.86
C2 GLC D . -6.66 50.48 2.07
C3 GLC D . -5.70 51.55 2.57
C4 GLC D . -4.77 51.93 1.45
C5 GLC D . -5.58 52.45 0.29
C6 GLC D . -4.62 52.86 -0.81
O2 GLC D . -7.54 50.07 3.14
O3 GLC D . -4.93 51.02 3.67
O4 GLC D . -3.86 52.93 1.90
O5 GLC D . -6.50 51.41 -0.17
O6 GLC D . -3.61 53.72 -0.27
C1 GLC E . 19.01 33.48 -51.62
C2 GLC E . 18.05 32.62 -50.81
C3 GLC E . 18.34 32.81 -49.33
C4 GLC E . 19.79 32.42 -49.05
C5 GLC E . 20.70 33.26 -49.93
C6 GLC E . 22.15 32.83 -49.72
O1 GLC E . 18.82 34.87 -51.29
O2 GLC E . 16.70 33.01 -51.09
O3 GLC E . 17.43 31.99 -48.58
O4 GLC E . 20.14 32.66 -47.66
O5 GLC E . 20.37 33.08 -51.33
O6 GLC E . 22.51 33.00 -48.34
C1 GLC E . 19.93 31.50 -46.82
C2 GLC E . 18.97 31.85 -45.68
C3 GLC E . 19.64 32.86 -44.76
C4 GLC E . 20.90 32.24 -44.21
C5 GLC E . 21.82 31.88 -45.36
C6 GLC E . 23.08 31.21 -44.81
O2 GLC E . 17.75 32.40 -46.21
O3 GLC E . 18.75 33.19 -43.68
O4 GLC E . 21.55 33.15 -43.32
O5 GLC E . 21.15 30.97 -46.27
O6 GLC E . 23.56 31.93 -43.67
C1 GLC F . -1.17 -45.59 50.41
C2 GLC F . -1.96 -44.30 50.08
C3 GLC F . -1.56 -43.24 51.07
C4 GLC F . -0.02 -43.00 50.93
C5 GLC F . 0.74 -44.29 51.23
C6 GLC F . 0.46 -44.79 52.64
O1 GLC F . -1.59 -46.67 49.56
O2 GLC F . -1.66 -43.87 48.74
O3 GLC F . -2.06 -43.49 52.41
O4 GLC F . 0.28 -42.53 49.56
O5 GLC F . 0.26 -45.32 50.31
O6 GLC F . 0.87 -43.80 53.58
C1 GLC F . 1.69 -42.06 49.46
C2 GLC F . 1.90 -41.10 48.30
C3 GLC F . 1.56 -41.77 47.01
C4 GLC F . 2.52 -43.01 46.88
C5 GLC F . 2.47 -43.89 48.15
C6 GLC F . 3.57 -44.94 48.08
O2 GLC F . 1.04 -39.97 48.47
O3 GLC F . 1.72 -40.80 45.96
O4 GLC F . 2.32 -43.81 45.64
O5 GLC F . 2.71 -43.09 49.35
O6 GLC F . 3.54 -45.76 49.26
C1 GLC F . 2.75 -43.07 44.46
C2 GLC F . 2.34 -43.83 43.21
C3 GLC F . 2.99 -45.20 43.18
C4 GLC F . 4.48 -45.00 43.21
C5 GLC F . 4.88 -44.25 44.48
C6 GLC F . 6.39 -44.07 44.47
O2 GLC F . 0.92 -43.97 43.18
O3 GLC F . 2.63 -45.86 41.96
O4 GLC F . 5.14 -46.27 43.16
O5 GLC F . 4.20 -42.97 44.48
O6 GLC F . 7.04 -45.33 44.42
C1 GLC G . -7.86 -47.69 20.28
C2 GLC G . -8.20 -46.72 19.17
C3 GLC G . -9.13 -47.39 18.20
C4 GLC G . -8.42 -48.65 17.60
C5 GLC G . -8.09 -49.54 18.77
C6 GLC G . -7.37 -50.76 18.24
O1 GLC G . -9.06 -48.09 20.95
O2 GLC G . -8.86 -45.58 19.75
O3 GLC G . -9.50 -46.40 17.22
O4 GLC G . -9.29 -49.36 16.64
O5 GLC G . -7.22 -48.85 19.73
O6 GLC G . -7.02 -51.63 19.31
C1 GLC G . -9.43 -48.65 15.39
C2 GLC G . -10.47 -49.28 14.51
C3 GLC G . -10.10 -50.71 14.19
C4 GLC G . -8.75 -50.66 13.48
C5 GLC G . -7.71 -49.95 14.36
C6 GLC G . -6.46 -49.71 13.51
O2 GLC G . -11.74 -49.22 15.19
O3 GLC G . -11.13 -51.23 13.35
O4 GLC G . -8.12 -51.92 13.04
O5 GLC G . -8.18 -48.62 14.68
O6 GLC G . -6.78 -48.92 12.37
C1 GLC G . -8.57 -52.56 11.79
C2 GLC G . -9.72 -53.58 11.90
C3 GLC G . -9.33 -54.73 12.82
C4 GLC G . -8.08 -55.45 12.28
C5 GLC G . -6.97 -54.44 12.05
C6 GLC G . -5.77 -55.08 11.32
O2 GLC G . -10.96 -53.02 12.34
O3 GLC G . -10.44 -55.65 12.89
O4 GLC G . -7.63 -56.57 13.09
O5 GLC G . -7.48 -53.37 11.29
O6 GLC G . -6.20 -55.54 10.03
C1 GLC G . -8.32 -57.75 12.69
C2 GLC G . -8.89 -58.51 13.85
C3 GLC G . -7.79 -58.92 14.81
C4 GLC G . -6.79 -59.81 14.02
C5 GLC G . -6.30 -59.06 12.76
C6 GLC G . -5.53 -60.05 11.89
O2 GLC G . -9.83 -57.65 14.52
O3 GLC G . -8.39 -59.53 15.95
O4 GLC G . -5.60 -60.36 14.74
O5 GLC G . -7.42 -58.64 11.97
O6 GLC G . -4.43 -60.57 12.62
C1 GLC G . -5.70 -61.73 15.38
C2 GLC G . -6.66 -61.89 16.57
C3 GLC G . -6.18 -60.96 17.66
C4 GLC G . -4.75 -61.37 17.96
C5 GLC G . -3.80 -61.28 16.74
C6 GLC G . -2.39 -61.75 17.10
O2 GLC G . -8.01 -61.59 16.21
O3 GLC G . -6.97 -61.16 18.83
O4 GLC G . -4.24 -60.67 19.09
O5 GLC G . -4.36 -62.14 15.79
O6 GLC G . -2.45 -63.12 17.52
C1 GLC H . 14.87 45.91 -21.41
C2 GLC H . 13.76 45.81 -20.38
C3 GLC H . 14.23 44.93 -19.24
C4 GLC H . 15.50 45.55 -18.59
C5 GLC H . 16.59 45.74 -19.66
C6 GLC H . 16.97 44.39 -20.25
O1 GLC H . 14.44 46.70 -22.53
O2 GLC H . 13.41 47.12 -19.91
O3 GLC H . 14.34 43.52 -19.59
O4 GLC H . 15.20 46.87 -18.08
O5 GLC H . 16.06 46.50 -20.76
O6 GLC H . 17.99 44.58 -21.23
C1 GLC H . 14.31 46.70 -16.96
C2 GLC H . 13.92 48.03 -16.32
C3 GLC H . 15.17 48.74 -15.82
C4 GLC H . 15.86 47.82 -14.77
C5 GLC H . 16.14 46.47 -15.38
C6 GLC H . 16.56 45.51 -14.27
O2 GLC H . 13.26 48.86 -17.29
O3 GLC H . 14.75 49.99 -15.27
O4 GLC H . 17.10 48.28 -14.12
O5 GLC H . 14.93 45.91 -15.92
O6 GLC H . 17.75 46.00 -13.62
C1 GLC H . 17.18 49.16 -12.95
C2 GLC H . 16.95 50.62 -13.24
C3 GLC H . 17.99 51.11 -14.22
C4 GLC H . 19.37 50.93 -13.66
C5 GLC H . 19.55 49.40 -13.29
C6 GLC H . 20.94 48.96 -12.77
O2 GLC H . 15.62 50.91 -13.68
O3 GLC H . 17.77 52.51 -14.49
O4 GLC H . 20.24 51.44 -14.69
O5 GLC H . 18.51 49.02 -12.39
O6 GLC H . 21.26 49.65 -11.57
C1 GLC H . 21.56 51.81 -14.32
C2 GLC H . 21.80 53.16 -14.96
C3 GLC H . 23.19 53.59 -14.58
C4 GLC H . 24.21 52.56 -15.08
C5 GLC H . 23.88 51.19 -14.49
C6 GLC H . 24.05 51.13 -12.96
O2 GLC H . 21.70 53.03 -16.39
O3 GLC H . 23.30 53.90 -13.18
O4 GLC H . 24.03 52.54 -16.51
O5 GLC H . 22.51 50.85 -14.83
O6 GLC H . 25.41 51.45 -12.62
C1 GLC H . 24.72 53.71 -17.00
C2 GLC H . 24.48 53.86 -18.50
C3 GLC H . 25.03 52.65 -19.22
C4 GLC H . 26.51 52.57 -18.92
C5 GLC H . 26.71 52.42 -17.42
C6 GLC H . 28.19 52.20 -17.08
O2 GLC H . 23.08 53.99 -18.74
O3 GLC H . 24.85 52.85 -20.63
O4 GLC H . 27.07 51.44 -19.60
O5 GLC H . 26.15 53.58 -16.75
O6 GLC H . 28.63 51.01 -17.73
#